data_8JXE
#
_entry.id   8JXE
#
_cell.length_a   1.00
_cell.length_b   1.00
_cell.length_c   1.00
_cell.angle_alpha   90.00
_cell.angle_beta   90.00
_cell.angle_gamma   90.00
#
_symmetry.space_group_name_H-M   'P 1'
#
loop_
_entity.id
_entity.type
_entity.pdbx_description
1 polymer 'LDL receptor related protein 2'
2 polymer 'unclear peptide'
3 polymer 'unclear peptide'
4 polymer 'unclear peptide'
5 polymer 'unclear peptide'
6 branched 2-acetamido-2-deoxy-beta-D-glucopyranose-(1-4)-2-acetamido-2-deoxy-beta-D-glucopyranose
7 branched beta-D-mannopyranose-(1-4)-2-acetamido-2-deoxy-beta-D-glucopyranose-(1-4)-2-acetamido-2-deoxy-beta-D-glucopyranose
8 branched alpha-D-mannopyranose-(1-3)-[alpha-D-mannopyranose-(1-6)]beta-D-mannopyranose-(1-4)-2-acetamido-2-deoxy-beta-D-glucopyranose-(1-4)-2-acetamido-2-deoxy-beta-D-glucopyranose
9 branched 2-acetamido-2-deoxy-beta-D-glucopyranose-(1-3)-2-acetamido-2-deoxy-beta-D-glucopyranose
10 branched alpha-D-mannopyranose-(1-3)-[alpha-D-mannopyranose-(1-6)]beta-D-mannopyranose-(1-4)-2-acetamido-2-deoxy-beta-D-glucopyranose-(1-3)-2-acetamido-2-deoxy-beta-D-glucopyranose
11 non-polymer 2-acetamido-2-deoxy-beta-D-glucopyranose
12 non-polymer 2-acetamido-2-deoxy-alpha-D-galactopyranose
13 non-polymer 'CALCIUM ION'
14 non-polymer 'NICKEL (II) ION'
#
loop_
_entity_poly.entity_id
_entity_poly.type
_entity_poly.pdbx_seq_one_letter_code
_entity_poly.pdbx_strand_id
1 'polypeptide(L)'
;MERGAAAAAWMLLLAIAACLEPVSSQECGSGNFRCDNGYCIPASWRCDGTRDCLDDTDEIGCPPRSCESGLFLCPAEGTC
IPSSWVCDEDKDCSDGADEQQNCAGTTCSAQQMTCSNGQCIPSEYRCDHVSDCPDGSDERNCHYPTCDQLTCANGACYNT
SQRCDQKVDCRDSSDEANCTTLCSQKEFECGSGECILRAYVCDHDNDCEDNSDERNCNYDTCGGHQFTCSNGQCINQNWV
CDGDDDCQDSGDEDGCESNQSHHRCYPREWACPGSGRCISIDKVCDGVPDCPEGDDENNVTSGRTCGMGVCSVLNCEYQC
HQTPFGGECFCPPGHIINSNDSRTCIDFDDCQIWGICDQKCENRQGRHQCLCEEGYILERGQHCKSSDSFSAASVIFSNG
RDLLVGDLHGRNFRILAESKNRGMVMGVDFHYQKHRVFWTDPMQEKVFSTDINGLNTQEILNVSVDTPENLAVDWINNKL
YLVETKVNRIDVVNLEGNQRVTLITENLGHPRGIALDPTVGYLFFSDWGSLSGQPKVERAFMDGSNRKDLVTTKVGWPAG
ITLDLVSKRVYWVDSRYDYIETVTYDGIQRKTVARGGSLVPHPFGISLFEEHVFFTDWTKMAVMKASKFTETNPQVYHQS
SLRPHGVTVYHALRQPNATNPCGSNNGGCAQVCVLSHRTDNGGLGYRCKCEFGFELDDDEHRCVAVKNFLLFSSKTAVRG
IPFTLSTQEDVMVPVTGSPSFFVGIDFDAQHSTVFYSDLSKDIIYKQKIDGTGKEVITANRLESVECLTFDWISRNLYWT
DGGLKSVTVLRLADKSRRQIISNLNNPRSIVVHPTAGYMFLSDWFRPAKIMRAWSDGSHLMPIVNTSLGWPNGLAIDWSA
SRLYWVDAFFDKIEHSTLDGLDRKRLGHVDQMTHPFGLTVFKDNVFITDWRLGAIIRVRKSDGGDMTVIRRGISSVMHVK
AYDADLQTGSNYCSQTTHANGDCSHFCFPVPNFQRVCGCPYGMKLQRDQMTCEGDPAREPPTQQCGSLSFPCNNGKCVPS
FFRCDGVDDCHDNSDEHQCGVFNNTCSPSAFACVRGGQCIPGQWHCDRQNDCLDGSDEQNCPTHATSSTCPSTSFTCDNH
VCIPKDWVCDTDNDCSDGSDEKNCQASGTCQPTQFRCPDHRCISPLYVCDGDKDCADGSDEAGCVLNCTSAQFKCADGSS
CINSRYRCDGVYDCRDNSDEAGCPTRPPGMCHLDEFQCQGDGTCIPNTWECDGHPDCIHGSDEHTGCVPKTCSPTHFLCD
NGNCIYKAWICDGDNDCRDMSDEKDCPTQPFHCPSTQWQCPGYSTCINLSALCDGVFDCPNGTDESPLCNQDSCSHFNGG
CTHQCMQGPFGATCLCPLGYQLANDTKTCEDINECDIPGFCSQHCVNMRGSFRCACDPEYTLESDGRTCKVTGSENPLLV
VASRDKIIVDNITAHTHNLYSLVQDVSFVVALDFDSVTGRVFWSDLLQGKTWSVFQNGTDKRVVHDSGLSVTEMIAVDWI
GRNLYWTDYALETIEVSKIDGSHRTVLISKNVTKPRGLALDPRMGDNVMFWSDWGHHPRIERASMDGTMRTVIVQEKIYW
PCGLSIDYPNRLIYFMDAYLDYIEFCDYDGHNRRQVIASDLVLHHPHALTLFEDFVYWTDRGTRQVMQANKWHGGNQSVV
MYSVHQPLGITAIHPSRQPPSRNPCASASCSHLCLLSAQAPRHYSCACPSGWNLSDDSVNCVRGDQPFLMSVRDNIIFGI
SLDPEVKSNDAMVPISGIQHGYDVEFDDSEQFIYWVENPGEIHRVKTDGSNRTVFAPLSLLGSSLGLALDWVSRNIYYTT
PASRSIEVLTLKGDTRYGKTLIANDGTPLGVGFPVGIAVDPARGKLYWSDHGTDSGVPAKIASANMDGTSLKILFTGNLQ
HLEVVTLDIQEQKLYWAVTSRGVIERGNVDGTERMILVHHLAHPWGLVVYGSFLYYSDEQYEVIERVDKSSGNNKVVLRD
NVPYLRGLRVYHRRNAADSSNGCSNNPNACQQICLPVPGGMFSCACASGFKLSPDGRSCSPYNSFMVVSMLPAVRGFSLE
LSDHSEAMVPVAGQGRNVLHADVDVANGFIYWCDFSSSVRSSNGIRRIKPDGSNFTNVVTYGIGANGIRGVALDWAAGNL
YFTNAFVYETLIEVLRINTTYRRVLLKVSVDMPRHIIVDPKHRYLFWADYGQKPKIERSFLDCTNRTVLVSEGIVTPRGL
AMDHDTGYIYWVDDSLDLIARIHLDGGESQVVRYGSRYPTPYGITVFGESIIWVDRNLKKVFQASKQPGNTDPPVVIRDK
INLLRDVTIFDEHAQPLSPAELNNNPCLQSNGGCSHFCFALPELPTPRCGCAFGTLGNDGKSCATSQEDFLIYSLNNSLR
SLHFDPRDHSLPFQVISVAGTAIALDYDRRNNRIFFTQKLNSLRGQISYVSLYSGSSSPTVLLSNIGVTDGIAFDWINRR
IYYSDFSNQTINSMAEDGSNRAVIARVSKPRAIVLDPCRGYMYWTDWGTNAKIERATLGGNFRVPIVNTSLVWPNGLALD
LETDLLYWADASLQKIERSTLTGTNREVVVSTAFHSFGLTVYGQYIYWTDLYTRKIYRANKYDGSDLVAMTTRLPTQPSG
ISTVVKTQRQQCSNPCDQFNGGCSHICAPGPNGAECQCPHEGNWYLANDNKYCVVDTGTRCNQLQFTCLNGHCINQDWKC
DNDNDCGDGSDELPTVCAFHTCRSTAFTCGNGRCVPYHYRCDYYNDCGDNSDEAGCLFRNCNSTTEFTCSNGRCIPLSYV
CNGINNCHDNDTSDEKNCPPHTCPPDFTKCQTTNICVPRAFLCDGDNDCGDGSDENPIYCASHTCRSNEFQCLSPQRCIP
SYWFCDGEADCADGSDEPDTCGHSVNTCRASQFQCDNGRCISGNWVCDGDNDCGDMSDEDQRHHCELQNCSSTQFTCVNS
RPPNRRCIPQYWVCDGDADCSDALDELQNCTMRTCSAGEFSCANGRCVRQSFRCDRRNDCGDYSDERGCSYPPCHANQFT
CQNGRCIPRFFVCDEDNDCGDGSDEQEHLCHTPEPTCPLHQFRCDNGHCIEMGRVCNHVDDCSDNSDEKGCGINECLDSS
ISRCDHNCTDTITSFYCSCLPGYKLMSDKRSCVDIDECKESPQLCSQKCENVVGSYICKCAPGYIREPDGKSCRQNSNIE
PYLIFSNRYYIRNLTTDGSSYSLILQGLGNVVALDFDRVEKRLYWIDAEKQIIERMFLNKTNRETIINHRLRRAESLAVD
WVSRKLYWLDAILDCLFVSDLEGRHRKMIAQHCVDANNTFCFEHPRGIVLHPQRGHVYWADWGVHAYIGRIGMDGTNKSV
IISTKIEWPNAITIDYTNDLLYWADAHLGYIEFSDLEGHHRHTVYDGSLPHPFALTIFEDTVFWTDWNTRTVEKGNKYDG
SGRVVLVNTTHKPFDIHVYHPYRQPIMSNPCGTNNGGCSHLCLIKAGGRGFTCACPDDFQTVQLRDRTLCMPMCSSTQFL
CGNNEKCIPIWWKCDGQKDCSDGSDEPDLCPHRFCRLGQFQCRDGNCTSPQALCNARQDCADGSDEDRVLCEHHRCESNE
WQCANKRCIPQSWQCDSVNDCLDNSDEDTSHCASRTCRPGQFKCNNGRCIPQSWKCDVDNDCGDYSDEPIDECTTAAYNC
DNHTEFSCKTNYRCIPQWAVCNGFDDCRDNSDEQGCESVPCHPSGDFRCANHHCIPLRWKCDGTDDCGDNSDEENCVPRE
CSESEFRCADQQCIPSRWVCDQENDCGDNSDERDCEMKTCHPEHFQCTSGHCVPKALACDGRADCLDASDESACPTRFPN
GTYCPAAMFECKNHVCIQSFWICDGENDCVDGSDEEIHLCFNIPCESPQRFRCDNSRCVYGHQLCNGVDDCGDGSDEKEE
HCRKPTHKPCTDTEYKCSNGNCISQHYVCDNVNDCGDLSDETGCNLGDNRTCAENICEQNCTQLSSGGFICSCRPGFKPS
TLDKNSCQDINECEEFGICPQSCRNSKGSYECFCVDGFKSMSTHYGERCAADGSPPLLLLPENVRIRKYNTSSEKFSEYL
EEEEHIQTIDYDWDPEHIGLSVVYYTVLAQGSQFGAIKRAYIPNFESGSNNPIREVDLGLKYLMQPDGLAVDWVGRHIYW
SDAKSQRIEVATLDGRYRKWLITTQLDQPAAIAVNPKLGLMFWTDQGKQPKIESAWMNGEHRSVLVSENLGWPNGLSIDY
LNDDRVYWSDSKEDVIEAIKYDGTDRRLIINEAMKPFSLDIFEDKLYWVAKEKGEVWRQNKFGKENKEKVLVVNPWLTQV
RIFHQLRYNQSVSNPCKQVCSHLCLLRPGGYSCACPQGSDFVTGSTVQCDAASELPVTMPPPCRCMHGGNCYFDENELPK
CKCSSGYSGEYCEVGLSRGIPPGTTMAVLLTFVIVIIVGALVLVGLFHYRKTGSLLPTLPKLPSLSSLAKPSENGNGVTF
RSGADVNMDIGVSPFGPETIIDRSMAMNEHFVMEVGKQPVIFENPMYAAKDNTSKVALAVQGPSTGAQVTVPENVENQNY
GRPIDPSEIVPEPKPASPGADEIQGKKWNIFKRKPKQTTNFENPIYAEMDSEVKDAVAVAPPPSPSLPAKASKRNLTPGY
TATEDTFKDTANLVKEDSDV
;
A,B
2 'polypeptide(L)' (UNK)(UNK)L(UNK)(UNK)(UNK) I,C
3 'polypeptide(L)' (UNK)C(UNK) J,D
4 'polypeptide(L)' (UNK)EE(UNK)(UNK) K,G
5 'polypeptide(L)' (UNK)(UNK)N(UNK)(UNK) L,H
#
# COMPACT_ATOMS: atom_id res chain seq x y z
N THR A 1308 -63.87 -54.41 18.21
CA THR A 1308 -63.58 -53.41 17.18
C THR A 1308 -64.85 -52.64 16.81
N GLN A 1309 -65.59 -53.18 15.83
CA GLN A 1309 -66.85 -52.62 15.36
C GLN A 1309 -66.72 -51.16 15.00
N PRO A 1310 -66.09 -50.83 13.87
CA PRO A 1310 -65.98 -49.42 13.45
C PRO A 1310 -67.35 -48.81 13.25
N PHE A 1311 -67.43 -47.49 13.47
CA PHE A 1311 -68.69 -46.77 13.53
C PHE A 1311 -69.30 -46.65 12.12
N HIS A 1312 -69.84 -47.77 11.66
CA HIS A 1312 -70.62 -47.82 10.42
C HIS A 1312 -71.50 -49.05 10.46
N CYS A 1313 -72.54 -49.03 9.63
CA CYS A 1313 -73.50 -50.13 9.60
C CYS A 1313 -72.83 -51.40 9.09
N PRO A 1314 -73.19 -52.57 9.65
CA PRO A 1314 -72.63 -53.82 9.14
C PRO A 1314 -73.23 -54.28 7.83
N SER A 1315 -74.39 -53.75 7.44
CA SER A 1315 -75.04 -54.15 6.20
C SER A 1315 -74.39 -53.45 5.01
N THR A 1316 -75.04 -53.57 3.85
CA THR A 1316 -74.52 -52.95 2.64
C THR A 1316 -74.87 -51.47 2.54
N GLN A 1317 -75.68 -50.96 3.48
CA GLN A 1317 -76.04 -49.55 3.46
C GLN A 1317 -74.79 -48.68 3.57
N TRP A 1318 -74.70 -47.67 2.71
CA TRP A 1318 -73.47 -46.91 2.56
C TRP A 1318 -73.43 -45.77 3.58
N GLN A 1319 -72.43 -45.80 4.46
CA GLN A 1319 -72.18 -44.68 5.36
C GLN A 1319 -71.73 -43.47 4.54
N CYS A 1320 -72.60 -42.47 4.45
CA CYS A 1320 -72.31 -41.33 3.58
C CYS A 1320 -71.04 -40.62 4.02
N PRO A 1321 -70.12 -40.32 3.10
CA PRO A 1321 -68.89 -39.63 3.48
C PRO A 1321 -69.18 -38.26 4.08
N GLY A 1322 -68.44 -37.92 5.14
CA GLY A 1322 -68.66 -36.68 5.86
C GLY A 1322 -69.81 -36.72 6.83
N TYR A 1323 -70.49 -37.86 6.97
CA TYR A 1323 -71.64 -37.98 7.85
C TYR A 1323 -71.70 -39.39 8.40
N SER A 1324 -72.56 -39.58 9.41
CA SER A 1324 -72.71 -40.87 10.07
C SER A 1324 -74.06 -41.52 9.78
N THR A 1325 -74.57 -41.36 8.56
CA THR A 1325 -75.87 -41.90 8.17
C THR A 1325 -75.69 -42.94 7.07
N CYS A 1326 -76.22 -44.14 7.30
CA CYS A 1326 -76.25 -45.17 6.27
C CYS A 1326 -77.49 -44.98 5.40
N ILE A 1327 -77.31 -45.05 4.08
CA ILE A 1327 -78.37 -44.77 3.13
C ILE A 1327 -78.55 -45.97 2.20
N ASN A 1328 -79.80 -46.33 1.94
CA ASN A 1328 -80.11 -47.42 1.04
C ASN A 1328 -79.74 -47.06 -0.39
N LEU A 1329 -79.54 -48.09 -1.22
CA LEU A 1329 -79.11 -47.87 -2.60
C LEU A 1329 -80.15 -47.10 -3.40
N SER A 1330 -81.44 -47.42 -3.20
CA SER A 1330 -82.49 -46.80 -3.99
C SER A 1330 -82.57 -45.29 -3.79
N ALA A 1331 -82.04 -44.77 -2.68
CA ALA A 1331 -82.04 -43.34 -2.43
C ALA A 1331 -80.81 -42.66 -3.04
N LEU A 1332 -79.71 -43.39 -3.18
CA LEU A 1332 -78.48 -42.80 -3.72
C LEU A 1332 -78.66 -42.42 -5.18
N CYS A 1333 -78.19 -41.22 -5.53
CA CYS A 1333 -78.08 -40.76 -6.91
C CYS A 1333 -79.44 -40.64 -7.59
N ASP A 1334 -80.53 -40.85 -6.85
CA ASP A 1334 -81.86 -40.81 -7.45
C ASP A 1334 -82.24 -39.42 -7.93
N GLY A 1335 -81.57 -38.37 -7.44
CA GLY A 1335 -81.85 -37.01 -7.84
C GLY A 1335 -82.04 -36.04 -6.69
N VAL A 1336 -82.51 -36.49 -5.54
CA VAL A 1336 -82.69 -35.65 -4.36
C VAL A 1336 -81.58 -35.96 -3.37
N PHE A 1337 -80.92 -34.92 -2.88
CA PHE A 1337 -79.76 -35.09 -2.00
C PHE A 1337 -80.24 -35.61 -0.64
N ASP A 1338 -80.12 -36.92 -0.42
CA ASP A 1338 -80.44 -37.51 0.86
C ASP A 1338 -79.32 -37.35 1.88
N CYS A 1339 -78.12 -36.96 1.43
CA CYS A 1339 -77.04 -36.58 2.32
C CYS A 1339 -76.90 -35.07 2.30
N PRO A 1340 -76.72 -34.43 3.46
CA PRO A 1340 -76.79 -32.96 3.51
C PRO A 1340 -75.81 -32.25 2.60
N ASN A 1341 -74.62 -32.82 2.38
CA ASN A 1341 -73.62 -32.21 1.50
C ASN A 1341 -73.76 -32.69 0.05
N GLY A 1342 -74.79 -33.47 -0.27
CA GLY A 1342 -74.95 -34.01 -1.60
C GLY A 1342 -74.06 -35.20 -1.90
N THR A 1343 -73.38 -35.75 -0.90
CA THR A 1343 -72.44 -36.85 -1.08
C THR A 1343 -73.13 -38.19 -1.30
N ASP A 1344 -74.46 -38.26 -1.24
CA ASP A 1344 -75.18 -39.46 -1.63
C ASP A 1344 -75.34 -39.58 -3.14
N GLU A 1345 -74.95 -38.55 -3.89
CA GLU A 1345 -75.02 -38.54 -5.34
C GLU A 1345 -73.69 -38.04 -5.88
N SER A 1346 -73.65 -37.76 -7.17
CA SER A 1346 -72.44 -37.29 -7.83
C SER A 1346 -72.83 -36.18 -8.80
N PRO A 1347 -71.85 -35.43 -9.31
CA PRO A 1347 -72.19 -34.48 -10.38
C PRO A 1347 -72.83 -35.13 -11.59
N LEU A 1348 -72.48 -36.38 -11.89
CA LEU A 1348 -73.07 -37.12 -13.00
C LEU A 1348 -73.92 -38.26 -12.46
N CYS A 1349 -75.22 -38.22 -12.75
CA CYS A 1349 -76.14 -39.28 -12.33
C CYS A 1349 -77.13 -39.64 -13.43
N ASN A 1350 -77.06 -38.95 -14.58
CA ASN A 1350 -78.08 -39.11 -15.61
C ASN A 1350 -77.88 -40.35 -16.47
N GLN A 1351 -76.74 -41.03 -16.37
CA GLN A 1351 -76.48 -42.18 -17.23
C GLN A 1351 -77.45 -43.30 -16.89
N ASP A 1352 -77.90 -44.02 -17.93
CA ASP A 1352 -78.92 -45.05 -17.75
C ASP A 1352 -78.32 -46.32 -17.16
N SER A 1353 -77.43 -46.97 -17.90
CA SER A 1353 -76.81 -48.23 -17.49
C SER A 1353 -75.73 -48.59 -18.50
N CYS A 1354 -74.71 -49.28 -18.02
CA CYS A 1354 -73.68 -49.80 -18.92
C CYS A 1354 -74.22 -50.98 -19.72
N SER A 1355 -73.61 -51.21 -20.88
CA SER A 1355 -74.00 -52.25 -21.82
C SER A 1355 -75.39 -51.98 -22.40
N HIS A 1356 -75.97 -50.84 -22.04
CA HIS A 1356 -77.23 -50.41 -22.64
C HIS A 1356 -76.96 -49.42 -23.76
N PHE A 1357 -77.39 -49.76 -24.98
CA PHE A 1357 -77.06 -49.00 -26.18
C PHE A 1357 -75.55 -48.77 -26.27
N ASN A 1358 -74.82 -49.90 -26.28
CA ASN A 1358 -73.37 -49.99 -26.24
C ASN A 1358 -72.75 -49.27 -25.05
N GLY A 1359 -73.57 -48.90 -24.05
CA GLY A 1359 -73.09 -48.22 -22.87
C GLY A 1359 -72.92 -46.72 -23.01
N GLY A 1360 -73.17 -46.16 -24.19
CA GLY A 1360 -72.99 -44.74 -24.41
C GLY A 1360 -71.53 -44.36 -24.56
N CYS A 1361 -70.77 -44.47 -23.48
CA CYS A 1361 -69.35 -44.16 -23.53
C CYS A 1361 -68.59 -45.18 -24.35
N THR A 1362 -67.61 -44.71 -25.12
CA THR A 1362 -66.83 -45.58 -25.96
C THR A 1362 -65.77 -46.33 -25.16
N HIS A 1363 -65.22 -47.38 -25.77
CA HIS A 1363 -64.12 -48.19 -25.23
C HIS A 1363 -64.59 -48.82 -23.92
N GLN A 1364 -63.92 -48.59 -22.79
CA GLN A 1364 -64.17 -49.33 -21.56
C GLN A 1364 -65.30 -48.69 -20.75
N CYS A 1365 -66.48 -49.30 -20.86
CA CYS A 1365 -67.59 -48.93 -20.00
C CYS A 1365 -67.70 -49.90 -18.84
N MET A 1366 -68.11 -49.40 -17.67
CA MET A 1366 -68.36 -50.25 -16.51
C MET A 1366 -69.53 -49.66 -15.73
N GLN A 1367 -70.27 -50.55 -15.08
CA GLN A 1367 -71.54 -50.19 -14.43
C GLN A 1367 -71.26 -49.50 -13.10
N GLY A 1368 -71.10 -48.19 -13.17
CA GLY A 1368 -70.89 -47.38 -11.99
C GLY A 1368 -72.18 -47.20 -11.20
N PRO A 1369 -72.03 -46.93 -9.90
CA PRO A 1369 -73.23 -46.71 -9.07
C PRO A 1369 -74.07 -45.53 -9.54
N PHE A 1370 -73.43 -44.48 -10.06
CA PHE A 1370 -74.13 -43.30 -10.54
C PHE A 1370 -74.53 -43.44 -12.01
N GLY A 1371 -75.39 -44.40 -12.29
CA GLY A 1371 -75.74 -44.71 -13.67
C GLY A 1371 -74.69 -45.54 -14.38
N ALA A 1372 -73.48 -45.00 -14.51
CA ALA A 1372 -72.32 -45.71 -15.05
C ALA A 1372 -71.08 -44.89 -14.74
N THR A 1373 -69.92 -45.42 -15.12
CA THR A 1373 -68.66 -44.72 -14.99
C THR A 1373 -67.71 -45.29 -16.04
N CYS A 1374 -66.98 -44.40 -16.71
CA CYS A 1374 -66.19 -44.77 -17.87
C CYS A 1374 -64.72 -44.51 -17.61
N LEU A 1375 -63.88 -45.35 -18.22
CA LEU A 1375 -62.43 -45.21 -18.17
C LEU A 1375 -61.86 -45.50 -19.56
N CYS A 1376 -60.55 -45.36 -19.67
CA CYS A 1376 -59.85 -45.63 -20.91
C CYS A 1376 -58.68 -46.56 -20.66
N PRO A 1377 -58.30 -47.36 -21.65
CA PRO A 1377 -57.18 -48.30 -21.46
C PRO A 1377 -55.84 -47.56 -21.42
N LEU A 1378 -54.77 -48.35 -21.31
CA LEU A 1378 -53.43 -47.80 -21.24
C LEU A 1378 -53.09 -47.10 -22.55
N GLY A 1379 -52.46 -45.94 -22.45
CA GLY A 1379 -52.16 -45.13 -23.61
C GLY A 1379 -53.30 -44.28 -24.11
N TYR A 1380 -54.42 -44.23 -23.38
CA TYR A 1380 -55.57 -43.44 -23.76
C TYR A 1380 -56.02 -42.60 -22.59
N GLN A 1381 -56.70 -41.49 -22.89
CA GLN A 1381 -57.17 -40.56 -21.88
C GLN A 1381 -58.64 -40.25 -22.13
N LEU A 1382 -59.38 -40.03 -21.05
CA LEU A 1382 -60.79 -39.66 -21.16
C LEU A 1382 -60.93 -38.36 -21.91
N ALA A 1383 -61.87 -38.32 -22.85
CA ALA A 1383 -62.19 -37.06 -23.51
C ALA A 1383 -62.75 -36.07 -22.49
N ASN A 1384 -62.91 -34.82 -22.93
CA ASN A 1384 -63.21 -33.78 -21.96
C ASN A 1384 -64.66 -33.84 -21.52
N ASP A 1385 -65.48 -34.65 -22.18
CA ASP A 1385 -66.87 -34.87 -21.83
C ASP A 1385 -67.11 -36.13 -21.01
N THR A 1386 -66.04 -36.87 -20.68
CA THR A 1386 -66.10 -38.13 -19.94
C THR A 1386 -66.89 -39.22 -20.67
N LYS A 1387 -66.98 -39.14 -22.00
CA LYS A 1387 -67.70 -40.14 -22.78
C LYS A 1387 -66.90 -40.72 -23.94
N THR A 1388 -65.69 -40.23 -24.20
CA THR A 1388 -64.88 -40.70 -25.32
C THR A 1388 -63.45 -40.90 -24.84
N CYS A 1389 -62.71 -41.79 -25.50
CA CYS A 1389 -61.31 -42.03 -25.20
C CYS A 1389 -60.44 -41.43 -26.29
N GLU A 1390 -59.48 -40.60 -25.88
CA GLU A 1390 -58.57 -39.94 -26.81
C GLU A 1390 -57.14 -40.35 -26.51
N ASP A 1391 -56.33 -40.39 -27.56
CA ASP A 1391 -54.93 -40.76 -27.43
C ASP A 1391 -54.13 -39.65 -26.75
N ILE A 1392 -53.14 -40.05 -25.97
CA ILE A 1392 -52.14 -39.10 -25.50
C ILE A 1392 -51.07 -38.95 -26.56
N ASN A 1393 -50.78 -37.71 -26.94
CA ASN A 1393 -49.66 -37.43 -27.83
C ASN A 1393 -48.39 -37.47 -26.96
N GLU A 1394 -47.78 -38.66 -26.90
CA GLU A 1394 -46.61 -38.83 -26.05
C GLU A 1394 -45.47 -37.91 -26.48
N CYS A 1395 -45.46 -37.48 -27.74
CA CYS A 1395 -44.48 -36.52 -28.22
C CYS A 1395 -44.64 -35.14 -27.59
N ASP A 1396 -45.83 -34.82 -27.09
CA ASP A 1396 -46.07 -33.50 -26.51
C ASP A 1396 -45.19 -33.24 -25.30
N ILE A 1397 -45.06 -34.21 -24.42
CA ILE A 1397 -44.20 -34.07 -23.24
C ILE A 1397 -42.76 -33.94 -23.71
N PRO A 1398 -42.06 -32.86 -23.36
CA PRO A 1398 -40.67 -32.71 -23.81
C PRO A 1398 -39.78 -33.75 -23.16
N GLY A 1399 -38.93 -34.38 -23.98
CA GLY A 1399 -38.02 -35.39 -23.47
C GLY A 1399 -38.68 -36.69 -23.08
N PHE A 1400 -39.88 -36.98 -23.57
CA PHE A 1400 -40.48 -38.29 -23.33
C PHE A 1400 -39.62 -39.38 -23.94
N CYS A 1401 -39.19 -39.21 -25.19
CA CYS A 1401 -38.07 -39.93 -25.74
C CYS A 1401 -36.84 -39.04 -25.74
N SER A 1402 -35.67 -39.66 -25.53
CA SER A 1402 -34.44 -38.90 -25.59
C SER A 1402 -34.15 -38.38 -26.99
N GLN A 1403 -34.75 -39.01 -28.02
CA GLN A 1403 -34.54 -38.63 -29.41
C GLN A 1403 -35.85 -38.73 -30.18
N HIS A 1404 -35.76 -38.77 -31.51
CA HIS A 1404 -36.93 -38.71 -32.39
C HIS A 1404 -38.12 -39.47 -31.84
N CYS A 1405 -39.25 -38.78 -31.72
CA CYS A 1405 -40.48 -39.33 -31.14
C CYS A 1405 -41.53 -39.48 -32.23
N VAL A 1406 -42.21 -40.63 -32.25
CA VAL A 1406 -43.28 -40.90 -33.19
C VAL A 1406 -44.49 -41.38 -32.40
N ASN A 1407 -45.63 -40.72 -32.62
CA ASN A 1407 -46.84 -41.06 -31.89
C ASN A 1407 -47.76 -41.95 -32.74
N MET A 1408 -48.40 -42.92 -32.08
CA MET A 1408 -49.36 -43.79 -32.73
C MET A 1408 -50.70 -43.73 -32.00
N ARG A 1409 -51.62 -44.58 -32.44
CA ARG A 1409 -53.00 -44.58 -31.96
C ARG A 1409 -53.08 -44.78 -30.45
N GLY A 1410 -52.33 -45.75 -29.92
CA GLY A 1410 -52.37 -46.02 -28.50
C GLY A 1410 -50.99 -46.24 -27.92
N SER A 1411 -49.96 -45.88 -28.68
CA SER A 1411 -48.58 -46.11 -28.25
C SER A 1411 -47.64 -45.14 -28.95
N PHE A 1412 -46.35 -45.41 -28.86
CA PHE A 1412 -45.32 -44.50 -29.36
C PHE A 1412 -44.10 -45.29 -29.79
N ARG A 1413 -43.26 -44.65 -30.58
CA ARG A 1413 -41.94 -45.17 -30.93
C ARG A 1413 -40.90 -44.07 -30.73
N CYS A 1414 -39.75 -44.45 -30.18
CA CYS A 1414 -38.64 -43.53 -30.00
C CYS A 1414 -37.48 -44.00 -30.86
N ALA A 1415 -37.27 -43.32 -31.99
CA ALA A 1415 -36.16 -43.63 -32.88
C ALA A 1415 -34.85 -43.11 -32.28
N CYS A 1416 -33.73 -43.61 -32.81
CA CYS A 1416 -32.42 -43.26 -32.28
C CYS A 1416 -31.44 -43.07 -33.42
N ASP A 1417 -30.46 -42.19 -33.20
CA ASP A 1417 -29.44 -41.89 -34.19
C ASP A 1417 -28.36 -42.96 -34.20
N PRO A 1418 -27.59 -43.07 -35.28
CA PRO A 1418 -26.57 -44.14 -35.35
C PRO A 1418 -25.54 -44.10 -34.24
N GLU A 1419 -25.21 -42.92 -33.71
CA GLU A 1419 -24.22 -42.83 -32.65
C GLU A 1419 -24.70 -43.44 -31.33
N TYR A 1420 -25.98 -43.76 -31.21
CA TYR A 1420 -26.56 -44.22 -29.96
C TYR A 1420 -27.34 -45.51 -30.21
N THR A 1421 -27.65 -46.21 -29.13
CA THR A 1421 -28.50 -47.39 -29.16
C THR A 1421 -29.63 -47.22 -28.14
N LEU A 1422 -30.83 -47.61 -28.54
CA LEU A 1422 -31.99 -47.51 -27.65
C LEU A 1422 -31.87 -48.53 -26.53
N GLU A 1423 -32.03 -48.07 -25.29
CA GLU A 1423 -31.86 -48.92 -24.13
C GLU A 1423 -33.07 -49.86 -23.97
N SER A 1424 -32.93 -50.79 -23.03
CA SER A 1424 -34.06 -51.65 -22.69
C SER A 1424 -35.24 -50.83 -22.19
N ASP A 1425 -34.96 -49.73 -21.48
CA ASP A 1425 -35.97 -48.72 -21.21
C ASP A 1425 -36.29 -48.11 -22.57
N GLY A 1426 -37.47 -48.43 -23.11
CA GLY A 1426 -37.78 -48.15 -24.50
C GLY A 1426 -37.90 -46.69 -24.89
N ARG A 1427 -37.46 -45.78 -24.03
CA ARG A 1427 -37.60 -44.36 -24.28
C ARG A 1427 -36.29 -43.59 -24.30
N THR A 1428 -35.19 -44.16 -23.80
CA THR A 1428 -33.93 -43.46 -23.67
C THR A 1428 -32.89 -44.05 -24.62
N CYS A 1429 -31.94 -43.20 -25.00
CA CYS A 1429 -30.85 -43.59 -25.89
C CYS A 1429 -29.51 -43.42 -25.16
N LYS A 1430 -28.59 -44.35 -25.42
CA LYS A 1430 -27.28 -44.36 -24.80
C LYS A 1430 -26.20 -44.42 -25.87
N VAL A 1431 -25.11 -43.69 -25.65
CA VAL A 1431 -24.04 -43.63 -26.63
C VAL A 1431 -23.39 -45.00 -26.80
N THR A 1432 -22.85 -45.25 -28.00
CA THR A 1432 -22.13 -46.47 -28.26
C THR A 1432 -20.65 -46.31 -27.92
N GLY A 1433 -19.91 -47.39 -28.10
CA GLY A 1433 -18.47 -47.36 -27.90
C GLY A 1433 -18.06 -47.36 -26.44
N SER A 1434 -16.80 -47.72 -26.19
CA SER A 1434 -16.31 -47.77 -24.81
C SER A 1434 -15.70 -46.46 -24.36
N GLU A 1435 -15.49 -45.50 -25.26
CA GLU A 1435 -14.89 -44.22 -24.87
C GLU A 1435 -15.82 -43.47 -23.94
N ASN A 1436 -15.26 -42.91 -22.87
CA ASN A 1436 -16.06 -42.18 -21.91
C ASN A 1436 -16.22 -40.73 -22.35
N PRO A 1437 -17.30 -40.06 -21.93
CA PRO A 1437 -17.45 -38.64 -22.23
C PRO A 1437 -16.47 -37.81 -21.43
N LEU A 1438 -15.74 -36.94 -22.12
CA LEU A 1438 -14.73 -36.13 -21.47
C LEU A 1438 -15.22 -34.70 -21.31
N LEU A 1439 -15.12 -34.18 -20.09
CA LEU A 1439 -15.63 -32.86 -19.76
C LEU A 1439 -14.45 -31.96 -19.42
N VAL A 1440 -14.34 -30.84 -20.13
CA VAL A 1440 -13.23 -29.91 -19.96
C VAL A 1440 -13.80 -28.53 -19.65
N VAL A 1441 -13.29 -27.92 -18.58
CA VAL A 1441 -13.77 -26.62 -18.11
C VAL A 1441 -12.58 -25.68 -17.99
N ALA A 1442 -12.80 -24.40 -18.32
CA ALA A 1442 -11.73 -23.42 -18.37
C ALA A 1442 -11.74 -22.55 -17.12
N SER A 1443 -10.91 -22.93 -16.15
CA SER A 1443 -10.60 -22.04 -15.04
C SER A 1443 -9.59 -21.00 -15.52
N ARG A 1444 -9.35 -20.00 -14.68
CA ARG A 1444 -8.58 -18.84 -15.12
C ARG A 1444 -7.17 -19.20 -15.57
N ASP A 1445 -6.55 -20.20 -14.93
CA ASP A 1445 -5.20 -20.62 -15.28
C ASP A 1445 -5.03 -22.13 -15.24
N LYS A 1446 -6.14 -22.88 -15.22
CA LYS A 1446 -6.09 -24.34 -15.23
C LYS A 1446 -7.18 -24.84 -16.16
N ILE A 1447 -6.80 -25.54 -17.21
CA ILE A 1447 -7.78 -26.18 -18.08
C ILE A 1447 -8.15 -27.51 -17.44
N ILE A 1448 -9.13 -27.49 -16.55
CA ILE A 1448 -9.51 -28.68 -15.80
C ILE A 1448 -10.29 -29.63 -16.70
N VAL A 1449 -10.00 -30.91 -16.57
CA VAL A 1449 -10.56 -31.93 -17.45
C VAL A 1449 -11.17 -33.03 -16.59
N ASP A 1450 -12.43 -33.36 -16.85
CA ASP A 1450 -13.21 -34.30 -16.06
C ASP A 1450 -13.46 -35.57 -16.85
N ASN A 1451 -12.98 -36.70 -16.30
CA ASN A 1451 -13.19 -38.02 -16.91
C ASN A 1451 -14.43 -38.63 -16.26
N ILE A 1452 -15.59 -38.39 -16.86
CA ILE A 1452 -16.84 -38.94 -16.36
C ILE A 1452 -16.88 -40.42 -16.73
N THR A 1453 -16.90 -41.28 -15.72
CA THR A 1453 -16.93 -42.72 -15.90
C THR A 1453 -17.82 -43.35 -14.84
N ALA A 1454 -18.90 -43.99 -15.28
CA ALA A 1454 -19.85 -44.66 -14.37
C ALA A 1454 -20.32 -43.71 -13.27
N HIS A 1455 -20.71 -42.51 -13.69
CA HIS A 1455 -21.21 -41.44 -12.82
C HIS A 1455 -20.16 -40.93 -11.84
N THR A 1456 -18.88 -41.11 -12.13
CA THR A 1456 -17.80 -40.63 -11.28
C THR A 1456 -17.04 -39.52 -12.01
N HIS A 1457 -16.38 -38.67 -11.23
CA HIS A 1457 -15.82 -37.43 -11.78
C HIS A 1457 -14.35 -37.22 -11.43
N ASN A 1458 -13.52 -38.24 -11.65
CA ASN A 1458 -12.09 -38.08 -11.47
C ASN A 1458 -11.56 -36.96 -12.37
N LEU A 1459 -10.67 -36.14 -11.83
CA LEU A 1459 -10.25 -34.93 -12.52
C LEU A 1459 -8.75 -34.74 -12.44
N TYR A 1460 -8.22 -33.94 -13.37
CA TYR A 1460 -6.81 -33.58 -13.40
C TYR A 1460 -6.68 -32.32 -14.27
N SER A 1461 -5.45 -31.97 -14.60
CA SER A 1461 -5.15 -30.81 -15.43
C SER A 1461 -4.66 -31.26 -16.80
N LEU A 1462 -5.14 -30.59 -17.85
CA LEU A 1462 -4.78 -31.00 -19.20
C LEU A 1462 -3.43 -30.42 -19.63
N VAL A 1463 -3.24 -29.11 -19.46
CA VAL A 1463 -2.02 -28.43 -19.89
C VAL A 1463 -1.50 -27.59 -18.74
N GLN A 1464 -0.24 -27.19 -18.84
CA GLN A 1464 0.45 -26.57 -17.71
C GLN A 1464 0.51 -25.05 -17.82
N ASP A 1465 1.07 -24.51 -18.90
CA ASP A 1465 1.33 -23.07 -19.02
C ASP A 1465 0.17 -22.40 -19.73
N VAL A 1466 -0.75 -21.84 -18.96
CA VAL A 1466 -1.84 -21.00 -19.48
C VAL A 1466 -2.03 -19.83 -18.54
N SER A 1467 -2.27 -18.64 -19.11
CA SER A 1467 -2.46 -17.42 -18.34
C SER A 1467 -3.92 -17.13 -18.07
N PHE A 1468 -4.73 -16.98 -19.12
CA PHE A 1468 -6.15 -16.69 -18.96
C PHE A 1468 -6.94 -17.31 -20.11
N VAL A 1469 -7.45 -18.52 -19.91
CA VAL A 1469 -8.17 -19.20 -20.97
C VAL A 1469 -9.66 -18.94 -20.84
N VAL A 1470 -10.31 -18.65 -21.96
CA VAL A 1470 -11.72 -18.29 -21.97
C VAL A 1470 -12.54 -19.34 -22.71
N ALA A 1471 -12.24 -19.56 -23.97
CA ALA A 1471 -13.05 -20.43 -24.82
C ALA A 1471 -12.41 -21.80 -24.99
N LEU A 1472 -13.26 -22.82 -25.09
CA LEU A 1472 -12.83 -24.20 -25.23
C LEU A 1472 -13.60 -24.88 -26.35
N ASP A 1473 -12.91 -25.73 -27.11
CA ASP A 1473 -13.53 -26.61 -28.09
C ASP A 1473 -12.53 -27.70 -28.46
N PHE A 1474 -12.95 -28.60 -29.33
CA PHE A 1474 -12.13 -29.75 -29.68
C PHE A 1474 -12.46 -30.22 -31.10
N ASP A 1475 -11.52 -30.95 -31.68
CA ASP A 1475 -11.66 -31.55 -33.01
C ASP A 1475 -11.59 -33.06 -32.86
N SER A 1476 -12.60 -33.76 -33.40
CA SER A 1476 -12.67 -35.21 -33.20
C SER A 1476 -11.70 -35.98 -34.09
N VAL A 1477 -11.50 -35.53 -35.33
CA VAL A 1477 -10.67 -36.30 -36.25
C VAL A 1477 -9.20 -36.31 -35.82
N THR A 1478 -8.71 -35.21 -35.26
CA THR A 1478 -7.31 -35.14 -34.83
C THR A 1478 -7.15 -35.35 -33.33
N GLY A 1479 -8.23 -35.38 -32.57
CA GLY A 1479 -8.13 -35.52 -31.13
C GLY A 1479 -7.43 -34.38 -30.43
N ARG A 1480 -7.64 -33.15 -30.90
CA ARG A 1480 -6.99 -31.98 -30.33
C ARG A 1480 -8.01 -31.11 -29.61
N VAL A 1481 -7.53 -30.36 -28.61
CA VAL A 1481 -8.36 -29.49 -27.80
C VAL A 1481 -7.90 -28.05 -28.03
N PHE A 1482 -8.81 -27.21 -28.49
CA PHE A 1482 -8.51 -25.82 -28.83
C PHE A 1482 -8.94 -24.90 -27.69
N TRP A 1483 -8.13 -23.90 -27.40
CA TRP A 1483 -8.47 -22.90 -26.42
C TRP A 1483 -7.78 -21.59 -26.75
N SER A 1484 -8.36 -20.50 -26.26
CA SER A 1484 -7.82 -19.16 -26.49
C SER A 1484 -7.43 -18.53 -25.16
N ASP A 1485 -6.27 -17.89 -25.14
CA ASP A 1485 -5.76 -17.23 -23.95
C ASP A 1485 -6.04 -15.74 -24.05
N LEU A 1486 -6.75 -15.20 -23.06
CA LEU A 1486 -7.14 -13.79 -23.11
C LEU A 1486 -5.93 -12.87 -22.90
N LEU A 1487 -5.08 -13.19 -21.93
CA LEU A 1487 -3.93 -12.35 -21.65
C LEU A 1487 -2.87 -12.46 -22.75
N GLN A 1488 -2.60 -13.68 -23.22
CA GLN A 1488 -1.61 -13.85 -24.28
C GLN A 1488 -2.13 -13.41 -25.63
N GLY A 1489 -3.45 -13.41 -25.81
CA GLY A 1489 -4.04 -13.07 -27.09
C GLY A 1489 -3.73 -14.05 -28.19
N LYS A 1490 -3.72 -15.34 -27.88
CA LYS A 1490 -3.39 -16.38 -28.85
C LYS A 1490 -4.39 -17.53 -28.72
N THR A 1491 -4.50 -18.31 -29.78
CA THR A 1491 -5.27 -19.55 -29.79
C THR A 1491 -4.31 -20.73 -29.88
N TRP A 1492 -4.47 -21.69 -28.98
CA TRP A 1492 -3.59 -22.84 -28.90
C TRP A 1492 -4.37 -24.11 -29.26
N SER A 1493 -3.63 -25.22 -29.32
CA SER A 1493 -4.22 -26.54 -29.48
C SER A 1493 -3.26 -27.56 -28.89
N VAL A 1494 -3.83 -28.68 -28.43
CA VAL A 1494 -3.06 -29.73 -27.76
C VAL A 1494 -3.82 -31.04 -27.86
N PHE A 1495 -3.09 -32.14 -27.83
CA PHE A 1495 -3.70 -33.46 -27.84
C PHE A 1495 -4.41 -33.73 -26.52
N GLN A 1496 -5.29 -34.73 -26.53
CA GLN A 1496 -6.07 -35.03 -25.34
C GLN A 1496 -5.23 -35.61 -24.20
N ASN A 1497 -3.98 -36.02 -24.45
CA ASN A 1497 -3.09 -36.35 -23.35
C ASN A 1497 -2.09 -35.24 -23.07
N GLY A 1498 -2.35 -34.02 -23.53
CA GLY A 1498 -1.50 -32.89 -23.24
C GLY A 1498 -0.22 -32.81 -24.06
N THR A 1499 -0.14 -33.57 -25.13
CA THR A 1499 1.11 -33.62 -25.93
C THR A 1499 1.02 -32.74 -27.17
N ASP A 1500 2.12 -32.07 -27.53
CA ASP A 1500 2.22 -31.25 -28.74
C ASP A 1500 1.34 -30.00 -28.65
N LYS A 1501 1.67 -29.15 -27.68
CA LYS A 1501 1.00 -27.85 -27.57
C LYS A 1501 1.58 -26.90 -28.61
N ARG A 1502 0.71 -26.37 -29.47
CA ARG A 1502 1.14 -25.49 -30.54
C ARG A 1502 0.10 -24.39 -30.75
N VAL A 1503 0.55 -23.27 -31.31
CA VAL A 1503 -0.30 -22.11 -31.49
C VAL A 1503 -1.05 -22.21 -32.81
N VAL A 1504 -2.21 -21.56 -32.87
CA VAL A 1504 -3.02 -21.52 -34.09
C VAL A 1504 -3.00 -20.12 -34.66
N HIS A 1505 -3.54 -19.16 -33.90
CA HIS A 1505 -3.39 -17.74 -34.20
C HIS A 1505 -2.59 -17.09 -33.08
N ASP A 1506 -1.50 -16.43 -33.42
CA ASP A 1506 -0.66 -15.74 -32.44
C ASP A 1506 -0.82 -14.23 -32.51
N SER A 1507 -1.78 -13.73 -33.28
CA SER A 1507 -2.00 -12.29 -33.39
C SER A 1507 -3.42 -12.05 -33.89
N GLY A 1508 -3.89 -10.82 -33.69
CA GLY A 1508 -5.20 -10.44 -34.17
C GLY A 1508 -6.36 -10.79 -33.29
N LEU A 1509 -6.10 -11.19 -32.05
CA LEU A 1509 -7.14 -11.55 -31.10
C LEU A 1509 -7.10 -10.59 -29.91
N SER A 1510 -8.26 -10.02 -29.57
CA SER A 1510 -8.35 -9.07 -28.47
C SER A 1510 -9.16 -9.64 -27.32
N VAL A 1511 -10.43 -9.98 -27.53
CA VAL A 1511 -11.23 -10.68 -26.53
C VAL A 1511 -12.03 -11.77 -27.23
N THR A 1512 -11.55 -13.00 -27.18
CA THR A 1512 -12.22 -14.12 -27.84
C THR A 1512 -13.24 -14.72 -26.87
N GLU A 1513 -14.51 -14.71 -27.25
CA GLU A 1513 -15.56 -15.15 -26.35
C GLU A 1513 -15.85 -16.63 -26.49
N MET A 1514 -15.91 -17.14 -27.73
CA MET A 1514 -16.24 -18.53 -27.96
C MET A 1514 -15.49 -19.03 -29.18
N ILE A 1515 -15.24 -20.34 -29.20
CA ILE A 1515 -14.58 -21.00 -30.32
C ILE A 1515 -15.40 -22.22 -30.71
N ALA A 1516 -15.67 -22.35 -32.00
CA ALA A 1516 -16.43 -23.48 -32.52
C ALA A 1516 -15.67 -24.07 -33.71
N VAL A 1517 -15.33 -25.34 -33.62
CA VAL A 1517 -14.55 -26.01 -34.66
C VAL A 1517 -15.51 -26.68 -35.64
N ASP A 1518 -15.40 -26.33 -36.91
CA ASP A 1518 -16.18 -26.96 -37.97
C ASP A 1518 -15.44 -28.22 -38.41
N TRP A 1519 -15.79 -29.34 -37.80
CA TRP A 1519 -15.08 -30.59 -38.06
C TRP A 1519 -15.35 -31.14 -39.45
N ILE A 1520 -16.46 -30.78 -40.08
CA ILE A 1520 -16.77 -31.28 -41.41
C ILE A 1520 -15.97 -30.52 -42.46
N GLY A 1521 -16.08 -29.19 -42.46
CA GLY A 1521 -15.36 -28.36 -43.40
C GLY A 1521 -13.95 -27.99 -43.02
N ARG A 1522 -13.47 -28.47 -41.87
CA ARG A 1522 -12.11 -28.21 -41.40
C ARG A 1522 -11.83 -26.70 -41.25
N ASN A 1523 -12.80 -25.97 -40.72
CA ASN A 1523 -12.65 -24.55 -40.46
C ASN A 1523 -12.85 -24.26 -38.98
N LEU A 1524 -12.34 -23.11 -38.55
CA LEU A 1524 -12.43 -22.68 -37.16
C LEU A 1524 -13.15 -21.34 -37.11
N TYR A 1525 -14.19 -21.27 -36.28
CA TYR A 1525 -14.99 -20.06 -36.10
C TYR A 1525 -14.81 -19.53 -34.68
N TRP A 1526 -14.86 -18.21 -34.54
CA TRP A 1526 -14.82 -17.61 -33.22
C TRP A 1526 -15.44 -16.22 -33.26
N THR A 1527 -15.84 -15.75 -32.08
CA THR A 1527 -16.46 -14.43 -31.91
C THR A 1527 -15.58 -13.59 -31.02
N ASP A 1528 -15.29 -12.36 -31.46
CA ASP A 1528 -14.43 -11.44 -30.73
C ASP A 1528 -15.27 -10.29 -30.19
N TYR A 1529 -15.22 -10.10 -28.86
CA TYR A 1529 -16.04 -9.08 -28.24
C TYR A 1529 -15.50 -7.67 -28.51
N ALA A 1530 -14.18 -7.49 -28.41
CA ALA A 1530 -13.57 -6.18 -28.65
C ALA A 1530 -13.60 -5.79 -30.12
N LEU A 1531 -13.35 -6.73 -31.02
CA LEU A 1531 -13.42 -6.43 -32.45
C LEU A 1531 -14.85 -6.36 -32.96
N GLU A 1532 -15.81 -6.91 -32.21
CA GLU A 1532 -17.21 -6.92 -32.60
C GLU A 1532 -17.42 -7.60 -33.96
N THR A 1533 -16.68 -8.69 -34.19
CA THR A 1533 -16.73 -9.42 -35.45
C THR A 1533 -16.86 -10.91 -35.17
N ILE A 1534 -17.33 -11.63 -36.19
CA ILE A 1534 -17.31 -13.09 -36.21
C ILE A 1534 -16.42 -13.52 -37.36
N GLU A 1535 -15.38 -14.28 -37.04
CA GLU A 1535 -14.30 -14.56 -37.99
C GLU A 1535 -14.16 -16.06 -38.18
N VAL A 1536 -13.56 -16.43 -39.32
CA VAL A 1536 -13.34 -17.83 -39.66
C VAL A 1536 -11.96 -17.97 -40.29
N SER A 1537 -11.36 -19.14 -40.09
CA SER A 1537 -10.08 -19.47 -40.69
C SER A 1537 -10.02 -20.97 -40.90
N LYS A 1538 -8.92 -21.44 -41.48
CA LYS A 1538 -8.70 -22.88 -41.59
C LYS A 1538 -8.47 -23.47 -40.20
N ILE A 1539 -8.41 -24.80 -40.11
CA ILE A 1539 -8.23 -25.44 -38.81
C ILE A 1539 -6.88 -25.06 -38.21
N ASP A 1540 -5.92 -24.66 -39.03
CA ASP A 1540 -4.63 -24.18 -38.55
C ASP A 1540 -4.52 -22.67 -38.52
N GLY A 1541 -5.59 -21.95 -38.85
CA GLY A 1541 -5.59 -20.50 -38.83
C GLY A 1541 -4.83 -19.82 -39.95
N SER A 1542 -4.78 -20.44 -41.13
CA SER A 1542 -3.97 -19.90 -42.22
C SER A 1542 -4.62 -18.68 -42.87
N HIS A 1543 -5.93 -18.71 -43.08
CA HIS A 1543 -6.60 -17.81 -44.01
C HIS A 1543 -7.74 -17.06 -43.31
N ARG A 1544 -7.40 -16.45 -42.19
CA ARG A 1544 -8.36 -15.70 -41.38
C ARG A 1544 -9.12 -14.67 -42.22
N THR A 1545 -10.43 -14.58 -41.98
CA THR A 1545 -11.27 -13.57 -42.61
C THR A 1545 -12.43 -13.25 -41.68
N VAL A 1546 -13.10 -12.13 -41.95
CA VAL A 1546 -14.22 -11.67 -41.16
C VAL A 1546 -15.51 -12.06 -41.87
N LEU A 1547 -16.36 -12.82 -41.20
CA LEU A 1547 -17.62 -13.23 -41.81
C LEU A 1547 -18.68 -12.14 -41.68
N ILE A 1548 -19.03 -11.77 -40.45
CA ILE A 1548 -20.15 -10.89 -40.17
C ILE A 1548 -19.68 -9.74 -39.31
N SER A 1549 -19.94 -8.51 -39.74
CA SER A 1549 -19.54 -7.33 -38.98
C SER A 1549 -20.66 -6.31 -38.92
N LYS A 1550 -21.73 -6.54 -39.68
CA LYS A 1550 -22.87 -5.63 -39.69
C LYS A 1550 -23.88 -6.01 -38.62
N ASN A 1551 -24.35 -5.00 -37.89
CA ASN A 1551 -25.29 -5.19 -36.78
C ASN A 1551 -24.77 -6.19 -35.75
N VAL A 1552 -23.48 -6.08 -35.45
CA VAL A 1552 -22.85 -6.87 -34.40
C VAL A 1552 -22.23 -5.92 -33.39
N THR A 1553 -22.62 -6.04 -32.12
CA THR A 1553 -22.09 -5.19 -31.06
C THR A 1553 -21.29 -5.99 -30.04
N LYS A 1554 -21.88 -7.01 -29.44
CA LYS A 1554 -21.24 -7.79 -28.39
C LYS A 1554 -21.49 -9.28 -28.62
N PRO A 1555 -20.83 -9.88 -29.61
CA PRO A 1555 -21.08 -11.29 -29.91
C PRO A 1555 -20.40 -12.19 -28.89
N ARG A 1556 -21.21 -13.04 -28.23
CA ARG A 1556 -20.66 -13.95 -27.24
C ARG A 1556 -20.81 -15.41 -27.65
N GLY A 1557 -22.05 -15.84 -27.89
CA GLY A 1557 -22.29 -17.24 -28.17
C GLY A 1557 -21.96 -17.61 -29.60
N LEU A 1558 -21.78 -18.92 -29.81
CA LEU A 1558 -21.46 -19.43 -31.15
C LEU A 1558 -21.67 -20.93 -31.16
N ALA A 1559 -22.49 -21.41 -32.09
CA ALA A 1559 -22.74 -22.83 -32.27
C ALA A 1559 -22.79 -23.14 -33.77
N LEU A 1560 -22.49 -24.39 -34.11
CA LEU A 1560 -22.40 -24.81 -35.49
C LEU A 1560 -23.16 -26.12 -35.71
N ASP A 1561 -23.71 -26.27 -36.91
CA ASP A 1561 -24.31 -27.53 -37.37
C ASP A 1561 -23.81 -27.81 -38.78
N PRO A 1562 -22.58 -28.33 -38.92
CA PRO A 1562 -21.99 -28.52 -40.25
C PRO A 1562 -22.49 -29.75 -41.00
N ARG A 1563 -23.52 -30.44 -40.51
CA ARG A 1563 -24.05 -31.57 -41.24
C ARG A 1563 -24.61 -31.12 -42.58
N MET A 1564 -24.46 -31.97 -43.59
CA MET A 1564 -24.64 -31.56 -44.97
C MET A 1564 -25.98 -30.88 -45.21
N GLY A 1565 -27.04 -31.39 -44.57
CA GLY A 1565 -28.35 -30.79 -44.73
C GLY A 1565 -28.45 -29.38 -44.21
N ASP A 1566 -27.96 -29.15 -42.98
CA ASP A 1566 -28.15 -27.85 -42.31
C ASP A 1566 -27.12 -26.82 -42.74
N ASN A 1567 -25.85 -27.06 -42.41
CA ASN A 1567 -24.76 -26.11 -42.65
C ASN A 1567 -25.12 -24.70 -42.18
N VAL A 1568 -25.47 -24.58 -40.91
CA VAL A 1568 -25.91 -23.30 -40.35
C VAL A 1568 -25.09 -22.99 -39.11
N MET A 1569 -24.96 -21.70 -38.81
CA MET A 1569 -24.25 -21.22 -37.63
C MET A 1569 -25.17 -20.34 -36.79
N PHE A 1570 -25.07 -20.47 -35.48
CA PHE A 1570 -25.85 -19.69 -34.53
C PHE A 1570 -24.91 -18.88 -33.66
N TRP A 1571 -25.28 -17.64 -33.38
CA TRP A 1571 -24.53 -16.81 -32.44
C TRP A 1571 -25.48 -15.92 -31.68
N SER A 1572 -25.02 -15.46 -30.52
CA SER A 1572 -25.81 -14.62 -29.64
C SER A 1572 -25.09 -13.29 -29.41
N ASP A 1573 -25.87 -12.22 -29.40
CA ASP A 1573 -25.36 -10.86 -29.17
C ASP A 1573 -26.12 -10.26 -28.00
N TRP A 1574 -25.38 -9.70 -27.04
CA TRP A 1574 -26.00 -9.09 -25.87
C TRP A 1574 -25.83 -7.57 -25.84
N GLY A 1575 -25.65 -6.95 -27.01
CA GLY A 1575 -25.68 -5.51 -27.09
C GLY A 1575 -27.10 -4.99 -26.93
N HIS A 1576 -27.26 -3.69 -27.18
CA HIS A 1576 -28.60 -3.12 -27.19
C HIS A 1576 -29.44 -3.82 -28.25
N HIS A 1577 -30.70 -4.10 -27.91
CA HIS A 1577 -31.55 -5.01 -28.64
C HIS A 1577 -30.90 -6.39 -28.69
N PRO A 1578 -30.81 -7.09 -27.57
CA PRO A 1578 -30.19 -8.43 -27.59
C PRO A 1578 -30.97 -9.38 -28.47
N ARG A 1579 -30.24 -10.30 -29.10
CA ARG A 1579 -30.88 -11.23 -30.02
C ARG A 1579 -29.97 -12.42 -30.25
N ILE A 1580 -30.57 -13.50 -30.73
CA ILE A 1580 -29.85 -14.69 -31.17
C ILE A 1580 -30.11 -14.84 -32.67
N GLU A 1581 -29.04 -14.98 -33.44
CA GLU A 1581 -29.13 -14.98 -34.89
C GLU A 1581 -28.70 -16.32 -35.47
N ARG A 1582 -29.32 -16.68 -36.58
CA ARG A 1582 -28.95 -17.83 -37.38
C ARG A 1582 -28.47 -17.36 -38.75
N ALA A 1583 -27.48 -18.05 -39.28
CA ALA A 1583 -26.98 -17.75 -40.62
C ALA A 1583 -26.37 -19.00 -41.22
N SER A 1584 -26.23 -19.00 -42.54
CA SER A 1584 -25.51 -20.07 -43.21
C SER A 1584 -24.05 -20.02 -42.82
N MET A 1585 -23.38 -21.17 -42.94
CA MET A 1585 -21.99 -21.27 -42.52
C MET A 1585 -21.06 -20.33 -43.28
N ASP A 1586 -21.48 -19.83 -44.44
CA ASP A 1586 -20.75 -18.79 -45.14
C ASP A 1586 -21.25 -17.39 -44.81
N GLY A 1587 -22.21 -17.27 -43.89
CA GLY A 1587 -22.71 -15.99 -43.45
C GLY A 1587 -23.70 -15.32 -44.37
N THR A 1588 -24.32 -16.06 -45.29
CA THR A 1588 -25.20 -15.44 -46.27
C THR A 1588 -26.61 -15.23 -45.73
N MET A 1589 -27.28 -16.32 -45.35
CA MET A 1589 -28.70 -16.26 -44.98
C MET A 1589 -28.87 -15.90 -43.50
N ARG A 1590 -28.55 -14.65 -43.19
CA ARG A 1590 -28.63 -14.18 -41.81
C ARG A 1590 -30.10 -14.03 -41.40
N THR A 1591 -30.42 -14.55 -40.22
CA THR A 1591 -31.79 -14.52 -39.72
C THR A 1591 -31.76 -14.42 -38.20
N VAL A 1592 -32.61 -13.56 -37.64
CA VAL A 1592 -32.75 -13.46 -36.19
C VAL A 1592 -33.87 -14.39 -35.76
N ILE A 1593 -33.53 -15.37 -34.92
CA ILE A 1593 -34.50 -16.40 -34.53
C ILE A 1593 -35.21 -16.05 -33.24
N VAL A 1594 -34.48 -15.60 -32.21
CA VAL A 1594 -35.11 -15.20 -30.96
C VAL A 1594 -34.67 -13.77 -30.64
N GLN A 1595 -35.65 -12.91 -30.34
CA GLN A 1595 -35.34 -11.55 -29.94
C GLN A 1595 -36.25 -11.06 -28.82
N GLU A 1596 -37.02 -11.94 -28.18
CA GLU A 1596 -37.96 -11.57 -27.13
C GLU A 1596 -37.62 -12.34 -25.86
N LYS A 1597 -37.78 -11.67 -24.71
CA LYS A 1597 -37.49 -12.26 -23.42
C LYS A 1597 -36.03 -12.68 -23.30
N ILE A 1598 -35.13 -11.80 -23.75
CA ILE A 1598 -33.70 -11.98 -23.58
C ILE A 1598 -33.09 -10.65 -23.17
N TYR A 1599 -32.19 -10.71 -22.19
CA TYR A 1599 -31.47 -9.51 -21.77
C TYR A 1599 -29.98 -9.68 -21.96
N TRP A 1600 -29.42 -10.81 -21.50
CA TRP A 1600 -27.99 -11.10 -21.59
C TRP A 1600 -27.80 -12.51 -22.12
N PRO A 1601 -28.01 -12.72 -23.42
CA PRO A 1601 -27.81 -14.07 -23.98
C PRO A 1601 -26.34 -14.46 -23.94
N CYS A 1602 -26.10 -15.77 -23.78
CA CYS A 1602 -24.75 -16.30 -23.73
C CYS A 1602 -24.79 -17.82 -23.83
N GLY A 1603 -23.63 -18.40 -24.11
CA GLY A 1603 -23.45 -19.85 -24.06
C GLY A 1603 -24.40 -20.68 -24.89
N LEU A 1604 -24.31 -20.60 -26.21
CA LEU A 1604 -25.14 -21.42 -27.07
C LEU A 1604 -24.58 -22.83 -27.20
N SER A 1605 -25.46 -23.79 -27.43
CA SER A 1605 -25.08 -25.17 -27.66
C SER A 1605 -26.20 -25.88 -28.39
N ILE A 1606 -25.84 -26.80 -29.29
CA ILE A 1606 -26.78 -27.42 -30.21
C ILE A 1606 -26.95 -28.89 -29.83
N ASP A 1607 -28.21 -29.33 -29.74
CA ASP A 1607 -28.54 -30.73 -29.58
C ASP A 1607 -28.72 -31.32 -30.97
N TYR A 1608 -27.71 -32.04 -31.44
CA TYR A 1608 -27.69 -32.50 -32.82
C TYR A 1608 -28.80 -33.49 -33.15
N PRO A 1609 -29.07 -34.55 -32.36
CA PRO A 1609 -30.14 -35.48 -32.75
C PRO A 1609 -31.51 -34.83 -32.87
N ASN A 1610 -31.84 -33.87 -32.00
CA ASN A 1610 -33.15 -33.23 -32.01
C ASN A 1610 -33.17 -31.93 -32.80
N ARG A 1611 -32.01 -31.44 -33.25
CA ARG A 1611 -31.90 -30.17 -33.98
C ARG A 1611 -32.52 -29.03 -33.17
N LEU A 1612 -32.11 -28.93 -31.90
CA LEU A 1612 -32.51 -27.86 -31.02
C LEU A 1612 -31.28 -27.05 -30.61
N ILE A 1613 -31.49 -25.75 -30.40
CA ILE A 1613 -30.43 -24.85 -29.97
C ILE A 1613 -30.71 -24.43 -28.54
N TYR A 1614 -29.81 -24.79 -27.63
CA TYR A 1614 -29.92 -24.40 -26.23
C TYR A 1614 -29.23 -23.07 -26.02
N PHE A 1615 -29.88 -22.17 -25.31
CA PHE A 1615 -29.29 -20.87 -25.01
C PHE A 1615 -29.56 -20.49 -23.57
N MET A 1616 -28.76 -19.55 -23.07
CA MET A 1616 -28.70 -19.22 -21.67
C MET A 1616 -28.69 -17.70 -21.49
N ASP A 1617 -29.34 -17.24 -20.41
CA ASP A 1617 -29.40 -15.82 -20.09
C ASP A 1617 -28.94 -15.60 -18.67
N ALA A 1618 -27.95 -14.72 -18.50
CA ALA A 1618 -27.37 -14.45 -17.19
C ALA A 1618 -28.08 -13.33 -16.43
N TYR A 1619 -28.98 -12.60 -17.09
CA TYR A 1619 -29.76 -11.56 -16.42
C TYR A 1619 -31.11 -12.06 -15.95
N LEU A 1620 -31.86 -12.71 -16.84
CA LEU A 1620 -33.14 -13.32 -16.46
C LEU A 1620 -32.95 -14.67 -15.78
N ASP A 1621 -31.74 -15.23 -15.81
CA ASP A 1621 -31.38 -16.44 -15.08
C ASP A 1621 -32.27 -17.62 -15.48
N TYR A 1622 -32.13 -18.01 -16.75
CA TYR A 1622 -32.86 -19.17 -17.25
C TYR A 1622 -32.01 -19.92 -18.26
N ILE A 1623 -32.37 -21.19 -18.49
CA ILE A 1623 -31.83 -22.01 -19.56
C ILE A 1623 -32.99 -22.47 -20.41
N GLU A 1624 -32.90 -22.26 -21.72
CA GLU A 1624 -33.99 -22.55 -22.63
C GLU A 1624 -33.45 -23.24 -23.87
N PHE A 1625 -34.36 -23.77 -24.68
CA PHE A 1625 -34.02 -24.33 -25.98
C PHE A 1625 -35.17 -24.10 -26.94
N CYS A 1626 -34.85 -24.15 -28.23
CA CYS A 1626 -35.83 -23.98 -29.29
C CYS A 1626 -35.31 -24.66 -30.55
N ASP A 1627 -36.20 -24.83 -31.51
CA ASP A 1627 -35.77 -25.39 -32.79
C ASP A 1627 -34.96 -24.35 -33.56
N TYR A 1628 -34.49 -24.75 -34.76
CA TYR A 1628 -33.59 -23.90 -35.51
C TYR A 1628 -34.24 -22.60 -35.96
N ASP A 1629 -35.57 -22.55 -36.05
CA ASP A 1629 -36.28 -21.33 -36.37
C ASP A 1629 -36.73 -20.56 -35.14
N GLY A 1630 -36.54 -21.11 -33.94
CA GLY A 1630 -36.98 -20.46 -32.72
C GLY A 1630 -38.46 -20.53 -32.44
N HIS A 1631 -39.17 -21.50 -33.02
CA HIS A 1631 -40.62 -21.55 -32.87
C HIS A 1631 -41.06 -22.31 -31.63
N ASN A 1632 -40.45 -23.46 -31.35
CA ASN A 1632 -40.87 -24.27 -30.22
C ASN A 1632 -40.01 -24.02 -28.99
N ARG A 1633 -40.12 -22.82 -28.41
CA ARG A 1633 -39.32 -22.49 -27.25
C ARG A 1633 -39.82 -23.23 -26.02
N ARG A 1634 -38.88 -23.70 -25.19
CA ARG A 1634 -39.18 -24.36 -23.94
C ARG A 1634 -38.20 -23.87 -22.89
N GLN A 1635 -38.59 -23.98 -21.62
CA GLN A 1635 -37.73 -23.63 -20.51
C GLN A 1635 -37.38 -24.89 -19.74
N VAL A 1636 -36.08 -25.12 -19.54
CA VAL A 1636 -35.60 -26.27 -18.77
C VAL A 1636 -35.27 -25.88 -17.34
N ILE A 1637 -34.74 -24.67 -17.14
CA ILE A 1637 -34.49 -24.11 -15.82
C ILE A 1637 -34.92 -22.66 -15.85
N ALA A 1638 -35.99 -22.33 -15.12
CA ALA A 1638 -36.49 -20.98 -15.09
C ALA A 1638 -37.09 -20.70 -13.72
N SER A 1639 -36.99 -19.44 -13.29
CA SER A 1639 -37.45 -19.02 -11.96
C SER A 1639 -36.82 -19.88 -10.88
N ASP A 1640 -35.53 -20.16 -11.05
CA ASP A 1640 -34.79 -21.04 -10.14
C ASP A 1640 -33.55 -20.29 -9.66
N LEU A 1641 -33.21 -20.48 -8.39
CA LEU A 1641 -32.14 -19.71 -7.77
C LEU A 1641 -30.77 -20.36 -7.93
N VAL A 1642 -30.67 -21.51 -8.61
CA VAL A 1642 -29.36 -22.08 -8.90
C VAL A 1642 -28.57 -21.15 -9.81
N LEU A 1643 -29.23 -20.60 -10.83
CA LEU A 1643 -28.54 -19.78 -11.80
C LEU A 1643 -28.26 -18.40 -11.21
N HIS A 1644 -26.98 -18.03 -11.17
CA HIS A 1644 -26.56 -16.71 -10.70
C HIS A 1644 -26.03 -15.87 -11.85
N HIS A 1645 -25.03 -16.39 -12.58
CA HIS A 1645 -24.50 -15.71 -13.76
C HIS A 1645 -23.92 -16.75 -14.70
N PRO A 1646 -24.77 -17.63 -15.24
CA PRO A 1646 -24.26 -18.70 -16.12
C PRO A 1646 -23.60 -18.13 -17.36
N HIS A 1647 -22.51 -18.77 -17.79
CA HIS A 1647 -21.70 -18.27 -18.89
C HIS A 1647 -21.73 -19.20 -20.09
N ALA A 1648 -21.37 -20.47 -19.91
CA ALA A 1648 -21.23 -21.40 -21.03
C ALA A 1648 -22.10 -22.63 -20.79
N LEU A 1649 -22.42 -23.32 -21.88
CA LEU A 1649 -23.31 -24.47 -21.84
C LEU A 1649 -22.82 -25.55 -22.79
N THR A 1650 -23.04 -26.81 -22.40
CA THR A 1650 -22.70 -27.95 -23.25
C THR A 1650 -23.67 -29.08 -22.93
N LEU A 1651 -23.76 -30.03 -23.86
CA LEU A 1651 -24.74 -31.10 -23.79
C LEU A 1651 -24.07 -32.46 -23.93
N PHE A 1652 -24.70 -33.47 -23.31
CA PHE A 1652 -24.33 -34.86 -23.51
C PHE A 1652 -25.49 -35.75 -23.10
N GLU A 1653 -25.95 -36.59 -24.04
CA GLU A 1653 -27.05 -37.51 -23.79
C GLU A 1653 -28.28 -36.80 -23.25
N ASP A 1654 -28.54 -36.96 -21.95
CA ASP A 1654 -29.71 -36.35 -21.32
C ASP A 1654 -29.33 -35.37 -20.23
N PHE A 1655 -28.13 -34.78 -20.30
CA PHE A 1655 -27.67 -33.83 -19.30
C PHE A 1655 -27.14 -32.57 -19.97
N VAL A 1656 -27.29 -31.43 -19.28
CA VAL A 1656 -26.71 -30.17 -19.70
C VAL A 1656 -25.72 -29.71 -18.63
N TYR A 1657 -24.49 -29.45 -19.05
CA TYR A 1657 -23.44 -28.98 -18.16
C TYR A 1657 -23.19 -27.50 -18.45
N TRP A 1658 -23.23 -26.68 -17.40
CA TRP A 1658 -23.03 -25.25 -17.54
C TRP A 1658 -22.12 -24.76 -16.43
N THR A 1659 -21.40 -23.69 -16.71
CA THR A 1659 -20.52 -23.05 -15.75
C THR A 1659 -21.13 -21.74 -15.28
N ASP A 1660 -21.09 -21.51 -13.97
CA ASP A 1660 -21.69 -20.34 -13.36
C ASP A 1660 -20.59 -19.42 -12.84
N ARG A 1661 -20.62 -18.16 -13.27
CA ARG A 1661 -19.61 -17.21 -12.85
C ARG A 1661 -19.89 -16.60 -11.48
N GLY A 1662 -21.10 -16.74 -10.97
CA GLY A 1662 -21.43 -16.19 -9.66
C GLY A 1662 -21.04 -17.13 -8.54
N THR A 1663 -21.47 -18.39 -8.64
CA THR A 1663 -21.10 -19.41 -7.67
C THR A 1663 -19.73 -20.03 -7.96
N ARG A 1664 -19.15 -19.74 -9.11
CA ARG A 1664 -17.82 -20.24 -9.48
C ARG A 1664 -17.76 -21.76 -9.42
N GLN A 1665 -18.82 -22.42 -9.87
CA GLN A 1665 -18.88 -23.88 -9.86
C GLN A 1665 -19.55 -24.38 -11.13
N VAL A 1666 -19.23 -25.62 -11.49
CA VAL A 1666 -19.78 -26.29 -12.65
C VAL A 1666 -20.91 -27.21 -12.19
N MET A 1667 -22.07 -27.07 -12.80
CA MET A 1667 -23.26 -27.81 -12.38
C MET A 1667 -23.75 -28.72 -13.49
N GLN A 1668 -24.67 -29.61 -13.13
CA GLN A 1668 -25.23 -30.59 -14.04
C GLN A 1668 -26.72 -30.71 -13.77
N ALA A 1669 -27.50 -30.87 -14.83
CA ALA A 1669 -28.94 -31.00 -14.69
C ALA A 1669 -29.50 -31.74 -15.90
N ASN A 1670 -30.72 -32.23 -15.76
CA ASN A 1670 -31.40 -32.89 -16.86
C ASN A 1670 -31.73 -31.87 -17.94
N LYS A 1671 -31.53 -32.25 -19.20
CA LYS A 1671 -31.65 -31.30 -20.30
C LYS A 1671 -33.09 -30.97 -20.67
N TRP A 1672 -34.08 -31.70 -20.15
CA TRP A 1672 -35.46 -31.52 -20.58
C TRP A 1672 -36.31 -30.74 -19.57
N HIS A 1673 -36.09 -30.96 -18.27
CA HIS A 1673 -36.86 -30.25 -17.26
C HIS A 1673 -36.02 -29.66 -16.15
N GLY A 1674 -34.69 -29.75 -16.23
CA GLY A 1674 -33.84 -29.12 -15.25
C GLY A 1674 -33.77 -29.82 -13.90
N GLY A 1675 -34.25 -31.04 -13.80
CA GLY A 1675 -34.18 -31.78 -12.56
C GLY A 1675 -32.81 -32.41 -12.36
N ASN A 1676 -32.68 -33.08 -11.21
CA ASN A 1676 -31.46 -33.79 -10.84
C ASN A 1676 -30.25 -32.86 -10.82
N GLN A 1677 -30.44 -31.63 -10.37
CA GLN A 1677 -29.33 -30.68 -10.32
C GLN A 1677 -28.28 -31.13 -9.31
N SER A 1678 -27.01 -30.98 -9.70
CA SER A 1678 -25.90 -31.37 -8.84
C SER A 1678 -24.68 -30.54 -9.21
N VAL A 1679 -23.75 -30.44 -8.28
CA VAL A 1679 -22.50 -29.71 -8.52
C VAL A 1679 -21.44 -30.68 -9.00
N VAL A 1680 -20.85 -30.39 -10.16
CA VAL A 1680 -19.80 -31.26 -10.68
C VAL A 1680 -18.47 -30.97 -10.00
N MET A 1681 -18.08 -29.70 -9.91
CA MET A 1681 -16.84 -29.34 -9.25
C MET A 1681 -16.90 -27.88 -8.82
N TYR A 1682 -16.14 -27.56 -7.79
CA TYR A 1682 -15.99 -26.19 -7.31
C TYR A 1682 -14.66 -25.63 -7.76
N SER A 1683 -14.67 -24.36 -8.18
CA SER A 1683 -13.48 -23.72 -8.71
C SER A 1683 -13.18 -22.46 -7.92
N VAL A 1684 -11.90 -22.22 -7.65
CA VAL A 1684 -11.50 -21.00 -6.94
C VAL A 1684 -11.58 -19.80 -7.88
N HIS A 1685 -11.53 -20.04 -9.18
CA HIS A 1685 -11.65 -18.99 -10.19
C HIS A 1685 -12.90 -19.20 -11.02
N GLN A 1686 -13.32 -18.16 -11.71
CA GLN A 1686 -14.55 -18.21 -12.47
C GLN A 1686 -14.39 -19.13 -13.68
N PRO A 1687 -15.19 -20.17 -13.82
CA PRO A 1687 -15.08 -21.05 -14.99
C PRO A 1687 -15.79 -20.44 -16.19
N LEU A 1688 -15.04 -20.18 -17.25
CA LEU A 1688 -15.60 -19.51 -18.42
C LEU A 1688 -16.06 -20.50 -19.48
N GLY A 1689 -15.14 -21.31 -19.99
CA GLY A 1689 -15.50 -22.19 -21.09
C GLY A 1689 -15.70 -23.62 -20.63
N ILE A 1690 -16.59 -24.33 -21.31
CA ILE A 1690 -16.88 -25.73 -21.03
C ILE A 1690 -17.22 -26.43 -22.33
N THR A 1691 -16.79 -27.69 -22.45
CA THR A 1691 -17.12 -28.50 -23.61
C THR A 1691 -17.09 -29.97 -23.20
N ALA A 1692 -17.87 -30.78 -23.91
CA ALA A 1692 -17.91 -32.22 -23.68
C ALA A 1692 -17.30 -32.93 -24.88
N ILE A 1693 -16.15 -33.56 -24.66
CA ILE A 1693 -15.42 -34.22 -25.73
C ILE A 1693 -15.92 -35.65 -25.86
N HIS A 1694 -16.57 -35.95 -26.99
CA HIS A 1694 -17.08 -37.29 -27.26
C HIS A 1694 -17.42 -37.35 -28.74
N PRO A 1695 -17.29 -38.52 -29.38
CA PRO A 1695 -17.67 -38.62 -30.79
C PRO A 1695 -19.11 -38.28 -31.07
N SER A 1696 -20.01 -38.48 -30.10
CA SER A 1696 -21.42 -38.14 -30.30
C SER A 1696 -21.61 -36.64 -30.52
N ARG A 1697 -20.71 -35.82 -29.98
CA ARG A 1697 -20.78 -34.38 -30.16
C ARG A 1697 -20.22 -33.93 -31.51
N GLN A 1698 -19.63 -34.84 -32.28
CA GLN A 1698 -19.14 -34.53 -33.64
C GLN A 1698 -19.68 -35.57 -34.60
N PRO A 1699 -20.98 -35.52 -34.90
CA PRO A 1699 -21.56 -36.53 -35.79
C PRO A 1699 -20.92 -36.46 -37.15
N PRO A 1700 -20.70 -37.60 -37.80
CA PRO A 1700 -20.13 -37.61 -39.14
C PRO A 1700 -21.12 -37.12 -40.18
N SER A 1701 -20.57 -36.61 -41.28
CA SER A 1701 -21.38 -36.15 -42.39
C SER A 1701 -20.51 -36.04 -43.63
N ARG A 1702 -21.17 -35.95 -44.78
CA ARG A 1702 -20.45 -35.76 -46.04
C ARG A 1702 -19.85 -34.36 -46.10
N ASN A 1703 -18.64 -34.26 -46.66
CA ASN A 1703 -17.95 -32.98 -46.78
C ASN A 1703 -18.07 -32.50 -48.21
N PRO A 1704 -18.91 -31.50 -48.51
CA PRO A 1704 -18.99 -30.99 -49.89
C PRO A 1704 -17.76 -30.24 -50.35
N CYS A 1705 -16.88 -29.83 -49.44
CA CYS A 1705 -15.67 -29.12 -49.81
C CYS A 1705 -14.58 -30.05 -50.34
N ALA A 1706 -14.76 -31.37 -50.26
CA ALA A 1706 -13.75 -32.28 -50.76
C ALA A 1706 -13.55 -32.13 -52.26
N SER A 1707 -14.63 -32.00 -53.02
CA SER A 1707 -14.55 -31.78 -54.45
C SER A 1707 -14.38 -30.32 -54.82
N ALA A 1708 -14.40 -29.42 -53.84
CA ALA A 1708 -14.25 -28.01 -54.11
C ALA A 1708 -12.81 -27.66 -54.46
N SER A 1709 -12.65 -26.66 -55.33
CA SER A 1709 -11.34 -26.18 -55.74
C SER A 1709 -11.08 -24.75 -55.30
N CYS A 1710 -11.72 -24.29 -54.22
CA CYS A 1710 -11.51 -22.94 -53.73
C CYS A 1710 -10.05 -22.70 -53.39
N SER A 1711 -9.52 -21.58 -53.86
CA SER A 1711 -8.09 -21.29 -53.70
C SER A 1711 -7.68 -21.14 -52.24
N HIS A 1712 -8.45 -20.41 -51.44
CA HIS A 1712 -8.05 -20.18 -50.05
C HIS A 1712 -9.01 -20.80 -49.05
N LEU A 1713 -10.28 -20.45 -49.11
CA LEU A 1713 -11.26 -20.89 -48.12
C LEU A 1713 -12.45 -21.54 -48.81
N CYS A 1714 -12.85 -22.71 -48.31
CA CYS A 1714 -14.09 -23.35 -48.70
C CYS A 1714 -15.01 -23.41 -47.49
N LEU A 1715 -16.00 -22.53 -47.47
CA LEU A 1715 -16.96 -22.46 -46.38
C LEU A 1715 -18.23 -23.21 -46.77
N LEU A 1716 -18.74 -24.02 -45.83
CA LEU A 1716 -20.00 -24.69 -46.06
C LEU A 1716 -21.12 -23.68 -46.15
N SER A 1717 -22.24 -24.09 -46.75
CA SER A 1717 -23.37 -23.18 -46.91
C SER A 1717 -24.66 -23.98 -46.89
N ALA A 1718 -25.75 -23.29 -46.53
CA ALA A 1718 -27.06 -23.90 -46.54
C ALA A 1718 -27.68 -23.91 -47.93
N GLN A 1719 -27.02 -23.30 -48.91
CA GLN A 1719 -27.53 -23.28 -50.27
C GLN A 1719 -27.53 -24.69 -50.84
N ALA A 1720 -28.66 -25.10 -51.40
CA ALA A 1720 -28.90 -26.47 -51.84
C ALA A 1720 -27.97 -26.98 -52.94
N PRO A 1721 -27.77 -26.25 -54.05
CA PRO A 1721 -27.06 -26.86 -55.19
C PRO A 1721 -25.65 -27.35 -54.89
N ARG A 1722 -24.88 -26.63 -54.08
CA ARG A 1722 -23.50 -27.01 -53.80
C ARG A 1722 -23.21 -27.23 -52.32
N HIS A 1723 -23.90 -26.52 -51.43
CA HIS A 1723 -23.69 -26.59 -49.99
C HIS A 1723 -22.27 -26.17 -49.60
N TYR A 1724 -21.64 -25.32 -50.41
CA TYR A 1724 -20.35 -24.74 -50.08
C TYR A 1724 -20.17 -23.47 -50.88
N SER A 1725 -19.25 -22.62 -50.42
CA SER A 1725 -18.96 -21.35 -51.09
C SER A 1725 -17.51 -20.99 -50.87
N CYS A 1726 -16.86 -20.51 -51.93
CA CYS A 1726 -15.46 -20.11 -51.84
C CYS A 1726 -15.33 -18.72 -51.25
N ALA A 1727 -14.33 -18.53 -50.39
CA ALA A 1727 -14.00 -17.24 -49.83
C ALA A 1727 -12.49 -17.11 -49.74
N CYS A 1728 -12.04 -15.92 -49.34
CA CYS A 1728 -10.61 -15.66 -49.21
C CYS A 1728 -10.34 -14.67 -48.08
N PRO A 1729 -9.12 -14.63 -47.55
CA PRO A 1729 -8.84 -13.84 -46.34
C PRO A 1729 -9.03 -12.35 -46.55
N SER A 1730 -8.79 -11.62 -45.46
CA SER A 1730 -8.90 -10.15 -45.50
C SER A 1730 -7.86 -9.58 -46.45
N GLY A 1731 -8.28 -8.63 -47.28
CA GLY A 1731 -7.40 -8.00 -48.24
C GLY A 1731 -7.28 -8.71 -49.57
N TRP A 1732 -8.18 -9.65 -49.87
CA TRP A 1732 -8.19 -10.39 -51.11
C TRP A 1732 -9.51 -10.13 -51.82
N ASN A 1733 -9.50 -10.34 -53.14
CA ASN A 1733 -10.69 -10.17 -53.98
C ASN A 1733 -11.20 -11.53 -54.45
N LEU A 1734 -12.53 -11.72 -54.37
CA LEU A 1734 -13.17 -12.85 -55.05
C LEU A 1734 -13.19 -12.57 -56.55
N SER A 1735 -12.46 -13.38 -57.33
CA SER A 1735 -12.40 -13.15 -58.76
C SER A 1735 -13.72 -13.53 -59.42
N ASP A 1736 -13.87 -13.11 -60.67
CA ASP A 1736 -15.12 -13.35 -61.39
C ASP A 1736 -15.42 -14.83 -61.58
N ASP A 1737 -14.38 -15.67 -61.64
CA ASP A 1737 -14.60 -17.11 -61.73
C ASP A 1737 -15.18 -17.70 -60.46
N SER A 1738 -15.18 -16.95 -59.35
CA SER A 1738 -15.83 -17.31 -58.10
C SER A 1738 -15.22 -18.55 -57.45
N VAL A 1739 -14.03 -18.97 -57.88
CA VAL A 1739 -13.36 -20.09 -57.26
C VAL A 1739 -11.95 -19.68 -56.85
N ASN A 1740 -11.39 -18.70 -57.55
CA ASN A 1740 -10.06 -18.20 -57.24
C ASN A 1740 -10.15 -16.81 -56.62
N CYS A 1741 -9.10 -16.46 -55.87
CA CYS A 1741 -9.01 -15.16 -55.24
C CYS A 1741 -7.64 -14.55 -55.48
N VAL A 1742 -7.60 -13.24 -55.72
CA VAL A 1742 -6.37 -12.53 -56.02
C VAL A 1742 -6.16 -11.45 -54.96
N ARG A 1743 -4.90 -11.15 -54.69
CA ARG A 1743 -4.57 -10.15 -53.67
C ARG A 1743 -4.99 -8.77 -54.11
N GLY A 1744 -5.68 -8.04 -53.24
CA GLY A 1744 -6.08 -6.68 -53.53
C GLY A 1744 -4.97 -5.69 -53.31
N ASP A 1745 -4.54 -5.02 -54.38
CA ASP A 1745 -3.43 -4.07 -54.29
C ASP A 1745 -3.89 -2.66 -53.97
N GLN A 1746 -5.18 -2.46 -53.71
CA GLN A 1746 -5.67 -1.13 -53.39
C GLN A 1746 -5.11 -0.65 -52.05
N PRO A 1747 -4.96 0.66 -51.88
CA PRO A 1747 -4.46 1.17 -50.60
C PRO A 1747 -5.53 1.10 -49.52
N PHE A 1748 -5.06 1.19 -48.27
CA PHE A 1748 -5.97 1.25 -47.13
C PHE A 1748 -5.31 2.05 -46.02
N LEU A 1749 -6.15 2.53 -45.09
CA LEU A 1749 -5.72 3.45 -44.06
C LEU A 1749 -5.51 2.69 -42.76
N MET A 1750 -4.30 2.76 -42.21
CA MET A 1750 -4.02 2.20 -40.90
C MET A 1750 -4.29 3.24 -39.82
N SER A 1751 -5.21 2.93 -38.91
CA SER A 1751 -5.59 3.83 -37.84
C SER A 1751 -5.21 3.18 -36.51
N VAL A 1752 -4.07 3.58 -35.96
CA VAL A 1752 -3.61 3.04 -34.69
C VAL A 1752 -4.36 3.73 -33.56
N ARG A 1753 -4.83 2.93 -32.61
CA ARG A 1753 -5.47 3.42 -31.40
C ARG A 1753 -4.54 3.18 -30.21
N ASP A 1754 -5.06 3.45 -29.00
CA ASP A 1754 -4.23 3.34 -27.81
C ASP A 1754 -3.71 1.92 -27.61
N ASN A 1755 -4.51 0.92 -27.96
CA ASN A 1755 -4.13 -0.47 -27.73
C ASN A 1755 -4.30 -1.37 -28.94
N ILE A 1756 -4.65 -0.83 -30.11
CA ILE A 1756 -4.91 -1.66 -31.29
C ILE A 1756 -4.70 -0.82 -32.54
N ILE A 1757 -4.26 -1.47 -33.61
CA ILE A 1757 -4.09 -0.85 -34.91
C ILE A 1757 -5.05 -1.52 -35.89
N PHE A 1758 -5.84 -0.71 -36.59
CA PHE A 1758 -6.85 -1.20 -37.51
C PHE A 1758 -6.52 -0.79 -38.93
N GLY A 1759 -6.95 -1.61 -39.88
CA GLY A 1759 -6.84 -1.31 -41.28
C GLY A 1759 -8.21 -1.13 -41.89
N ILE A 1760 -8.52 0.12 -42.26
CA ILE A 1760 -9.83 0.46 -42.80
C ILE A 1760 -9.66 0.97 -44.23
N SER A 1761 -10.69 0.76 -45.04
CA SER A 1761 -10.64 1.14 -46.44
C SER A 1761 -10.82 2.64 -46.60
N LEU A 1762 -10.24 3.18 -47.68
CA LEU A 1762 -10.39 4.59 -47.98
C LEU A 1762 -11.80 4.95 -48.41
N ASP A 1763 -12.62 3.96 -48.73
CA ASP A 1763 -14.02 4.20 -49.09
C ASP A 1763 -14.80 4.51 -47.81
N PRO A 1764 -15.38 5.70 -47.67
CA PRO A 1764 -16.11 6.02 -46.43
C PRO A 1764 -17.36 5.20 -46.23
N GLU A 1765 -17.90 4.58 -47.28
CA GLU A 1765 -19.12 3.81 -47.16
C GLU A 1765 -18.89 2.39 -46.62
N VAL A 1766 -17.65 1.96 -46.50
CA VAL A 1766 -17.31 0.64 -45.99
C VAL A 1766 -16.93 0.78 -44.53
N LYS A 1767 -17.61 0.03 -43.66
CA LYS A 1767 -17.41 0.13 -42.21
C LYS A 1767 -16.91 -1.17 -41.59
N SER A 1768 -16.27 -2.04 -42.38
CA SER A 1768 -15.97 -3.38 -41.91
C SER A 1768 -14.69 -3.46 -41.08
N ASN A 1769 -13.75 -2.54 -41.27
CA ASN A 1769 -12.49 -2.53 -40.52
C ASN A 1769 -11.74 -3.86 -40.70
N ASP A 1770 -11.65 -4.32 -41.95
CA ASP A 1770 -11.02 -5.60 -42.22
C ASP A 1770 -10.09 -5.54 -43.43
N ALA A 1771 -9.47 -4.40 -43.68
CA ALA A 1771 -8.48 -4.33 -44.75
C ALA A 1771 -7.24 -5.16 -44.43
N MET A 1772 -6.97 -5.40 -43.16
CA MET A 1772 -5.86 -6.25 -42.74
C MET A 1772 -6.19 -6.81 -41.36
N VAL A 1773 -5.44 -7.83 -40.95
CA VAL A 1773 -5.66 -8.42 -39.63
C VAL A 1773 -5.26 -7.40 -38.56
N PRO A 1774 -6.14 -7.07 -37.61
CA PRO A 1774 -5.81 -6.03 -36.64
C PRO A 1774 -4.62 -6.44 -35.77
N ILE A 1775 -3.87 -5.44 -35.33
CA ILE A 1775 -2.69 -5.65 -34.50
C ILE A 1775 -3.11 -5.34 -33.07
N SER A 1776 -3.44 -6.38 -32.32
CA SER A 1776 -3.85 -6.21 -30.93
C SER A 1776 -2.64 -6.25 -30.00
N GLY A 1777 -2.89 -5.93 -28.73
CA GLY A 1777 -1.84 -6.00 -27.73
C GLY A 1777 -0.91 -4.82 -27.69
N ILE A 1778 -1.26 -3.70 -28.33
CA ILE A 1778 -0.39 -2.54 -28.31
C ILE A 1778 -0.45 -1.89 -26.94
N GLN A 1779 0.72 -1.53 -26.40
CA GLN A 1779 0.76 -0.94 -25.07
C GLN A 1779 0.35 0.53 -25.10
N HIS A 1780 1.10 1.36 -25.81
CA HIS A 1780 0.78 2.78 -25.95
C HIS A 1780 1.05 3.16 -27.40
N GLY A 1781 0.02 3.01 -28.24
CA GLY A 1781 0.19 3.28 -29.65
C GLY A 1781 0.11 4.76 -29.95
N TYR A 1782 1.10 5.25 -30.70
CA TYR A 1782 1.07 6.63 -31.16
C TYR A 1782 1.25 6.67 -32.67
N ASP A 1783 2.16 5.84 -33.18
CA ASP A 1783 2.51 5.88 -34.60
C ASP A 1783 2.67 4.46 -35.12
N VAL A 1784 2.49 4.33 -36.44
CA VAL A 1784 2.62 3.05 -37.11
C VAL A 1784 3.38 3.28 -38.41
N GLU A 1785 4.07 2.24 -38.87
CA GLU A 1785 4.84 2.34 -40.11
C GLU A 1785 4.75 1.01 -40.84
N PHE A 1786 4.88 1.08 -42.17
CA PHE A 1786 4.69 -0.08 -43.02
C PHE A 1786 5.79 -0.16 -44.06
N ASP A 1787 6.03 -1.37 -44.55
CA ASP A 1787 6.85 -1.61 -45.73
C ASP A 1787 6.02 -2.43 -46.70
N ASP A 1788 5.61 -1.81 -47.81
CA ASP A 1788 4.70 -2.47 -48.73
C ASP A 1788 5.31 -3.74 -49.32
N SER A 1789 6.58 -3.69 -49.71
CA SER A 1789 7.32 -4.91 -50.01
C SER A 1789 7.57 -5.67 -48.71
N GLU A 1790 7.54 -7.00 -48.79
CA GLU A 1790 7.71 -7.88 -47.65
C GLU A 1790 6.52 -7.81 -46.70
N GLN A 1791 5.57 -6.93 -46.99
CA GLN A 1791 4.26 -6.87 -46.33
C GLN A 1791 4.36 -6.73 -44.82
N PHE A 1792 5.31 -5.96 -44.31
CA PHE A 1792 5.52 -5.87 -42.87
C PHE A 1792 4.98 -4.55 -42.32
N ILE A 1793 4.49 -4.61 -41.08
CA ILE A 1793 4.03 -3.44 -40.33
C ILE A 1793 4.92 -3.27 -39.10
N TYR A 1794 5.29 -2.02 -38.81
CA TYR A 1794 6.20 -1.73 -37.71
C TYR A 1794 5.55 -0.77 -36.72
N TRP A 1795 5.86 -0.96 -35.44
CA TRP A 1795 5.44 -0.06 -34.39
C TRP A 1795 6.36 -0.24 -33.18
N VAL A 1796 6.34 0.73 -32.28
CA VAL A 1796 7.24 0.75 -31.14
C VAL A 1796 6.52 0.24 -29.90
N GLU A 1797 7.30 -0.04 -28.86
CA GLU A 1797 6.77 -0.52 -27.59
C GLU A 1797 7.49 0.18 -26.44
N ASN A 1798 6.92 0.05 -25.25
CA ASN A 1798 7.40 0.81 -24.10
C ASN A 1798 8.86 0.52 -23.70
N PRO A 1799 9.32 -0.73 -23.58
CA PRO A 1799 10.69 -0.95 -23.09
C PRO A 1799 11.79 -0.40 -23.99
N GLY A 1800 11.46 0.07 -25.19
CA GLY A 1800 12.46 0.56 -26.11
C GLY A 1800 12.73 -0.44 -27.21
N GLU A 1801 11.68 -1.09 -27.69
CA GLU A 1801 11.77 -2.12 -28.72
C GLU A 1801 10.86 -1.75 -29.87
N ILE A 1802 11.13 -2.34 -31.03
CA ILE A 1802 10.30 -2.20 -32.22
C ILE A 1802 9.76 -3.56 -32.58
N HIS A 1803 8.48 -3.61 -32.92
CA HIS A 1803 7.79 -4.86 -33.21
C HIS A 1803 7.33 -4.89 -34.66
N ARG A 1804 7.17 -6.10 -35.19
CA ARG A 1804 6.98 -6.31 -36.61
C ARG A 1804 5.99 -7.44 -36.83
N VAL A 1805 5.06 -7.25 -37.76
CA VAL A 1805 4.07 -8.26 -38.10
C VAL A 1805 3.61 -8.02 -39.53
N LYS A 1806 3.24 -9.11 -40.21
CA LYS A 1806 2.74 -9.00 -41.57
C LYS A 1806 1.27 -8.62 -41.57
N THR A 1807 0.78 -8.21 -42.74
CA THR A 1807 -0.61 -7.80 -42.88
C THR A 1807 -1.58 -8.97 -42.72
N ASP A 1808 -1.11 -10.20 -42.87
CA ASP A 1808 -1.96 -11.37 -42.70
C ASP A 1808 -1.97 -11.90 -41.27
N GLY A 1809 -1.27 -11.23 -40.35
CA GLY A 1809 -1.26 -11.64 -38.96
C GLY A 1809 -0.17 -12.61 -38.57
N SER A 1810 0.73 -12.95 -39.48
CA SER A 1810 1.78 -13.93 -39.18
C SER A 1810 3.11 -13.23 -38.96
N ASN A 1811 4.07 -14.00 -38.44
CA ASN A 1811 5.44 -13.55 -38.22
C ASN A 1811 5.49 -12.34 -37.28
N ARG A 1812 4.63 -12.34 -36.27
CA ARG A 1812 4.71 -11.31 -35.23
C ARG A 1812 5.92 -11.59 -34.35
N THR A 1813 6.78 -10.59 -34.20
CA THR A 1813 8.04 -10.79 -33.48
C THR A 1813 8.56 -9.45 -33.00
N VAL A 1814 9.50 -9.51 -32.06
CA VAL A 1814 10.26 -8.34 -31.66
C VAL A 1814 11.43 -8.19 -32.63
N PHE A 1815 11.45 -7.09 -33.38
CA PHE A 1815 12.40 -6.95 -34.46
C PHE A 1815 13.79 -6.56 -33.97
N ALA A 1816 13.90 -5.47 -33.22
CA ALA A 1816 15.19 -5.00 -32.74
C ALA A 1816 14.96 -4.03 -31.59
N PRO A 1817 15.87 -3.99 -30.62
CA PRO A 1817 15.78 -2.95 -29.58
C PRO A 1817 16.14 -1.59 -30.16
N LEU A 1818 15.38 -0.56 -29.75
CA LEU A 1818 15.56 0.76 -30.31
C LEU A 1818 16.57 1.59 -29.53
N SER A 1819 16.33 1.83 -28.25
CA SER A 1819 17.22 2.66 -27.45
C SER A 1819 17.15 2.23 -26.00
N LEU A 1820 18.29 2.31 -25.30
CA LEU A 1820 18.33 1.93 -23.90
C LEU A 1820 17.97 3.07 -22.97
N LEU A 1821 17.90 4.30 -23.48
CA LEU A 1821 17.69 5.47 -22.64
C LEU A 1821 16.22 5.84 -22.46
N GLY A 1822 15.30 5.18 -23.17
CA GLY A 1822 13.90 5.51 -23.04
C GLY A 1822 13.08 4.85 -24.13
N SER A 1823 11.88 5.39 -24.34
CA SER A 1823 10.93 4.84 -25.28
C SER A 1823 10.76 5.80 -26.46
N SER A 1824 10.67 5.24 -27.66
CA SER A 1824 10.56 6.04 -28.87
C SER A 1824 9.12 6.50 -29.09
N LEU A 1825 8.97 7.57 -29.86
CA LEU A 1825 7.66 8.16 -30.09
C LEU A 1825 7.22 8.05 -31.55
N GLY A 1826 8.02 8.57 -32.47
CA GLY A 1826 7.62 8.60 -33.86
C GLY A 1826 8.39 7.61 -34.71
N LEU A 1827 7.89 7.40 -35.93
CA LEU A 1827 8.49 6.46 -36.87
C LEU A 1827 8.45 7.02 -38.29
N ALA A 1828 9.53 6.82 -39.03
CA ALA A 1828 9.61 7.15 -40.45
C ALA A 1828 10.52 6.15 -41.12
N LEU A 1829 10.04 5.54 -42.20
CA LEU A 1829 10.78 4.47 -42.88
C LEU A 1829 11.20 4.93 -44.26
N ASP A 1830 12.49 4.79 -44.56
CA ASP A 1830 13.02 5.01 -45.90
C ASP A 1830 12.92 3.69 -46.66
N TRP A 1831 11.95 3.59 -47.56
CA TRP A 1831 11.75 2.34 -48.30
C TRP A 1831 12.74 2.15 -49.43
N VAL A 1832 13.46 3.20 -49.83
CA VAL A 1832 14.43 3.09 -50.91
C VAL A 1832 15.74 2.52 -50.40
N SER A 1833 16.29 3.11 -49.34
CA SER A 1833 17.53 2.63 -48.74
C SER A 1833 17.30 1.63 -47.62
N ARG A 1834 16.04 1.33 -47.29
CA ARG A 1834 15.70 0.36 -46.25
C ARG A 1834 16.28 0.75 -44.90
N ASN A 1835 15.90 1.94 -44.43
CA ASN A 1835 16.23 2.41 -43.09
C ASN A 1835 14.99 3.01 -42.46
N ILE A 1836 14.95 2.99 -41.13
CA ILE A 1836 13.84 3.54 -40.37
C ILE A 1836 14.37 4.59 -39.41
N TYR A 1837 13.72 5.76 -39.39
CA TYR A 1837 14.09 6.86 -38.52
C TYR A 1837 13.03 7.05 -37.44
N TYR A 1838 13.49 7.23 -36.19
CA TYR A 1838 12.56 7.34 -35.08
C TYR A 1838 13.07 8.38 -34.10
N THR A 1839 12.15 8.92 -33.31
CA THR A 1839 12.44 9.92 -32.30
C THR A 1839 12.50 9.28 -30.92
N THR A 1840 13.37 9.80 -30.07
CA THR A 1840 13.43 9.37 -28.67
C THR A 1840 13.27 10.59 -27.78
N PRO A 1841 12.04 10.98 -27.43
CA PRO A 1841 11.87 12.20 -26.61
C PRO A 1841 12.52 12.10 -25.24
N ALA A 1842 12.75 10.90 -24.73
CA ALA A 1842 13.40 10.75 -23.43
C ALA A 1842 14.84 11.26 -23.49
N SER A 1843 15.60 10.83 -24.49
CA SER A 1843 16.96 11.31 -24.67
C SER A 1843 17.04 12.52 -25.60
N ARG A 1844 15.90 12.96 -26.14
CA ARG A 1844 15.83 14.15 -27.00
C ARG A 1844 16.79 14.02 -28.19
N SER A 1845 16.59 12.96 -28.96
CA SER A 1845 17.46 12.69 -30.10
C SER A 1845 16.66 12.01 -31.21
N ILE A 1846 17.20 12.10 -32.42
CA ILE A 1846 16.67 11.40 -33.59
C ILE A 1846 17.71 10.41 -34.05
N GLU A 1847 17.30 9.15 -34.23
CA GLU A 1847 18.23 8.08 -34.57
C GLU A 1847 17.62 7.19 -35.64
N VAL A 1848 18.49 6.45 -36.33
CA VAL A 1848 18.12 5.62 -37.46
C VAL A 1848 18.56 4.19 -37.20
N LEU A 1849 17.74 3.23 -37.64
CA LEU A 1849 18.02 1.81 -37.50
C LEU A 1849 18.00 1.16 -38.87
N THR A 1850 18.93 0.22 -39.10
CA THR A 1850 19.07 -0.41 -40.40
C THR A 1850 18.17 -1.63 -40.51
N LEU A 1851 17.44 -1.73 -41.63
CA LEU A 1851 16.56 -2.87 -41.87
C LEU A 1851 17.12 -3.86 -42.88
N LYS A 1852 18.10 -3.44 -43.69
CA LYS A 1852 18.53 -4.23 -44.84
C LYS A 1852 19.15 -5.56 -44.41
N GLY A 1853 20.14 -5.51 -43.53
CA GLY A 1853 20.94 -6.68 -43.23
C GLY A 1853 20.35 -7.57 -42.17
N ASP A 1854 21.13 -8.58 -41.79
CA ASP A 1854 20.76 -9.48 -40.71
C ASP A 1854 21.06 -8.91 -39.33
N THR A 1855 22.17 -8.18 -39.19
CA THR A 1855 22.56 -7.58 -37.92
C THR A 1855 22.13 -6.11 -37.91
N ARG A 1856 21.55 -5.67 -36.80
CA ARG A 1856 21.00 -4.33 -36.71
C ARG A 1856 22.07 -3.33 -36.32
N TYR A 1857 21.98 -2.13 -36.89
CA TYR A 1857 22.89 -1.04 -36.59
C TYR A 1857 22.07 0.22 -36.28
N GLY A 1858 22.42 0.89 -35.20
CA GLY A 1858 21.70 2.10 -34.79
C GLY A 1858 22.65 3.25 -34.54
N LYS A 1859 22.25 4.43 -35.01
CA LYS A 1859 23.07 5.62 -34.90
C LYS A 1859 22.18 6.81 -34.56
N THR A 1860 22.60 7.60 -33.57
CA THR A 1860 21.88 8.82 -33.19
C THR A 1860 22.29 9.93 -34.15
N LEU A 1861 21.35 10.38 -34.98
CA LEU A 1861 21.66 11.38 -36.00
C LEU A 1861 21.75 12.78 -35.42
N ILE A 1862 20.68 13.24 -34.77
CA ILE A 1862 20.59 14.60 -34.25
C ILE A 1862 20.29 14.54 -32.77
N ALA A 1863 20.93 15.42 -31.99
CA ALA A 1863 20.75 15.45 -30.55
C ALA A 1863 20.55 16.89 -30.10
N ASN A 1864 20.31 17.05 -28.80
CA ASN A 1864 20.11 18.38 -28.20
C ASN A 1864 21.47 18.92 -27.77
N ASP A 1865 22.04 19.80 -28.59
CA ASP A 1865 23.31 20.44 -28.28
C ASP A 1865 23.14 21.87 -27.79
N GLY A 1866 21.90 22.27 -27.46
CA GLY A 1866 21.63 23.59 -26.93
C GLY A 1866 21.42 24.67 -27.97
N THR A 1867 21.74 24.41 -29.23
CA THR A 1867 21.56 25.42 -30.26
C THR A 1867 20.10 25.43 -30.74
N PRO A 1868 19.63 26.55 -31.28
CA PRO A 1868 18.30 26.55 -31.90
C PRO A 1868 18.17 25.52 -33.02
N LEU A 1869 19.23 25.31 -33.79
CA LEU A 1869 19.24 24.29 -34.85
C LEU A 1869 19.57 22.95 -34.20
N GLY A 1870 18.55 22.31 -33.64
CA GLY A 1870 18.73 21.06 -32.95
C GLY A 1870 17.41 20.50 -32.50
N VAL A 1871 17.49 19.40 -31.76
CA VAL A 1871 16.31 18.68 -31.32
C VAL A 1871 15.96 19.09 -29.90
N GLY A 1872 14.77 19.67 -29.73
CA GLY A 1872 14.30 20.03 -28.40
C GLY A 1872 13.44 18.97 -27.78
N PHE A 1873 12.39 18.56 -28.48
CA PHE A 1873 11.50 17.49 -28.03
C PHE A 1873 10.77 16.97 -29.25
N PRO A 1874 11.37 16.01 -29.97
CA PRO A 1874 10.86 15.63 -31.30
C PRO A 1874 9.55 14.85 -31.17
N VAL A 1875 8.68 15.02 -32.17
CA VAL A 1875 7.35 14.43 -32.13
C VAL A 1875 7.17 13.42 -33.26
N GLY A 1876 7.27 13.88 -34.50
CA GLY A 1876 7.05 13.02 -35.65
C GLY A 1876 8.04 13.33 -36.75
N ILE A 1877 8.32 12.33 -37.57
CA ILE A 1877 9.30 12.44 -38.65
C ILE A 1877 8.61 12.16 -39.98
N ALA A 1878 9.08 12.86 -41.01
CA ALA A 1878 8.74 12.56 -42.40
C ALA A 1878 10.01 12.63 -43.23
N VAL A 1879 10.16 11.69 -44.16
CA VAL A 1879 11.38 11.56 -44.94
C VAL A 1879 11.04 11.63 -46.42
N ASP A 1880 11.97 12.15 -47.21
CA ASP A 1880 11.87 12.20 -48.67
C ASP A 1880 13.10 11.49 -49.22
N PRO A 1881 13.04 10.16 -49.40
CA PRO A 1881 14.25 9.42 -49.79
C PRO A 1881 14.88 9.89 -51.08
N ALA A 1882 14.07 10.27 -52.07
CA ALA A 1882 14.62 10.75 -53.34
C ALA A 1882 15.37 12.06 -53.14
N ARG A 1883 14.83 12.98 -52.36
CA ARG A 1883 15.45 14.29 -52.17
C ARG A 1883 16.54 14.27 -51.10
N GLY A 1884 16.60 13.23 -50.29
CA GLY A 1884 17.61 13.16 -49.25
C GLY A 1884 17.36 14.04 -48.04
N LYS A 1885 16.13 14.48 -47.82
CA LYS A 1885 15.79 15.38 -46.74
C LYS A 1885 14.95 14.67 -45.68
N LEU A 1886 15.16 15.07 -44.43
CA LEU A 1886 14.39 14.57 -43.29
C LEU A 1886 13.73 15.73 -42.58
N TYR A 1887 12.47 15.57 -42.21
CA TYR A 1887 11.69 16.62 -41.58
C TYR A 1887 11.14 16.12 -40.25
N TRP A 1888 11.09 17.00 -39.26
CA TRP A 1888 10.52 16.62 -37.97
C TRP A 1888 9.92 17.84 -37.29
N SER A 1889 8.86 17.60 -36.54
CA SER A 1889 8.20 18.63 -35.74
C SER A 1889 8.71 18.57 -34.31
N ASP A 1890 9.00 19.72 -33.73
CA ASP A 1890 9.71 19.80 -32.46
C ASP A 1890 8.99 20.73 -31.50
N HIS A 1891 8.71 20.23 -30.29
CA HIS A 1891 8.39 21.12 -29.19
C HIS A 1891 9.66 21.80 -28.71
N GLY A 1892 9.50 22.99 -28.14
CA GLY A 1892 10.65 23.75 -27.70
C GLY A 1892 11.18 23.26 -26.37
N THR A 1893 12.27 23.90 -25.95
CA THR A 1893 12.85 23.67 -24.63
C THR A 1893 13.14 25.02 -23.99
N ASP A 1894 13.11 25.05 -22.66
CA ASP A 1894 13.34 26.29 -21.95
C ASP A 1894 14.78 26.76 -22.15
N SER A 1895 14.93 28.03 -22.51
CA SER A 1895 16.23 28.65 -22.76
C SER A 1895 17.01 27.89 -23.84
N GLY A 1896 16.29 27.31 -24.79
CA GLY A 1896 16.92 26.47 -25.80
C GLY A 1896 16.20 26.48 -27.13
N VAL A 1897 16.00 25.29 -27.69
CA VAL A 1897 15.35 25.16 -29.00
C VAL A 1897 13.92 25.68 -28.90
N PRO A 1898 13.42 26.40 -29.91
CA PRO A 1898 12.01 26.79 -29.91
C PRO A 1898 11.13 25.74 -30.54
N ALA A 1899 9.82 25.94 -30.43
CA ALA A 1899 8.87 25.09 -31.13
C ALA A 1899 8.92 25.41 -32.62
N LYS A 1900 9.23 24.39 -33.43
CA LYS A 1900 9.55 24.65 -34.83
C LYS A 1900 9.30 23.41 -35.66
N ILE A 1901 9.22 23.62 -36.97
CA ILE A 1901 9.28 22.56 -37.97
C ILE A 1901 10.65 22.67 -38.65
N ALA A 1902 11.45 21.62 -38.52
CA ALA A 1902 12.84 21.67 -38.94
C ALA A 1902 13.11 20.63 -40.01
N SER A 1903 14.19 20.85 -40.76
CA SER A 1903 14.58 19.96 -41.83
C SER A 1903 16.07 19.66 -41.73
N ALA A 1904 16.47 18.54 -42.31
CA ALA A 1904 17.87 18.14 -42.35
C ALA A 1904 18.05 17.08 -43.42
N ASN A 1905 19.30 16.88 -43.82
CA ASN A 1905 19.62 15.74 -44.67
C ASN A 1905 19.49 14.45 -43.87
N MET A 1906 19.22 13.36 -44.58
CA MET A 1906 19.03 12.11 -43.85
C MET A 1906 20.31 11.54 -43.25
N ASP A 1907 21.42 12.26 -43.31
CA ASP A 1907 22.63 11.88 -42.62
C ASP A 1907 22.88 12.71 -41.37
N GLY A 1908 21.91 13.54 -40.98
CA GLY A 1908 22.04 14.37 -39.79
C GLY A 1908 22.67 15.72 -40.00
N THR A 1909 23.13 16.03 -41.20
CA THR A 1909 23.80 17.30 -41.45
C THR A 1909 22.83 18.32 -42.03
N SER A 1910 23.30 19.57 -42.08
CA SER A 1910 22.55 20.68 -42.70
C SER A 1910 21.21 20.91 -42.01
N LEU A 1911 21.25 21.08 -40.69
CA LEU A 1911 20.04 21.40 -39.94
C LEU A 1911 19.50 22.75 -40.36
N LYS A 1912 18.17 22.86 -40.41
CA LYS A 1912 17.52 24.10 -40.84
C LYS A 1912 16.18 24.22 -40.13
N ILE A 1913 15.78 25.47 -39.87
CA ILE A 1913 14.48 25.77 -39.26
C ILE A 1913 13.57 26.33 -40.36
N LEU A 1914 12.43 25.67 -40.56
CA LEU A 1914 11.52 26.07 -41.62
C LEU A 1914 10.43 27.02 -41.13
N PHE A 1915 9.63 26.57 -40.16
CA PHE A 1915 8.51 27.34 -39.65
C PHE A 1915 8.59 27.43 -38.14
N THR A 1916 8.46 28.65 -37.61
CA THR A 1916 8.38 28.86 -36.18
C THR A 1916 7.36 29.97 -35.91
N GLY A 1917 6.74 29.92 -34.74
CA GLY A 1917 5.74 30.90 -34.38
C GLY A 1917 4.66 30.33 -33.49
N ASN A 1918 3.39 30.47 -33.91
CA ASN A 1918 2.29 29.92 -33.16
C ASN A 1918 2.23 28.41 -33.36
N LEU A 1919 2.99 27.66 -32.55
CA LEU A 1919 3.08 26.22 -32.72
C LEU A 1919 3.01 25.47 -31.40
N GLN A 1920 2.35 26.04 -30.38
CA GLN A 1920 2.23 25.36 -29.11
C GLN A 1920 1.41 24.09 -29.25
N HIS A 1921 1.80 23.05 -28.52
CA HIS A 1921 1.21 21.72 -28.60
C HIS A 1921 1.19 21.24 -30.06
N LEU A 1922 2.38 21.12 -30.62
CA LEU A 1922 2.53 20.62 -31.99
C LEU A 1922 2.13 19.15 -32.05
N GLU A 1923 1.80 18.71 -33.27
CA GLU A 1923 1.46 17.31 -33.50
C GLU A 1923 2.34 16.75 -34.60
N VAL A 1924 2.03 15.54 -35.08
CA VAL A 1924 2.89 14.88 -36.05
C VAL A 1924 2.93 15.69 -37.35
N VAL A 1925 4.12 15.80 -37.92
CA VAL A 1925 4.26 16.37 -39.25
C VAL A 1925 4.11 15.26 -40.29
N THR A 1926 3.68 15.62 -41.48
CA THR A 1926 3.57 14.68 -42.58
C THR A 1926 3.97 15.38 -43.86
N LEU A 1927 4.34 14.58 -44.87
CA LEU A 1927 4.92 15.09 -46.09
C LEU A 1927 4.15 14.59 -47.30
N ASP A 1928 3.86 15.50 -48.22
CA ASP A 1928 3.34 15.15 -49.54
C ASP A 1928 4.52 15.17 -50.51
N ILE A 1929 5.09 13.99 -50.78
CA ILE A 1929 6.31 13.91 -51.58
C ILE A 1929 6.10 14.42 -53.00
N GLN A 1930 4.96 14.12 -53.62
CA GLN A 1930 4.68 14.60 -54.96
C GLN A 1930 4.60 16.12 -55.00
N GLU A 1931 3.83 16.72 -54.08
CA GLU A 1931 3.65 18.17 -54.07
C GLU A 1931 4.74 18.91 -53.32
N GLN A 1932 5.58 18.20 -52.56
CA GLN A 1932 6.65 18.80 -51.76
C GLN A 1932 6.10 19.86 -50.81
N LYS A 1933 5.12 19.46 -50.00
CA LYS A 1933 4.53 20.33 -48.99
C LYS A 1933 4.43 19.58 -47.67
N LEU A 1934 4.56 20.32 -46.58
CA LEU A 1934 4.44 19.74 -45.24
C LEU A 1934 3.09 20.08 -44.63
N TYR A 1935 2.54 19.13 -43.90
CA TYR A 1935 1.29 19.32 -43.17
C TYR A 1935 1.53 18.99 -41.71
N TRP A 1936 0.96 19.81 -40.83
CA TRP A 1936 1.09 19.59 -39.40
C TRP A 1936 -0.15 20.14 -38.70
N ALA A 1937 -0.36 19.67 -37.47
CA ALA A 1937 -1.49 20.08 -36.65
C ALA A 1937 -1.01 20.84 -35.43
N VAL A 1938 -1.77 21.86 -35.05
CA VAL A 1938 -1.48 22.68 -33.88
C VAL A 1938 -2.68 22.55 -32.95
N THR A 1939 -2.53 21.77 -31.88
CA THR A 1939 -3.65 21.55 -30.97
C THR A 1939 -4.03 22.82 -30.21
N SER A 1940 -3.04 23.63 -29.82
CA SER A 1940 -3.34 24.85 -29.08
C SER A 1940 -4.21 25.82 -29.86
N ARG A 1941 -4.19 25.74 -31.18
CA ARG A 1941 -5.07 26.56 -32.02
C ARG A 1941 -6.12 25.74 -32.74
N GLY A 1942 -6.08 24.41 -32.63
CA GLY A 1942 -7.09 23.58 -33.26
C GLY A 1942 -7.13 23.70 -34.77
N VAL A 1943 -5.96 23.74 -35.42
CA VAL A 1943 -5.88 23.94 -36.86
C VAL A 1943 -4.90 22.94 -37.46
N ILE A 1944 -5.04 22.75 -38.77
CA ILE A 1944 -4.09 22.00 -39.59
C ILE A 1944 -3.47 22.98 -40.58
N GLU A 1945 -2.15 23.05 -40.60
CA GLU A 1945 -1.44 24.03 -41.42
C GLU A 1945 -0.63 23.33 -42.50
N ARG A 1946 -0.37 24.08 -43.56
CA ARG A 1946 0.37 23.59 -44.72
C ARG A 1946 1.45 24.60 -45.08
N GLY A 1947 2.58 24.08 -45.57
CA GLY A 1947 3.68 24.94 -45.97
C GLY A 1947 4.64 24.21 -46.86
N ASN A 1948 5.33 24.97 -47.71
CA ASN A 1948 6.32 24.39 -48.61
C ASN A 1948 7.54 23.93 -47.82
N VAL A 1949 8.28 22.97 -48.39
CA VAL A 1949 9.43 22.40 -47.72
C VAL A 1949 10.59 23.37 -47.61
N ASP A 1950 10.55 24.49 -48.34
CA ASP A 1950 11.60 25.49 -48.24
C ASP A 1950 11.35 26.51 -47.15
N GLY A 1951 10.19 26.47 -46.49
CA GLY A 1951 9.89 27.40 -45.42
C GLY A 1951 8.99 28.56 -45.81
N THR A 1952 8.25 28.46 -46.91
CA THR A 1952 7.41 29.53 -47.40
C THR A 1952 5.97 29.08 -47.52
N GLU A 1953 5.08 30.06 -47.75
CA GLU A 1953 3.66 29.82 -48.00
C GLU A 1953 2.99 29.05 -46.87
N ARG A 1954 3.27 29.44 -45.63
CA ARG A 1954 2.56 28.88 -44.50
C ARG A 1954 1.11 29.39 -44.50
N MET A 1955 0.17 28.48 -44.31
CA MET A 1955 -1.25 28.85 -44.36
C MET A 1955 -2.08 27.82 -43.61
N ILE A 1956 -3.23 28.25 -43.13
CA ILE A 1956 -4.14 27.38 -42.39
C ILE A 1956 -5.04 26.66 -43.37
N LEU A 1957 -5.12 25.34 -43.24
CA LEU A 1957 -5.94 24.51 -44.12
C LEU A 1957 -7.26 24.08 -43.50
N VAL A 1958 -7.21 23.46 -42.31
CA VAL A 1958 -8.41 23.03 -41.60
C VAL A 1958 -8.38 23.67 -40.22
N HIS A 1959 -9.53 24.16 -39.76
CA HIS A 1959 -9.62 24.86 -38.48
C HIS A 1959 -10.80 24.34 -37.68
N HIS A 1960 -10.96 24.89 -36.48
CA HIS A 1960 -12.04 24.52 -35.55
C HIS A 1960 -11.97 23.05 -35.16
N LEU A 1961 -10.77 22.49 -35.09
CA LEU A 1961 -10.60 21.15 -34.56
C LEU A 1961 -10.40 21.19 -33.06
N ALA A 1962 -10.61 20.05 -32.41
CA ALA A 1962 -10.49 19.94 -30.96
C ALA A 1962 -9.11 19.48 -30.53
N HIS A 1963 -8.68 18.30 -30.97
CA HIS A 1963 -7.36 17.76 -30.63
C HIS A 1963 -6.93 16.82 -31.73
N PRO A 1964 -6.37 17.34 -32.82
CA PRO A 1964 -5.84 16.46 -33.87
C PRO A 1964 -4.68 15.62 -33.33
N TRP A 1965 -4.67 14.36 -33.72
CA TRP A 1965 -3.62 13.45 -33.27
C TRP A 1965 -2.99 12.73 -34.46
N GLY A 1966 -3.79 12.40 -35.45
CA GLY A 1966 -3.33 11.72 -36.64
C GLY A 1966 -3.45 12.62 -37.86
N LEU A 1967 -2.56 12.40 -38.83
CA LEU A 1967 -2.53 13.24 -40.01
C LEU A 1967 -1.78 12.51 -41.12
N VAL A 1968 -2.44 12.30 -42.25
CA VAL A 1968 -1.81 11.70 -43.42
C VAL A 1968 -2.52 12.22 -44.65
N VAL A 1969 -1.75 12.45 -45.72
CA VAL A 1969 -2.28 12.94 -46.98
C VAL A 1969 -1.89 11.96 -48.08
N TYR A 1970 -2.89 11.44 -48.78
CA TYR A 1970 -2.68 10.52 -49.88
C TYR A 1970 -3.61 10.89 -51.03
N GLY A 1971 -3.14 10.67 -52.25
CA GLY A 1971 -3.94 11.01 -53.40
C GLY A 1971 -4.24 12.50 -53.44
N SER A 1972 -5.53 12.82 -53.57
CA SER A 1972 -5.98 14.20 -53.57
C SER A 1972 -6.69 14.60 -52.29
N PHE A 1973 -6.62 13.78 -51.24
CA PHE A 1973 -7.36 14.01 -50.02
C PHE A 1973 -6.44 14.02 -48.81
N LEU A 1974 -6.91 14.64 -47.73
CA LEU A 1974 -6.21 14.69 -46.46
C LEU A 1974 -7.02 13.94 -45.40
N TYR A 1975 -6.36 13.06 -44.67
CA TYR A 1975 -6.99 12.29 -43.61
C TYR A 1975 -6.43 12.71 -42.26
N TYR A 1976 -7.32 12.91 -41.29
CA TYR A 1976 -6.89 13.26 -39.94
C TYR A 1976 -7.82 12.61 -38.93
N SER A 1977 -7.23 12.17 -37.82
CA SER A 1977 -7.98 11.58 -36.72
C SER A 1977 -7.95 12.54 -35.55
N ASP A 1978 -9.14 12.90 -35.07
CA ASP A 1978 -9.30 13.87 -33.99
C ASP A 1978 -9.62 13.11 -32.71
N GLU A 1979 -8.73 13.19 -31.73
CA GLU A 1979 -8.90 12.44 -30.48
C GLU A 1979 -10.18 12.84 -29.76
N GLN A 1980 -10.45 14.13 -29.66
CA GLN A 1980 -11.78 14.62 -29.33
C GLN A 1980 -12.57 14.73 -30.63
N TYR A 1981 -13.91 14.65 -30.50
CA TYR A 1981 -14.85 14.36 -31.58
C TYR A 1981 -14.79 12.88 -31.96
N GLU A 1982 -13.79 12.16 -31.44
CA GLU A 1982 -13.61 10.72 -31.65
C GLU A 1982 -13.89 10.32 -33.10
N VAL A 1983 -13.31 11.05 -34.05
CA VAL A 1983 -13.68 10.96 -35.45
C VAL A 1983 -12.44 10.81 -36.31
N ILE A 1984 -12.55 10.01 -37.37
CA ILE A 1984 -11.59 9.98 -38.47
C ILE A 1984 -12.28 10.59 -39.67
N GLU A 1985 -11.63 11.58 -40.30
CA GLU A 1985 -12.29 12.41 -41.28
C GLU A 1985 -11.38 12.65 -42.47
N ARG A 1986 -11.99 12.78 -43.65
CA ARG A 1986 -11.29 13.03 -44.90
C ARG A 1986 -11.69 14.38 -45.45
N VAL A 1987 -10.72 15.09 -46.03
CA VAL A 1987 -10.95 16.43 -46.55
C VAL A 1987 -9.96 16.67 -47.67
N ASP A 1988 -10.37 17.50 -48.64
CA ASP A 1988 -9.52 17.78 -49.79
C ASP A 1988 -8.26 18.52 -49.36
N LYS A 1989 -7.12 18.17 -49.97
CA LYS A 1989 -5.89 18.87 -49.65
C LYS A 1989 -5.86 20.28 -50.24
N SER A 1990 -6.74 20.55 -51.20
CA SER A 1990 -6.82 21.88 -51.81
C SER A 1990 -7.83 22.75 -51.08
N SER A 1991 -7.35 23.54 -50.12
CA SER A 1991 -8.15 24.51 -49.35
C SER A 1991 -9.14 23.85 -48.41
N GLY A 1992 -9.08 22.52 -48.25
CA GLY A 1992 -9.82 21.86 -47.21
C GLY A 1992 -11.33 21.90 -47.28
N ASN A 1993 -11.92 21.62 -48.43
CA ASN A 1993 -13.37 21.56 -48.55
C ASN A 1993 -13.82 20.10 -48.73
N ASN A 1994 -15.13 19.91 -48.92
CA ASN A 1994 -15.73 18.60 -49.15
C ASN A 1994 -15.42 17.63 -48.01
N LYS A 1995 -15.93 17.94 -46.83
CA LYS A 1995 -15.64 17.19 -45.63
C LYS A 1995 -16.46 15.90 -45.57
N VAL A 1996 -15.79 14.79 -45.30
CA VAL A 1996 -16.41 13.47 -45.24
C VAL A 1996 -15.92 12.73 -44.01
N VAL A 1997 -16.84 12.04 -43.33
CA VAL A 1997 -16.54 11.31 -42.11
C VAL A 1997 -16.37 9.82 -42.45
N LEU A 1998 -15.22 9.25 -42.07
CA LEU A 1998 -15.01 7.83 -42.26
C LEU A 1998 -15.51 7.02 -41.07
N ARG A 1999 -15.03 7.35 -39.87
CA ARG A 1999 -15.44 6.68 -38.65
C ARG A 1999 -15.74 7.72 -37.58
N ASP A 2000 -16.61 7.35 -36.65
CA ASP A 2000 -16.92 8.20 -35.51
C ASP A 2000 -17.27 7.32 -34.32
N ASN A 2001 -17.31 7.94 -33.14
CA ASN A 2001 -17.53 7.23 -31.87
C ASN A 2001 -16.47 6.16 -31.63
N VAL A 2002 -15.25 6.40 -32.13
CA VAL A 2002 -14.12 5.51 -31.90
C VAL A 2002 -13.21 6.19 -30.89
N PRO A 2003 -13.05 5.64 -29.69
CA PRO A 2003 -12.22 6.31 -28.68
C PRO A 2003 -10.75 6.01 -28.85
N TYR A 2004 -9.93 6.81 -28.16
CA TYR A 2004 -8.48 6.63 -28.10
C TYR A 2004 -7.85 6.67 -29.50
N LEU A 2005 -8.26 7.63 -30.31
CA LEU A 2005 -7.67 7.77 -31.63
C LEU A 2005 -6.24 8.28 -31.53
N ARG A 2006 -5.41 7.85 -32.47
CA ARG A 2006 -4.00 8.21 -32.52
C ARG A 2006 -3.58 8.46 -33.97
N GLY A 2007 -2.28 8.46 -34.23
CA GLY A 2007 -1.78 8.79 -35.54
C GLY A 2007 -2.39 7.95 -36.65
N LEU A 2008 -2.20 8.42 -37.88
CA LEU A 2008 -2.74 7.78 -39.07
C LEU A 2008 -1.65 7.57 -40.10
N ARG A 2009 -1.86 6.59 -40.97
CA ARG A 2009 -0.97 6.34 -42.10
C ARG A 2009 -1.69 5.47 -43.11
N VAL A 2010 -1.32 5.63 -44.38
CA VAL A 2010 -1.96 4.92 -45.48
C VAL A 2010 -1.00 3.85 -45.99
N TYR A 2011 -1.47 2.61 -46.01
CA TYR A 2011 -0.71 1.52 -46.60
C TYR A 2011 -0.92 1.51 -48.11
N HIS A 2012 0.16 1.61 -48.87
CA HIS A 2012 0.06 1.63 -50.32
C HIS A 2012 1.36 1.12 -50.90
N ARG A 2013 1.29 0.69 -52.16
CA ARG A 2013 2.44 0.11 -52.83
C ARG A 2013 3.37 1.20 -53.35
N ARG A 2014 4.61 1.19 -52.89
CA ARG A 2014 5.63 2.17 -53.27
C ARG A 2014 6.70 1.47 -54.08
N ASN A 2015 7.06 2.05 -55.22
CA ASN A 2015 8.11 1.52 -56.07
C ASN A 2015 9.43 2.20 -55.73
N ALA A 2016 10.36 1.43 -55.17
CA ALA A 2016 11.70 1.97 -54.90
C ALA A 2016 12.46 2.21 -56.20
N ALA A 2017 12.08 1.52 -57.27
CA ALA A 2017 12.74 1.70 -58.56
C ALA A 2017 12.48 3.08 -59.15
N ASP A 2018 11.30 3.65 -58.92
CA ASP A 2018 10.95 4.96 -59.45
C ASP A 2018 11.34 6.09 -58.52
N SER A 2019 11.93 5.79 -57.36
CA SER A 2019 12.41 6.83 -56.45
C SER A 2019 13.80 6.50 -55.92
N SER A 2020 14.69 6.00 -56.77
CA SER A 2020 16.00 5.57 -56.32
C SER A 2020 16.85 6.75 -55.87
N ASN A 2021 17.78 6.47 -54.96
CA ASN A 2021 18.69 7.48 -54.43
C ASN A 2021 20.10 6.91 -54.41
N GLY A 2022 21.00 7.61 -53.71
CA GLY A 2022 22.40 7.20 -53.71
C GLY A 2022 22.62 5.82 -53.11
N CYS A 2023 21.95 5.54 -52.00
CA CYS A 2023 22.15 4.25 -51.33
C CYS A 2023 21.62 3.09 -52.14
N SER A 2024 20.50 3.25 -52.85
CA SER A 2024 20.00 2.19 -53.71
C SER A 2024 20.85 2.01 -54.96
N ASN A 2025 21.42 3.10 -55.50
CA ASN A 2025 22.28 2.98 -56.67
C ASN A 2025 23.62 2.36 -56.32
N ASN A 2026 24.00 2.39 -55.04
CA ASN A 2026 25.30 1.87 -54.58
C ASN A 2026 25.09 0.92 -53.40
N PRO A 2027 24.51 -0.26 -53.64
CA PRO A 2027 24.38 -1.23 -52.55
C PRO A 2027 25.74 -1.77 -52.13
N ASN A 2028 25.83 -2.18 -50.86
CA ASN A 2028 27.04 -2.71 -50.24
C ASN A 2028 28.20 -1.73 -50.27
N ALA A 2029 27.93 -0.43 -50.48
CA ALA A 2029 29.00 0.55 -50.47
C ALA A 2029 29.48 0.84 -49.05
N CYS A 2030 28.56 0.92 -48.10
CA CYS A 2030 28.88 1.23 -46.71
C CYS A 2030 28.89 -0.05 -45.90
N GLN A 2031 29.82 -0.11 -44.93
CA GLN A 2031 29.96 -1.32 -44.13
C GLN A 2031 28.72 -1.57 -43.27
N GLN A 2032 28.24 -0.54 -42.57
CA GLN A 2032 27.13 -0.75 -41.64
C GLN A 2032 25.86 -0.02 -42.05
N ILE A 2033 25.93 1.31 -42.20
CA ILE A 2033 24.75 2.13 -42.46
C ILE A 2033 25.03 3.03 -43.66
N CYS A 2034 24.09 3.05 -44.60
CA CYS A 2034 24.12 4.01 -45.71
C CYS A 2034 23.00 5.01 -45.51
N LEU A 2035 23.32 6.30 -45.67
CA LEU A 2035 22.35 7.36 -45.51
C LEU A 2035 22.32 8.23 -46.75
N PRO A 2036 21.15 8.45 -47.35
CA PRO A 2036 21.07 9.28 -48.55
C PRO A 2036 21.35 10.75 -48.27
N VAL A 2037 21.81 11.44 -49.31
CA VAL A 2037 22.18 12.85 -49.22
C VAL A 2037 21.65 13.57 -50.45
N PRO A 2038 21.17 14.81 -50.26
CA PRO A 2038 20.60 15.55 -51.39
C PRO A 2038 21.57 15.66 -52.56
N GLY A 2039 21.03 15.53 -53.76
CA GLY A 2039 21.84 15.52 -54.96
C GLY A 2039 22.18 14.15 -55.49
N GLY A 2040 21.58 13.09 -54.94
CA GLY A 2040 21.90 11.75 -55.34
C GLY A 2040 23.10 11.14 -54.67
N MET A 2041 23.74 11.85 -53.74
CA MET A 2041 24.91 11.35 -53.05
C MET A 2041 24.48 10.48 -51.87
N PHE A 2042 25.47 9.94 -51.15
CA PHE A 2042 25.21 9.13 -49.97
C PHE A 2042 26.39 9.25 -49.02
N SER A 2043 26.09 9.25 -47.73
CA SER A 2043 27.10 9.34 -46.68
C SER A 2043 27.02 8.09 -45.83
N CYS A 2044 28.12 7.34 -45.75
CA CYS A 2044 28.16 6.15 -44.93
C CYS A 2044 28.23 6.51 -43.45
N ALA A 2045 27.80 5.58 -42.61
CA ALA A 2045 27.70 5.83 -41.18
C ALA A 2045 27.97 4.55 -40.44
N CYS A 2046 28.26 4.69 -39.15
CA CYS A 2046 28.56 3.57 -38.27
C CYS A 2046 27.62 3.59 -37.08
N ALA A 2047 27.35 2.40 -36.53
CA ALA A 2047 26.49 2.30 -35.37
C ALA A 2047 27.10 3.04 -34.18
N SER A 2048 26.29 3.22 -33.15
CA SER A 2048 26.74 3.94 -31.96
C SER A 2048 27.92 3.21 -31.33
N GLY A 2049 28.98 3.97 -31.03
CA GLY A 2049 30.20 3.41 -30.50
C GLY A 2049 31.31 3.24 -31.51
N PHE A 2050 31.03 3.46 -32.80
CA PHE A 2050 32.04 3.33 -33.85
C PHE A 2050 32.21 4.64 -34.59
N LYS A 2051 33.42 4.88 -35.06
CA LYS A 2051 33.76 6.05 -35.85
C LYS A 2051 34.13 5.64 -37.27
N LEU A 2052 33.78 6.48 -38.23
CA LEU A 2052 34.05 6.18 -39.64
C LEU A 2052 35.55 6.26 -39.91
N SER A 2053 36.06 5.26 -40.63
CA SER A 2053 37.46 5.19 -40.98
C SER A 2053 37.79 6.23 -42.04
N PRO A 2054 39.07 6.54 -42.26
CA PRO A 2054 39.43 7.48 -43.34
C PRO A 2054 39.02 7.01 -44.72
N ASP A 2055 38.76 5.71 -44.91
CA ASP A 2055 38.24 5.22 -46.18
C ASP A 2055 36.91 5.88 -46.52
N GLY A 2056 36.11 6.21 -45.52
CA GLY A 2056 34.75 6.65 -45.75
C GLY A 2056 33.76 5.53 -45.96
N ARG A 2057 34.23 4.28 -45.99
CA ARG A 2057 33.37 3.12 -46.19
C ARG A 2057 33.46 2.10 -45.06
N SER A 2058 34.44 2.22 -44.18
CA SER A 2058 34.68 1.24 -43.12
C SER A 2058 34.55 1.90 -41.76
N CYS A 2059 34.35 1.09 -40.73
CA CYS A 2059 34.10 1.56 -39.39
C CYS A 2059 35.18 1.07 -38.43
N SER A 2060 35.50 1.89 -37.45
CA SER A 2060 36.47 1.58 -36.41
C SER A 2060 35.93 2.10 -35.09
N PRO A 2061 36.32 1.48 -33.97
CA PRO A 2061 35.81 1.93 -32.67
C PRO A 2061 36.29 3.32 -32.31
N TYR A 2062 35.46 4.03 -31.55
CA TYR A 2062 35.83 5.36 -31.07
C TYR A 2062 37.05 5.27 -30.16
N ASN A 2063 37.97 6.22 -30.32
CA ASN A 2063 39.19 6.26 -29.53
C ASN A 2063 39.45 7.63 -28.91
N SER A 2064 38.51 8.57 -29.03
CA SER A 2064 38.68 9.89 -28.44
C SER A 2064 37.29 10.47 -28.19
N PHE A 2065 36.83 10.42 -26.95
CA PHE A 2065 35.51 10.91 -26.61
C PHE A 2065 35.44 11.18 -25.11
N MET A 2066 34.40 11.90 -24.71
CA MET A 2066 34.16 12.20 -23.31
C MET A 2066 33.19 11.18 -22.73
N VAL A 2067 33.38 10.86 -21.45
CA VAL A 2067 32.52 9.94 -20.74
C VAL A 2067 31.72 10.73 -19.72
N VAL A 2068 30.40 10.73 -19.87
CA VAL A 2068 29.50 11.45 -18.98
C VAL A 2068 28.68 10.44 -18.20
N SER A 2069 28.75 10.51 -16.88
CA SER A 2069 28.06 9.58 -16.01
C SER A 2069 26.90 10.28 -15.32
N MET A 2070 25.72 9.67 -15.41
CA MET A 2070 24.54 10.15 -14.73
C MET A 2070 24.00 9.03 -13.86
N LEU A 2071 23.12 9.40 -12.92
CA LEU A 2071 22.47 8.38 -12.11
C LEU A 2071 21.74 7.31 -12.92
N PRO A 2072 20.99 7.62 -13.98
CA PRO A 2072 20.35 6.53 -14.73
C PRO A 2072 21.30 5.76 -15.62
N ALA A 2073 22.32 6.39 -16.20
CA ALA A 2073 23.14 5.71 -17.18
C ALA A 2073 24.48 6.42 -17.34
N VAL A 2074 25.40 5.73 -18.01
CA VAL A 2074 26.69 6.28 -18.43
C VAL A 2074 26.67 6.43 -19.94
N ARG A 2075 27.04 7.61 -20.42
CA ARG A 2075 26.95 7.93 -21.84
C ARG A 2075 28.26 8.54 -22.31
N GLY A 2076 28.50 8.43 -23.62
CA GLY A 2076 29.69 8.99 -24.21
C GLY A 2076 29.40 9.89 -25.40
N PHE A 2077 30.07 11.03 -25.47
CA PHE A 2077 29.89 11.98 -26.55
C PHE A 2077 31.23 12.27 -27.19
N SER A 2078 31.23 12.40 -28.52
CA SER A 2078 32.47 12.73 -29.23
C SER A 2078 32.91 14.15 -28.89
N LEU A 2079 34.22 14.35 -28.85
CA LEU A 2079 34.79 15.66 -28.58
C LEU A 2079 34.62 16.62 -29.75
N GLU A 2080 34.31 16.12 -30.93
CA GLU A 2080 33.94 16.98 -32.06
C GLU A 2080 32.48 17.37 -31.86
N LEU A 2081 32.25 18.66 -31.60
CA LEU A 2081 30.92 19.11 -31.16
C LEU A 2081 29.87 18.88 -32.23
N SER A 2082 30.25 18.91 -33.50
CA SER A 2082 29.28 18.72 -34.58
C SER A 2082 28.76 17.28 -34.63
N ASP A 2083 29.42 16.35 -33.97
CA ASP A 2083 29.02 14.94 -33.99
C ASP A 2083 28.06 14.68 -32.85
N HIS A 2084 26.79 14.44 -33.20
CA HIS A 2084 25.77 14.13 -32.21
C HIS A 2084 25.65 12.64 -31.93
N SER A 2085 26.43 11.80 -32.62
CA SER A 2085 26.33 10.36 -32.43
C SER A 2085 26.87 9.95 -31.06
N GLU A 2086 26.33 8.86 -30.53
CA GLU A 2086 26.81 8.31 -29.26
C GLU A 2086 28.14 7.60 -29.50
N ALA A 2087 29.19 8.05 -28.82
CA ALA A 2087 30.51 7.47 -28.97
C ALA A 2087 30.72 6.25 -28.10
N MET A 2088 29.67 5.75 -27.46
CA MET A 2088 29.75 4.58 -26.61
C MET A 2088 28.36 3.96 -26.53
N VAL A 2089 28.30 2.63 -26.47
CA VAL A 2089 27.05 1.96 -26.21
C VAL A 2089 26.64 2.34 -24.79
N PRO A 2090 25.49 2.99 -24.60
CA PRO A 2090 25.14 3.49 -23.27
C PRO A 2090 25.03 2.37 -22.25
N VAL A 2091 25.51 2.65 -21.04
CA VAL A 2091 25.40 1.72 -19.92
C VAL A 2091 24.11 2.06 -19.18
N ALA A 2092 23.00 1.48 -19.62
CA ALA A 2092 21.71 1.77 -19.04
C ALA A 2092 20.95 0.47 -18.80
N GLY A 2093 20.01 0.52 -17.87
CA GLY A 2093 19.22 -0.65 -17.55
C GLY A 2093 18.88 -0.75 -16.08
N GLN A 2094 18.25 -1.86 -15.69
CA GLN A 2094 17.90 -2.07 -14.30
C GLN A 2094 19.16 -2.21 -13.44
N GLY A 2095 19.10 -1.68 -12.22
CA GLY A 2095 20.21 -1.75 -11.30
C GLY A 2095 21.31 -0.75 -11.54
N ARG A 2096 21.11 0.22 -12.43
CA ARG A 2096 22.13 1.22 -12.69
C ARG A 2096 21.84 2.49 -11.89
N ASN A 2097 22.78 2.87 -11.03
CA ASN A 2097 22.74 4.11 -10.27
C ASN A 2097 24.20 4.56 -10.12
N VAL A 2098 24.64 5.39 -11.05
CA VAL A 2098 26.06 5.65 -11.24
C VAL A 2098 26.45 6.93 -10.50
N LEU A 2099 27.51 6.86 -9.70
CA LEU A 2099 28.04 8.03 -9.03
C LEU A 2099 29.27 8.59 -9.73
N HIS A 2100 30.18 7.72 -10.15
CA HIS A 2100 31.40 8.15 -10.83
C HIS A 2100 31.79 7.11 -11.87
N ALA A 2101 32.57 7.57 -12.85
CA ALA A 2101 33.05 6.70 -13.92
C ALA A 2101 34.51 7.00 -14.19
N ASP A 2102 35.27 5.94 -14.48
CA ASP A 2102 36.67 6.06 -14.85
C ASP A 2102 36.95 5.11 -16.02
N VAL A 2103 38.03 5.38 -16.73
CA VAL A 2103 38.33 4.68 -17.97
C VAL A 2103 39.74 4.12 -17.95
N ASP A 2104 39.94 3.05 -18.71
CA ASP A 2104 41.27 2.49 -18.98
C ASP A 2104 41.43 2.49 -20.50
N VAL A 2105 42.08 3.52 -21.02
CA VAL A 2105 42.14 3.71 -22.47
C VAL A 2105 42.91 2.60 -23.16
N ALA A 2106 44.04 2.19 -22.59
CA ALA A 2106 44.88 1.19 -23.24
C ALA A 2106 44.16 -0.14 -23.38
N ASN A 2107 43.46 -0.58 -22.33
CA ASN A 2107 42.75 -1.84 -22.36
C ASN A 2107 41.33 -1.71 -22.87
N GLY A 2108 40.82 -0.49 -23.06
CA GLY A 2108 39.48 -0.29 -23.55
C GLY A 2108 38.39 -0.71 -22.59
N PHE A 2109 38.36 -0.10 -21.40
CA PHE A 2109 37.35 -0.40 -20.40
C PHE A 2109 36.81 0.89 -19.80
N ILE A 2110 35.59 0.84 -19.31
CA ILE A 2110 34.97 1.92 -18.56
C ILE A 2110 34.54 1.37 -17.21
N TYR A 2111 35.08 1.94 -16.14
CA TYR A 2111 34.77 1.53 -14.78
C TYR A 2111 33.79 2.51 -14.16
N TRP A 2112 32.75 1.99 -13.52
CA TRP A 2112 31.78 2.81 -12.83
C TRP A 2112 31.35 2.10 -11.56
N CYS A 2113 30.90 2.89 -10.58
CA CYS A 2113 30.48 2.37 -9.29
C CYS A 2113 28.99 2.65 -9.10
N ASP A 2114 28.21 1.59 -8.86
CA ASP A 2114 26.81 1.74 -8.57
C ASP A 2114 26.59 1.99 -7.08
N PHE A 2115 25.43 2.54 -6.75
CA PHE A 2115 25.09 2.84 -5.36
C PHE A 2115 23.61 2.61 -5.13
N SER A 2116 23.28 2.08 -3.96
CA SER A 2116 21.90 1.91 -3.54
C SER A 2116 21.85 1.80 -2.03
N SER A 2117 20.97 2.59 -1.41
CA SER A 2117 20.80 2.57 0.04
C SER A 2117 19.75 1.55 0.48
N SER A 2118 19.11 0.84 -0.45
CA SER A 2118 18.10 -0.16 -0.12
C SER A 2118 18.57 -1.55 -0.52
N VAL A 2119 18.95 -1.76 -1.78
CA VAL A 2119 19.36 -3.08 -2.26
C VAL A 2119 20.87 -3.18 -2.10
N ARG A 2120 21.31 -4.11 -1.26
CA ARG A 2120 22.73 -4.25 -0.97
C ARG A 2120 23.49 -4.80 -2.17
N SER A 2121 22.87 -5.74 -2.90
CA SER A 2121 23.55 -6.43 -3.99
C SER A 2121 23.83 -5.52 -5.18
N SER A 2122 23.19 -4.36 -5.27
CA SER A 2122 23.40 -3.43 -6.37
C SER A 2122 24.44 -2.36 -6.04
N ASN A 2123 25.34 -2.63 -5.10
CA ASN A 2123 26.46 -1.76 -4.80
C ASN A 2123 27.75 -2.45 -5.21
N GLY A 2124 28.63 -1.71 -5.88
CA GLY A 2124 29.91 -2.25 -6.26
C GLY A 2124 30.53 -1.49 -7.41
N ILE A 2125 31.58 -2.09 -7.97
CA ILE A 2125 32.33 -1.53 -9.07
C ILE A 2125 32.19 -2.47 -10.27
N ARG A 2126 31.82 -1.91 -11.42
CA ARG A 2126 31.63 -2.68 -12.63
C ARG A 2126 32.50 -2.11 -13.74
N ARG A 2127 32.81 -2.95 -14.73
CA ARG A 2127 33.53 -2.52 -15.92
C ARG A 2127 32.87 -3.11 -17.14
N ILE A 2128 33.07 -2.45 -18.29
CA ILE A 2128 32.46 -2.87 -19.53
C ILE A 2128 33.25 -2.26 -20.68
N LYS A 2129 33.23 -2.91 -21.84
CA LYS A 2129 33.87 -2.35 -23.01
C LYS A 2129 33.01 -1.21 -23.58
N PRO A 2130 33.63 -0.24 -24.26
CA PRO A 2130 32.84 0.87 -24.82
C PRO A 2130 31.80 0.44 -25.82
N ASP A 2131 31.94 -0.74 -26.43
CA ASP A 2131 30.96 -1.27 -27.36
C ASP A 2131 30.09 -2.35 -26.73
N GLY A 2132 30.05 -2.42 -25.40
CA GLY A 2132 29.32 -3.47 -24.70
C GLY A 2132 30.25 -4.60 -24.32
N SER A 2133 30.05 -5.77 -24.94
CA SER A 2133 30.99 -6.90 -24.87
C SER A 2133 31.11 -7.35 -23.41
N ASN A 2134 32.27 -7.23 -22.77
CA ASN A 2134 32.57 -7.93 -21.52
C ASN A 2134 32.14 -7.11 -20.30
N PHE A 2135 30.86 -7.23 -19.96
CA PHE A 2135 30.39 -6.70 -18.69
C PHE A 2135 30.93 -7.55 -17.55
N THR A 2136 31.40 -6.89 -16.49
CA THR A 2136 32.10 -7.59 -15.42
C THR A 2136 31.88 -6.85 -14.10
N ASN A 2137 31.78 -7.63 -13.03
CA ASN A 2137 31.78 -7.09 -11.67
C ASN A 2137 33.22 -7.10 -11.15
N VAL A 2138 33.69 -5.95 -10.67
CA VAL A 2138 35.06 -5.80 -10.21
C VAL A 2138 35.15 -5.89 -8.69
N VAL A 2139 34.42 -5.04 -7.98
CA VAL A 2139 34.39 -5.06 -6.52
C VAL A 2139 32.95 -5.22 -6.07
N THR A 2140 32.67 -6.24 -5.28
CA THR A 2140 31.33 -6.45 -4.74
C THR A 2140 31.29 -6.78 -3.26
N TYR A 2141 32.39 -7.25 -2.66
CA TYR A 2141 32.37 -7.66 -1.27
C TYR A 2141 32.88 -6.54 -0.36
N GLY A 2142 32.25 -6.39 0.80
CA GLY A 2142 32.72 -5.43 1.78
C GLY A 2142 32.37 -3.99 1.51
N ILE A 2143 31.42 -3.73 0.60
CA ILE A 2143 31.00 -2.36 0.36
C ILE A 2143 30.25 -1.83 1.58
N GLY A 2144 30.59 -0.62 1.99
CA GLY A 2144 30.01 -0.04 3.18
C GLY A 2144 28.55 0.30 3.03
N ALA A 2145 27.96 0.79 4.12
CA ALA A 2145 26.56 1.22 4.08
C ALA A 2145 26.34 2.28 3.02
N ASN A 2146 27.23 3.26 2.96
CA ASN A 2146 27.33 4.13 1.80
C ASN A 2146 28.20 3.46 0.75
N GLY A 2147 27.81 3.63 -0.51
CA GLY A 2147 28.48 2.89 -1.57
C GLY A 2147 29.87 3.40 -1.89
N ILE A 2148 30.44 2.91 -3.00
CA ILE A 2148 31.71 3.45 -3.47
C ILE A 2148 31.51 4.90 -3.87
N ARG A 2149 32.34 5.79 -3.31
CA ARG A 2149 32.17 7.21 -3.51
C ARG A 2149 33.17 7.82 -4.46
N GLY A 2150 34.18 7.07 -4.90
CA GLY A 2150 35.15 7.55 -5.85
C GLY A 2150 35.90 6.41 -6.50
N VAL A 2151 36.29 6.57 -7.75
CA VAL A 2151 37.03 5.54 -8.47
C VAL A 2151 38.22 6.20 -9.16
N ALA A 2152 39.41 5.66 -8.93
CA ALA A 2152 40.63 6.14 -9.57
C ALA A 2152 41.41 4.93 -10.07
N LEU A 2153 41.81 4.96 -11.34
CA LEU A 2153 42.54 3.87 -11.96
C LEU A 2153 43.93 4.33 -12.35
N ASP A 2154 44.94 3.60 -11.86
CA ASP A 2154 46.33 3.86 -12.22
C ASP A 2154 46.64 3.00 -13.44
N TRP A 2155 46.64 3.62 -14.62
CA TRP A 2155 46.87 2.87 -15.85
C TRP A 2155 48.30 2.36 -15.96
N ALA A 2156 49.26 3.03 -15.32
CA ALA A 2156 50.64 2.58 -15.39
C ALA A 2156 50.85 1.29 -14.61
N ALA A 2157 50.33 1.22 -13.38
CA ALA A 2157 50.53 0.06 -12.54
C ALA A 2157 49.37 -0.93 -12.57
N GLY A 2158 48.24 -0.56 -13.16
CA GLY A 2158 47.08 -1.43 -13.12
C GLY A 2158 46.38 -1.46 -11.79
N ASN A 2159 46.61 -0.47 -10.94
CA ASN A 2159 45.98 -0.39 -9.63
C ASN A 2159 44.70 0.45 -9.72
N LEU A 2160 43.64 -0.02 -9.07
CA LEU A 2160 42.37 0.69 -9.03
C LEU A 2160 42.15 1.19 -7.60
N TYR A 2161 42.11 2.51 -7.44
CA TYR A 2161 41.86 3.13 -6.15
C TYR A 2161 40.39 3.52 -6.05
N PHE A 2162 39.76 3.14 -4.95
CA PHE A 2162 38.36 3.48 -4.73
C PHE A 2162 38.16 3.80 -3.27
N THR A 2163 37.10 4.56 -2.99
CA THR A 2163 36.74 4.95 -1.63
C THR A 2163 35.36 4.40 -1.30
N ASN A 2164 35.29 3.57 -0.27
CA ASN A 2164 34.02 3.12 0.28
C ASN A 2164 33.79 3.79 1.63
N ALA A 2165 32.55 4.21 1.86
CA ALA A 2165 32.19 5.00 3.02
C ALA A 2165 31.25 4.19 3.90
N PHE A 2166 31.61 4.01 5.15
CA PHE A 2166 30.71 3.43 6.13
C PHE A 2166 29.96 4.56 6.85
N VAL A 2167 29.14 4.19 7.84
CA VAL A 2167 28.29 5.18 8.48
C VAL A 2167 29.13 6.22 9.23
N TYR A 2168 30.16 5.80 9.95
CA TYR A 2168 30.96 6.72 10.75
C TYR A 2168 32.44 6.65 10.42
N GLU A 2169 32.80 6.05 9.28
CA GLU A 2169 34.20 5.98 8.86
C GLU A 2169 34.22 5.68 7.37
N THR A 2170 35.42 5.81 6.79
CA THR A 2170 35.61 5.55 5.37
C THR A 2170 37.00 4.98 5.16
N LEU A 2171 37.16 4.22 4.08
CA LEU A 2171 38.42 3.57 3.74
C LEU A 2171 38.83 3.95 2.33
N ILE A 2172 40.14 3.98 2.09
CA ILE A 2172 40.68 4.10 0.75
C ILE A 2172 41.42 2.80 0.44
N GLU A 2173 41.05 2.16 -0.66
CA GLU A 2173 41.48 0.80 -0.93
C GLU A 2173 42.04 0.70 -2.34
N VAL A 2174 42.96 -0.24 -2.52
CA VAL A 2174 43.52 -0.58 -3.83
C VAL A 2174 43.06 -1.98 -4.20
N LEU A 2175 42.60 -2.15 -5.43
CA LEU A 2175 42.39 -3.46 -6.02
C LEU A 2175 43.25 -3.54 -7.28
N ARG A 2176 44.07 -4.58 -7.36
CA ARG A 2176 44.86 -4.81 -8.57
C ARG A 2176 43.99 -5.50 -9.60
N ILE A 2177 43.96 -4.93 -10.81
CA ILE A 2177 43.05 -5.43 -11.83
C ILE A 2177 43.40 -6.86 -12.20
N ASN A 2178 42.36 -7.69 -12.39
CA ASN A 2178 42.48 -9.08 -12.80
C ASN A 2178 43.14 -9.95 -11.75
N THR A 2179 43.06 -9.55 -10.47
CA THR A 2179 43.63 -10.31 -9.38
C THR A 2179 42.78 -10.10 -8.14
N THR A 2180 42.91 -11.01 -7.18
CA THR A 2180 42.15 -10.96 -5.94
C THR A 2180 42.82 -10.11 -4.86
N TYR A 2181 43.92 -9.43 -5.19
CA TYR A 2181 44.66 -8.65 -4.20
C TYR A 2181 43.92 -7.35 -3.92
N ARG A 2182 43.41 -7.21 -2.70
CA ARG A 2182 42.78 -5.97 -2.26
C ARG A 2182 43.38 -5.57 -0.92
N ARG A 2183 43.69 -4.27 -0.78
CA ARG A 2183 44.34 -3.77 0.41
C ARG A 2183 43.76 -2.42 0.81
N VAL A 2184 43.61 -2.22 2.11
CA VAL A 2184 43.18 -0.93 2.62
C VAL A 2184 44.40 -0.07 2.91
N LEU A 2185 44.41 1.14 2.34
CA LEU A 2185 45.51 2.07 2.55
C LEU A 2185 45.30 3.01 3.73
N LEU A 2186 44.22 3.78 3.72
CA LEU A 2186 43.96 4.74 4.78
C LEU A 2186 42.56 4.50 5.33
N LYS A 2187 42.45 4.62 6.66
CA LYS A 2187 41.19 4.44 7.35
C LYS A 2187 41.00 5.59 8.32
N VAL A 2188 40.02 6.45 8.04
CA VAL A 2188 39.81 7.67 8.81
C VAL A 2188 38.35 7.77 9.21
N SER A 2189 38.09 8.54 10.26
CA SER A 2189 36.74 8.80 10.75
C SER A 2189 36.38 10.28 10.78
N VAL A 2190 37.29 11.14 11.22
CA VAL A 2190 37.02 12.57 11.23
C VAL A 2190 37.02 13.13 9.81
N ASP A 2191 37.91 12.63 8.95
CA ASP A 2191 37.93 13.04 7.56
C ASP A 2191 37.10 12.08 6.72
N MET A 2192 36.65 12.56 5.56
CA MET A 2192 35.88 11.75 4.64
C MET A 2192 36.30 12.03 3.19
N PRO A 2193 37.27 11.29 2.68
CA PRO A 2193 37.59 11.38 1.24
C PRO A 2193 36.42 10.87 0.41
N ARG A 2194 36.03 11.64 -0.60
CA ARG A 2194 34.93 11.22 -1.44
C ARG A 2194 35.35 10.99 -2.89
N HIS A 2195 35.89 12.02 -3.54
CA HIS A 2195 36.30 11.88 -4.93
C HIS A 2195 37.81 11.86 -5.04
N ILE A 2196 38.36 10.74 -5.50
CA ILE A 2196 39.80 10.51 -5.49
C ILE A 2196 40.29 10.38 -6.92
N ILE A 2197 41.41 11.04 -7.22
CA ILE A 2197 42.06 10.94 -8.52
C ILE A 2197 43.50 10.49 -8.29
N VAL A 2198 44.03 9.74 -9.25
CA VAL A 2198 45.39 9.24 -9.21
C VAL A 2198 46.15 9.82 -10.38
N ASP A 2199 47.45 10.06 -10.19
CA ASP A 2199 48.31 10.62 -11.22
C ASP A 2199 49.63 9.88 -11.24
N PRO A 2200 49.82 8.91 -12.14
CA PRO A 2200 51.08 8.16 -12.18
C PRO A 2200 52.30 8.99 -12.56
N LYS A 2201 52.12 10.13 -13.23
CA LYS A 2201 53.27 10.91 -13.68
C LYS A 2201 54.04 11.51 -12.50
N HIS A 2202 53.34 12.22 -11.62
CA HIS A 2202 53.97 12.75 -10.42
C HIS A 2202 53.83 11.81 -9.23
N ARG A 2203 53.10 10.71 -9.39
CA ARG A 2203 52.94 9.68 -8.35
C ARG A 2203 52.31 10.28 -7.10
N TYR A 2204 51.09 10.78 -7.22
CA TYR A 2204 50.37 11.39 -6.11
C TYR A 2204 48.92 10.93 -6.12
N LEU A 2205 48.28 11.01 -4.95
CA LEU A 2205 46.85 10.78 -4.82
C LEU A 2205 46.18 12.03 -4.26
N PHE A 2206 45.11 12.46 -4.93
CA PHE A 2206 44.34 13.62 -4.52
C PHE A 2206 42.89 13.21 -4.29
N TRP A 2207 42.29 13.76 -3.24
CA TRP A 2207 40.88 13.50 -2.95
C TRP A 2207 40.24 14.72 -2.31
N ALA A 2208 38.96 14.91 -2.60
CA ALA A 2208 38.16 15.95 -1.98
C ALA A 2208 37.44 15.41 -0.76
N ASP A 2209 37.08 16.32 0.15
CA ASP A 2209 36.53 15.91 1.43
C ASP A 2209 35.08 16.35 1.61
N TYR A 2210 34.85 17.67 1.57
CA TYR A 2210 33.55 18.30 1.76
C TYR A 2210 32.87 17.88 3.07
N GLY A 2211 33.60 17.27 3.98
CA GLY A 2211 33.06 16.87 5.27
C GLY A 2211 32.92 18.04 6.22
N GLN A 2212 33.10 17.76 7.51
CA GLN A 2212 33.01 18.81 8.51
C GLN A 2212 34.21 19.75 8.47
N LYS A 2213 35.32 19.32 7.89
CA LYS A 2213 36.48 20.18 7.67
C LYS A 2213 36.90 20.00 6.21
N PRO A 2214 36.21 20.68 5.29
CA PRO A 2214 36.49 20.47 3.86
C PRO A 2214 37.93 20.83 3.51
N LYS A 2215 38.51 20.05 2.61
CA LYS A 2215 39.88 20.24 2.17
C LYS A 2215 40.14 19.35 0.98
N ILE A 2216 41.21 19.65 0.25
CA ILE A 2216 41.72 18.80 -0.82
C ILE A 2216 43.09 18.32 -0.40
N GLU A 2217 43.26 17.01 -0.30
CA GLU A 2217 44.46 16.42 0.25
C GLU A 2217 45.36 15.86 -0.85
N ARG A 2218 46.64 15.72 -0.51
CA ARG A 2218 47.64 15.14 -1.39
C ARG A 2218 48.43 14.10 -0.61
N SER A 2219 48.75 12.99 -1.28
CA SER A 2219 49.46 11.90 -0.62
C SER A 2219 50.14 11.05 -1.66
N PHE A 2220 51.00 10.14 -1.17
CA PHE A 2220 51.72 9.25 -2.10
C PHE A 2220 50.74 8.22 -2.63
N LEU A 2221 51.22 7.28 -3.44
CA LEU A 2221 50.38 6.28 -4.09
C LEU A 2221 49.91 5.22 -3.11
N ASP A 2222 50.53 5.17 -1.93
CA ASP A 2222 50.08 4.30 -0.85
C ASP A 2222 49.36 5.08 0.23
N CYS A 2223 48.80 6.24 -0.09
CA CYS A 2223 48.04 7.03 0.90
C CYS A 2223 48.91 7.44 2.09
N THR A 2224 50.24 7.45 1.95
CA THR A 2224 51.14 7.93 3.04
C THR A 2224 51.51 9.39 2.76
N ASN A 2225 52.31 10.01 3.64
CA ASN A 2225 52.69 11.44 3.48
C ASN A 2225 51.48 12.26 3.03
N ARG A 2226 50.44 12.34 3.87
CA ARG A 2226 49.22 13.11 3.52
C ARG A 2226 49.47 14.60 3.75
N THR A 2227 49.43 15.39 2.69
CA THR A 2227 49.55 16.86 2.84
C THR A 2227 48.20 17.48 2.47
N VAL A 2228 47.91 18.67 3.00
CA VAL A 2228 46.68 19.38 2.65
C VAL A 2228 47.03 20.48 1.65
N LEU A 2229 46.31 20.52 0.53
CA LEU A 2229 46.56 21.54 -0.48
C LEU A 2229 45.79 22.82 -0.20
N VAL A 2230 44.46 22.74 -0.18
CA VAL A 2230 43.62 23.91 0.07
C VAL A 2230 42.66 23.59 1.21
N SER A 2231 42.65 24.46 2.22
CA SER A 2231 41.72 24.34 3.33
C SER A 2231 40.90 25.59 3.58
N GLU A 2232 41.18 26.71 2.92
CA GLU A 2232 40.43 27.94 3.08
C GLU A 2232 39.61 28.20 1.83
N GLY A 2233 38.42 28.76 2.02
CA GLY A 2233 37.54 29.04 0.90
C GLY A 2233 37.05 27.80 0.18
N ILE A 2234 36.82 26.71 0.92
CA ILE A 2234 36.32 25.47 0.35
C ILE A 2234 35.25 24.91 1.27
N VAL A 2235 34.12 24.51 0.68
CA VAL A 2235 33.01 23.98 1.46
C VAL A 2235 32.58 22.62 0.95
N THR A 2236 32.25 22.55 -0.34
CA THR A 2236 31.79 21.28 -0.89
C THR A 2236 32.49 20.95 -2.21
N PRO A 2237 33.74 20.50 -2.17
CA PRO A 2237 34.39 20.02 -3.40
C PRO A 2237 33.85 18.65 -3.78
N ARG A 2238 33.29 18.56 -4.98
CA ARG A 2238 32.66 17.33 -5.45
C ARG A 2238 33.42 16.62 -6.56
N GLY A 2239 34.43 17.26 -7.15
CA GLY A 2239 35.15 16.63 -8.24
C GLY A 2239 36.51 17.24 -8.51
N LEU A 2240 37.51 16.40 -8.68
CA LEU A 2240 38.88 16.84 -8.98
C LEU A 2240 39.24 16.50 -10.42
N ALA A 2241 40.23 17.22 -10.93
CA ALA A 2241 40.73 16.99 -12.28
C ALA A 2241 42.17 17.46 -12.35
N MET A 2242 42.89 16.96 -13.35
CA MET A 2242 44.29 17.32 -13.53
C MET A 2242 44.62 17.37 -15.01
N ASP A 2243 45.43 18.35 -15.40
CA ASP A 2243 46.06 18.38 -16.70
C ASP A 2243 47.49 17.87 -16.55
N HIS A 2244 47.80 16.78 -17.24
CA HIS A 2244 49.10 16.13 -17.06
C HIS A 2244 50.26 16.99 -17.52
N ASP A 2245 50.02 17.94 -18.43
CA ASP A 2245 51.09 18.75 -19.00
C ASP A 2245 51.35 20.04 -18.24
N THR A 2246 50.56 20.34 -17.21
CA THR A 2246 50.76 21.60 -16.48
C THR A 2246 50.77 21.35 -14.97
N GLY A 2247 50.20 20.23 -14.54
CA GLY A 2247 50.18 19.89 -13.13
C GLY A 2247 49.34 20.81 -12.26
N TYR A 2248 48.14 21.16 -12.72
CA TYR A 2248 47.20 21.97 -11.95
C TYR A 2248 46.03 21.10 -11.52
N ILE A 2249 45.65 21.20 -10.25
CA ILE A 2249 44.49 20.50 -9.73
C ILE A 2249 43.26 21.36 -9.97
N TYR A 2250 42.30 20.84 -10.72
CA TYR A 2250 41.05 21.53 -10.99
C TYR A 2250 39.94 20.90 -10.17
N TRP A 2251 39.19 21.73 -9.44
CA TRP A 2251 38.09 21.24 -8.62
C TRP A 2251 36.91 22.20 -8.74
N VAL A 2252 35.73 21.67 -8.41
CA VAL A 2252 34.49 22.44 -8.45
C VAL A 2252 33.88 22.43 -7.06
N ASP A 2253 33.13 23.48 -6.74
CA ASP A 2253 32.48 23.63 -5.44
C ASP A 2253 31.12 24.30 -5.67
N ASP A 2254 30.04 23.52 -5.56
CA ASP A 2254 28.71 24.06 -5.80
C ASP A 2254 28.20 24.89 -4.63
N SER A 2255 28.76 24.72 -3.44
CA SER A 2255 28.37 25.55 -2.31
C SER A 2255 28.81 27.00 -2.47
N LEU A 2256 29.98 27.23 -3.04
CA LEU A 2256 30.44 28.57 -3.38
C LEU A 2256 30.23 28.91 -4.85
N ASP A 2257 29.65 27.99 -5.62
CA ASP A 2257 29.48 28.16 -7.08
C ASP A 2257 30.82 28.46 -7.74
N LEU A 2258 31.83 27.68 -7.38
CA LEU A 2258 33.21 27.95 -7.74
C LEU A 2258 33.78 26.86 -8.63
N ILE A 2259 34.53 27.27 -9.65
CA ILE A 2259 35.45 26.41 -10.39
C ILE A 2259 36.83 27.04 -10.27
N ALA A 2260 37.74 26.36 -9.57
CA ALA A 2260 39.04 26.94 -9.25
C ALA A 2260 40.12 25.90 -9.49
N ARG A 2261 41.36 26.38 -9.54
CA ARG A 2261 42.51 25.52 -9.75
C ARG A 2261 43.63 25.90 -8.80
N ILE A 2262 44.44 24.91 -8.45
CA ILE A 2262 45.63 25.11 -7.61
C ILE A 2262 46.73 24.21 -8.15
N HIS A 2263 47.96 24.71 -8.14
CA HIS A 2263 49.09 23.93 -8.63
C HIS A 2263 49.34 22.73 -7.73
N LEU A 2264 49.94 21.68 -8.31
CA LEU A 2264 50.18 20.44 -7.59
C LEU A 2264 51.09 20.64 -6.39
N ASP A 2265 51.98 21.64 -6.43
CA ASP A 2265 52.86 21.93 -5.31
C ASP A 2265 52.19 22.78 -4.24
N GLY A 2266 50.99 23.31 -4.51
CA GLY A 2266 50.32 24.16 -3.55
C GLY A 2266 50.61 25.63 -3.77
N GLY A 2267 49.95 26.45 -2.96
CA GLY A 2267 50.11 27.89 -3.01
C GLY A 2267 48.78 28.60 -3.24
N GLU A 2268 48.80 29.60 -4.12
CA GLU A 2268 47.61 30.39 -4.41
C GLU A 2268 46.55 29.53 -5.09
N SER A 2269 45.28 29.80 -4.76
CA SER A 2269 44.16 29.18 -5.45
C SER A 2269 43.59 30.16 -6.45
N GLN A 2270 43.51 29.76 -7.71
CA GLN A 2270 43.11 30.63 -8.80
C GLN A 2270 41.68 30.33 -9.21
N VAL A 2271 40.87 31.36 -9.35
CA VAL A 2271 39.47 31.20 -9.74
C VAL A 2271 39.38 31.14 -11.26
N VAL A 2272 38.74 30.09 -11.77
CA VAL A 2272 38.53 29.91 -13.19
C VAL A 2272 37.13 30.33 -13.62
N ARG A 2273 36.11 29.84 -12.93
CA ARG A 2273 34.74 30.24 -13.16
C ARG A 2273 34.06 30.52 -11.83
N TYR A 2274 33.38 31.66 -11.75
CA TYR A 2274 32.71 32.08 -10.53
C TYR A 2274 31.48 32.89 -10.89
N GLY A 2275 30.51 32.90 -9.99
CA GLY A 2275 29.28 33.66 -10.17
C GLY A 2275 28.05 32.80 -9.96
N SER A 2276 26.90 33.47 -10.02
CA SER A 2276 25.63 32.80 -9.83
C SER A 2276 25.22 31.96 -11.04
N ARG A 2277 25.90 32.12 -12.16
CA ARG A 2277 25.57 31.38 -13.38
C ARG A 2277 26.11 29.96 -13.38
N TYR A 2278 26.78 29.54 -12.31
CA TYR A 2278 27.32 28.19 -12.17
C TYR A 2278 26.82 27.61 -10.85
N PRO A 2279 25.53 27.28 -10.76
CA PRO A 2279 24.97 26.90 -9.47
C PRO A 2279 25.50 25.59 -8.92
N THR A 2280 25.49 24.52 -9.71
CA THR A 2280 25.86 23.21 -9.18
C THR A 2280 26.85 22.49 -10.09
N PRO A 2281 28.11 22.92 -10.14
CA PRO A 2281 29.12 22.12 -10.84
C PRO A 2281 29.45 20.85 -10.07
N TYR A 2282 29.18 19.69 -10.67
CA TYR A 2282 29.30 18.43 -9.96
C TYR A 2282 30.55 17.65 -10.31
N GLY A 2283 31.01 17.70 -11.56
CA GLY A 2283 32.21 17.02 -11.97
C GLY A 2283 32.96 17.80 -13.02
N ILE A 2284 34.26 17.56 -13.18
CA ILE A 2284 35.08 18.37 -14.06
C ILE A 2284 36.23 17.52 -14.61
N THR A 2285 36.60 17.80 -15.85
CA THR A 2285 37.81 17.23 -16.46
C THR A 2285 38.47 18.30 -17.32
N VAL A 2286 39.77 18.11 -17.55
CA VAL A 2286 40.56 19.03 -18.37
C VAL A 2286 41.05 18.27 -19.59
N PHE A 2287 40.75 18.81 -20.77
CA PHE A 2287 41.21 18.25 -22.02
C PHE A 2287 41.76 19.36 -22.89
N GLY A 2288 43.03 19.25 -23.29
CA GLY A 2288 43.66 20.27 -24.09
C GLY A 2288 43.71 21.62 -23.40
N GLU A 2289 43.14 22.64 -24.05
CA GLU A 2289 43.09 23.99 -23.50
C GLU A 2289 41.75 24.34 -22.89
N SER A 2290 40.88 23.35 -22.67
CA SER A 2290 39.52 23.60 -22.21
C SER A 2290 39.20 22.75 -20.99
N ILE A 2291 38.31 23.27 -20.16
CA ILE A 2291 37.73 22.51 -19.06
C ILE A 2291 36.31 22.13 -19.43
N ILE A 2292 35.90 20.95 -18.98
CA ILE A 2292 34.57 20.42 -19.27
C ILE A 2292 33.93 20.00 -17.96
N TRP A 2293 32.78 20.57 -17.65
CA TRP A 2293 32.10 20.26 -16.39
C TRP A 2293 30.60 20.10 -16.64
N VAL A 2294 29.97 19.33 -15.76
CA VAL A 2294 28.53 19.08 -15.81
C VAL A 2294 27.87 19.90 -14.72
N ASP A 2295 26.65 20.38 -15.00
CA ASP A 2295 25.88 21.18 -14.05
C ASP A 2295 24.52 20.54 -13.89
N ARG A 2296 24.19 20.18 -12.65
CA ARG A 2296 22.93 19.46 -12.41
C ARG A 2296 21.73 20.37 -12.58
N ASN A 2297 21.77 21.57 -12.00
CA ASN A 2297 20.63 22.47 -12.08
C ASN A 2297 20.37 22.90 -13.52
N LEU A 2298 21.41 23.22 -14.26
CA LEU A 2298 21.25 23.64 -15.65
C LEU A 2298 21.08 22.46 -16.61
N LYS A 2299 21.32 21.24 -16.15
CA LYS A 2299 21.17 20.03 -16.97
C LYS A 2299 21.98 20.12 -18.25
N LYS A 2300 23.22 20.61 -18.16
CA LYS A 2300 24.05 20.83 -19.33
C LYS A 2300 25.47 20.33 -19.08
N VAL A 2301 26.14 19.96 -20.16
CA VAL A 2301 27.56 19.67 -20.15
C VAL A 2301 28.27 20.83 -20.83
N PHE A 2302 29.09 21.55 -20.08
CA PHE A 2302 29.68 22.79 -20.55
C PHE A 2302 31.12 22.57 -20.99
N GLN A 2303 31.64 23.55 -21.74
CA GLN A 2303 33.04 23.56 -22.15
C GLN A 2303 33.52 25.00 -22.19
N ALA A 2304 34.68 25.25 -21.57
CA ALA A 2304 35.23 26.59 -21.49
C ALA A 2304 36.74 26.49 -21.33
N SER A 2305 37.41 27.61 -21.55
CA SER A 2305 38.87 27.63 -21.49
C SER A 2305 39.35 27.37 -20.07
N LYS A 2306 40.49 26.69 -19.96
CA LYS A 2306 41.04 26.33 -18.66
C LYS A 2306 41.76 27.50 -17.98
N GLN A 2307 42.15 28.52 -18.75
CA GLN A 2307 42.93 29.62 -18.17
C GLN A 2307 42.02 30.51 -17.32
N PRO A 2308 42.47 30.90 -16.12
CA PRO A 2308 41.66 31.79 -15.29
C PRO A 2308 41.57 33.19 -15.88
N GLY A 2309 40.50 33.88 -15.51
CA GLY A 2309 40.26 35.23 -15.97
C GLY A 2309 39.51 35.35 -17.27
N ASN A 2310 39.23 34.24 -17.94
CA ASN A 2310 38.48 34.28 -19.19
C ASN A 2310 37.02 34.62 -18.94
N THR A 2311 36.42 35.35 -19.89
CA THR A 2311 35.03 35.79 -19.76
C THR A 2311 34.16 35.31 -20.91
N ASP A 2312 34.69 34.51 -21.83
CA ASP A 2312 33.88 34.00 -22.92
C ASP A 2312 32.82 33.03 -22.36
N PRO A 2313 31.59 33.09 -22.85
CA PRO A 2313 30.54 32.20 -22.37
C PRO A 2313 30.86 30.75 -22.70
N PRO A 2314 30.53 29.82 -21.81
CA PRO A 2314 30.78 28.40 -22.11
C PRO A 2314 29.88 27.91 -23.22
N VAL A 2315 30.36 26.90 -23.95
CA VAL A 2315 29.65 26.30 -25.06
C VAL A 2315 29.07 24.97 -24.61
N VAL A 2316 27.77 24.79 -24.84
CA VAL A 2316 27.06 23.61 -24.34
C VAL A 2316 27.35 22.42 -25.24
N ILE A 2317 27.76 21.30 -24.64
CA ILE A 2317 27.92 20.07 -25.40
C ILE A 2317 26.57 19.38 -25.59
N ARG A 2318 25.91 19.03 -24.48
CA ARG A 2318 24.59 18.43 -24.52
C ARG A 2318 23.70 19.16 -23.50
N ASP A 2319 22.40 19.16 -23.76
CA ASP A 2319 21.45 19.91 -22.96
C ASP A 2319 20.32 18.99 -22.52
N LYS A 2320 19.69 19.36 -21.41
CA LYS A 2320 18.54 18.63 -20.85
C LYS A 2320 18.90 17.19 -20.52
N ILE A 2321 19.97 17.01 -19.76
CA ILE A 2321 20.34 15.70 -19.23
C ILE A 2321 20.06 15.71 -17.73
N ASN A 2322 19.26 14.74 -17.28
CA ASN A 2322 18.86 14.71 -15.88
C ASN A 2322 19.88 13.98 -15.02
N LEU A 2323 20.09 14.51 -13.82
CA LEU A 2323 20.90 13.85 -12.79
C LEU A 2323 22.35 13.66 -13.24
N LEU A 2324 22.98 14.73 -13.68
CA LEU A 2324 24.38 14.66 -14.07
C LEU A 2324 25.26 14.43 -12.84
N ARG A 2325 26.28 13.59 -13.00
CA ARG A 2325 27.10 13.22 -11.85
C ARG A 2325 28.58 13.53 -12.05
N ASP A 2326 29.13 13.27 -13.24
CA ASP A 2326 30.57 13.43 -13.45
C ASP A 2326 30.85 13.45 -14.95
N VAL A 2327 32.11 13.74 -15.28
CA VAL A 2327 32.58 13.74 -16.65
C VAL A 2327 34.01 13.21 -16.65
N THR A 2328 34.37 12.51 -17.73
CA THR A 2328 35.68 11.88 -17.83
C THR A 2328 36.07 11.78 -19.30
N ILE A 2329 37.35 11.96 -19.58
CA ILE A 2329 37.88 11.96 -20.95
C ILE A 2329 38.46 10.59 -21.25
N PHE A 2330 38.07 10.02 -22.40
CA PHE A 2330 38.59 8.75 -22.88
C PHE A 2330 39.47 9.05 -24.09
N ASP A 2331 40.78 9.19 -23.84
CA ASP A 2331 41.71 9.53 -24.90
C ASP A 2331 43.09 8.99 -24.56
N GLU A 2332 43.88 8.71 -25.60
CA GLU A 2332 45.25 8.25 -25.37
C GLU A 2332 46.10 9.33 -24.72
N HIS A 2333 45.93 10.58 -25.16
CA HIS A 2333 46.71 11.68 -24.61
C HIS A 2333 46.43 11.89 -23.12
N ALA A 2334 45.24 11.54 -22.66
CA ALA A 2334 44.93 11.65 -21.24
C ALA A 2334 45.57 10.55 -20.40
N GLN A 2335 45.88 9.41 -21.01
CA GLN A 2335 46.50 8.28 -20.30
C GLN A 2335 47.72 7.80 -21.07
N PRO A 2336 48.82 8.54 -21.01
CA PRO A 2336 50.05 8.08 -21.66
C PRO A 2336 50.68 6.92 -20.93
N LEU A 2337 51.43 6.11 -21.68
CA LEU A 2337 52.06 4.92 -21.13
C LEU A 2337 53.55 4.85 -21.39
N SER A 2338 54.10 5.74 -22.22
CA SER A 2338 55.53 5.68 -22.50
C SER A 2338 56.32 6.17 -21.30
N PRO A 2339 57.47 5.57 -21.01
CA PRO A 2339 58.29 6.03 -19.88
C PRO A 2339 58.81 7.45 -20.06
N ALA A 2340 58.84 7.97 -21.28
CA ALA A 2340 59.39 9.30 -21.52
C ALA A 2340 58.55 10.37 -20.81
N GLU A 2341 57.23 10.25 -20.87
CA GLU A 2341 56.36 11.25 -20.25
C GLU A 2341 55.86 10.84 -18.88
N LEU A 2342 55.85 9.54 -18.57
CA LEU A 2342 55.47 9.09 -17.24
C LEU A 2342 56.64 9.13 -16.25
N ASN A 2343 57.71 9.84 -16.61
CA ASN A 2343 58.88 9.98 -15.74
C ASN A 2343 59.45 8.63 -15.34
N ASN A 2344 59.45 7.69 -16.29
CA ASN A 2344 60.02 6.35 -16.07
C ASN A 2344 59.39 5.66 -14.86
N ASN A 2345 58.08 5.49 -14.88
CA ASN A 2345 57.39 4.87 -13.75
C ASN A 2345 57.84 3.41 -13.61
N PRO A 2346 58.40 3.02 -12.46
CA PRO A 2346 58.91 1.65 -12.33
C PRO A 2346 57.85 0.57 -12.45
N CYS A 2347 56.59 0.87 -12.14
CA CYS A 2347 55.55 -0.13 -12.19
C CYS A 2347 55.17 -0.54 -13.61
N LEU A 2348 55.61 0.19 -14.62
CA LEU A 2348 55.33 -0.20 -16.00
C LEU A 2348 56.00 -1.52 -16.35
N GLN A 2349 57.24 -1.71 -15.90
CA GLN A 2349 58.04 -2.88 -16.26
C GLN A 2349 57.65 -4.06 -15.38
N SER A 2350 56.61 -4.78 -15.80
CA SER A 2350 56.18 -6.01 -15.14
C SER A 2350 55.91 -5.79 -13.66
N ASN A 2351 55.09 -4.77 -13.37
CA ASN A 2351 54.68 -4.45 -12.01
C ASN A 2351 55.87 -4.10 -11.12
N GLY A 2352 56.96 -3.66 -11.71
CA GLY A 2352 58.14 -3.24 -10.97
C GLY A 2352 58.81 -4.37 -10.20
N GLY A 2353 58.46 -5.61 -10.53
CA GLY A 2353 59.01 -6.76 -9.84
C GLY A 2353 58.33 -7.10 -8.53
N CYS A 2354 57.33 -6.32 -8.11
CA CYS A 2354 56.63 -6.62 -6.87
C CYS A 2354 55.68 -7.80 -7.07
N SER A 2355 55.27 -8.42 -5.96
CA SER A 2355 54.39 -9.58 -6.04
C SER A 2355 52.93 -9.15 -6.01
N HIS A 2356 52.54 -8.33 -5.04
CA HIS A 2356 51.14 -7.93 -4.90
C HIS A 2356 50.89 -6.53 -5.45
N PHE A 2357 51.58 -5.54 -4.92
CA PHE A 2357 51.33 -4.15 -5.29
C PHE A 2357 52.64 -3.41 -5.56
N CYS A 2358 52.60 -2.49 -6.51
CA CYS A 2358 53.73 -1.65 -6.87
C CYS A 2358 53.34 -0.19 -6.63
N PHE A 2359 54.06 0.48 -5.73
CA PHE A 2359 53.82 1.88 -5.40
C PHE A 2359 55.08 2.67 -5.69
N ALA A 2360 55.01 3.56 -6.68
CA ALA A 2360 56.15 4.39 -7.04
C ALA A 2360 56.16 5.67 -6.20
N LEU A 2361 57.36 6.18 -5.94
CA LEU A 2361 57.52 7.37 -5.12
C LEU A 2361 57.98 8.55 -5.98
N PRO A 2362 57.57 9.77 -5.64
CA PRO A 2362 57.71 10.89 -6.60
C PRO A 2362 59.13 11.16 -7.06
N GLU A 2363 60.13 10.98 -6.20
CA GLU A 2363 61.50 11.31 -6.57
C GLU A 2363 62.44 10.11 -6.52
N LEU A 2364 61.95 8.94 -6.16
CA LEU A 2364 62.79 7.77 -6.04
C LEU A 2364 62.75 6.94 -7.32
N PRO A 2365 63.84 6.24 -7.64
CA PRO A 2365 63.85 5.40 -8.84
C PRO A 2365 63.29 4.00 -8.61
N THR A 2366 63.07 3.60 -7.36
CA THR A 2366 62.59 2.25 -7.05
C THR A 2366 61.25 2.33 -6.33
N PRO A 2367 60.37 1.36 -6.57
CA PRO A 2367 59.04 1.40 -5.96
C PRO A 2367 59.00 0.70 -4.62
N ARG A 2368 58.02 1.09 -3.81
CA ARG A 2368 57.73 0.42 -2.55
C ARG A 2368 56.69 -0.68 -2.80
N CYS A 2369 57.12 -1.93 -2.73
CA CYS A 2369 56.20 -3.04 -2.96
C CYS A 2369 55.22 -3.16 -1.80
N GLY A 2370 53.93 -3.25 -2.12
CA GLY A 2370 52.89 -3.39 -1.12
C GLY A 2370 52.42 -4.83 -1.04
N CYS A 2371 52.07 -5.25 0.17
CA CYS A 2371 51.66 -6.62 0.44
C CYS A 2371 50.18 -6.63 0.82
N ALA A 2372 49.36 -7.31 0.02
CA ALA A 2372 47.95 -7.42 0.34
C ALA A 2372 47.71 -8.31 1.55
N PHE A 2373 48.34 -9.48 1.57
CA PHE A 2373 48.27 -10.37 2.72
C PHE A 2373 49.66 -10.94 2.98
N GLY A 2374 50.00 -11.10 4.24
CA GLY A 2374 51.33 -11.53 4.63
C GLY A 2374 52.25 -10.34 4.86
N THR A 2375 53.51 -10.67 5.10
CA THR A 2375 54.54 -9.68 5.41
C THR A 2375 55.57 -9.64 4.29
N LEU A 2376 55.95 -8.42 3.90
CA LEU A 2376 56.93 -8.23 2.83
C LEU A 2376 58.25 -8.91 3.20
N GLY A 2377 58.86 -9.59 2.23
CA GLY A 2377 60.05 -10.37 2.48
C GLY A 2377 61.30 -9.50 2.61
N ASN A 2378 62.41 -10.17 2.90
CA ASN A 2378 63.69 -9.49 3.05
C ASN A 2378 64.18 -8.88 1.75
N ASP A 2379 63.85 -9.49 0.60
CA ASP A 2379 64.26 -8.95 -0.68
C ASP A 2379 63.49 -7.69 -1.06
N GLY A 2380 62.44 -7.35 -0.32
CA GLY A 2380 61.67 -6.15 -0.60
C GLY A 2380 60.63 -6.29 -1.68
N LYS A 2381 60.46 -7.49 -2.26
CA LYS A 2381 59.47 -7.69 -3.31
C LYS A 2381 58.56 -8.90 -3.10
N SER A 2382 58.97 -9.91 -2.34
CA SER A 2382 58.16 -11.09 -2.14
C SER A 2382 57.35 -10.97 -0.85
N CYS A 2383 56.27 -11.75 -0.78
CA CYS A 2383 55.37 -11.75 0.37
C CYS A 2383 55.27 -13.16 0.93
N ALA A 2384 55.24 -13.25 2.25
CA ALA A 2384 55.13 -14.53 2.94
C ALA A 2384 54.30 -14.35 4.20
N THR A 2385 53.90 -15.46 4.80
CA THR A 2385 53.09 -15.42 6.01
C THR A 2385 53.80 -14.63 7.09
N SER A 2386 53.02 -13.99 7.96
CA SER A 2386 53.56 -12.95 8.84
C SER A 2386 54.65 -13.48 9.78
N GLN A 2387 54.47 -14.67 10.34
CA GLN A 2387 55.38 -15.21 11.35
C GLN A 2387 55.50 -14.25 12.53
N GLU A 2388 54.38 -13.65 12.92
CA GLU A 2388 54.32 -12.73 14.04
C GLU A 2388 53.12 -13.09 14.90
N ASP A 2389 52.98 -12.40 16.02
CA ASP A 2389 51.80 -12.58 16.86
C ASP A 2389 50.67 -11.71 16.35
N PHE A 2390 49.56 -12.33 15.98
CA PHE A 2390 48.41 -11.61 15.44
C PHE A 2390 47.13 -12.24 15.97
N LEU A 2391 46.02 -11.86 15.36
CA LEU A 2391 44.69 -12.25 15.81
C LEU A 2391 43.95 -12.95 14.67
N ILE A 2392 43.11 -13.92 15.03
CA ILE A 2392 42.30 -14.65 14.05
C ILE A 2392 40.86 -14.69 14.55
N TYR A 2393 39.94 -14.82 13.60
CA TYR A 2393 38.51 -14.87 13.91
C TYR A 2393 37.78 -15.51 12.74
N SER A 2394 36.50 -15.82 12.97
CA SER A 2394 35.66 -16.47 11.97
C SER A 2394 34.62 -15.50 11.45
N LEU A 2395 34.29 -15.63 10.16
CA LEU A 2395 33.28 -14.78 9.54
C LEU A 2395 32.50 -15.65 8.55
N ASN A 2396 31.29 -16.05 8.96
CA ASN A 2396 30.45 -16.96 8.18
C ASN A 2396 31.24 -18.18 7.73
N ASN A 2397 31.50 -18.29 6.42
CA ASN A 2397 32.17 -19.45 5.85
C ASN A 2397 33.65 -19.22 5.59
N SER A 2398 34.33 -18.46 6.44
CA SER A 2398 35.74 -18.13 6.19
C SER A 2398 36.46 -17.89 7.50
N LEU A 2399 37.78 -18.01 7.44
CA LEU A 2399 38.67 -17.68 8.55
C LEU A 2399 39.52 -16.47 8.15
N ARG A 2400 39.51 -15.44 9.00
CA ARG A 2400 40.18 -14.19 8.69
C ARG A 2400 41.14 -13.83 9.81
N SER A 2401 42.16 -13.05 9.46
CA SER A 2401 43.21 -12.67 10.38
C SER A 2401 43.22 -11.15 10.54
N LEU A 2402 43.97 -10.69 11.55
CA LEU A 2402 43.97 -9.27 11.90
C LEU A 2402 45.15 -9.00 12.82
N HIS A 2403 45.91 -7.94 12.52
CA HIS A 2403 47.02 -7.56 13.37
C HIS A 2403 46.53 -6.86 14.64
N PHE A 2404 47.38 -6.89 15.67
CA PHE A 2404 47.06 -6.20 16.91
C PHE A 2404 47.16 -4.69 16.76
N ASP A 2405 47.93 -4.22 15.80
CA ASP A 2405 48.05 -2.78 15.57
C ASP A 2405 46.83 -2.27 14.82
N PRO A 2406 46.05 -1.35 15.40
CA PRO A 2406 44.95 -0.76 14.64
C PRO A 2406 45.40 0.07 13.44
N ARG A 2407 46.64 0.56 13.45
CA ARG A 2407 47.17 1.33 12.35
C ARG A 2407 47.77 0.48 11.24
N ASP A 2408 47.83 -0.85 11.43
CA ASP A 2408 48.37 -1.76 10.43
C ASP A 2408 47.20 -2.40 9.69
N HIS A 2409 47.12 -2.15 8.39
CA HIS A 2409 46.00 -2.64 7.58
C HIS A 2409 46.34 -3.88 6.76
N SER A 2410 47.56 -4.40 6.89
CA SER A 2410 47.93 -5.60 6.15
C SER A 2410 47.37 -6.84 6.83
N LEU A 2411 46.86 -7.76 6.02
CA LEU A 2411 46.31 -9.00 6.56
C LEU A 2411 47.44 -9.98 6.87
N PRO A 2412 47.47 -10.56 8.08
CA PRO A 2412 48.51 -11.54 8.39
C PRO A 2412 48.54 -12.71 7.42
N PHE A 2413 47.39 -13.21 6.98
CA PHE A 2413 47.33 -14.22 5.94
C PHE A 2413 46.04 -14.06 5.15
N GLN A 2414 46.02 -14.66 3.96
CA GLN A 2414 44.86 -14.54 3.08
C GLN A 2414 43.67 -15.27 3.68
N VAL A 2415 42.47 -14.78 3.36
CA VAL A 2415 41.24 -15.37 3.88
C VAL A 2415 41.15 -16.83 3.44
N ILE A 2416 40.84 -17.70 4.40
CA ILE A 2416 40.72 -19.13 4.14
C ILE A 2416 39.24 -19.48 4.08
N SER A 2417 38.82 -20.06 2.96
CA SER A 2417 37.41 -20.41 2.77
C SER A 2417 37.14 -21.82 3.26
N VAL A 2418 36.02 -21.97 3.97
CA VAL A 2418 35.64 -23.25 4.57
C VAL A 2418 34.19 -23.55 4.20
N ALA A 2419 33.77 -24.78 4.50
CA ALA A 2419 32.39 -25.19 4.29
C ALA A 2419 31.58 -24.98 5.56
N GLY A 2420 30.29 -24.70 5.37
CA GLY A 2420 29.46 -24.43 6.53
C GLY A 2420 29.78 -23.07 7.13
N THR A 2421 29.63 -22.98 8.45
CA THR A 2421 29.86 -21.74 9.18
C THR A 2421 30.84 -22.00 10.32
N ALA A 2422 32.03 -21.41 10.22
CA ALA A 2422 33.00 -21.51 11.30
C ALA A 2422 32.51 -20.73 12.53
N ILE A 2423 32.72 -21.29 13.71
CA ILE A 2423 32.20 -20.75 14.95
C ILE A 2423 33.32 -20.45 15.96
N ALA A 2424 34.05 -21.48 16.38
CA ALA A 2424 35.04 -21.32 17.44
C ALA A 2424 36.42 -21.67 16.89
N LEU A 2425 37.44 -21.00 17.44
CA LEU A 2425 38.80 -21.12 16.93
C LEU A 2425 39.77 -21.41 18.08
N ASP A 2426 40.86 -22.09 17.75
CA ASP A 2426 42.00 -22.26 18.64
C ASP A 2426 43.21 -22.66 17.81
N TYR A 2427 44.38 -22.22 18.25
CA TYR A 2427 45.61 -22.31 17.46
C TYR A 2427 46.59 -23.27 18.12
N ASP A 2428 47.21 -24.12 17.31
CA ASP A 2428 48.22 -25.08 17.77
C ASP A 2428 49.58 -24.57 17.32
N ARG A 2429 50.44 -24.22 18.29
CA ARG A 2429 51.72 -23.62 17.97
C ARG A 2429 52.67 -24.61 17.32
N ARG A 2430 52.67 -25.86 17.78
CA ARG A 2430 53.67 -26.82 17.36
C ARG A 2430 53.58 -27.12 15.86
N ASN A 2431 52.37 -27.28 15.34
CA ASN A 2431 52.16 -27.65 13.95
C ASN A 2431 51.63 -26.50 13.10
N ASN A 2432 51.40 -25.33 13.70
CA ASN A 2432 50.86 -24.17 13.01
C ASN A 2432 49.55 -24.51 12.29
N ARG A 2433 48.60 -25.01 13.08
CA ARG A 2433 47.28 -25.37 12.60
C ARG A 2433 46.24 -24.79 13.54
N ILE A 2434 45.06 -24.50 13.02
CA ILE A 2434 43.97 -23.93 13.80
C ILE A 2434 42.78 -24.87 13.73
N PHE A 2435 42.26 -25.25 14.90
CA PHE A 2435 41.09 -26.12 14.97
C PHE A 2435 39.83 -25.26 15.04
N PHE A 2436 38.84 -25.60 14.22
CA PHE A 2436 37.62 -24.79 14.15
C PHE A 2436 36.42 -25.70 13.91
N THR A 2437 35.30 -25.31 14.50
CA THR A 2437 34.03 -26.01 14.31
C THR A 2437 33.28 -25.40 13.14
N GLN A 2438 32.59 -26.24 12.37
CA GLN A 2438 31.71 -25.80 11.31
C GLN A 2438 30.29 -26.21 11.66
N LYS A 2439 29.35 -25.29 11.49
CA LYS A 2439 27.94 -25.55 11.77
C LYS A 2439 27.20 -25.72 10.45
N LEU A 2440 26.56 -26.86 10.26
CA LEU A 2440 25.85 -27.16 9.03
C LEU A 2440 24.41 -27.51 9.36
N ASN A 2441 23.49 -26.95 8.55
CA ASN A 2441 22.05 -27.20 8.58
C ASN A 2441 21.46 -27.18 9.99
N SER A 2442 22.11 -26.47 10.90
CA SER A 2442 21.64 -26.22 12.27
C SER A 2442 21.43 -27.50 13.07
N LEU A 2443 21.90 -28.65 12.60
CA LEU A 2443 21.69 -29.90 13.32
C LEU A 2443 22.97 -30.73 13.42
N ARG A 2444 23.91 -30.50 12.50
CA ARG A 2444 25.15 -31.25 12.48
C ARG A 2444 26.33 -30.30 12.45
N GLY A 2445 27.50 -30.82 12.84
CA GLY A 2445 28.70 -30.01 12.89
C GLY A 2445 29.94 -30.85 12.70
N GLN A 2446 31.04 -30.19 12.35
CA GLN A 2446 32.32 -30.84 12.14
C GLN A 2446 33.39 -30.09 12.91
N ILE A 2447 34.49 -30.79 13.21
CA ILE A 2447 35.71 -30.18 13.73
C ILE A 2447 36.79 -30.39 12.68
N SER A 2448 37.36 -29.29 12.19
CA SER A 2448 38.33 -29.34 11.11
C SER A 2448 39.53 -28.47 11.46
N TYR A 2449 40.64 -28.74 10.79
CA TYR A 2449 41.85 -27.95 10.98
C TYR A 2449 42.45 -27.63 9.61
N VAL A 2450 43.15 -26.50 9.55
CA VAL A 2450 43.88 -26.08 8.36
C VAL A 2450 45.26 -25.62 8.80
N SER A 2451 46.26 -25.93 7.99
CA SER A 2451 47.65 -25.63 8.29
C SER A 2451 47.96 -24.20 7.88
N LEU A 2452 48.66 -23.48 8.76
CA LEU A 2452 49.08 -22.12 8.46
C LEU A 2452 50.43 -22.05 7.78
N TYR A 2453 51.04 -23.19 7.47
CA TYR A 2453 52.27 -23.22 6.67
C TYR A 2453 52.02 -22.85 5.22
N SER A 2454 50.76 -22.62 4.84
CA SER A 2454 50.36 -22.41 3.45
C SER A 2454 50.74 -23.62 2.61
N GLY A 2455 51.51 -23.38 1.55
CA GLY A 2455 51.85 -24.46 0.64
C GLY A 2455 50.64 -25.14 0.03
N SER A 2456 49.62 -24.36 -0.35
CA SER A 2456 48.37 -24.86 -0.91
C SER A 2456 47.62 -25.79 0.04
N SER A 2457 47.77 -25.57 1.36
CA SER A 2457 47.05 -26.37 2.32
C SER A 2457 45.56 -26.01 2.33
N SER A 2458 44.72 -27.00 2.53
CA SER A 2458 43.28 -26.85 2.55
C SER A 2458 42.74 -27.48 3.82
N PRO A 2459 41.60 -27.00 4.33
CA PRO A 2459 41.04 -27.58 5.55
C PRO A 2459 40.60 -29.03 5.34
N THR A 2460 40.76 -29.83 6.39
CA THR A 2460 40.31 -31.21 6.38
C THR A 2460 39.67 -31.53 7.72
N VAL A 2461 38.78 -32.51 7.72
CA VAL A 2461 37.92 -32.79 8.86
C VAL A 2461 38.61 -33.79 9.79
N LEU A 2462 38.45 -33.57 11.10
CA LEU A 2462 38.92 -34.49 12.12
C LEU A 2462 37.80 -35.33 12.71
N LEU A 2463 36.59 -34.78 12.82
CA LEU A 2463 35.48 -35.51 13.38
C LEU A 2463 34.19 -34.91 12.83
N SER A 2464 33.21 -35.78 12.56
CA SER A 2464 31.96 -35.36 11.94
C SER A 2464 30.79 -35.91 12.73
N ASN A 2465 29.58 -35.52 12.32
CA ASN A 2465 28.32 -35.95 12.92
C ASN A 2465 28.22 -35.59 14.40
N ILE A 2466 28.69 -34.40 14.78
CA ILE A 2466 28.59 -33.95 16.17
C ILE A 2466 27.31 -33.17 16.39
N GLY A 2467 27.15 -32.05 15.69
CA GLY A 2467 26.09 -31.10 15.94
C GLY A 2467 26.65 -29.72 16.16
N VAL A 2468 25.79 -28.84 16.71
CA VAL A 2468 26.22 -27.48 17.01
C VAL A 2468 27.32 -27.53 18.06
N THR A 2469 28.47 -26.96 17.74
CA THR A 2469 29.63 -26.96 18.62
C THR A 2469 30.19 -25.54 18.65
N ASP A 2470 30.12 -24.89 19.81
CA ASP A 2470 30.43 -23.48 19.94
C ASP A 2470 31.71 -23.20 20.72
N GLY A 2471 32.53 -24.20 20.98
CA GLY A 2471 33.76 -23.96 21.72
C GLY A 2471 34.86 -24.97 21.45
N ILE A 2472 36.10 -24.47 21.36
CA ILE A 2472 37.28 -25.30 21.23
C ILE A 2472 38.37 -24.76 22.14
N ALA A 2473 39.06 -25.66 22.83
CA ALA A 2473 40.26 -25.34 23.57
C ALA A 2473 41.25 -26.49 23.42
N PHE A 2474 42.45 -26.17 22.96
CA PHE A 2474 43.47 -27.17 22.69
C PHE A 2474 44.47 -27.21 23.83
N ASP A 2475 44.68 -28.39 24.41
CA ASP A 2475 45.66 -28.59 25.47
C ASP A 2475 47.02 -28.76 24.82
N TRP A 2476 47.86 -27.73 24.91
CA TRP A 2476 49.16 -27.77 24.26
C TRP A 2476 50.12 -28.74 24.95
N ILE A 2477 49.79 -29.23 26.15
CA ILE A 2477 50.67 -30.15 26.86
C ILE A 2477 50.28 -31.59 26.52
N ASN A 2478 49.00 -31.93 26.72
CA ASN A 2478 48.53 -33.30 26.52
C ASN A 2478 48.02 -33.54 25.11
N ARG A 2479 48.02 -32.52 24.25
CA ARG A 2479 47.61 -32.66 22.84
C ARG A 2479 46.20 -33.26 22.71
N ARG A 2480 45.27 -32.73 23.50
CA ARG A 2480 43.88 -33.14 23.44
C ARG A 2480 43.01 -31.92 23.13
N ILE A 2481 41.97 -32.13 22.34
CA ILE A 2481 41.06 -31.07 21.93
C ILE A 2481 39.79 -31.19 22.75
N TYR A 2482 39.44 -30.12 23.48
CA TYR A 2482 38.23 -30.06 24.27
C TYR A 2482 37.20 -29.20 23.54
N TYR A 2483 36.02 -29.76 23.30
CA TYR A 2483 34.95 -29.03 22.62
C TYR A 2483 33.63 -29.28 23.34
N SER A 2484 32.72 -28.31 23.19
CA SER A 2484 31.43 -28.33 23.87
C SER A 2484 30.34 -28.62 22.84
N ASP A 2485 29.78 -29.81 22.89
CA ASP A 2485 28.70 -30.20 22.00
C ASP A 2485 27.39 -29.65 22.57
N PHE A 2486 26.87 -28.59 21.96
CA PHE A 2486 25.67 -27.93 22.46
C PHE A 2486 24.42 -28.76 22.16
N SER A 2487 24.36 -29.37 20.97
CA SER A 2487 23.19 -30.17 20.62
C SER A 2487 23.07 -31.40 21.50
N ASN A 2488 24.19 -32.04 21.82
CA ASN A 2488 24.21 -33.25 22.63
C ASN A 2488 24.47 -32.94 24.11
N GLN A 2489 24.75 -31.68 24.43
CA GLN A 2489 24.73 -31.15 25.80
C GLN A 2489 25.87 -31.67 26.67
N THR A 2490 27.04 -31.95 26.08
CA THR A 2490 28.20 -32.41 26.85
C THR A 2490 29.46 -31.73 26.37
N ILE A 2491 30.46 -31.71 27.24
CA ILE A 2491 31.83 -31.31 26.89
C ILE A 2491 32.62 -32.57 26.64
N ASN A 2492 33.28 -32.65 25.48
CA ASN A 2492 33.98 -33.86 25.07
C ASN A 2492 35.43 -33.53 24.76
N SER A 2493 36.30 -34.52 25.00
CA SER A 2493 37.73 -34.39 24.77
C SER A 2493 38.20 -35.51 23.85
N MET A 2494 39.00 -35.16 22.85
CA MET A 2494 39.53 -36.12 21.89
C MET A 2494 41.01 -35.85 21.67
N ALA A 2495 41.69 -36.86 21.14
CA ALA A 2495 43.11 -36.72 20.84
C ALA A 2495 43.30 -35.79 19.64
N GLU A 2496 44.57 -35.40 19.44
CA GLU A 2496 44.89 -34.48 18.35
C GLU A 2496 44.54 -35.06 16.99
N ASP A 2497 44.67 -36.38 16.83
CA ASP A 2497 44.36 -37.03 15.56
C ASP A 2497 42.87 -37.32 15.40
N GLY A 2498 42.05 -37.02 16.40
CA GLY A 2498 40.62 -37.23 16.31
C GLY A 2498 40.12 -38.56 16.81
N SER A 2499 40.94 -39.31 17.54
CA SER A 2499 40.55 -40.62 18.04
C SER A 2499 40.30 -40.58 19.55
N ASN A 2500 39.82 -41.71 20.07
CA ASN A 2500 39.57 -41.93 21.50
C ASN A 2500 38.92 -40.73 22.17
N ARG A 2501 37.80 -40.28 21.58
CA ARG A 2501 37.03 -39.19 22.17
C ARG A 2501 36.36 -39.65 23.46
N ALA A 2502 36.37 -38.78 24.47
CA ALA A 2502 35.80 -39.11 25.77
C ALA A 2502 34.98 -37.93 26.27
N VAL A 2503 34.00 -38.24 27.12
CA VAL A 2503 33.10 -37.22 27.65
C VAL A 2503 33.64 -36.70 28.97
N ILE A 2504 33.59 -35.38 29.15
CA ILE A 2504 34.07 -34.74 30.37
C ILE A 2504 32.94 -34.52 31.36
N ALA A 2505 31.89 -33.83 30.95
CA ALA A 2505 30.76 -33.56 31.81
C ALA A 2505 29.55 -33.20 30.96
N ARG A 2506 28.38 -33.25 31.59
CA ARG A 2506 27.12 -32.89 30.95
C ARG A 2506 26.57 -31.62 31.60
N VAL A 2507 26.39 -30.57 30.80
CA VAL A 2507 25.87 -29.30 31.27
C VAL A 2507 24.71 -28.88 30.38
N SER A 2508 23.93 -27.91 30.85
CA SER A 2508 22.76 -27.46 30.11
C SER A 2508 23.14 -26.87 28.75
N LYS A 2509 23.88 -25.76 28.76
CA LYS A 2509 24.24 -25.06 27.53
C LYS A 2509 25.70 -24.62 27.62
N PRO A 2510 26.62 -25.42 27.09
CA PRO A 2510 28.04 -25.10 27.22
C PRO A 2510 28.52 -24.11 26.17
N ARG A 2511 29.61 -23.42 26.51
CA ARG A 2511 30.27 -22.48 25.63
C ARG A 2511 31.59 -22.02 26.24
N ALA A 2512 32.53 -21.65 25.37
CA ALA A 2512 33.76 -20.95 25.74
C ALA A 2512 34.58 -21.73 26.77
N ILE A 2513 35.10 -22.87 26.31
CA ILE A 2513 35.99 -23.67 27.15
C ILE A 2513 37.38 -23.04 27.15
N VAL A 2514 37.98 -22.92 28.34
CA VAL A 2514 39.39 -22.62 28.49
C VAL A 2514 40.00 -23.64 29.44
N LEU A 2515 41.31 -23.78 29.36
CA LEU A 2515 42.00 -24.81 30.14
C LEU A 2515 43.36 -24.29 30.58
N ASP A 2516 43.91 -24.96 31.60
CA ASP A 2516 45.23 -24.62 32.12
C ASP A 2516 45.92 -25.92 32.52
N PRO A 2517 46.59 -26.58 31.58
CA PRO A 2517 47.18 -27.90 31.87
C PRO A 2517 48.25 -27.87 32.96
N CYS A 2518 48.98 -26.76 33.09
CA CYS A 2518 50.01 -26.69 34.12
C CYS A 2518 49.44 -26.79 35.52
N ARG A 2519 48.13 -26.57 35.69
CA ARG A 2519 47.47 -26.74 36.97
C ARG A 2519 46.34 -27.77 36.90
N GLY A 2520 46.14 -28.40 35.73
CA GLY A 2520 45.16 -29.45 35.61
C GLY A 2520 43.72 -29.03 35.84
N TYR A 2521 43.36 -27.82 35.42
CA TYR A 2521 42.00 -27.32 35.55
C TYR A 2521 41.49 -26.81 34.21
N MET A 2522 40.21 -27.04 33.96
CA MET A 2522 39.52 -26.51 32.80
C MET A 2522 38.30 -25.72 33.24
N TYR A 2523 38.00 -24.66 32.51
CA TYR A 2523 36.90 -23.76 32.82
C TYR A 2523 35.99 -23.62 31.61
N TRP A 2524 34.70 -23.55 31.86
CA TRP A 2524 33.72 -23.37 30.79
C TRP A 2524 32.54 -22.57 31.33
N THR A 2525 31.73 -22.07 30.40
CA THR A 2525 30.56 -21.26 30.74
C THR A 2525 29.30 -22.00 30.33
N ASP A 2526 28.34 -22.07 31.26
CA ASP A 2526 27.03 -22.64 31.00
C ASP A 2526 26.02 -21.50 31.00
N TRP A 2527 25.39 -21.26 29.85
CA TRP A 2527 24.48 -20.12 29.69
C TRP A 2527 23.01 -20.55 29.72
N GLY A 2528 22.72 -21.71 30.29
CA GLY A 2528 21.34 -22.09 30.52
C GLY A 2528 20.79 -21.47 31.78
N THR A 2529 19.71 -22.05 32.27
CA THR A 2529 19.15 -21.61 33.55
C THR A 2529 20.18 -21.80 34.66
N ASN A 2530 20.27 -20.81 35.54
CA ASN A 2530 21.34 -20.71 36.53
C ASN A 2530 22.69 -20.71 35.81
N ALA A 2531 22.91 -19.63 35.07
CA ALA A 2531 24.13 -19.48 34.30
C ALA A 2531 25.31 -19.26 35.24
N LYS A 2532 26.43 -19.95 34.94
CA LYS A 2532 27.58 -19.91 35.82
C LYS A 2532 28.83 -20.30 35.05
N ILE A 2533 29.98 -20.05 35.67
CA ILE A 2533 31.27 -20.48 35.15
C ILE A 2533 31.75 -21.63 36.02
N GLU A 2534 31.91 -22.80 35.43
CA GLU A 2534 32.25 -24.02 36.16
C GLU A 2534 33.73 -24.35 36.00
N ARG A 2535 34.30 -24.92 37.06
CA ARG A 2535 35.67 -25.40 37.04
C ARG A 2535 35.70 -26.88 37.33
N ALA A 2536 36.47 -27.62 36.55
CA ALA A 2536 36.70 -29.03 36.77
C ALA A 2536 38.12 -29.38 36.35
N THR A 2537 38.62 -30.50 36.87
CA THR A 2537 39.92 -30.98 36.47
C THR A 2537 39.88 -31.45 35.02
N LEU A 2538 41.07 -31.58 34.42
CA LEU A 2538 41.15 -31.99 33.02
C LEU A 2538 40.53 -33.36 32.79
N GLY A 2539 40.42 -34.19 33.84
CA GLY A 2539 39.67 -35.42 33.75
C GLY A 2539 38.18 -35.28 33.97
N GLY A 2540 37.71 -34.07 34.27
CA GLY A 2540 36.31 -33.83 34.55
C GLY A 2540 35.88 -34.07 35.98
N ASN A 2541 36.82 -34.31 36.89
CA ASN A 2541 36.50 -34.55 38.28
C ASN A 2541 36.48 -33.25 39.07
N PHE A 2542 35.77 -33.27 40.19
CA PHE A 2542 35.65 -32.12 41.08
C PHE A 2542 35.07 -30.92 40.34
N ARG A 2543 33.85 -31.11 39.82
CA ARG A 2543 33.17 -30.04 39.10
C ARG A 2543 32.53 -29.07 40.08
N VAL A 2544 33.07 -27.85 40.14
CA VAL A 2544 32.55 -26.83 41.05
C VAL A 2544 32.33 -25.54 40.29
N PRO A 2545 31.37 -24.73 40.73
CA PRO A 2545 31.16 -23.42 40.09
C PRO A 2545 32.06 -22.36 40.69
N ILE A 2546 32.62 -21.52 39.82
CA ILE A 2546 33.50 -20.43 40.23
C ILE A 2546 32.71 -19.15 40.48
N VAL A 2547 32.08 -18.61 39.45
CA VAL A 2547 31.19 -17.45 39.61
C VAL A 2547 29.78 -17.86 39.19
N ASN A 2548 28.82 -17.59 40.05
CA ASN A 2548 27.47 -18.07 39.83
C ASN A 2548 26.37 -17.17 40.36
N THR A 2549 26.62 -15.89 40.56
CA THR A 2549 25.61 -15.05 41.18
C THR A 2549 24.71 -14.39 40.15
N SER A 2550 25.29 -13.59 39.24
CA SER A 2550 24.50 -12.72 38.37
C SER A 2550 24.80 -12.88 36.89
N LEU A 2551 25.38 -14.00 36.46
CA LEU A 2551 25.64 -14.21 35.05
C LEU A 2551 24.36 -14.58 34.31
N VAL A 2552 24.12 -13.89 33.19
CA VAL A 2552 23.14 -14.31 32.20
C VAL A 2552 23.80 -14.21 30.84
N TRP A 2553 23.75 -15.29 30.07
CA TRP A 2553 24.40 -15.40 28.77
C TRP A 2553 25.91 -15.10 28.84
N PRO A 2554 26.68 -15.93 29.55
CA PRO A 2554 28.15 -15.77 29.50
C PRO A 2554 28.75 -16.41 28.24
N ASN A 2555 28.71 -15.70 27.12
CA ASN A 2555 29.16 -16.28 25.86
C ASN A 2555 30.67 -16.46 25.81
N GLY A 2556 31.43 -15.53 26.39
CA GLY A 2556 32.88 -15.53 26.23
C GLY A 2556 33.59 -15.85 27.52
N LEU A 2557 34.75 -16.50 27.39
CA LEU A 2557 35.60 -16.82 28.52
C LEU A 2557 37.05 -16.83 28.05
N ALA A 2558 37.92 -16.19 28.83
CA ALA A 2558 39.34 -16.12 28.50
C ALA A 2558 40.15 -16.20 29.78
N LEU A 2559 41.40 -16.63 29.64
CA LEU A 2559 42.30 -16.81 30.77
C LEU A 2559 43.66 -16.20 30.44
N ASP A 2560 44.20 -15.44 31.37
CA ASP A 2560 45.49 -14.77 31.19
C ASP A 2560 46.52 -15.49 32.06
N LEU A 2561 47.40 -16.25 31.42
CA LEU A 2561 48.43 -16.97 32.16
C LEU A 2561 49.47 -16.05 32.76
N GLU A 2562 49.62 -14.83 32.23
CA GLU A 2562 50.63 -13.91 32.74
C GLU A 2562 50.29 -13.42 34.13
N THR A 2563 49.02 -13.20 34.43
CA THR A 2563 48.59 -12.72 35.74
C THR A 2563 47.60 -13.64 36.43
N ASP A 2564 47.20 -14.75 35.80
CA ASP A 2564 46.31 -15.75 36.40
C ASP A 2564 44.97 -15.14 36.80
N LEU A 2565 44.45 -14.24 35.95
CA LEU A 2565 43.11 -13.72 36.10
C LEU A 2565 42.19 -14.31 35.04
N LEU A 2566 40.90 -14.39 35.38
CA LEU A 2566 39.89 -14.96 34.49
C LEU A 2566 38.96 -13.87 33.99
N TYR A 2567 38.75 -13.83 32.68
CA TYR A 2567 37.88 -12.87 32.04
C TYR A 2567 36.67 -13.59 31.44
N TRP A 2568 35.53 -12.91 31.43
CA TRP A 2568 34.34 -13.43 30.77
C TRP A 2568 33.47 -12.26 30.34
N ALA A 2569 32.55 -12.55 29.42
CA ALA A 2569 31.68 -11.53 28.83
C ALA A 2569 30.24 -12.03 28.85
N ASP A 2570 29.31 -11.13 29.16
CA ASP A 2570 27.89 -11.44 29.19
C ASP A 2570 27.18 -10.74 28.04
N ALA A 2571 26.32 -11.48 27.34
CA ALA A 2571 25.58 -10.90 26.23
C ALA A 2571 24.39 -10.07 26.66
N SER A 2572 23.66 -10.49 27.68
CA SER A 2572 22.51 -9.74 28.17
C SER A 2572 22.90 -8.61 29.11
N LEU A 2573 23.76 -8.88 30.10
CA LEU A 2573 24.27 -7.82 30.96
C LEU A 2573 25.15 -6.85 30.20
N GLN A 2574 25.71 -7.26 29.05
CA GLN A 2574 26.52 -6.41 28.20
C GLN A 2574 27.70 -5.81 28.97
N LYS A 2575 28.51 -6.68 29.55
CA LYS A 2575 29.70 -6.24 30.26
C LYS A 2575 30.74 -7.36 30.26
N ILE A 2576 32.00 -6.97 30.47
CA ILE A 2576 33.12 -7.89 30.54
C ILE A 2576 33.73 -7.77 31.93
N GLU A 2577 33.84 -8.91 32.63
CA GLU A 2577 34.24 -8.92 34.02
C GLU A 2577 35.52 -9.74 34.19
N ARG A 2578 36.32 -9.33 35.15
CA ARG A 2578 37.54 -10.05 35.52
C ARG A 2578 37.45 -10.51 36.96
N SER A 2579 38.24 -11.53 37.30
CA SER A 2579 38.30 -12.05 38.65
C SER A 2579 39.53 -12.94 38.77
N THR A 2580 39.84 -13.30 40.01
CA THR A 2580 40.85 -14.31 40.24
C THR A 2580 40.31 -15.68 39.83
N LEU A 2581 41.22 -16.66 39.74
CA LEU A 2581 40.81 -18.00 39.35
C LEU A 2581 39.81 -18.59 40.33
N THR A 2582 39.88 -18.17 41.60
CA THR A 2582 38.88 -18.58 42.59
C THR A 2582 37.61 -17.77 42.50
N GLY A 2583 37.59 -16.69 41.72
CA GLY A 2583 36.41 -15.86 41.58
C GLY A 2583 36.18 -14.88 42.70
N THR A 2584 37.20 -14.54 43.49
CA THR A 2584 37.01 -13.68 44.65
C THR A 2584 36.99 -12.20 44.24
N ASN A 2585 38.09 -11.71 43.67
CA ASN A 2585 38.24 -10.29 43.35
C ASN A 2585 37.51 -9.95 42.05
N ARG A 2586 36.20 -10.15 42.07
CA ARG A 2586 35.38 -9.86 40.90
C ARG A 2586 35.32 -8.37 40.65
N GLU A 2587 35.42 -7.99 39.37
CA GLU A 2587 35.39 -6.59 38.97
C GLU A 2587 34.81 -6.49 37.57
N VAL A 2588 34.44 -5.28 37.18
CA VAL A 2588 33.95 -5.03 35.84
C VAL A 2588 35.01 -4.28 35.04
N VAL A 2589 35.40 -4.85 33.90
CA VAL A 2589 36.41 -4.23 33.04
C VAL A 2589 35.78 -3.27 32.05
N VAL A 2590 34.75 -3.72 31.35
CA VAL A 2590 34.03 -2.92 30.37
C VAL A 2590 32.56 -2.88 30.78
N SER A 2591 32.04 -1.67 31.00
CA SER A 2591 30.67 -1.51 31.48
C SER A 2591 29.62 -1.69 30.40
N THR A 2592 30.01 -1.67 29.12
CA THR A 2592 29.06 -1.86 28.03
C THR A 2592 29.80 -2.48 26.85
N ALA A 2593 29.43 -3.72 26.51
CA ALA A 2593 30.09 -4.45 25.44
C ALA A 2593 29.15 -5.02 24.40
N PHE A 2594 27.87 -4.67 24.45
CA PHE A 2594 26.86 -5.14 23.49
C PHE A 2594 26.80 -6.67 23.51
N HIS A 2595 26.41 -7.27 22.40
CA HIS A 2595 26.20 -8.73 22.30
C HIS A 2595 27.53 -9.44 22.00
N SER A 2596 28.43 -9.41 22.97
CA SER A 2596 29.73 -10.04 22.82
C SER A 2596 29.59 -11.57 22.79
N PHE A 2597 30.34 -12.19 21.88
CA PHE A 2597 30.29 -13.64 21.75
C PHE A 2597 31.63 -14.27 22.14
N GLY A 2598 32.71 -13.84 21.48
CA GLY A 2598 34.03 -14.36 21.76
C GLY A 2598 34.84 -13.38 22.60
N LEU A 2599 35.88 -13.90 23.24
CA LEU A 2599 36.75 -13.08 24.08
C LEU A 2599 38.14 -13.69 24.11
N THR A 2600 39.15 -12.82 24.11
CA THR A 2600 40.54 -13.26 24.08
C THR A 2600 41.42 -12.12 24.57
N VAL A 2601 42.35 -12.43 25.46
CA VAL A 2601 43.25 -11.45 26.05
C VAL A 2601 44.67 -11.73 25.58
N TYR A 2602 45.32 -10.73 24.99
CA TYR A 2602 46.72 -10.81 24.63
C TYR A 2602 47.40 -9.51 25.01
N GLY A 2603 48.56 -9.61 25.65
CA GLY A 2603 49.28 -8.40 26.03
C GLY A 2603 48.51 -7.61 27.07
N GLN A 2604 48.27 -6.34 26.76
CA GLN A 2604 47.61 -5.43 27.67
C GLN A 2604 46.15 -5.16 27.31
N TYR A 2605 45.60 -5.88 26.33
CA TYR A 2605 44.26 -5.60 25.84
C TYR A 2605 43.43 -6.88 25.78
N ILE A 2606 42.12 -6.71 25.87
CA ILE A 2606 41.16 -7.81 25.73
C ILE A 2606 40.36 -7.58 24.46
N TYR A 2607 40.36 -8.55 23.57
CA TYR A 2607 39.66 -8.45 22.29
C TYR A 2607 38.41 -9.31 22.33
N TRP A 2608 37.29 -8.75 21.87
CA TRP A 2608 36.03 -9.47 21.84
C TRP A 2608 35.23 -9.08 20.61
N THR A 2609 34.54 -10.05 20.04
CA THR A 2609 33.67 -9.81 18.90
C THR A 2609 32.27 -9.49 19.37
N ASP A 2610 31.61 -8.56 18.68
CA ASP A 2610 30.26 -8.16 19.01
C ASP A 2610 29.30 -8.58 17.89
N LEU A 2611 28.26 -9.32 18.26
CA LEU A 2611 27.29 -9.78 17.29
C LEU A 2611 26.33 -8.69 16.85
N TYR A 2612 25.99 -7.76 17.75
CA TYR A 2612 25.03 -6.71 17.42
C TYR A 2612 25.62 -5.73 16.41
N THR A 2613 26.69 -5.04 16.80
CA THR A 2613 27.49 -4.25 15.87
C THR A 2613 28.65 -5.13 15.42
N ARG A 2614 28.59 -5.59 14.17
CA ARG A 2614 29.48 -6.65 13.69
C ARG A 2614 30.90 -6.11 13.54
N LYS A 2615 31.54 -5.92 14.69
CA LYS A 2615 32.90 -5.41 14.74
C LYS A 2615 33.71 -6.22 15.75
N ILE A 2616 35.00 -5.93 15.79
CA ILE A 2616 35.90 -6.47 16.81
C ILE A 2616 36.48 -5.31 17.59
N TYR A 2617 36.30 -5.33 18.91
CA TYR A 2617 36.74 -4.25 19.77
C TYR A 2617 37.93 -4.69 20.60
N ARG A 2618 38.51 -3.73 21.31
CA ARG A 2618 39.56 -3.99 22.28
C ARG A 2618 39.51 -2.95 23.38
N ALA A 2619 40.07 -3.28 24.53
CA ALA A 2619 40.15 -2.37 25.65
C ALA A 2619 41.25 -2.84 26.59
N ASN A 2620 41.73 -1.93 27.43
CA ASN A 2620 42.77 -2.27 28.37
C ASN A 2620 42.27 -3.33 29.35
N LYS A 2621 43.10 -4.35 29.59
CA LYS A 2621 42.67 -5.50 30.40
C LYS A 2621 42.39 -5.14 31.84
N TYR A 2622 42.96 -4.05 32.35
CA TYR A 2622 42.78 -3.70 33.76
C TYR A 2622 41.53 -2.86 34.01
N ASP A 2623 41.31 -1.82 33.21
CA ASP A 2623 40.22 -0.91 33.49
C ASP A 2623 39.31 -0.63 32.31
N GLY A 2624 39.51 -1.27 31.15
CA GLY A 2624 38.65 -1.04 30.01
C GLY A 2624 38.88 0.25 29.27
N SER A 2625 40.04 0.89 29.44
CA SER A 2625 40.33 2.11 28.71
C SER A 2625 40.78 1.79 27.29
N ASP A 2626 40.94 2.84 26.49
CA ASP A 2626 41.38 2.74 25.10
C ASP A 2626 40.45 1.82 24.28
N LEU A 2627 39.14 1.99 24.43
CA LEU A 2627 38.19 1.16 23.71
C LEU A 2627 38.07 1.64 22.27
N VAL A 2628 38.54 0.81 21.33
CA VAL A 2628 38.48 1.13 19.91
C VAL A 2628 37.96 -0.10 19.16
N ALA A 2629 37.52 0.12 17.93
CA ALA A 2629 37.02 -0.94 17.08
C ALA A 2629 38.08 -1.30 16.05
N MET A 2630 38.50 -2.57 16.05
CA MET A 2630 39.53 -3.03 15.13
C MET A 2630 39.04 -3.08 13.68
N THR A 2631 37.78 -3.44 13.45
CA THR A 2631 37.26 -3.62 12.11
C THR A 2631 36.08 -2.69 11.88
N THR A 2632 35.77 -2.46 10.61
CA THR A 2632 34.51 -1.83 10.26
C THR A 2632 33.37 -2.82 10.46
N ARG A 2633 32.16 -2.40 10.13
CA ARG A 2633 31.02 -3.29 10.27
C ARG A 2633 31.12 -4.41 9.24
N LEU A 2634 31.39 -5.63 9.73
CA LEU A 2634 31.61 -6.75 8.86
C LEU A 2634 30.31 -7.17 8.17
N PRO A 2635 30.41 -7.77 6.98
CA PRO A 2635 29.20 -8.20 6.26
C PRO A 2635 28.35 -9.21 7.02
N THR A 2636 28.96 -10.01 7.89
CA THR A 2636 28.23 -10.98 8.68
C THR A 2636 28.68 -10.88 10.13
N GLN A 2637 28.00 -11.60 11.01
CA GLN A 2637 28.32 -11.56 12.42
C GLN A 2637 29.57 -12.39 12.72
N PRO A 2638 30.63 -11.80 13.25
CA PRO A 2638 31.81 -12.59 13.59
C PRO A 2638 31.59 -13.39 14.86
N SER A 2639 32.02 -14.65 14.83
CA SER A 2639 31.87 -15.54 15.97
C SER A 2639 33.20 -16.22 16.25
N GLY A 2640 33.60 -16.25 17.51
CA GLY A 2640 34.85 -16.88 17.90
C GLY A 2640 36.06 -16.02 17.59
N ILE A 2641 37.07 -16.08 18.46
CA ILE A 2641 38.27 -15.27 18.30
C ILE A 2641 39.40 -15.93 19.08
N SER A 2642 40.61 -15.79 18.55
CA SER A 2642 41.79 -16.35 19.20
C SER A 2642 43.03 -15.63 18.71
N THR A 2643 44.12 -15.82 19.43
CA THR A 2643 45.41 -15.27 19.03
C THR A 2643 46.32 -16.36 18.50
N VAL A 2644 47.15 -16.00 17.52
CA VAL A 2644 48.19 -16.88 17.00
C VAL A 2644 49.51 -16.38 17.55
N VAL A 2645 50.06 -17.13 18.50
CA VAL A 2645 51.28 -16.75 19.20
C VAL A 2645 52.38 -17.76 18.85
N LYS A 2646 53.53 -17.24 18.44
CA LYS A 2646 54.64 -18.09 18.02
C LYS A 2646 55.48 -18.59 19.20
N THR A 2647 55.64 -17.78 20.25
CA THR A 2647 56.40 -18.21 21.40
C THR A 2647 55.64 -19.28 22.18
N GLN A 2648 56.36 -20.31 22.61
CA GLN A 2648 55.73 -21.38 23.39
C GLN A 2648 55.16 -20.83 24.69
N ARG A 2649 53.94 -21.25 25.01
CA ARG A 2649 53.31 -20.85 26.26
C ARG A 2649 53.92 -21.63 27.42
N GLN A 2650 53.34 -21.46 28.60
CA GLN A 2650 53.85 -22.14 29.79
C GLN A 2650 53.83 -23.65 29.61
N GLN A 2651 54.93 -24.29 29.97
CA GLN A 2651 55.10 -25.73 29.81
C GLN A 2651 55.37 -26.38 31.16
N CYS A 2652 54.76 -27.54 31.38
CA CYS A 2652 54.97 -28.32 32.59
C CYS A 2652 55.09 -29.79 32.22
N SER A 2653 55.81 -30.54 33.05
CA SER A 2653 56.02 -31.96 32.80
C SER A 2653 54.72 -32.73 32.91
N ASN A 2654 54.32 -33.40 31.83
CA ASN A 2654 53.07 -34.15 31.83
C ASN A 2654 53.30 -35.53 32.42
N PRO A 2655 52.63 -35.90 33.52
CA PRO A 2655 52.74 -37.27 34.03
C PRO A 2655 52.26 -38.32 33.05
N CYS A 2656 51.33 -37.97 32.15
CA CYS A 2656 50.86 -38.91 31.15
C CYS A 2656 51.94 -39.28 30.13
N ASP A 2657 53.02 -38.50 30.07
CA ASP A 2657 54.12 -38.80 29.15
C ASP A 2657 54.92 -40.02 29.57
N GLN A 2658 54.69 -40.56 30.76
CA GLN A 2658 55.44 -41.68 31.29
C GLN A 2658 54.50 -42.87 31.48
N PHE A 2659 54.57 -43.83 30.55
CA PHE A 2659 53.75 -45.05 30.60
C PHE A 2659 52.26 -44.73 30.70
N ASN A 2660 51.84 -43.68 30.00
CA ASN A 2660 50.45 -43.24 29.99
C ASN A 2660 49.94 -42.93 31.39
N GLY A 2661 50.86 -42.60 32.30
CA GLY A 2661 50.48 -42.29 33.66
C GLY A 2661 49.86 -43.44 34.43
N GLY A 2662 49.99 -44.66 33.92
CA GLY A 2662 49.37 -45.81 34.55
C GLY A 2662 47.92 -46.01 34.20
N CYS A 2663 47.28 -45.06 33.55
CA CYS A 2663 45.90 -45.23 33.13
C CYS A 2663 45.80 -46.23 31.99
N SER A 2664 44.59 -46.76 31.79
CA SER A 2664 44.41 -47.80 30.79
C SER A 2664 44.20 -47.23 29.40
N HIS A 2665 43.24 -46.32 29.23
CA HIS A 2665 42.89 -45.85 27.90
C HIS A 2665 43.23 -44.38 27.67
N ILE A 2666 42.67 -43.49 28.48
CA ILE A 2666 42.78 -42.04 28.29
C ILE A 2666 43.10 -41.38 29.61
N CYS A 2667 44.17 -40.59 29.64
CA CYS A 2667 44.57 -39.88 30.84
C CYS A 2667 44.87 -38.43 30.51
N ALA A 2668 44.61 -37.57 31.48
CA ALA A 2668 44.88 -36.13 31.38
C ALA A 2668 45.57 -35.68 32.65
N PRO A 2669 46.47 -34.69 32.56
CA PRO A 2669 47.17 -34.22 33.75
C PRO A 2669 46.27 -33.44 34.68
N GLY A 2670 46.07 -33.95 35.90
CA GLY A 2670 45.25 -33.27 36.87
C GLY A 2670 46.06 -32.32 37.73
N PRO A 2671 45.38 -31.72 38.71
CA PRO A 2671 46.07 -30.79 39.62
C PRO A 2671 47.21 -31.43 40.39
N ASN A 2672 47.08 -32.71 40.77
CA ASN A 2672 48.12 -33.42 41.49
C ASN A 2672 48.83 -34.47 40.63
N GLY A 2673 48.10 -35.14 39.75
CA GLY A 2673 48.70 -36.15 38.90
C GLY A 2673 47.77 -36.52 37.77
N ALA A 2674 48.24 -37.45 36.94
CA ALA A 2674 47.47 -37.89 35.80
C ALA A 2674 46.14 -38.50 36.23
N GLU A 2675 45.06 -38.09 35.58
CA GLU A 2675 43.73 -38.61 35.87
C GLU A 2675 43.27 -39.50 34.72
N CYS A 2676 43.00 -40.76 35.03
CA CYS A 2676 42.54 -41.71 34.03
C CYS A 2676 41.10 -41.41 33.63
N GLN A 2677 40.73 -41.87 32.44
CA GLN A 2677 39.40 -41.61 31.91
C GLN A 2677 39.04 -42.74 30.95
N CYS A 2678 37.75 -42.93 30.73
CA CYS A 2678 37.24 -44.00 29.89
C CYS A 2678 36.63 -43.44 28.60
N PRO A 2679 36.61 -44.23 27.53
CA PRO A 2679 36.11 -43.71 26.25
C PRO A 2679 34.62 -43.38 26.30
N HIS A 2680 34.17 -42.66 25.27
CA HIS A 2680 32.79 -42.19 25.21
C HIS A 2680 31.81 -43.31 24.90
N GLU A 2681 32.27 -44.40 24.30
CA GLU A 2681 31.39 -45.50 23.90
C GLU A 2681 31.54 -46.65 24.88
N GLY A 2682 30.41 -47.20 25.30
CA GLY A 2682 30.38 -48.26 26.27
C GLY A 2682 30.20 -47.75 27.69
N ASN A 2683 29.80 -48.66 28.57
CA ASN A 2683 29.58 -48.36 29.99
C ASN A 2683 30.79 -48.87 30.76
N TRP A 2684 31.48 -47.96 31.45
CA TRP A 2684 32.72 -48.31 32.11
C TRP A 2684 32.70 -47.79 33.54
N TYR A 2685 33.68 -48.23 34.33
CA TYR A 2685 33.88 -47.74 35.68
C TYR A 2685 35.36 -47.83 36.02
N LEU A 2686 35.81 -46.87 36.85
CA LEU A 2686 37.23 -46.73 37.16
C LEU A 2686 37.61 -47.73 38.26
N ALA A 2687 37.95 -48.94 37.83
CA ALA A 2687 38.40 -49.96 38.76
C ALA A 2687 39.90 -49.85 38.98
N ASN A 2688 40.40 -50.61 39.96
CA ASN A 2688 41.83 -50.80 40.19
C ASN A 2688 42.53 -49.47 40.47
N ASP A 2689 42.17 -48.83 41.59
CA ASP A 2689 42.83 -47.56 41.99
C ASP A 2689 42.58 -46.49 40.91
N ASN A 2690 41.39 -46.49 40.32
CA ASN A 2690 41.03 -45.52 39.28
C ASN A 2690 42.00 -45.53 38.11
N LYS A 2691 42.81 -46.58 37.97
CA LYS A 2691 43.76 -46.66 36.87
C LYS A 2691 43.21 -47.45 35.70
N TYR A 2692 42.24 -48.32 35.93
CA TYR A 2692 41.76 -49.26 34.92
C TYR A 2692 40.29 -48.96 34.61
N CYS A 2693 39.98 -48.76 33.33
CA CYS A 2693 38.59 -48.68 32.90
C CYS A 2693 38.09 -50.07 32.53
N VAL A 2694 37.08 -50.53 33.26
CA VAL A 2694 36.53 -51.88 33.08
C VAL A 2694 35.04 -51.74 32.82
N VAL A 2695 34.48 -52.71 32.09
CA VAL A 2695 33.07 -52.67 31.75
C VAL A 2695 32.22 -52.70 33.01
N ASP A 2696 31.20 -51.85 33.05
CA ASP A 2696 30.33 -51.71 34.22
C ASP A 2696 29.20 -52.75 34.18
N THR A 2697 29.56 -53.98 34.54
CA THR A 2697 28.59 -55.07 34.64
C THR A 2697 28.00 -55.20 36.03
N GLY A 2698 28.45 -54.38 36.99
CA GLY A 2698 27.96 -54.45 38.35
C GLY A 2698 28.66 -55.45 39.24
N THR A 2699 29.58 -56.25 38.71
CA THR A 2699 30.30 -57.25 39.49
C THR A 2699 31.53 -56.62 40.16
N ARG A 2700 31.26 -55.73 41.10
CA ARG A 2700 32.34 -55.10 41.85
C ARG A 2700 33.06 -56.16 42.68
N CYS A 2701 34.37 -56.05 42.75
CA CYS A 2701 35.18 -57.11 43.35
C CYS A 2701 36.13 -56.56 44.42
N ASN A 2702 36.59 -57.49 45.26
CA ASN A 2702 37.09 -57.16 46.59
C ASN A 2702 38.44 -56.44 46.53
N GLN A 2703 38.74 -55.72 47.61
CA GLN A 2703 40.05 -55.10 47.78
C GLN A 2703 41.16 -56.16 47.85
N LEU A 2704 40.82 -57.39 48.22
CA LEU A 2704 41.75 -58.50 48.20
C LEU A 2704 41.95 -59.08 46.82
N GLN A 2705 41.55 -58.38 45.77
CA GLN A 2705 41.61 -58.89 44.41
C GLN A 2705 42.07 -57.79 43.46
N PHE A 2706 42.64 -58.21 42.34
CA PHE A 2706 43.11 -57.32 41.29
C PHE A 2706 42.21 -57.49 40.07
N THR A 2707 41.60 -56.39 39.63
CA THR A 2707 40.60 -56.43 38.56
C THR A 2707 41.29 -56.43 37.20
N CYS A 2708 40.90 -57.37 36.35
CA CYS A 2708 41.44 -57.46 35.00
C CYS A 2708 40.57 -56.65 34.04
N LEU A 2709 41.10 -56.38 32.85
CA LEU A 2709 40.27 -55.78 31.80
C LEU A 2709 39.15 -56.71 31.36
N ASN A 2710 39.28 -58.01 31.58
CA ASN A 2710 38.23 -58.98 31.29
C ASN A 2710 37.22 -59.10 32.41
N GLY A 2711 37.39 -58.35 33.50
CA GLY A 2711 36.52 -58.42 34.65
C GLY A 2711 36.90 -59.49 35.66
N HIS A 2712 37.88 -60.32 35.36
CA HIS A 2712 38.30 -61.36 36.29
C HIS A 2712 39.15 -60.74 37.40
N CYS A 2713 38.83 -61.05 38.65
CA CYS A 2713 39.63 -60.56 39.77
C CYS A 2713 40.42 -61.69 40.42
N ILE A 2714 41.61 -61.90 39.85
CA ILE A 2714 42.66 -62.61 40.56
C ILE A 2714 43.03 -61.84 41.83
N ASN A 2715 43.60 -62.54 42.80
CA ASN A 2715 44.02 -61.89 44.03
C ASN A 2715 45.13 -60.88 43.73
N GLN A 2716 45.20 -59.84 44.55
CA GLN A 2716 46.07 -58.70 44.26
C GLN A 2716 47.56 -59.05 44.32
N ASP A 2717 47.93 -60.22 44.83
CA ASP A 2717 49.33 -60.60 44.89
C ASP A 2717 49.85 -61.10 43.55
N TRP A 2718 48.98 -61.33 42.58
CA TRP A 2718 49.40 -61.97 41.34
C TRP A 2718 49.88 -60.96 40.30
N LYS A 2719 49.74 -59.65 40.57
CA LYS A 2719 50.14 -58.64 39.60
C LYS A 2719 51.66 -58.61 39.44
N CYS A 2720 52.09 -58.37 38.20
CA CYS A 2720 53.50 -58.14 37.88
C CYS A 2720 54.41 -59.24 38.43
N ASP A 2721 54.07 -60.49 38.09
CA ASP A 2721 54.94 -61.62 38.34
C ASP A 2721 55.29 -62.37 37.06
N ASN A 2722 55.21 -61.69 35.91
CA ASN A 2722 55.50 -62.21 34.57
C ASN A 2722 54.74 -63.51 34.29
N ASP A 2723 53.72 -63.79 35.10
CA ASP A 2723 52.79 -64.87 34.80
C ASP A 2723 51.48 -64.26 34.35
N ASN A 2724 51.05 -64.57 33.13
CA ASN A 2724 49.84 -63.99 32.59
C ASN A 2724 48.61 -64.61 33.24
N ASP A 2725 48.42 -64.32 34.53
CA ASP A 2725 47.24 -64.82 35.24
C ASP A 2725 45.96 -64.28 34.64
N CYS A 2726 45.99 -63.07 34.10
CA CYS A 2726 44.85 -62.53 33.37
C CYS A 2726 44.59 -63.29 32.08
N GLY A 2727 45.60 -63.94 31.51
CA GLY A 2727 45.46 -64.57 30.22
C GLY A 2727 45.82 -63.61 29.10
N ASP A 2728 45.17 -62.46 29.07
CA ASP A 2728 45.43 -61.43 28.08
C ASP A 2728 46.61 -60.53 28.45
N GLY A 2729 47.29 -60.80 29.57
CA GLY A 2729 48.45 -60.04 29.96
C GLY A 2729 48.17 -58.69 30.59
N SER A 2730 46.91 -58.40 30.93
CA SER A 2730 46.58 -57.11 31.53
C SER A 2730 47.23 -56.91 32.89
N ASP A 2731 47.28 -57.95 33.72
CA ASP A 2731 47.95 -57.85 35.02
C ASP A 2731 49.47 -57.83 34.89
N GLU A 2732 50.00 -57.96 33.68
CA GLU A 2732 51.44 -57.95 33.45
C GLU A 2732 51.88 -56.81 32.54
N LEU A 2733 50.98 -55.88 32.21
CA LEU A 2733 51.34 -54.78 31.33
C LEU A 2733 52.35 -53.86 32.02
N PRO A 2734 53.21 -53.20 31.25
CA PRO A 2734 54.21 -52.30 31.85
C PRO A 2734 53.60 -51.12 32.61
N THR A 2735 52.32 -50.81 32.34
CA THR A 2735 51.69 -49.66 32.98
C THR A 2735 51.65 -49.81 34.50
N VAL A 2736 51.24 -50.99 34.98
CA VAL A 2736 51.10 -51.20 36.42
C VAL A 2736 52.44 -51.57 37.04
N CYS A 2737 53.29 -52.29 36.31
CA CYS A 2737 54.56 -52.73 36.87
C CYS A 2737 55.54 -51.58 37.07
N ALA A 2738 55.31 -50.43 36.44
CA ALA A 2738 56.20 -49.30 36.64
C ALA A 2738 55.99 -48.65 38.01
N PHE A 2739 54.79 -48.80 38.59
CA PHE A 2739 54.48 -48.22 39.88
C PHE A 2739 54.15 -49.25 40.95
N HIS A 2740 53.97 -50.51 40.55
CA HIS A 2740 53.72 -51.59 41.54
C HIS A 2740 55.00 -51.80 42.34
N THR A 2741 54.98 -52.71 43.31
CA THR A 2741 56.21 -53.02 44.09
C THR A 2741 56.09 -54.46 44.60
N CYS A 2742 57.21 -55.05 45.03
CA CYS A 2742 57.19 -56.48 45.43
C CYS A 2742 56.92 -56.63 46.93
N ARG A 2743 56.02 -57.54 47.31
CA ARG A 2743 55.77 -57.82 48.71
C ARG A 2743 57.08 -57.93 49.46
N SER A 2744 57.08 -57.49 50.72
CA SER A 2744 58.30 -57.59 51.53
C SER A 2744 58.72 -59.05 51.74
N THR A 2745 57.76 -59.97 51.72
CA THR A 2745 58.04 -61.39 51.84
C THR A 2745 58.26 -62.06 50.48
N ALA A 2746 58.62 -61.29 49.46
CA ALA A 2746 58.88 -61.81 48.12
C ALA A 2746 60.22 -61.31 47.64
N PHE A 2747 60.56 -61.63 46.39
CA PHE A 2747 61.82 -61.25 45.78
C PHE A 2747 61.55 -60.39 44.54
N THR A 2748 62.33 -59.33 44.39
CA THR A 2748 62.14 -58.36 43.33
C THR A 2748 63.01 -58.71 42.13
N CYS A 2749 62.37 -58.81 40.97
CA CYS A 2749 63.09 -59.08 39.73
C CYS A 2749 63.70 -57.80 39.17
N GLY A 2750 64.70 -57.97 38.30
CA GLY A 2750 65.31 -56.82 37.66
C GLY A 2750 64.37 -56.10 36.71
N ASN A 2751 63.54 -56.85 35.99
CA ASN A 2751 62.57 -56.29 35.07
C ASN A 2751 61.31 -55.76 35.78
N GLY A 2752 61.33 -55.62 37.10
CA GLY A 2752 60.19 -55.10 37.83
C GLY A 2752 59.20 -56.13 38.31
N ARG A 2753 59.40 -57.41 37.99
CA ARG A 2753 58.48 -58.45 38.42
C ARG A 2753 58.78 -58.86 39.86
N CYS A 2754 57.87 -59.63 40.44
CA CYS A 2754 57.96 -60.05 41.83
C CYS A 2754 57.64 -61.54 41.95
N VAL A 2755 58.48 -62.27 42.67
CA VAL A 2755 58.28 -63.71 42.87
C VAL A 2755 58.56 -64.06 44.32
N PRO A 2756 57.85 -65.03 44.89
CA PRO A 2756 58.23 -65.55 46.21
C PRO A 2756 59.59 -66.23 46.15
N TYR A 2757 60.25 -66.30 47.32
CA TYR A 2757 61.62 -66.78 47.37
C TYR A 2757 61.76 -68.20 46.85
N HIS A 2758 60.75 -69.04 47.02
CA HIS A 2758 60.84 -70.40 46.52
C HIS A 2758 60.71 -70.48 45.00
N TYR A 2759 60.62 -69.35 44.32
CA TYR A 2759 60.67 -69.29 42.86
C TYR A 2759 62.02 -68.84 42.35
N ARG A 2760 63.05 -68.83 43.20
CA ARG A 2760 64.42 -68.53 42.79
C ARG A 2760 65.23 -69.82 42.73
N CYS A 2761 65.99 -69.99 41.64
CA CYS A 2761 66.84 -71.16 41.46
C CYS A 2761 66.06 -72.45 41.68
N ASP A 2762 64.86 -72.50 41.12
CA ASP A 2762 63.83 -73.46 41.50
C ASP A 2762 63.44 -74.34 40.32
N TYR A 2763 62.36 -75.11 40.50
CA TYR A 2763 61.83 -76.04 39.50
C TYR A 2763 61.88 -75.47 38.08
N TYR A 2764 61.42 -74.24 37.88
CA TYR A 2764 61.46 -73.64 36.57
C TYR A 2764 61.63 -72.14 36.69
N ASN A 2765 62.08 -71.51 35.62
CA ASN A 2765 62.29 -70.07 35.60
C ASN A 2765 60.96 -69.35 35.49
N ASP A 2766 60.71 -68.42 36.42
CA ASP A 2766 59.48 -67.64 36.38
C ASP A 2766 59.69 -66.18 36.74
N CYS A 2767 60.90 -65.63 36.64
CA CYS A 2767 61.15 -64.23 36.94
C CYS A 2767 61.18 -63.36 35.68
N GLY A 2768 61.40 -63.95 34.50
CA GLY A 2768 61.33 -63.22 33.26
C GLY A 2768 62.65 -62.70 32.73
N ASP A 2769 63.67 -62.58 33.57
CA ASP A 2769 65.01 -62.16 33.12
C ASP A 2769 66.10 -63.04 33.73
N ASN A 2770 65.74 -64.25 34.17
CA ASN A 2770 66.69 -65.24 34.70
C ASN A 2770 67.39 -64.74 35.96
N SER A 2771 66.85 -63.71 36.60
CA SER A 2771 67.41 -63.21 37.85
C SER A 2771 67.02 -64.07 39.05
N ASP A 2772 65.98 -64.90 38.93
CA ASP A 2772 65.66 -65.83 40.00
C ASP A 2772 66.67 -66.96 40.08
N GLU A 2773 67.03 -67.54 38.93
CA GLU A 2773 68.04 -68.59 38.86
C GLU A 2773 69.46 -68.06 39.05
N ALA A 2774 69.70 -66.79 38.77
CA ALA A 2774 71.00 -66.20 39.00
C ALA A 2774 71.07 -65.57 40.38
N GLY A 2775 72.26 -65.60 40.97
CA GLY A 2775 72.44 -65.04 42.29
C GLY A 2775 71.66 -65.75 43.37
N CYS A 2776 71.71 -67.09 43.39
CA CYS A 2776 71.00 -67.88 44.38
C CYS A 2776 71.34 -67.46 45.81
N GLN B 1309 54.43 -25.65 64.94
CA GLN B 1309 53.96 -25.10 63.68
C GLN B 1309 54.25 -26.06 62.53
N PRO B 1310 53.44 -26.00 61.47
CA PRO B 1310 53.72 -26.81 60.28
C PRO B 1310 55.05 -26.44 59.66
N PHE B 1311 55.50 -27.27 58.72
CA PHE B 1311 56.87 -27.15 58.20
C PHE B 1311 57.10 -25.82 57.51
N HIS B 1312 57.89 -24.96 58.16
CA HIS B 1312 58.41 -23.73 57.60
C HIS B 1312 59.63 -23.36 58.44
N CYS B 1313 60.07 -22.11 58.35
CA CYS B 1313 61.19 -21.67 59.19
C CYS B 1313 60.67 -20.72 60.27
N PRO B 1314 60.18 -21.25 61.40
CA PRO B 1314 59.64 -20.37 62.45
C PRO B 1314 60.72 -19.69 63.28
N SER B 1315 61.98 -20.07 63.15
CA SER B 1315 63.04 -19.51 63.96
C SER B 1315 63.49 -18.17 63.37
N THR B 1316 64.59 -17.63 63.89
CA THR B 1316 65.07 -16.33 63.44
C THR B 1316 65.71 -16.39 62.05
N GLN B 1317 65.92 -17.59 61.51
CA GLN B 1317 66.53 -17.70 60.19
C GLN B 1317 65.66 -17.02 59.14
N TRP B 1318 66.29 -16.22 58.29
CA TRP B 1318 65.59 -15.35 57.35
C TRP B 1318 65.05 -16.17 56.20
N GLN B 1319 63.72 -16.33 56.15
CA GLN B 1319 63.08 -17.11 55.10
C GLN B 1319 62.87 -16.26 53.85
N CYS B 1320 63.22 -16.82 52.70
CA CYS B 1320 62.95 -16.13 51.44
C CYS B 1320 61.46 -16.15 51.15
N PRO B 1321 60.92 -15.11 50.50
CA PRO B 1321 59.47 -15.06 50.26
C PRO B 1321 58.94 -16.20 49.41
N GLY B 1322 58.00 -16.97 49.97
CA GLY B 1322 57.34 -18.03 49.25
C GLY B 1322 58.08 -19.36 49.22
N TYR B 1323 59.34 -19.39 49.66
CA TYR B 1323 60.11 -20.62 49.62
C TYR B 1323 60.14 -21.29 51.00
N SER B 1324 60.35 -22.60 50.99
CA SER B 1324 60.52 -23.38 52.21
C SER B 1324 61.95 -23.38 52.70
N THR B 1325 62.76 -22.43 52.24
CA THR B 1325 64.17 -22.35 52.58
C THR B 1325 64.46 -21.03 53.29
N CYS B 1326 65.27 -21.10 54.35
CA CYS B 1326 65.68 -19.91 55.09
C CYS B 1326 67.20 -19.88 55.16
N ILE B 1327 67.74 -18.68 55.21
CA ILE B 1327 69.19 -18.46 55.14
C ILE B 1327 69.63 -17.67 56.36
N ASN B 1328 70.95 -17.54 56.49
CA ASN B 1328 71.53 -16.85 57.64
C ASN B 1328 71.24 -15.35 57.56
N LEU B 1329 71.22 -14.70 58.72
CA LEU B 1329 70.86 -13.29 58.80
C LEU B 1329 71.96 -12.38 58.26
N SER B 1330 73.18 -12.88 58.13
CA SER B 1330 74.27 -12.04 57.63
C SER B 1330 74.18 -11.83 56.13
N ALA B 1331 73.26 -12.52 55.46
CA ALA B 1331 73.21 -12.51 54.00
C ALA B 1331 72.76 -11.15 53.45
N LEU B 1332 72.06 -10.35 54.25
CA LEU B 1332 71.42 -9.14 53.77
C LEU B 1332 72.39 -8.16 53.15
N CYS B 1333 72.31 -7.97 51.82
CA CYS B 1333 73.14 -7.02 51.08
C CYS B 1333 74.62 -7.21 51.36
N ASP B 1334 75.07 -8.46 51.54
CA ASP B 1334 76.48 -8.72 51.83
C ASP B 1334 77.33 -8.87 50.57
N GLY B 1335 76.72 -8.85 49.38
CA GLY B 1335 77.46 -8.90 48.14
C GLY B 1335 77.24 -10.16 47.30
N VAL B 1336 76.63 -11.20 47.86
CA VAL B 1336 76.39 -12.44 47.15
C VAL B 1336 74.92 -12.81 47.28
N PHE B 1337 74.28 -13.12 46.16
CA PHE B 1337 72.88 -13.53 46.15
C PHE B 1337 72.75 -14.86 46.89
N ASP B 1338 71.99 -14.87 47.98
CA ASP B 1338 71.84 -16.06 48.81
C ASP B 1338 70.46 -16.70 48.70
N CYS B 1339 69.39 -15.90 48.68
CA CYS B 1339 68.06 -16.41 48.39
C CYS B 1339 67.97 -16.77 46.92
N PRO B 1340 67.01 -17.63 46.54
CA PRO B 1340 66.87 -17.97 45.12
C PRO B 1340 66.63 -16.76 44.23
N ASN B 1341 65.90 -15.76 44.73
CA ASN B 1341 65.70 -14.51 44.01
C ASN B 1341 66.72 -13.45 44.38
N GLY B 1342 67.66 -13.76 45.27
CA GLY B 1342 68.59 -12.75 45.75
C GLY B 1342 67.93 -11.67 46.58
N THR B 1343 66.94 -12.02 47.41
CA THR B 1343 66.27 -11.03 48.23
C THR B 1343 67.21 -10.43 49.26
N ASP B 1344 68.24 -11.17 49.67
CA ASP B 1344 69.26 -10.61 50.54
C ASP B 1344 69.97 -9.44 49.87
N GLU B 1345 70.32 -9.60 48.58
CA GLU B 1345 70.78 -8.48 47.78
C GLU B 1345 69.58 -7.74 47.20
N SER B 1346 68.73 -7.22 48.07
CA SER B 1346 67.47 -6.59 47.69
C SER B 1346 67.72 -5.36 46.84
N PRO B 1347 66.80 -5.02 45.92
CA PRO B 1347 66.91 -3.72 45.23
C PRO B 1347 66.92 -2.55 46.19
N LEU B 1348 66.21 -2.67 47.31
CA LEU B 1348 66.29 -1.69 48.40
C LEU B 1348 67.27 -2.20 49.46
N CYS B 1349 68.55 -2.17 49.09
CA CYS B 1349 69.63 -2.41 50.04
C CYS B 1349 70.73 -1.40 49.79
N ASN B 1350 71.69 -1.34 50.71
CA ASN B 1350 72.74 -0.32 50.71
C ASN B 1350 72.15 1.08 50.86
N GLN B 1351 71.12 1.21 51.68
CA GLN B 1351 70.63 2.50 52.14
C GLN B 1351 71.00 2.68 53.60
N ASP B 1352 71.51 3.86 53.94
CA ASP B 1352 72.02 4.10 55.28
C ASP B 1352 70.90 4.00 56.31
N SER B 1353 71.27 3.50 57.51
CA SER B 1353 70.32 3.36 58.60
C SER B 1353 69.79 4.72 59.04
N CYS B 1354 68.70 4.73 59.81
CA CYS B 1354 68.10 5.99 60.22
C CYS B 1354 68.99 6.79 61.17
N SER B 1355 70.03 6.18 61.72
CA SER B 1355 70.99 6.94 62.51
C SER B 1355 71.74 7.96 61.66
N HIS B 1356 71.68 7.84 60.33
CA HIS B 1356 72.33 8.75 59.41
C HIS B 1356 71.47 10.00 59.22
N PHE B 1357 71.34 10.76 60.31
CA PHE B 1357 70.56 12.01 60.34
C PHE B 1357 69.14 11.78 59.84
N ASN B 1358 68.45 10.85 60.52
CA ASN B 1358 67.08 10.46 60.17
C ASN B 1358 67.01 9.86 58.77
N GLY B 1359 68.16 9.43 58.23
CA GLY B 1359 68.22 8.87 56.89
C GLY B 1359 67.84 9.86 55.80
N GLY B 1360 67.82 11.15 56.15
CA GLY B 1360 67.41 12.18 55.22
C GLY B 1360 65.92 12.32 55.04
N CYS B 1361 65.12 11.52 55.73
CA CYS B 1361 63.67 11.58 55.58
C CYS B 1361 63.11 12.79 56.34
N THR B 1362 62.14 13.45 55.72
CA THR B 1362 61.55 14.65 56.30
C THR B 1362 60.49 14.36 57.35
N HIS B 1363 60.14 13.09 57.54
CA HIS B 1363 59.08 12.69 58.47
C HIS B 1363 59.54 11.43 59.16
N GLN B 1364 58.59 10.71 59.76
CA GLN B 1364 58.92 9.49 60.50
C GLN B 1364 59.69 8.52 59.61
N CYS B 1365 60.48 7.66 60.26
CA CYS B 1365 61.57 6.94 59.60
C CYS B 1365 61.58 5.48 60.01
N MET B 1366 61.96 4.62 59.05
CA MET B 1366 62.12 3.19 59.29
C MET B 1366 63.45 2.73 58.70
N GLN B 1367 64.05 1.74 59.37
CA GLN B 1367 65.36 1.24 58.98
C GLN B 1367 65.36 -0.30 59.00
N GLY B 1368 64.35 -0.89 58.37
CA GLY B 1368 64.18 -2.33 58.37
C GLY B 1368 65.27 -3.08 57.64
N PRO B 1369 65.08 -4.38 57.45
CA PRO B 1369 66.12 -5.20 56.80
C PRO B 1369 66.45 -4.76 55.38
N PHE B 1370 65.52 -4.09 54.70
CA PHE B 1370 65.74 -3.60 53.34
C PHE B 1370 66.09 -2.12 53.43
N GLY B 1371 67.36 -1.85 53.71
CA GLY B 1371 67.88 -0.48 53.74
C GLY B 1371 67.15 0.44 54.70
N ALA B 1372 66.43 1.41 54.13
CA ALA B 1372 65.66 2.36 54.92
C ALA B 1372 64.45 2.81 54.11
N THR B 1373 63.46 3.33 54.81
CA THR B 1373 62.22 3.78 54.18
C THR B 1373 61.72 5.05 54.86
N CYS B 1374 61.34 6.03 54.05
CA CYS B 1374 60.74 7.27 54.53
C CYS B 1374 59.23 7.17 54.42
N LEU B 1375 58.54 7.60 55.47
CA LEU B 1375 57.08 7.55 55.53
C LEU B 1375 56.53 8.95 55.76
N CYS B 1376 55.30 9.19 55.32
CA CYS B 1376 54.69 10.50 55.39
C CYS B 1376 53.32 10.42 56.03
N PRO B 1377 52.86 11.51 56.67
CA PRO B 1377 51.52 11.50 57.27
C PRO B 1377 50.43 11.52 56.20
N LEU B 1378 49.19 11.40 56.67
CA LEU B 1378 48.04 11.43 55.77
C LEU B 1378 47.99 12.76 55.01
N GLY B 1379 47.62 12.69 53.74
CA GLY B 1379 47.63 13.86 52.88
C GLY B 1379 48.98 14.16 52.25
N TYR B 1380 49.99 13.34 52.51
CA TYR B 1380 51.32 13.52 51.95
C TYR B 1380 51.69 12.31 51.10
N GLN B 1381 52.73 12.46 50.29
CA GLN B 1381 53.22 11.37 49.45
C GLN B 1381 54.73 11.47 49.32
N LEU B 1382 55.34 10.36 48.92
CA LEU B 1382 56.78 10.31 48.77
C LEU B 1382 57.20 10.99 47.47
N ALA B 1383 58.40 11.54 47.47
CA ALA B 1383 58.99 12.03 46.23
C ALA B 1383 59.46 10.86 45.38
N ASN B 1384 59.81 11.15 44.12
CA ASN B 1384 60.27 10.11 43.22
C ASN B 1384 61.52 9.42 43.75
N ASP B 1385 62.48 10.20 44.25
CA ASP B 1385 63.72 9.64 44.79
C ASP B 1385 63.61 9.35 46.28
N THR B 1386 62.41 9.36 46.84
CA THR B 1386 62.14 9.13 48.27
C THR B 1386 62.90 10.09 49.18
N LYS B 1387 63.36 11.22 48.65
CA LYS B 1387 64.13 12.15 49.46
C LYS B 1387 63.26 12.87 50.48
N THR B 1388 62.13 13.44 50.02
CA THR B 1388 61.28 14.26 50.86
C THR B 1388 59.82 13.87 50.65
N CYS B 1389 58.99 14.19 51.64
CA CYS B 1389 57.56 14.08 51.48
C CYS B 1389 57.04 15.24 50.63
N GLU B 1390 55.92 14.99 49.94
CA GLU B 1390 55.31 16.01 49.11
C GLU B 1390 53.80 16.01 49.35
N ASP B 1391 53.21 17.21 49.24
CA ASP B 1391 51.79 17.37 49.49
C ASP B 1391 50.96 16.86 48.32
N ILE B 1392 49.83 16.24 48.64
CA ILE B 1392 48.82 15.95 47.62
C ILE B 1392 48.02 17.20 47.33
N ASN B 1393 47.92 17.56 46.06
CA ASN B 1393 47.04 18.64 45.65
C ASN B 1393 45.67 18.03 45.42
N GLU B 1394 44.88 17.92 46.50
CA GLU B 1394 43.59 17.26 46.43
C GLU B 1394 42.60 17.96 45.51
N CYS B 1395 42.85 19.21 45.15
CA CYS B 1395 41.99 19.93 44.23
C CYS B 1395 42.39 19.73 42.77
N ASP B 1396 43.52 19.08 42.51
CA ASP B 1396 43.95 18.82 41.15
C ASP B 1396 43.37 17.53 40.57
N ILE B 1397 42.69 16.73 41.39
CA ILE B 1397 41.96 15.56 40.92
C ILE B 1397 40.49 15.97 40.81
N PRO B 1398 39.93 16.01 39.60
CA PRO B 1398 38.57 16.51 39.43
C PRO B 1398 37.55 15.67 40.18
N GLY B 1399 36.56 16.34 40.74
CA GLY B 1399 35.50 15.67 41.46
C GLY B 1399 35.82 15.27 42.88
N PHE B 1400 37.04 15.54 43.36
CA PHE B 1400 37.37 15.22 44.75
C PHE B 1400 36.51 16.03 45.71
N CYS B 1401 36.38 17.32 45.44
CA CYS B 1401 35.55 18.21 46.24
C CYS B 1401 34.51 18.82 45.32
N SER B 1402 33.24 18.77 45.74
CA SER B 1402 32.14 19.14 44.86
C SER B 1402 32.24 20.59 44.38
N GLN B 1403 32.55 21.52 45.29
CA GLN B 1403 32.64 22.93 44.93
C GLN B 1403 33.79 23.57 45.68
N HIS B 1404 34.50 24.46 44.98
CA HIS B 1404 35.45 25.40 45.58
C HIS B 1404 36.46 24.70 46.49
N CYS B 1405 37.29 23.86 45.87
CA CYS B 1405 38.35 23.19 46.62
C CYS B 1405 39.53 24.13 46.82
N VAL B 1406 40.09 24.10 48.03
CA VAL B 1406 41.25 24.91 48.40
C VAL B 1406 42.31 23.99 48.96
N ASN B 1407 43.55 24.16 48.51
CA ASN B 1407 44.64 23.28 48.92
C ASN B 1407 45.43 23.89 50.06
N MET B 1408 45.70 23.08 51.09
CA MET B 1408 46.50 23.48 52.24
C MET B 1408 47.85 22.77 52.19
N ARG B 1409 48.63 22.95 53.25
CA ARG B 1409 49.98 22.41 53.33
C ARG B 1409 49.97 20.88 53.35
N GLY B 1410 48.99 20.28 54.01
CA GLY B 1410 48.90 18.83 54.09
C GLY B 1410 47.46 18.35 54.07
N SER B 1411 46.55 19.26 53.74
CA SER B 1411 45.13 18.96 53.73
C SER B 1411 44.40 19.85 52.74
N PHE B 1412 43.08 19.91 52.84
CA PHE B 1412 42.28 20.71 51.91
C PHE B 1412 41.14 21.37 52.66
N ARG B 1413 40.65 22.48 52.11
CA ARG B 1413 39.50 23.19 52.62
C ARG B 1413 38.47 23.34 51.51
N CYS B 1414 37.20 23.18 51.88
CA CYS B 1414 36.12 23.19 50.90
C CYS B 1414 34.98 24.07 51.38
N ALA B 1415 34.23 24.59 50.42
CA ALA B 1415 33.04 25.39 50.69
C ALA B 1415 32.10 25.27 49.51
N CYS B 1416 30.84 25.56 49.74
CA CYS B 1416 29.82 25.44 48.71
C CYS B 1416 28.95 26.69 48.69
N ASP B 1417 28.25 26.88 47.56
CA ASP B 1417 27.49 28.09 47.35
C ASP B 1417 26.33 28.19 48.33
N PRO B 1418 25.82 29.40 48.57
CA PRO B 1418 24.73 29.58 49.54
C PRO B 1418 23.50 28.73 49.28
N GLU B 1419 23.39 28.07 48.13
CA GLU B 1419 22.30 27.13 47.89
C GLU B 1419 22.63 25.70 48.28
N TYR B 1420 23.81 25.47 48.87
CA TYR B 1420 24.25 24.13 49.23
C TYR B 1420 24.80 24.12 50.64
N THR B 1421 24.70 22.97 51.29
CA THR B 1421 25.21 22.76 52.64
C THR B 1421 26.17 21.59 52.65
N LEU B 1422 27.34 21.78 53.25
CA LEU B 1422 28.33 20.72 53.30
C LEU B 1422 27.84 19.56 54.16
N GLU B 1423 28.31 18.37 53.83
CA GLU B 1423 27.93 17.16 54.55
C GLU B 1423 28.95 16.87 55.66
N SER B 1424 28.82 15.68 56.26
CA SER B 1424 29.76 15.28 57.31
C SER B 1424 31.18 15.21 56.77
N ASP B 1425 31.36 14.60 55.60
CA ASP B 1425 32.64 14.68 54.90
C ASP B 1425 32.79 16.07 54.30
N GLY B 1426 33.99 16.64 54.40
CA GLY B 1426 34.22 17.99 53.94
C GLY B 1426 34.45 18.10 52.45
N ARG B 1427 33.76 17.26 51.67
CA ARG B 1427 33.94 17.26 50.23
C ARG B 1427 32.61 17.39 49.50
N THR B 1428 31.56 16.78 50.04
CA THR B 1428 30.27 16.73 49.37
C THR B 1428 29.27 17.68 50.03
N CYS B 1429 28.50 18.37 49.18
CA CYS B 1429 27.42 19.22 49.67
C CYS B 1429 26.16 18.94 48.86
N LYS B 1430 25.02 19.16 49.49
CA LYS B 1430 23.71 18.93 48.88
C LYS B 1430 22.89 20.20 48.93
N VAL B 1431 21.83 20.23 48.13
CA VAL B 1431 20.99 21.42 48.04
C VAL B 1431 20.36 21.72 49.40
N THR B 1432 20.26 23.01 49.71
CA THR B 1432 19.71 23.43 50.99
C THR B 1432 18.19 23.41 51.01
N GLY B 1433 17.56 23.33 49.85
CA GLY B 1433 16.12 23.38 49.79
C GLY B 1433 15.46 22.09 50.28
N SER B 1434 14.19 22.21 50.64
CA SER B 1434 13.39 21.08 51.06
C SER B 1434 12.59 20.45 49.92
N GLU B 1435 12.77 20.93 48.69
CA GLU B 1435 12.00 20.48 47.55
C GLU B 1435 12.89 19.62 46.65
N ASN B 1436 12.41 18.44 46.30
CA ASN B 1436 13.20 17.53 45.47
C ASN B 1436 13.19 18.01 44.02
N PRO B 1437 14.22 17.65 43.25
CA PRO B 1437 14.26 18.06 41.85
C PRO B 1437 13.26 17.29 41.00
N LEU B 1438 12.90 17.89 39.87
CA LEU B 1438 12.05 17.26 38.87
C LEU B 1438 12.83 17.16 37.56
N LEU B 1439 12.79 15.98 36.95
CA LEU B 1439 13.47 15.73 35.68
C LEU B 1439 12.41 15.67 34.58
N VAL B 1440 12.50 16.60 33.64
CA VAL B 1440 11.53 16.73 32.56
C VAL B 1440 12.22 16.37 31.24
N VAL B 1441 11.65 15.42 30.52
CA VAL B 1441 12.20 14.98 29.24
C VAL B 1441 11.12 15.16 28.17
N ALA B 1442 11.56 15.17 26.91
CA ALA B 1442 10.68 15.47 25.79
C ALA B 1442 10.58 14.28 24.85
N SER B 1443 9.66 13.37 25.15
CA SER B 1443 9.27 12.36 24.17
C SER B 1443 8.43 13.03 23.08
N ARG B 1444 8.35 12.37 21.93
CA ARG B 1444 7.70 12.97 20.77
C ARG B 1444 6.27 13.41 21.06
N ASP B 1445 5.45 12.51 21.60
CA ASP B 1445 4.05 12.80 21.82
C ASP B 1445 3.77 13.54 23.12
N LYS B 1446 4.57 13.31 24.17
CA LYS B 1446 4.21 13.81 25.49
C LYS B 1446 5.44 14.34 26.21
N ILE B 1447 5.21 15.21 27.19
CA ILE B 1447 6.25 15.67 28.08
C ILE B 1447 6.20 14.83 29.35
N ILE B 1448 7.33 14.23 29.71
CA ILE B 1448 7.41 13.30 30.83
C ILE B 1448 8.26 13.93 31.92
N VAL B 1449 7.69 14.05 33.12
CA VAL B 1449 8.37 14.66 34.26
C VAL B 1449 8.57 13.58 35.32
N ASP B 1450 9.79 13.48 35.84
CA ASP B 1450 10.15 12.48 36.84
C ASP B 1450 10.20 13.14 38.21
N ASN B 1451 9.35 12.68 39.12
CA ASN B 1451 9.41 13.07 40.53
C ASN B 1451 10.59 12.35 41.17
N ILE B 1452 11.69 13.07 41.38
CA ILE B 1452 12.88 12.45 41.97
C ILE B 1452 12.74 12.49 43.49
N THR B 1453 12.04 11.50 44.05
CA THR B 1453 11.80 11.45 45.49
C THR B 1453 12.53 10.23 46.05
N ALA B 1454 13.80 10.43 46.38
CA ALA B 1454 14.66 9.39 46.96
C ALA B 1454 14.67 8.13 46.10
N HIS B 1455 14.97 8.32 44.82
CA HIS B 1455 15.10 7.25 43.83
C HIS B 1455 13.79 6.50 43.61
N THR B 1456 12.69 7.01 44.14
CA THR B 1456 11.35 6.48 43.85
C THR B 1456 10.76 7.21 42.64
N HIS B 1457 11.33 6.93 41.48
CA HIS B 1457 10.95 7.62 40.26
C HIS B 1457 9.50 7.35 39.92
N ASN B 1458 8.79 8.42 39.53
CA ASN B 1458 7.35 8.32 39.25
C ASN B 1458 7.06 9.12 37.98
N LEU B 1459 6.92 8.41 36.86
CA LEU B 1459 6.61 9.06 35.60
C LEU B 1459 5.17 9.53 35.57
N TYR B 1460 4.94 10.71 35.01
CA TYR B 1460 3.60 11.17 34.66
C TYR B 1460 3.73 12.26 33.61
N SER B 1461 2.70 12.37 32.77
CA SER B 1461 2.71 13.38 31.73
C SER B 1461 2.47 14.76 32.34
N LEU B 1462 3.11 15.78 31.75
CA LEU B 1462 2.89 17.14 32.22
C LEU B 1462 1.75 17.81 31.46
N VAL B 1463 1.76 17.74 30.14
CA VAL B 1463 0.72 18.32 29.30
C VAL B 1463 0.25 17.25 28.32
N GLN B 1464 -1.00 17.38 27.86
CA GLN B 1464 -1.64 16.36 27.04
C GLN B 1464 -1.67 16.69 25.55
N ASP B 1465 -1.88 17.96 25.18
CA ASP B 1465 -2.07 18.32 23.78
C ASP B 1465 -0.76 18.42 23.00
N VAL B 1466 0.36 17.94 23.55
CA VAL B 1466 1.64 18.05 22.86
C VAL B 1466 1.66 17.11 21.66
N SER B 1467 2.24 17.58 20.56
CA SER B 1467 2.40 16.77 19.35
C SER B 1467 3.84 16.42 19.04
N PHE B 1468 4.76 17.39 19.06
CA PHE B 1468 6.18 17.11 18.86
C PHE B 1468 7.03 18.12 19.62
N VAL B 1469 7.42 17.79 20.85
CA VAL B 1469 8.20 18.71 21.66
C VAL B 1469 9.68 18.40 21.51
N VAL B 1470 10.49 19.44 21.34
CA VAL B 1470 11.91 19.30 21.12
C VAL B 1470 12.69 19.95 22.25
N ALA B 1471 12.40 21.23 22.50
CA ALA B 1471 13.14 21.99 23.50
C ALA B 1471 12.39 22.03 24.83
N LEU B 1472 13.14 22.22 25.91
CA LEU B 1472 12.57 22.29 27.26
C LEU B 1472 13.43 23.20 28.14
N ASP B 1473 12.76 24.04 28.92
CA ASP B 1473 13.41 24.86 29.93
C ASP B 1473 12.34 25.36 30.88
N PHE B 1474 12.77 25.94 32.01
CA PHE B 1474 11.84 26.34 33.06
C PHE B 1474 12.23 27.70 33.61
N ASP B 1475 11.25 28.38 34.19
CA ASP B 1475 11.44 29.66 34.85
C ASP B 1475 11.16 29.49 36.34
N SER B 1476 12.18 29.69 37.15
CA SER B 1476 12.01 29.51 38.60
C SER B 1476 11.26 30.68 39.22
N VAL B 1477 11.32 31.86 38.61
CA VAL B 1477 10.65 33.03 39.16
C VAL B 1477 9.15 32.84 39.18
N THR B 1478 8.57 32.30 38.11
CA THR B 1478 7.13 32.08 38.03
C THR B 1478 6.72 30.62 38.08
N GLY B 1479 7.68 29.69 38.11
CA GLY B 1479 7.33 28.28 38.20
C GLY B 1479 6.63 27.72 36.97
N ARG B 1480 7.10 28.06 35.78
CA ARG B 1480 6.50 27.58 34.54
C ARG B 1480 7.49 26.72 33.77
N VAL B 1481 6.97 25.89 32.87
CA VAL B 1481 7.76 25.01 32.02
C VAL B 1481 7.54 25.42 30.58
N PHE B 1482 8.62 25.71 29.87
CA PHE B 1482 8.57 26.16 28.48
C PHE B 1482 8.98 25.04 27.55
N TRP B 1483 8.30 24.93 26.42
CA TRP B 1483 8.66 23.95 25.41
C TRP B 1483 8.22 24.46 24.04
N SER B 1484 8.85 23.92 23.01
CA SER B 1484 8.55 24.27 21.63
C SER B 1484 8.02 23.06 20.89
N ASP B 1485 7.01 23.26 20.05
CA ASP B 1485 6.39 22.19 19.28
C ASP B 1485 6.89 22.29 17.84
N LEU B 1486 7.49 21.21 17.35
CA LEU B 1486 8.06 21.22 16.01
C LEU B 1486 6.97 21.16 14.94
N LEU B 1487 5.95 20.33 15.13
CA LEU B 1487 4.89 20.22 14.14
C LEU B 1487 3.99 21.45 14.13
N GLN B 1488 3.73 22.04 15.29
CA GLN B 1488 2.88 23.23 15.36
C GLN B 1488 3.66 24.50 15.03
N GLY B 1489 4.98 24.48 15.20
CA GLY B 1489 5.77 25.69 15.03
C GLY B 1489 5.48 26.75 16.07
N LYS B 1490 5.26 26.35 17.32
CA LYS B 1490 4.90 27.28 18.39
C LYS B 1490 5.73 26.98 19.63
N THR B 1491 5.88 28.00 20.46
CA THR B 1491 6.46 27.87 21.80
C THR B 1491 5.35 28.04 22.82
N TRP B 1492 5.28 27.14 23.78
CA TRP B 1492 4.25 27.15 24.81
C TRP B 1492 4.85 27.40 26.18
N SER B 1493 3.97 27.51 27.17
CA SER B 1493 4.36 27.60 28.57
C SER B 1493 3.20 27.09 29.41
N VAL B 1494 3.53 26.48 30.56
CA VAL B 1494 2.49 25.91 31.46
C VAL B 1494 3.02 25.96 32.88
N PHE B 1495 2.16 25.78 33.89
CA PHE B 1495 2.67 25.70 35.29
C PHE B 1495 3.10 24.26 35.54
N GLN B 1496 4.00 24.05 36.51
CA GLN B 1496 4.52 22.69 36.77
C GLN B 1496 3.37 21.74 37.17
N ASN B 1497 2.20 22.29 37.48
CA ASN B 1497 1.04 21.45 37.90
C ASN B 1497 0.18 21.13 36.67
N GLY B 1498 0.64 21.50 35.47
CA GLY B 1498 -0.08 21.13 34.23
C GLY B 1498 -1.23 22.05 33.90
N THR B 1499 -1.30 23.23 34.53
CA THR B 1499 -2.45 24.15 34.33
C THR B 1499 -1.97 25.46 33.69
N ASP B 1500 -2.76 26.03 32.79
CA ASP B 1500 -2.44 27.35 32.17
C ASP B 1500 -1.53 27.16 30.95
N LYS B 1501 -1.90 26.27 30.03
CA LYS B 1501 -1.09 26.12 28.79
C LYS B 1501 -1.34 27.38 27.96
N ARG B 1502 -0.41 28.33 27.98
CA ARG B 1502 -0.50 29.55 27.20
C ARG B 1502 0.64 29.60 26.19
N VAL B 1503 0.35 30.16 25.01
CA VAL B 1503 1.37 30.29 23.99
C VAL B 1503 2.21 31.55 24.25
N VAL B 1504 3.46 31.52 23.77
CA VAL B 1504 4.35 32.66 23.85
C VAL B 1504 4.85 33.07 22.47
N HIS B 1505 5.29 32.12 21.66
CA HIS B 1505 5.65 32.35 20.27
C HIS B 1505 4.71 31.52 19.40
N ASP B 1506 3.96 32.21 18.54
CA ASP B 1506 2.97 31.54 17.69
C ASP B 1506 3.40 31.44 16.23
N SER B 1507 4.41 32.21 15.81
CA SER B 1507 4.86 32.17 14.42
C SER B 1507 6.31 32.63 14.37
N GLY B 1508 6.96 32.31 13.25
CA GLY B 1508 8.34 32.69 13.07
C GLY B 1508 9.35 31.66 13.48
N LEU B 1509 8.91 30.44 13.78
CA LEU B 1509 9.78 29.35 14.20
C LEU B 1509 9.64 28.18 13.23
N SER B 1510 10.77 27.63 12.80
CA SER B 1510 10.76 26.49 11.89
C SER B 1510 11.28 25.23 12.57
N VAL B 1511 12.53 25.23 13.05
CA VAL B 1511 13.04 24.11 13.84
C VAL B 1511 13.76 24.66 15.06
N THR B 1512 13.03 24.79 16.17
CA THR B 1512 13.61 25.30 17.41
C THR B 1512 14.33 24.17 18.11
N GLU B 1513 15.65 24.28 18.23
CA GLU B 1513 16.43 23.17 18.76
C GLU B 1513 16.42 23.14 20.28
N MET B 1514 16.91 24.20 20.91
CA MET B 1514 16.89 24.32 22.36
C MET B 1514 16.43 25.71 22.77
N ILE B 1515 15.89 25.79 23.98
CA ILE B 1515 15.38 27.03 24.55
C ILE B 1515 16.05 27.24 25.90
N ALA B 1516 16.55 28.46 26.12
CA ALA B 1516 17.19 28.82 27.37
C ALA B 1516 16.65 30.16 27.83
N VAL B 1517 15.90 30.16 28.92
CA VAL B 1517 15.32 31.40 29.44
C VAL B 1517 16.35 32.12 30.29
N ASP B 1518 16.25 33.44 30.33
CA ASP B 1518 17.11 34.27 31.16
C ASP B 1518 16.29 34.70 32.38
N TRP B 1519 16.50 34.04 33.50
CA TRP B 1519 15.68 34.25 34.68
C TRP B 1519 16.04 35.51 35.46
N ILE B 1520 17.12 36.19 35.11
CA ILE B 1520 17.49 37.44 35.78
C ILE B 1520 16.98 38.61 34.96
N GLY B 1521 17.31 38.63 33.67
CA GLY B 1521 16.87 39.69 32.79
C GLY B 1521 15.51 39.49 32.15
N ARG B 1522 14.81 38.42 32.51
CA ARG B 1522 13.46 38.13 32.01
C ARG B 1522 13.42 38.01 30.49
N ASN B 1523 14.46 37.45 29.90
CA ASN B 1523 14.54 37.26 28.46
C ASN B 1523 14.46 35.78 28.11
N LEU B 1524 14.24 35.50 26.82
CA LEU B 1524 14.12 34.15 26.30
C LEU B 1524 15.02 34.01 25.09
N TYR B 1525 15.95 33.06 25.15
CA TYR B 1525 16.89 32.80 24.06
C TYR B 1525 16.60 31.43 23.48
N TRP B 1526 16.71 31.31 22.15
CA TRP B 1526 16.53 30.02 21.50
C TRP B 1526 17.32 30.01 20.20
N THR B 1527 17.60 28.79 19.73
CA THR B 1527 18.35 28.58 18.50
C THR B 1527 17.44 27.90 17.48
N ASP B 1528 17.41 28.44 16.26
CA ASP B 1528 16.57 27.90 15.19
C ASP B 1528 17.48 27.36 14.10
N TYR B 1529 17.33 26.05 13.81
CA TYR B 1529 18.24 25.39 12.89
C TYR B 1529 17.97 25.78 11.44
N ALA B 1530 16.71 25.91 11.06
CA ALA B 1530 16.37 26.27 9.70
C ALA B 1530 16.73 27.72 9.38
N LEU B 1531 16.45 28.65 10.30
CA LEU B 1531 16.78 30.05 10.07
C LEU B 1531 18.26 30.35 10.29
N GLU B 1532 18.98 29.46 10.98
CA GLU B 1532 20.41 29.63 11.26
C GLU B 1532 20.68 30.91 12.05
N THR B 1533 19.88 31.13 13.10
CA THR B 1533 20.01 32.32 13.92
C THR B 1533 19.89 31.95 15.39
N ILE B 1534 20.46 32.81 16.23
CA ILE B 1534 20.20 32.81 17.66
C ILE B 1534 19.32 34.01 17.95
N GLU B 1535 18.12 33.76 18.49
CA GLU B 1535 17.14 34.81 18.69
C GLU B 1535 16.91 35.03 20.18
N VAL B 1536 16.51 36.25 20.50
CA VAL B 1536 16.16 36.62 21.88
C VAL B 1536 14.84 37.35 21.85
N SER B 1537 14.09 37.22 22.94
CA SER B 1537 12.79 37.86 23.07
C SER B 1537 12.48 38.03 24.55
N LYS B 1538 11.48 38.86 24.84
CA LYS B 1538 11.01 38.99 26.20
C LYS B 1538 10.40 37.67 26.66
N ILE B 1539 10.34 37.48 27.98
CA ILE B 1539 9.90 36.21 28.54
C ILE B 1539 8.48 35.88 28.12
N ASP B 1540 7.66 36.89 27.84
CA ASP B 1540 6.32 36.68 27.32
C ASP B 1540 6.27 36.60 25.80
N GLY B 1541 7.42 36.76 25.13
CA GLY B 1541 7.49 36.67 23.69
C GLY B 1541 7.05 37.93 22.95
N SER B 1542 7.17 39.10 23.56
CA SER B 1542 6.65 40.31 22.94
C SER B 1542 7.58 40.83 21.84
N HIS B 1543 8.84 41.07 22.18
CA HIS B 1543 9.75 41.81 21.32
C HIS B 1543 10.88 40.89 20.86
N ARG B 1544 10.74 40.34 19.65
CA ARG B 1544 11.73 39.40 19.14
C ARG B 1544 12.74 40.09 18.24
N THR B 1545 14.01 39.77 18.43
CA THR B 1545 15.05 40.23 17.52
C THR B 1545 16.04 39.09 17.28
N VAL B 1546 16.75 39.17 16.16
CA VAL B 1546 17.79 38.21 15.84
C VAL B 1546 19.09 38.67 16.49
N LEU B 1547 19.68 37.81 17.31
CA LEU B 1547 20.86 38.20 18.08
C LEU B 1547 22.15 37.88 17.34
N ILE B 1548 22.34 36.63 16.94
CA ILE B 1548 23.55 36.18 16.26
C ILE B 1548 23.17 35.62 14.90
N SER B 1549 23.84 36.10 13.84
CA SER B 1549 23.63 35.62 12.48
C SER B 1549 24.90 35.40 11.67
N LYS B 1550 26.03 36.03 12.01
CA LYS B 1550 27.24 35.88 11.22
C LYS B 1550 28.01 34.62 11.62
N ASN B 1551 28.35 33.80 10.63
CA ASN B 1551 28.77 32.41 10.81
C ASN B 1551 27.98 31.69 11.89
N VAL B 1552 26.70 31.44 11.59
CA VAL B 1552 25.88 30.52 12.37
C VAL B 1552 25.27 29.55 11.36
N THR B 1553 25.82 28.34 11.28
CA THR B 1553 25.42 27.39 10.24
C THR B 1553 24.31 26.46 10.72
N LYS B 1554 24.60 25.65 11.74
CA LYS B 1554 23.62 24.72 12.31
C LYS B 1554 23.67 24.82 13.83
N PRO B 1555 23.04 25.86 14.40
CA PRO B 1555 23.11 26.04 15.85
C PRO B 1555 22.21 25.05 16.57
N ARG B 1556 22.79 24.30 17.51
CA ARG B 1556 21.97 23.39 18.30
C ARG B 1556 21.95 23.74 19.78
N GLY B 1557 23.11 23.78 20.42
CA GLY B 1557 23.15 23.96 21.85
C GLY B 1557 22.98 25.41 22.26
N LEU B 1558 22.68 25.61 23.55
CA LEU B 1558 22.52 26.95 24.09
C LEU B 1558 22.52 26.88 25.61
N ALA B 1559 23.35 27.70 26.24
CA ALA B 1559 23.40 27.78 27.69
C ALA B 1559 23.64 29.23 28.09
N LEU B 1560 23.20 29.60 29.29
CA LEU B 1560 23.26 30.97 29.76
C LEU B 1560 23.82 31.01 31.18
N ASP B 1561 24.50 32.12 31.49
CA ASP B 1561 24.96 32.42 32.84
C ASP B 1561 24.58 33.86 33.14
N PRO B 1562 23.33 34.10 33.55
CA PRO B 1562 22.85 35.48 33.74
C PRO B 1562 23.38 36.18 34.97
N ARG B 1563 24.21 35.52 35.78
CA ARG B 1563 24.80 36.19 36.93
C ARG B 1563 25.67 37.35 36.48
N MET B 1564 25.52 38.49 37.15
CA MET B 1564 26.06 39.74 36.64
C MET B 1564 27.58 39.69 36.51
N GLY B 1565 28.25 38.93 37.38
CA GLY B 1565 29.67 38.73 37.21
C GLY B 1565 30.04 38.10 35.89
N ASP B 1566 29.23 37.15 35.41
CA ASP B 1566 29.52 36.47 34.15
C ASP B 1566 28.77 37.11 32.98
N ASN B 1567 27.44 37.10 33.02
CA ASN B 1567 26.59 37.63 31.95
C ASN B 1567 27.05 37.15 30.58
N VAL B 1568 27.05 35.84 30.40
CA VAL B 1568 27.66 35.22 29.24
C VAL B 1568 26.71 34.16 28.66
N MET B 1569 26.86 33.90 27.37
CA MET B 1569 26.07 32.90 26.67
C MET B 1569 26.98 31.95 25.89
N PHE B 1570 26.50 30.73 25.70
CA PHE B 1570 27.21 29.71 24.93
C PHE B 1570 26.25 29.05 23.97
N TRP B 1571 26.76 28.65 22.80
CA TRP B 1571 25.97 27.87 21.85
C TRP B 1571 26.91 26.97 21.05
N SER B 1572 26.32 25.92 20.48
CA SER B 1572 27.06 24.94 19.71
C SER B 1572 26.56 24.94 18.26
N ASP B 1573 27.50 24.80 17.33
CA ASP B 1573 27.20 24.78 15.90
C ASP B 1573 27.88 23.56 15.29
N TRP B 1574 27.11 22.75 14.58
CA TRP B 1574 27.63 21.51 13.99
C TRP B 1574 27.71 21.58 12.46
N GLY B 1575 27.82 22.77 11.90
CA GLY B 1575 28.08 22.88 10.48
C GLY B 1575 29.53 22.55 10.20
N HIS B 1576 29.97 22.90 8.99
CA HIS B 1576 31.38 22.72 8.66
C HIS B 1576 32.23 23.60 9.56
N HIS B 1577 33.34 23.03 10.03
CA HIS B 1577 34.14 23.58 11.12
C HIS B 1577 33.28 23.71 12.37
N PRO B 1578 32.87 22.59 12.97
CA PRO B 1578 32.02 22.68 14.17
C PRO B 1578 32.79 23.27 15.34
N ARG B 1579 32.06 23.89 16.26
CA ARG B 1579 32.70 24.63 17.34
C ARG B 1579 31.68 24.92 18.43
N ILE B 1580 32.19 25.18 19.63
CA ILE B 1580 31.43 25.79 20.72
C ILE B 1580 31.84 27.25 20.82
N GLU B 1581 30.87 28.14 20.81
CA GLU B 1581 31.13 29.57 20.81
C GLU B 1581 30.67 30.20 22.11
N ARG B 1582 31.44 31.19 22.57
CA ARG B 1582 31.12 31.94 23.76
C ARG B 1582 30.93 33.40 23.40
N ALA B 1583 29.87 34.00 23.93
CA ALA B 1583 29.60 35.41 23.70
C ALA B 1583 28.79 35.96 24.86
N SER B 1584 29.01 37.23 25.16
CA SER B 1584 28.16 37.90 26.13
C SER B 1584 26.76 38.08 25.54
N MET B 1585 25.75 37.90 26.38
CA MET B 1585 24.39 38.16 25.93
C MET B 1585 24.28 39.62 25.47
N ASP B 1586 23.50 39.81 24.41
CA ASP B 1586 23.51 40.88 23.41
C ASP B 1586 24.55 40.65 22.31
N GLY B 1587 25.32 39.57 22.38
CA GLY B 1587 26.17 39.15 21.28
C GLY B 1587 27.29 40.08 20.89
N THR B 1588 27.93 40.75 21.85
CA THR B 1588 29.01 41.66 21.50
C THR B 1588 30.37 40.97 21.59
N MET B 1589 30.70 40.41 22.74
CA MET B 1589 32.01 39.79 22.96
C MET B 1589 32.04 38.34 22.47
N ARG B 1590 32.00 38.16 21.16
CA ARG B 1590 31.91 36.83 20.58
C ARG B 1590 33.29 36.21 20.39
N THR B 1591 33.44 34.95 20.80
CA THR B 1591 34.67 34.21 20.60
C THR B 1591 34.38 32.71 20.54
N VAL B 1592 35.34 31.96 20.01
CA VAL B 1592 35.25 30.50 19.95
C VAL B 1592 36.13 29.90 21.04
N ILE B 1593 35.59 28.93 21.77
CA ILE B 1593 36.29 28.37 22.92
C ILE B 1593 36.70 26.92 22.71
N VAL B 1594 35.93 26.19 21.92
CA VAL B 1594 36.21 24.77 21.66
C VAL B 1594 36.06 24.51 20.17
N GLN B 1595 37.16 24.13 19.51
CA GLN B 1595 37.12 23.80 18.10
C GLN B 1595 37.98 22.59 17.77
N GLU B 1596 38.64 22.03 18.78
CA GLU B 1596 39.52 20.88 18.58
C GLU B 1596 38.86 19.60 19.04
N LYS B 1597 39.04 18.54 18.26
CA LYS B 1597 38.44 17.24 18.51
C LYS B 1597 36.94 17.36 18.73
N ILE B 1598 36.29 18.01 17.77
CA ILE B 1598 34.85 18.23 17.84
C ILE B 1598 34.24 17.88 16.49
N TYR B 1599 33.12 17.17 16.53
CA TYR B 1599 32.43 16.69 15.34
C TYR B 1599 30.99 16.36 15.74
N TRP B 1600 30.02 17.09 15.20
CA TRP B 1600 28.64 17.02 15.66
C TRP B 1600 28.52 17.33 17.14
N PRO B 1601 28.80 18.56 17.57
CA PRO B 1601 28.53 18.93 18.97
C PRO B 1601 27.04 19.08 19.20
N CYS B 1602 26.58 18.62 20.35
CA CYS B 1602 25.16 18.62 20.68
C CYS B 1602 24.97 18.81 22.18
N GLY B 1603 24.06 19.69 22.55
CA GLY B 1603 23.69 19.88 23.94
C GLY B 1603 24.71 20.66 24.76
N LEU B 1604 24.22 21.49 25.67
CA LEU B 1604 25.08 22.28 26.53
C LEU B 1604 24.41 22.43 27.90
N SER B 1605 25.24 22.55 28.93
CA SER B 1605 24.76 22.83 30.27
C SER B 1605 25.90 23.45 31.06
N ILE B 1606 25.55 24.22 32.09
CA ILE B 1606 26.50 25.00 32.85
C ILE B 1606 26.48 24.54 34.31
N ASP B 1607 27.65 24.24 34.86
CA ASP B 1607 27.82 24.00 36.29
C ASP B 1607 28.05 25.36 36.94
N TYR B 1608 26.99 25.95 37.47
CA TYR B 1608 27.02 27.32 37.97
C TYR B 1608 27.99 27.51 39.13
N PRO B 1609 28.02 26.64 40.14
CA PRO B 1609 29.01 26.83 41.22
C PRO B 1609 30.44 26.85 40.74
N ASN B 1610 30.79 26.00 39.77
CA ASN B 1610 32.16 25.91 39.30
C ASN B 1610 32.41 26.66 37.99
N ARG B 1611 31.35 27.17 37.35
CA ARG B 1611 31.46 27.89 36.08
C ARG B 1611 32.16 27.02 35.03
N LEU B 1612 31.61 25.82 34.83
CA LEU B 1612 32.08 24.88 33.82
C LEU B 1612 30.95 24.61 32.85
N ILE B 1613 31.26 24.63 31.56
CA ILE B 1613 30.29 24.31 30.52
C ILE B 1613 30.46 22.85 30.11
N TYR B 1614 29.43 22.06 30.39
CA TYR B 1614 29.40 20.66 29.99
C TYR B 1614 28.85 20.55 28.58
N PHE B 1615 29.52 19.76 27.74
CA PHE B 1615 29.09 19.60 26.36
C PHE B 1615 29.22 18.14 25.96
N MET B 1616 28.50 17.78 24.90
CA MET B 1616 28.36 16.41 24.45
C MET B 1616 28.68 16.32 22.97
N ASP B 1617 28.84 15.10 22.48
CA ASP B 1617 29.20 14.86 21.09
C ASP B 1617 28.50 13.59 20.62
N ALA B 1618 27.91 13.65 19.42
CA ALA B 1618 27.17 12.53 18.86
C ALA B 1618 27.99 11.68 17.90
N TYR B 1619 29.00 12.26 17.25
CA TYR B 1619 29.85 11.53 16.33
C TYR B 1619 31.06 10.92 17.03
N LEU B 1620 31.74 11.70 17.86
CA LEU B 1620 32.84 11.19 18.66
C LEU B 1620 32.37 10.49 19.92
N ASP B 1621 31.10 10.67 20.30
CA ASP B 1621 30.48 9.92 21.39
C ASP B 1621 31.22 10.10 22.72
N TYR B 1622 31.20 11.34 23.20
CA TYR B 1622 31.80 11.65 24.48
C TYR B 1622 30.96 12.68 25.23
N ILE B 1623 31.26 12.84 26.51
CA ILE B 1623 30.75 13.92 27.34
C ILE B 1623 31.94 14.60 28.01
N GLU B 1624 32.03 15.92 27.88
CA GLU B 1624 33.18 16.65 28.37
C GLU B 1624 32.71 17.93 29.06
N PHE B 1625 33.67 18.62 29.67
CA PHE B 1625 33.44 19.94 30.25
C PHE B 1625 34.73 20.74 30.17
N CYS B 1626 34.58 22.06 30.28
CA CYS B 1626 35.73 22.96 30.23
C CYS B 1626 35.35 24.28 30.87
N ASP B 1627 36.35 25.12 31.09
CA ASP B 1627 36.13 26.44 31.66
C ASP B 1627 35.35 27.31 30.68
N TYR B 1628 35.03 28.53 31.14
CA TYR B 1628 34.32 29.48 30.27
C TYR B 1628 35.18 29.93 29.10
N ASP B 1629 36.51 29.82 29.21
CA ASP B 1629 37.42 30.18 28.14
C ASP B 1629 37.83 28.98 27.30
N GLY B 1630 37.30 27.80 27.60
CA GLY B 1630 37.66 26.60 26.88
C GLY B 1630 38.84 25.84 27.45
N HIS B 1631 39.55 26.40 28.42
CA HIS B 1631 40.69 25.73 29.01
C HIS B 1631 40.23 24.67 30.00
N ASN B 1632 41.18 23.86 30.47
CA ASN B 1632 40.93 22.78 31.42
C ASN B 1632 39.87 21.82 30.89
N ARG B 1633 39.98 21.48 29.60
CA ARG B 1633 39.05 20.55 28.98
C ARG B 1633 39.29 19.15 29.52
N ARG B 1634 38.21 18.49 29.94
CA ARG B 1634 38.30 17.18 30.58
C ARG B 1634 37.15 16.31 30.13
N GLN B 1635 37.35 15.00 30.22
CA GLN B 1635 36.37 14.01 29.79
C GLN B 1635 35.79 13.30 30.99
N VAL B 1636 34.47 13.13 31.00
CA VAL B 1636 33.77 12.37 32.03
C VAL B 1636 33.29 11.03 31.50
N ILE B 1637 32.91 10.97 30.23
CA ILE B 1637 32.55 9.73 29.55
C ILE B 1637 33.17 9.77 28.16
N ALA B 1638 34.22 9.00 27.96
CA ALA B 1638 34.89 8.95 26.67
C ALA B 1638 35.36 7.52 26.41
N SER B 1639 35.42 7.16 25.13
CA SER B 1639 35.78 5.82 24.72
C SER B 1639 34.89 4.77 25.39
N ASP B 1640 33.60 5.08 25.46
CA ASP B 1640 32.62 4.22 26.10
C ASP B 1640 31.51 3.91 25.12
N LEU B 1641 31.16 2.63 24.99
CA LEU B 1641 30.12 2.22 24.06
C LEU B 1641 28.72 2.59 24.54
N VAL B 1642 28.59 3.08 25.78
CA VAL B 1642 27.27 3.40 26.32
C VAL B 1642 26.63 4.53 25.52
N LEU B 1643 27.43 5.48 25.05
CA LEU B 1643 26.90 6.55 24.22
C LEU B 1643 26.76 6.08 22.78
N HIS B 1644 25.57 6.28 22.22
CA HIS B 1644 25.33 5.99 20.80
C HIS B 1644 24.99 7.25 20.02
N HIS B 1645 23.99 8.01 20.45
CA HIS B 1645 23.67 9.30 19.85
C HIS B 1645 23.04 10.19 20.91
N PRO B 1646 23.84 10.69 21.84
CA PRO B 1646 23.31 11.61 22.85
C PRO B 1646 22.87 12.92 22.22
N HIS B 1647 21.82 13.51 22.79
CA HIS B 1647 21.29 14.75 22.23
C HIS B 1647 21.35 15.93 23.21
N ALA B 1648 20.77 15.78 24.39
CA ALA B 1648 20.62 16.88 25.32
C ALA B 1648 21.24 16.52 26.66
N LEU B 1649 21.47 17.55 27.48
CA LEU B 1649 22.28 17.41 28.68
C LEU B 1649 21.64 18.17 29.83
N THR B 1650 21.92 17.71 31.05
CA THR B 1650 21.32 18.28 32.26
C THR B 1650 22.15 17.87 33.46
N LEU B 1651 22.37 18.83 34.36
CA LEU B 1651 23.17 18.63 35.56
C LEU B 1651 22.34 18.85 36.81
N PHE B 1652 22.72 18.16 37.89
CA PHE B 1652 22.13 18.40 39.20
C PHE B 1652 23.09 17.86 40.25
N GLU B 1653 23.49 18.72 41.19
CA GLU B 1653 24.42 18.37 42.26
C GLU B 1653 25.68 17.72 41.72
N ASP B 1654 25.78 16.40 41.85
CA ASP B 1654 26.93 15.65 41.34
C ASP B 1654 26.55 14.66 40.24
N PHE B 1655 25.30 14.69 39.78
CA PHE B 1655 24.85 13.79 38.74
C PHE B 1655 24.67 14.54 37.43
N VAL B 1656 24.80 13.81 36.33
CA VAL B 1656 24.62 14.35 34.99
C VAL B 1656 23.61 13.48 34.26
N TYR B 1657 22.61 14.11 33.65
CA TYR B 1657 21.54 13.41 32.95
C TYR B 1657 21.55 13.81 31.49
N TRP B 1658 21.40 12.83 30.60
CA TRP B 1658 21.40 13.08 29.17
C TRP B 1658 20.42 12.16 28.48
N THR B 1659 19.90 12.61 27.35
CA THR B 1659 18.99 11.84 26.52
C THR B 1659 19.74 11.28 25.33
N ASP B 1660 19.53 9.99 25.06
CA ASP B 1660 20.20 9.31 23.96
C ASP B 1660 19.16 8.97 22.90
N ARG B 1661 19.32 9.53 21.70
CA ARG B 1661 18.38 9.24 20.61
C ARG B 1661 18.63 7.88 19.98
N GLY B 1662 19.79 7.28 20.20
CA GLY B 1662 20.08 5.96 19.67
C GLY B 1662 19.43 4.87 20.49
N THR B 1663 19.77 4.81 21.78
CA THR B 1663 19.18 3.84 22.69
C THR B 1663 17.77 4.22 23.12
N ARG B 1664 17.32 5.43 22.79
CA ARG B 1664 15.99 5.92 23.18
C ARG B 1664 15.82 5.86 24.70
N GLN B 1665 16.85 6.28 25.42
CA GLN B 1665 16.84 6.29 26.87
C GLN B 1665 17.42 7.60 27.39
N VAL B 1666 17.00 7.97 28.60
CA VAL B 1666 17.62 9.05 29.36
C VAL B 1666 18.37 8.43 30.52
N MET B 1667 19.64 8.78 30.66
CA MET B 1667 20.51 8.07 31.58
C MET B 1667 21.07 9.00 32.63
N GLN B 1668 21.84 8.44 33.57
CA GLN B 1668 22.45 9.24 34.66
C GLN B 1668 23.88 8.76 34.92
N ALA B 1669 24.72 9.56 35.60
CA ALA B 1669 26.09 9.14 35.96
C ALA B 1669 26.81 10.25 36.74
N ASN B 1670 27.96 9.93 37.35
CA ASN B 1670 28.70 10.93 38.15
C ASN B 1670 29.26 12.01 37.22
N LYS B 1671 28.86 13.25 37.42
CA LYS B 1671 29.24 14.33 36.51
C LYS B 1671 30.73 14.63 36.54
N TRP B 1672 31.53 13.90 37.30
CA TRP B 1672 32.97 14.13 37.37
C TRP B 1672 33.79 13.04 36.72
N HIS B 1673 33.35 11.78 36.82
CA HIS B 1673 34.16 10.66 36.30
C HIS B 1673 33.33 9.76 35.38
N GLY B 1674 32.01 9.93 35.38
CA GLY B 1674 31.15 9.17 34.43
C GLY B 1674 30.85 7.76 34.88
N GLY B 1675 31.01 7.48 36.17
CA GLY B 1675 30.70 6.15 36.70
C GLY B 1675 29.29 6.09 37.25
N ASN B 1676 28.99 5.11 38.08
CA ASN B 1676 27.65 5.04 38.72
C ASN B 1676 26.57 5.22 37.65
N GLN B 1677 26.85 4.76 36.43
CA GLN B 1677 25.90 4.92 35.31
C GLN B 1677 24.64 4.10 35.61
N SER B 1678 23.47 4.65 35.29
CA SER B 1678 22.20 3.93 35.52
C SER B 1678 21.20 4.37 34.44
N VAL B 1679 20.01 3.76 34.39
CA VAL B 1679 19.02 4.23 33.42
C VAL B 1679 17.90 4.94 34.15
N VAL B 1680 17.52 6.12 33.68
CA VAL B 1680 16.42 6.85 34.30
C VAL B 1680 15.07 6.35 33.81
N MET B 1681 14.87 6.27 32.49
CA MET B 1681 13.63 5.72 31.96
C MET B 1681 13.84 5.32 30.51
N TYR B 1682 12.94 4.47 30.01
CA TYR B 1682 12.92 4.06 28.62
C TYR B 1682 11.78 4.77 27.90
N SER B 1683 12.08 5.32 26.74
CA SER B 1683 11.11 6.07 25.96
C SER B 1683 10.79 5.34 24.66
N VAL B 1684 9.50 5.30 24.32
CA VAL B 1684 9.09 4.68 23.06
C VAL B 1684 9.66 5.44 21.88
N HIS B 1685 9.59 6.77 21.93
CA HIS B 1685 10.13 7.61 20.88
C HIS B 1685 11.48 8.19 21.31
N GLN B 1686 12.09 8.95 20.41
CA GLN B 1686 13.38 9.55 20.70
C GLN B 1686 13.23 10.68 21.71
N PRO B 1687 13.93 10.63 22.85
CA PRO B 1687 13.87 11.74 23.81
C PRO B 1687 14.81 12.85 23.38
N LEU B 1688 14.25 14.02 23.10
CA LEU B 1688 15.03 15.12 22.56
C LEU B 1688 15.53 16.09 23.63
N GLY B 1689 14.61 16.70 24.37
CA GLY B 1689 15.00 17.70 25.36
C GLY B 1689 14.95 17.17 26.77
N ILE B 1690 15.70 17.84 27.64
CA ILE B 1690 15.75 17.48 29.05
C ILE B 1690 16.15 18.71 29.86
N THR B 1691 15.53 18.86 31.03
CA THR B 1691 15.89 19.92 31.97
C THR B 1691 15.50 19.48 33.37
N ALA B 1692 16.21 20.03 34.36
CA ALA B 1692 15.99 19.70 35.76
C ALA B 1692 15.36 20.90 36.45
N ILE B 1693 14.15 20.73 36.98
CA ILE B 1693 13.44 21.81 37.64
C ILE B 1693 13.87 21.83 39.11
N HIS B 1694 14.59 22.87 39.51
CA HIS B 1694 15.01 23.04 40.90
C HIS B 1694 15.53 24.46 41.09
N PRO B 1695 15.28 25.07 42.26
CA PRO B 1695 15.78 26.44 42.48
C PRO B 1695 17.29 26.56 42.39
N SER B 1696 18.04 25.51 42.70
CA SER B 1696 19.49 25.57 42.63
C SER B 1696 20.00 25.69 41.20
N ARG B 1697 19.20 25.28 40.22
CA ARG B 1697 19.61 25.39 38.82
C ARG B 1697 19.54 26.81 38.28
N GLN B 1698 18.89 27.73 39.00
CA GLN B 1698 18.77 29.12 38.59
C GLN B 1698 19.16 30.00 39.76
N PRO B 1699 20.46 30.18 39.99
CA PRO B 1699 20.92 30.96 41.14
C PRO B 1699 20.43 32.40 41.07
N PRO B 1700 20.08 33.00 42.20
CA PRO B 1700 19.67 34.41 42.19
C PRO B 1700 20.85 35.33 41.95
N SER B 1701 20.56 36.49 41.39
CA SER B 1701 21.58 37.50 41.13
C SER B 1701 20.92 38.87 41.06
N ARG B 1702 21.64 39.88 41.54
CA ARG B 1702 21.12 41.25 41.47
C ARG B 1702 20.98 41.67 40.01
N ASN B 1703 19.81 42.23 39.68
CA ASN B 1703 19.45 42.46 38.29
C ASN B 1703 19.98 43.81 37.84
N PRO B 1704 20.90 43.87 36.87
CA PRO B 1704 21.41 45.17 36.42
C PRO B 1704 20.44 45.95 35.56
N CYS B 1705 19.43 45.29 34.96
CA CYS B 1705 18.48 45.96 34.09
C CYS B 1705 17.23 46.43 34.81
N ALA B 1706 17.16 46.25 36.13
CA ALA B 1706 15.98 46.70 36.88
C ALA B 1706 15.84 48.21 36.84
N SER B 1707 16.96 48.94 36.85
CA SER B 1707 16.94 50.39 36.78
C SER B 1707 17.01 50.92 35.35
N ALA B 1708 17.06 50.03 34.36
CA ALA B 1708 17.16 50.46 32.98
C ALA B 1708 15.87 51.10 32.50
N SER B 1709 16.01 52.08 31.61
CA SER B 1709 14.88 52.75 30.98
C SER B 1709 14.78 52.44 29.50
N CYS B 1710 15.41 51.35 29.05
CA CYS B 1710 15.39 51.00 27.64
C CYS B 1710 13.98 50.63 27.21
N SER B 1711 13.55 51.16 26.07
CA SER B 1711 12.32 50.70 25.45
C SER B 1711 12.58 49.39 24.72
N HIS B 1712 11.53 48.56 24.64
CA HIS B 1712 11.60 47.24 23.99
C HIS B 1712 12.59 46.39 24.78
N LEU B 1713 13.55 45.73 24.14
CA LEU B 1713 14.38 44.74 24.79
C LEU B 1713 15.49 45.40 25.62
N CYS B 1714 15.79 44.77 26.76
CA CYS B 1714 16.95 45.10 27.56
C CYS B 1714 17.69 43.80 27.86
N LEU B 1715 18.94 43.70 27.42
CA LEU B 1715 19.71 42.47 27.49
C LEU B 1715 20.87 42.63 28.45
N LEU B 1716 21.06 41.65 29.33
CA LEU B 1716 22.20 41.65 30.22
C LEU B 1716 23.50 41.53 29.41
N SER B 1717 24.51 42.27 29.83
CA SER B 1717 25.78 42.31 29.12
C SER B 1717 26.92 42.10 30.09
N ALA B 1718 28.02 41.54 29.60
CA ALA B 1718 29.19 41.30 30.43
C ALA B 1718 30.17 42.45 30.39
N GLN B 1719 29.95 43.44 29.54
CA GLN B 1719 30.91 44.53 29.34
C GLN B 1719 30.43 45.79 30.03
N ALA B 1720 31.40 46.58 30.51
CA ALA B 1720 31.21 47.86 31.21
C ALA B 1720 30.57 47.65 32.58
N PRO B 1721 30.69 48.61 33.49
CA PRO B 1721 30.02 48.45 34.80
C PRO B 1721 28.50 48.43 34.71
N ARG B 1722 27.92 48.97 33.63
CA ARG B 1722 26.48 48.99 33.50
C ARG B 1722 25.90 47.58 33.37
N HIS B 1723 26.59 46.70 32.65
CA HIS B 1723 26.25 45.29 32.52
C HIS B 1723 24.89 45.07 31.86
N TYR B 1724 24.43 46.01 31.04
CA TYR B 1724 23.25 45.79 30.23
C TYR B 1724 23.34 46.67 28.99
N SER B 1725 22.59 46.29 27.96
CA SER B 1725 22.52 47.03 26.70
C SER B 1725 21.11 47.00 26.17
N CYS B 1726 20.65 48.14 25.66
CA CYS B 1726 19.30 48.22 25.10
C CYS B 1726 19.31 47.78 23.65
N ALA B 1727 18.21 47.13 23.24
CA ALA B 1727 18.06 46.67 21.87
C ALA B 1727 16.58 46.63 21.53
N CYS B 1728 16.28 46.59 20.23
CA CYS B 1728 14.90 46.62 19.78
C CYS B 1728 14.65 45.56 18.71
N PRO B 1729 13.40 45.17 18.50
CA PRO B 1729 13.10 44.05 17.59
C PRO B 1729 13.49 44.34 16.16
N SER B 1730 13.25 43.35 15.32
CA SER B 1730 13.50 43.47 13.89
C SER B 1730 12.64 44.58 13.29
N GLY B 1731 13.27 45.41 12.46
CA GLY B 1731 12.57 46.52 11.84
C GLY B 1731 12.63 47.83 12.61
N TRP B 1732 13.56 47.98 13.55
CA TRP B 1732 13.69 49.19 14.34
C TRP B 1732 15.13 49.67 14.32
N ASN B 1733 15.32 50.97 14.16
CA ASN B 1733 16.62 51.60 14.33
C ASN B 1733 16.97 51.65 15.81
N LEU B 1734 18.27 51.80 16.10
CA LEU B 1734 18.71 52.16 17.43
C LEU B 1734 19.04 53.65 17.46
N SER B 1735 18.39 54.38 18.35
CA SER B 1735 18.55 55.85 18.37
C SER B 1735 19.93 56.24 18.89
N ASP B 1736 20.31 57.48 18.60
CA ASP B 1736 21.57 58.01 19.13
C ASP B 1736 21.55 58.04 20.65
N ASP B 1737 20.42 58.46 21.23
CA ASP B 1737 20.20 58.25 22.65
C ASP B 1737 19.91 56.77 22.86
N SER B 1738 20.89 56.02 23.34
CA SER B 1738 20.82 54.57 23.28
C SER B 1738 19.92 53.98 24.37
N VAL B 1739 18.69 54.49 24.46
CA VAL B 1739 17.65 53.86 25.27
C VAL B 1739 16.32 53.75 24.53
N ASN B 1740 16.17 54.44 23.40
CA ASN B 1740 14.93 54.46 22.64
C ASN B 1740 15.17 53.89 21.24
N CYS B 1741 14.09 53.42 20.62
CA CYS B 1741 14.14 52.88 19.28
C CYS B 1741 12.96 53.37 18.46
N VAL B 1742 13.19 53.56 17.18
CA VAL B 1742 12.17 54.05 16.25
C VAL B 1742 11.97 53.02 15.15
N ARG B 1743 10.71 52.80 14.78
CA ARG B 1743 10.39 51.82 13.75
C ARG B 1743 11.03 52.21 12.42
N GLY B 1744 11.68 51.24 11.78
CA GLY B 1744 12.31 51.48 10.49
C GLY B 1744 11.29 51.57 9.38
N ASP B 1745 11.15 52.76 8.80
CA ASP B 1745 10.21 52.98 7.71
C ASP B 1745 10.78 52.64 6.35
N GLN B 1746 12.05 52.24 6.27
CA GLN B 1746 12.67 51.94 5.00
C GLN B 1746 12.07 50.66 4.40
N PRO B 1747 12.04 50.56 3.07
CA PRO B 1747 11.48 49.36 2.44
C PRO B 1747 12.40 48.15 2.61
N PHE B 1748 11.81 46.98 2.38
CA PHE B 1748 12.57 45.73 2.35
C PHE B 1748 11.90 44.77 1.37
N LEU B 1749 12.67 43.80 0.91
CA LEU B 1749 12.21 42.85 -0.10
C LEU B 1749 11.69 41.59 0.58
N MET B 1750 10.43 41.26 0.33
CA MET B 1750 9.87 40.01 0.81
C MET B 1750 10.16 38.90 -0.18
N SER B 1751 10.94 37.91 0.24
CA SER B 1751 11.33 36.80 -0.62
C SER B 1751 10.50 35.59 -0.25
N VAL B 1752 9.55 35.25 -1.11
CA VAL B 1752 8.69 34.09 -0.87
C VAL B 1752 9.43 32.83 -1.30
N ARG B 1753 9.37 31.80 -0.45
CA ARG B 1753 9.98 30.51 -0.75
C ARG B 1753 8.94 29.43 -0.47
N ASP B 1754 9.30 28.19 -0.81
CA ASP B 1754 8.30 27.13 -0.86
C ASP B 1754 7.64 26.91 0.49
N ASN B 1755 8.40 26.99 1.57
CA ASN B 1755 7.86 26.75 2.90
C ASN B 1755 8.13 27.87 3.89
N ILE B 1756 8.54 29.05 3.43
CA ILE B 1756 8.84 30.17 4.32
C ILE B 1756 8.87 31.44 3.49
N ILE B 1757 8.57 32.56 4.15
CA ILE B 1757 8.64 33.89 3.53
C ILE B 1757 9.63 34.71 4.33
N PHE B 1758 10.61 35.28 3.65
CA PHE B 1758 11.69 36.04 4.28
C PHE B 1758 11.60 37.50 3.90
N GLY B 1759 11.79 38.37 4.89
CA GLY B 1759 11.97 39.79 4.62
C GLY B 1759 13.43 40.17 4.72
N ILE B 1760 14.04 40.51 3.59
CA ILE B 1760 15.46 40.81 3.53
C ILE B 1760 15.64 42.27 3.17
N SER B 1761 16.77 42.85 3.60
CA SER B 1761 17.04 44.25 3.35
C SER B 1761 17.38 44.48 1.88
N LEU B 1762 17.02 45.66 1.37
CA LEU B 1762 17.34 46.00 -0.01
C LEU B 1762 18.83 46.21 -0.23
N ASP B 1763 19.59 46.45 0.84
CA ASP B 1763 21.03 46.60 0.73
C ASP B 1763 21.66 45.24 0.45
N PRO B 1764 22.36 45.06 -0.67
CA PRO B 1764 22.98 43.75 -0.95
C PRO B 1764 24.04 43.34 0.06
N GLU B 1765 24.68 44.29 0.73
CA GLU B 1765 25.74 43.95 1.67
C GLU B 1765 25.23 43.39 2.99
N VAL B 1766 23.97 43.62 3.33
CA VAL B 1766 23.38 43.15 4.57
C VAL B 1766 22.69 41.82 4.29
N LYS B 1767 23.15 40.75 4.95
CA LYS B 1767 22.64 39.41 4.72
C LYS B 1767 22.04 38.78 5.96
N SER B 1768 21.36 39.57 6.80
CA SER B 1768 20.83 39.05 8.04
C SER B 1768 19.48 38.36 7.86
N ASN B 1769 18.73 38.73 6.81
CA ASN B 1769 17.40 38.17 6.57
C ASN B 1769 16.49 38.36 7.78
N ASP B 1770 16.48 39.57 8.33
CA ASP B 1770 15.70 39.86 9.53
C ASP B 1770 14.95 41.17 9.44
N ALA B 1771 14.60 41.61 8.22
CA ALA B 1771 13.81 42.83 8.09
C ALA B 1771 12.41 42.68 8.67
N MET B 1772 11.94 41.45 8.83
CA MET B 1772 10.64 41.16 9.42
C MET B 1772 10.68 39.75 9.98
N VAL B 1773 9.75 39.46 10.89
CA VAL B 1773 9.70 38.10 11.45
C VAL B 1773 9.32 37.13 10.36
N PRO B 1774 10.11 36.08 10.12
CA PRO B 1774 9.82 35.17 8.99
C PRO B 1774 8.48 34.48 9.16
N ILE B 1775 7.83 34.23 8.04
CA ILE B 1775 6.54 33.54 8.01
C ILE B 1775 6.83 32.08 7.70
N SER B 1776 6.97 31.27 8.74
CA SER B 1776 7.23 29.85 8.56
C SER B 1776 5.90 29.09 8.43
N GLY B 1777 6.02 27.83 8.02
CA GLY B 1777 4.86 26.97 7.93
C GLY B 1777 4.04 27.12 6.67
N ILE B 1778 4.63 27.64 5.59
CA ILE B 1778 3.90 27.75 4.33
C ILE B 1778 3.89 26.41 3.63
N GLN B 1779 2.73 26.05 3.07
CA GLN B 1779 2.62 24.76 2.38
C GLN B 1779 3.21 24.84 0.98
N HIS B 1780 2.63 25.69 0.11
CA HIS B 1780 3.11 25.87 -1.26
C HIS B 1780 3.09 27.37 -1.55
N GLY B 1781 4.21 28.03 -1.29
CA GLY B 1781 4.26 29.47 -1.44
C GLY B 1781 4.60 29.88 -2.86
N TYR B 1782 3.75 30.73 -3.44
CA TYR B 1782 4.02 31.29 -4.75
C TYR B 1782 4.11 32.82 -4.69
N ASP B 1783 3.11 33.44 -4.06
CA ASP B 1783 3.00 34.89 -4.06
C ASP B 1783 2.67 35.39 -2.67
N VAL B 1784 3.04 36.64 -2.41
CA VAL B 1784 2.76 37.30 -1.15
C VAL B 1784 2.18 38.67 -1.45
N GLU B 1785 1.49 39.25 -0.47
CA GLU B 1785 0.91 40.57 -0.63
C GLU B 1785 0.73 41.18 0.74
N PHE B 1786 0.82 42.51 0.80
CA PHE B 1786 0.89 43.21 2.08
C PHE B 1786 -0.04 44.41 2.08
N ASP B 1787 -0.41 44.82 3.28
CA ASP B 1787 -1.12 46.07 3.53
C ASP B 1787 -0.26 46.94 4.43
N ASP B 1788 0.15 48.10 3.94
CA ASP B 1788 0.95 49.01 4.73
C ASP B 1788 0.21 49.40 6.00
N SER B 1789 -1.03 49.88 5.86
CA SER B 1789 -1.88 50.09 7.00
C SER B 1789 -2.14 48.77 7.71
N GLU B 1790 -2.09 48.80 9.04
CA GLU B 1790 -2.24 47.63 9.91
C GLU B 1790 -1.04 46.68 9.79
N GLN B 1791 -0.12 46.97 8.88
CA GLN B 1791 1.12 46.20 8.71
C GLN B 1791 0.86 44.70 8.63
N PHE B 1792 0.02 44.30 7.69
CA PHE B 1792 -0.35 42.90 7.53
C PHE B 1792 0.26 42.31 6.27
N ILE B 1793 0.58 41.01 6.33
CA ILE B 1793 1.14 40.27 5.22
C ILE B 1793 0.18 39.15 4.85
N TYR B 1794 -0.21 39.11 3.58
CA TYR B 1794 -1.24 38.18 3.10
C TYR B 1794 -0.63 37.15 2.17
N TRP B 1795 -1.08 35.90 2.29
CA TRP B 1795 -0.72 34.84 1.37
C TRP B 1795 -1.81 33.79 1.40
N VAL B 1796 -1.85 32.95 0.36
CA VAL B 1796 -2.86 31.92 0.22
C VAL B 1796 -2.28 30.59 0.67
N GLU B 1797 -3.16 29.62 0.92
CA GLU B 1797 -2.77 28.28 1.33
C GLU B 1797 -3.52 27.24 0.52
N ASN B 1798 -3.06 26.00 0.63
CA ASN B 1798 -3.59 24.91 -0.20
C ASN B 1798 -5.09 24.69 -0.04
N PRO B 1799 -5.66 24.59 1.17
CA PRO B 1799 -7.08 24.21 1.28
C PRO B 1799 -8.06 25.21 0.68
N GLY B 1800 -7.59 26.29 0.06
CA GLY B 1800 -8.50 27.27 -0.51
C GLY B 1800 -8.89 28.34 0.48
N GLU B 1801 -7.89 29.01 1.05
CA GLU B 1801 -8.11 30.05 2.04
C GLU B 1801 -6.94 31.02 2.01
N ILE B 1802 -7.14 32.18 2.62
CA ILE B 1802 -6.15 33.25 2.64
C ILE B 1802 -5.79 33.55 4.10
N HIS B 1803 -4.50 33.67 4.37
CA HIS B 1803 -3.99 33.91 5.71
C HIS B 1803 -3.39 35.29 5.83
N ARG B 1804 -3.21 35.74 7.06
CA ARG B 1804 -2.65 37.05 7.34
C ARG B 1804 -1.77 36.95 8.59
N VAL B 1805 -0.87 37.92 8.73
CA VAL B 1805 -0.02 38.03 9.90
C VAL B 1805 0.58 39.43 9.93
N LYS B 1806 0.90 39.91 11.12
CA LYS B 1806 1.61 41.17 11.26
C LYS B 1806 3.06 41.00 10.85
N THR B 1807 3.74 42.12 10.61
CA THR B 1807 5.17 42.07 10.40
C THR B 1807 5.91 41.66 11.66
N ASP B 1808 5.26 41.80 12.81
CA ASP B 1808 5.80 41.34 14.08
C ASP B 1808 5.45 39.89 14.40
N GLY B 1809 4.57 39.28 13.60
CA GLY B 1809 4.10 37.93 13.88
C GLY B 1809 3.10 37.81 15.00
N SER B 1810 2.30 38.84 15.25
CA SER B 1810 1.44 38.88 16.42
C SER B 1810 0.03 38.38 16.18
N ASN B 1811 -0.46 38.45 14.94
CA ASN B 1811 -1.88 38.18 14.67
C ASN B 1811 -2.03 37.16 13.55
N ARG B 1812 -1.29 36.06 13.61
CA ARG B 1812 -1.41 35.04 12.58
C ARG B 1812 -2.75 34.34 12.67
N THR B 1813 -3.60 34.57 11.66
CA THR B 1813 -4.93 33.98 11.61
C THR B 1813 -5.27 33.67 10.16
N VAL B 1814 -6.23 32.76 9.98
CA VAL B 1814 -6.79 32.55 8.65
C VAL B 1814 -7.82 33.65 8.40
N PHE B 1815 -7.67 34.37 7.28
CA PHE B 1815 -8.43 35.59 7.11
C PHE B 1815 -9.84 35.31 6.61
N ALA B 1816 -9.98 34.57 5.51
CA ALA B 1816 -11.29 34.32 4.93
C ALA B 1816 -11.21 33.11 4.02
N PRO B 1817 -12.32 32.41 3.82
CA PRO B 1817 -12.37 31.39 2.76
C PRO B 1817 -12.28 32.06 1.39
N LEU B 1818 -11.44 31.50 0.52
CA LEU B 1818 -11.12 32.14 -0.74
C LEU B 1818 -11.97 31.60 -1.89
N SER B 1819 -11.94 30.30 -2.13
CA SER B 1819 -12.71 29.71 -3.21
C SER B 1819 -12.94 28.24 -2.91
N LEU B 1820 -14.15 27.75 -3.20
CA LEU B 1820 -14.47 26.35 -2.99
C LEU B 1820 -14.08 25.47 -4.17
N LEU B 1821 -13.64 26.07 -5.28
CA LEU B 1821 -13.34 25.34 -6.51
C LEU B 1821 -11.86 25.23 -6.80
N GLY B 1822 -11.02 25.08 -5.78
CA GLY B 1822 -9.59 24.96 -5.98
C GLY B 1822 -8.80 26.09 -5.35
N SER B 1823 -7.48 25.92 -5.40
CA SER B 1823 -6.57 26.86 -4.78
C SER B 1823 -6.30 28.06 -5.68
N SER B 1824 -5.87 29.15 -5.06
CA SER B 1824 -5.53 30.37 -5.78
C SER B 1824 -4.01 30.48 -5.92
N LEU B 1825 -3.59 31.18 -6.98
CA LEU B 1825 -2.17 31.29 -7.27
C LEU B 1825 -1.66 32.73 -7.14
N GLY B 1826 -2.29 33.65 -7.87
CA GLY B 1826 -1.79 35.02 -7.89
C GLY B 1826 -2.47 35.90 -6.86
N LEU B 1827 -1.80 36.99 -6.51
CA LEU B 1827 -2.31 37.93 -5.52
C LEU B 1827 -2.02 39.37 -5.97
N ALA B 1828 -2.96 40.26 -5.65
CA ALA B 1828 -2.82 41.68 -5.87
C ALA B 1828 -3.80 42.41 -4.96
N LEU B 1829 -3.34 43.48 -4.34
CA LEU B 1829 -4.14 44.19 -3.33
C LEU B 1829 -4.38 45.62 -3.79
N ASP B 1830 -5.65 46.02 -3.78
CA ASP B 1830 -6.04 47.40 -4.06
C ASP B 1830 -6.03 48.13 -2.72
N TRP B 1831 -4.90 48.75 -2.40
CA TRP B 1831 -4.75 49.40 -1.10
C TRP B 1831 -5.60 50.65 -0.98
N VAL B 1832 -5.90 51.31 -2.10
CA VAL B 1832 -6.71 52.52 -2.06
C VAL B 1832 -8.14 52.21 -1.63
N SER B 1833 -8.73 51.14 -2.19
CA SER B 1833 -10.11 50.79 -1.93
C SER B 1833 -10.27 49.60 -1.00
N ARG B 1834 -9.17 49.10 -0.43
CA ARG B 1834 -9.21 47.97 0.52
C ARG B 1834 -9.86 46.73 -0.10
N ASN B 1835 -9.46 46.40 -1.32
CA ASN B 1835 -9.81 45.15 -1.97
C ASN B 1835 -8.55 44.34 -2.25
N ILE B 1836 -8.74 43.03 -2.44
CA ILE B 1836 -7.65 42.14 -2.82
C ILE B 1836 -8.10 41.32 -4.02
N TYR B 1837 -7.22 41.18 -5.01
CA TYR B 1837 -7.50 40.45 -6.23
C TYR B 1837 -6.64 39.21 -6.28
N TYR B 1838 -7.21 38.11 -6.76
CA TYR B 1838 -6.50 36.84 -6.79
C TYR B 1838 -7.01 35.99 -7.95
N THR B 1839 -6.13 35.15 -8.47
CA THR B 1839 -6.46 34.27 -9.59
C THR B 1839 -6.47 32.82 -9.12
N THR B 1840 -7.44 32.07 -9.62
CA THR B 1840 -7.57 30.65 -9.30
C THR B 1840 -7.53 29.83 -10.59
N PRO B 1841 -6.38 29.26 -10.93
CA PRO B 1841 -6.30 28.46 -12.16
C PRO B 1841 -7.20 27.23 -12.14
N ALA B 1842 -7.53 26.70 -10.97
CA ALA B 1842 -8.42 25.54 -10.90
C ALA B 1842 -9.80 25.89 -11.44
N SER B 1843 -10.34 27.04 -11.05
CA SER B 1843 -11.61 27.51 -11.58
C SER B 1843 -11.46 28.38 -12.81
N ARG B 1844 -10.23 28.77 -13.15
CA ARG B 1844 -9.94 29.60 -14.32
C ARG B 1844 -10.72 30.91 -14.27
N SER B 1845 -10.49 31.69 -13.22
CA SER B 1845 -11.18 32.95 -13.03
C SER B 1845 -10.31 33.92 -12.23
N ILE B 1846 -10.63 35.20 -12.35
CA ILE B 1846 -10.01 36.25 -11.57
C ILE B 1846 -11.07 36.82 -10.63
N GLU B 1847 -10.80 36.77 -9.34
CA GLU B 1847 -11.80 37.07 -8.33
C GLU B 1847 -11.34 38.22 -7.45
N VAL B 1848 -12.30 38.90 -6.83
CA VAL B 1848 -12.04 40.00 -5.93
C VAL B 1848 -12.65 39.68 -4.57
N LEU B 1849 -11.92 40.03 -3.51
CA LEU B 1849 -12.37 39.83 -2.14
C LEU B 1849 -12.15 41.10 -1.35
N THR B 1850 -13.13 41.48 -0.54
CA THR B 1850 -13.01 42.68 0.26
C THR B 1850 -12.39 42.36 1.61
N LEU B 1851 -11.60 43.31 2.13
CA LEU B 1851 -11.04 43.20 3.47
C LEU B 1851 -11.24 44.48 4.27
N LYS B 1852 -12.31 45.22 4.00
CA LYS B 1852 -12.58 46.45 4.73
C LYS B 1852 -13.47 46.21 5.94
N GLY B 1853 -14.66 45.65 5.71
CA GLY B 1853 -15.64 45.47 6.77
C GLY B 1853 -15.44 44.18 7.55
N ASP B 1854 -16.42 43.89 8.39
CA ASP B 1854 -16.40 42.67 9.20
C ASP B 1854 -16.81 41.43 8.43
N THR B 1855 -17.63 41.58 7.39
CA THR B 1855 -18.11 40.45 6.61
C THR B 1855 -17.38 40.40 5.27
N ARG B 1856 -16.89 39.21 4.92
CA ARG B 1856 -16.10 39.03 3.71
C ARG B 1856 -17.01 38.77 2.52
N TYR B 1857 -16.86 39.56 1.47
CA TYR B 1857 -17.64 39.42 0.25
C TYR B 1857 -16.71 39.10 -0.91
N GLY B 1858 -17.05 38.07 -1.67
CA GLY B 1858 -16.22 37.65 -2.79
C GLY B 1858 -17.04 37.57 -4.06
N LYS B 1859 -16.34 37.79 -5.18
CA LYS B 1859 -16.99 37.86 -6.48
C LYS B 1859 -16.01 37.46 -7.56
N THR B 1860 -16.52 36.80 -8.60
CA THR B 1860 -15.72 36.46 -9.77
C THR B 1860 -15.86 37.55 -10.81
N LEU B 1861 -14.72 38.08 -11.27
CA LEU B 1861 -14.73 39.19 -12.22
C LEU B 1861 -14.67 38.72 -13.67
N ILE B 1862 -13.61 37.98 -14.03
CA ILE B 1862 -13.45 37.47 -15.38
C ILE B 1862 -13.40 35.95 -15.32
N ALA B 1863 -14.15 35.30 -16.20
CA ALA B 1863 -14.24 33.85 -16.24
C ALA B 1863 -13.93 33.37 -17.65
N ASN B 1864 -13.62 32.07 -17.75
CA ASN B 1864 -13.18 31.46 -19.00
C ASN B 1864 -14.37 31.26 -19.92
N ASP B 1865 -14.68 32.29 -20.71
CA ASP B 1865 -15.65 32.14 -21.77
C ASP B 1865 -14.96 31.65 -23.04
N GLY B 1866 -15.74 31.50 -24.11
CA GLY B 1866 -15.21 31.00 -25.36
C GLY B 1866 -14.21 31.93 -26.01
N THR B 1867 -14.45 33.24 -25.91
CA THR B 1867 -13.66 34.22 -26.64
C THR B 1867 -12.23 34.30 -26.13
N PRO B 1868 -11.29 34.71 -26.99
CA PRO B 1868 -9.91 34.91 -26.51
C PRO B 1868 -9.78 36.00 -25.46
N LEU B 1869 -10.74 36.92 -25.37
CA LEU B 1869 -10.64 38.02 -24.44
C LEU B 1869 -10.81 37.58 -22.98
N GLY B 1870 -11.24 36.34 -22.75
CA GLY B 1870 -11.48 35.88 -21.39
C GLY B 1870 -10.22 35.47 -20.65
N VAL B 1871 -10.37 34.56 -19.70
CA VAL B 1871 -9.26 34.08 -18.89
C VAL B 1871 -8.97 32.62 -19.25
N GLY B 1872 -7.76 32.35 -19.71
CA GLY B 1872 -7.38 30.99 -20.03
C GLY B 1872 -6.80 30.23 -18.86
N PHE B 1873 -5.72 30.76 -18.28
CA PHE B 1873 -5.04 30.12 -17.16
C PHE B 1873 -4.22 31.19 -16.46
N PRO B 1874 -4.81 31.93 -15.53
CA PRO B 1874 -4.17 33.14 -14.99
C PRO B 1874 -3.04 32.78 -14.05
N VAL B 1875 -1.88 33.41 -14.27
CA VAL B 1875 -0.69 33.14 -13.46
C VAL B 1875 -0.47 34.27 -12.47
N GLY B 1876 -0.22 35.47 -12.99
CA GLY B 1876 0.02 36.63 -12.16
C GLY B 1876 -1.04 37.68 -12.35
N ILE B 1877 -1.01 38.70 -11.48
CA ILE B 1877 -1.97 39.78 -11.53
C ILE B 1877 -1.35 41.03 -10.91
N ALA B 1878 -1.57 42.17 -11.56
CA ALA B 1878 -1.12 43.46 -11.07
C ALA B 1878 -2.26 44.45 -11.21
N VAL B 1879 -2.30 45.43 -10.30
CA VAL B 1879 -3.40 46.39 -10.25
C VAL B 1879 -2.85 47.80 -10.28
N ASP B 1880 -3.68 48.73 -10.76
CA ASP B 1880 -3.40 50.16 -10.76
C ASP B 1880 -4.61 50.87 -10.17
N PRO B 1881 -4.70 50.95 -8.84
CA PRO B 1881 -5.92 51.51 -8.21
C PRO B 1881 -6.23 52.93 -8.63
N ALA B 1882 -5.23 53.77 -8.89
CA ALA B 1882 -5.49 55.15 -9.23
C ALA B 1882 -6.15 55.31 -10.58
N ARG B 1883 -5.99 54.34 -11.49
CA ARG B 1883 -6.56 54.42 -12.82
C ARG B 1883 -7.59 53.34 -13.13
N GLY B 1884 -7.87 52.47 -12.16
CA GLY B 1884 -8.89 51.44 -12.36
C GLY B 1884 -8.56 50.42 -13.43
N LYS B 1885 -7.30 50.02 -13.54
CA LYS B 1885 -6.88 49.04 -14.52
C LYS B 1885 -6.30 47.81 -13.84
N LEU B 1886 -6.54 46.65 -14.44
CA LEU B 1886 -6.08 45.37 -13.93
C LEU B 1886 -5.30 44.67 -15.04
N TYR B 1887 -4.16 44.09 -14.67
CA TYR B 1887 -3.30 43.41 -15.63
C TYR B 1887 -2.98 42.02 -15.10
N TRP B 1888 -2.99 41.03 -15.99
CA TRP B 1888 -2.68 39.66 -15.61
C TRP B 1888 -1.99 38.94 -16.75
N SER B 1889 -1.11 38.01 -16.38
CA SER B 1889 -0.40 37.17 -17.33
C SER B 1889 -1.13 35.85 -17.47
N ASP B 1890 -1.34 35.42 -18.70
CA ASP B 1890 -2.23 34.30 -19.00
C ASP B 1890 -1.53 33.30 -19.89
N HIS B 1891 -1.57 32.03 -19.51
CA HIS B 1891 -1.26 30.97 -20.46
C HIS B 1891 -2.44 30.78 -21.41
N GLY B 1892 -2.21 30.01 -22.46
CA GLY B 1892 -3.24 29.74 -23.43
C GLY B 1892 -4.10 28.55 -23.06
N THR B 1893 -5.19 28.40 -23.81
CA THR B 1893 -6.03 27.21 -23.77
C THR B 1893 -6.19 26.70 -25.19
N ASP B 1894 -6.38 25.39 -25.33
CA ASP B 1894 -6.47 24.79 -26.65
C ASP B 1894 -7.69 25.31 -27.40
N SER B 1895 -7.45 25.87 -28.58
CA SER B 1895 -8.49 26.40 -29.47
C SER B 1895 -9.25 27.57 -28.84
N GLY B 1896 -8.85 28.02 -27.65
CA GLY B 1896 -9.54 29.10 -27.00
C GLY B 1896 -8.72 30.37 -26.88
N VAL B 1897 -8.20 30.62 -25.69
CA VAL B 1897 -7.47 31.84 -25.36
C VAL B 1897 -5.99 31.61 -25.70
N PRO B 1898 -5.31 32.60 -26.28
CA PRO B 1898 -3.86 32.46 -26.47
C PRO B 1898 -3.09 32.97 -25.25
N ALA B 1899 -1.86 32.49 -25.11
CA ALA B 1899 -0.98 33.01 -24.07
C ALA B 1899 -0.69 34.47 -24.32
N LYS B 1900 -0.95 35.31 -23.32
CA LYS B 1900 -0.97 36.74 -23.57
C LYS B 1900 -0.77 37.51 -22.27
N ILE B 1901 -0.51 38.81 -22.42
CA ILE B 1901 -0.60 39.77 -21.34
C ILE B 1901 -1.84 40.61 -21.57
N ALA B 1902 -2.73 40.65 -20.58
CA ALA B 1902 -4.06 41.23 -20.77
C ALA B 1902 -4.29 42.36 -19.79
N SER B 1903 -5.18 43.27 -20.17
CA SER B 1903 -5.58 44.39 -19.34
C SER B 1903 -7.10 44.45 -19.27
N ALA B 1904 -7.60 44.90 -18.12
CA ALA B 1904 -9.04 45.03 -17.92
C ALA B 1904 -9.29 46.02 -16.79
N ASN B 1905 -10.51 46.56 -16.78
CA ASN B 1905 -10.94 47.39 -15.67
C ASN B 1905 -11.04 46.54 -14.41
N MET B 1906 -10.82 47.17 -13.26
CA MET B 1906 -10.85 46.44 -12.00
C MET B 1906 -12.22 45.87 -11.68
N ASP B 1907 -13.28 46.31 -12.35
CA ASP B 1907 -14.57 45.65 -12.27
C ASP B 1907 -14.80 44.63 -13.39
N GLY B 1908 -13.81 44.45 -14.27
CA GLY B 1908 -13.83 43.40 -15.26
C GLY B 1908 -14.73 43.63 -16.45
N THR B 1909 -15.13 44.86 -16.72
CA THR B 1909 -16.10 45.12 -17.79
C THR B 1909 -15.46 45.55 -19.11
N SER B 1910 -14.13 45.51 -19.23
CA SER B 1910 -13.50 45.87 -20.50
C SER B 1910 -12.23 45.03 -20.66
N LEU B 1911 -12.35 43.91 -21.36
CA LEU B 1911 -11.22 43.04 -21.59
C LEU B 1911 -10.40 43.54 -22.78
N LYS B 1912 -9.09 43.25 -22.74
CA LYS B 1912 -8.19 43.68 -23.79
C LYS B 1912 -6.98 42.75 -23.82
N ILE B 1913 -6.44 42.55 -25.02
CA ILE B 1913 -5.21 41.79 -25.21
C ILE B 1913 -4.11 42.77 -25.56
N LEU B 1914 -3.08 42.84 -24.71
CA LEU B 1914 -2.00 43.79 -24.89
C LEU B 1914 -0.87 43.20 -25.74
N PHE B 1915 -0.28 42.10 -25.28
CA PHE B 1915 0.87 41.50 -25.94
C PHE B 1915 0.65 40.01 -26.10
N THR B 1916 0.91 39.50 -27.30
CA THR B 1916 0.82 38.07 -27.57
C THR B 1916 1.94 37.70 -28.54
N GLY B 1917 2.30 36.42 -28.54
CA GLY B 1917 3.39 35.96 -29.37
C GLY B 1917 4.27 34.95 -28.68
N ASN B 1918 5.57 35.27 -28.56
CA ASN B 1918 6.54 34.38 -27.92
C ASN B 1918 6.40 34.47 -26.40
N LEU B 1919 5.26 33.99 -25.90
CA LEU B 1919 4.94 34.04 -24.48
C LEU B 1919 4.67 32.65 -23.92
N GLN B 1920 5.41 31.64 -24.39
CA GLN B 1920 5.25 30.31 -23.84
C GLN B 1920 5.84 30.24 -22.44
N HIS B 1921 5.09 29.66 -21.51
CA HIS B 1921 5.47 29.58 -20.10
C HIS B 1921 5.72 30.96 -19.52
N LEU B 1922 4.65 31.76 -19.50
CA LEU B 1922 4.72 33.08 -18.89
C LEU B 1922 4.80 32.97 -17.37
N GLU B 1923 5.55 33.88 -16.76
CA GLU B 1923 5.62 34.00 -15.31
C GLU B 1923 4.78 35.20 -14.87
N VAL B 1924 4.87 35.55 -13.58
CA VAL B 1924 4.03 36.62 -13.05
C VAL B 1924 4.34 37.94 -13.74
N VAL B 1925 3.35 38.82 -13.73
CA VAL B 1925 3.46 40.16 -14.32
C VAL B 1925 3.46 41.19 -13.21
N THR B 1926 4.42 42.10 -13.26
CA THR B 1926 4.50 43.19 -12.30
C THR B 1926 4.39 44.53 -13.03
N LEU B 1927 3.78 45.50 -12.37
CA LEU B 1927 3.51 46.80 -12.95
C LEU B 1927 4.29 47.88 -12.23
N ASP B 1928 4.99 48.71 -13.00
CA ASP B 1928 5.61 49.92 -12.47
C ASP B 1928 4.62 51.06 -12.64
N ILE B 1929 3.95 51.44 -11.54
CA ILE B 1929 2.88 52.43 -11.63
C ILE B 1929 3.42 53.79 -12.01
N GLN B 1930 4.64 54.11 -11.59
CA GLN B 1930 5.22 55.42 -11.89
C GLN B 1930 5.36 55.63 -13.40
N GLU B 1931 6.16 54.80 -14.06
CA GLU B 1931 6.43 54.95 -15.48
C GLU B 1931 5.36 54.28 -16.35
N GLN B 1932 4.44 53.52 -15.76
CA GLN B 1932 3.36 52.85 -16.49
C GLN B 1932 3.91 51.86 -17.52
N LYS B 1933 4.76 50.95 -17.04
CA LYS B 1933 5.32 49.89 -17.88
C LYS B 1933 5.18 48.55 -17.17
N LEU B 1934 4.92 47.51 -17.94
CA LEU B 1934 4.75 46.16 -17.42
C LEU B 1934 6.03 45.36 -17.59
N TYR B 1935 6.26 44.44 -16.66
CA TYR B 1935 7.42 43.57 -16.69
C TYR B 1935 6.99 42.13 -16.51
N TRP B 1936 7.51 41.25 -17.36
CA TRP B 1936 7.12 39.85 -17.36
C TRP B 1936 8.38 39.00 -17.44
N ALA B 1937 8.25 37.73 -17.08
CA ALA B 1937 9.30 36.76 -17.27
C ALA B 1937 8.80 35.63 -18.16
N VAL B 1938 9.54 35.37 -19.24
CA VAL B 1938 9.22 34.32 -20.19
C VAL B 1938 10.24 33.21 -19.96
N THR B 1939 9.81 32.10 -19.36
CA THR B 1939 10.72 31.02 -19.03
C THR B 1939 11.23 30.30 -20.26
N SER B 1940 10.40 30.11 -21.28
CA SER B 1940 10.81 29.36 -22.46
C SER B 1940 12.00 30.03 -23.15
N ARG B 1941 11.96 31.34 -23.30
CA ARG B 1941 13.09 32.06 -23.87
C ARG B 1941 14.09 32.50 -22.82
N GLY B 1942 13.76 32.35 -21.54
CA GLY B 1942 14.66 32.76 -20.47
C GLY B 1942 14.96 34.24 -20.44
N VAL B 1943 13.96 35.08 -20.66
CA VAL B 1943 14.15 36.53 -20.73
C VAL B 1943 13.12 37.21 -19.85
N ILE B 1944 13.44 38.45 -19.48
CA ILE B 1944 12.50 39.36 -18.83
C ILE B 1944 12.20 40.49 -19.80
N GLU B 1945 10.93 40.68 -20.12
CA GLU B 1945 10.52 41.64 -21.12
C GLU B 1945 9.82 42.83 -20.46
N ARG B 1946 9.69 43.91 -21.23
CA ARG B 1946 9.07 45.14 -20.78
C ARG B 1946 8.14 45.66 -21.87
N GLY B 1947 7.02 46.23 -21.44
CA GLY B 1947 6.06 46.79 -22.39
C GLY B 1947 5.15 47.79 -21.72
N ASN B 1948 4.67 48.74 -22.50
CA ASN B 1948 3.76 49.76 -21.99
C ASN B 1948 2.39 49.17 -21.73
N VAL B 1949 1.61 49.86 -20.89
CA VAL B 1949 0.31 49.37 -20.48
C VAL B 1949 -0.70 49.41 -21.62
N ASP B 1950 -0.45 50.19 -22.66
CA ASP B 1950 -1.39 50.30 -23.77
C ASP B 1950 -1.10 49.30 -24.89
N GLY B 1951 -0.12 48.42 -24.71
CA GLY B 1951 0.17 47.41 -25.71
C GLY B 1951 1.18 47.83 -26.76
N THR B 1952 2.17 48.64 -26.38
CA THR B 1952 3.16 49.15 -27.32
C THR B 1952 4.55 49.03 -26.71
N GLU B 1953 5.55 48.98 -27.60
CA GLU B 1953 6.96 49.03 -27.23
C GLU B 1953 7.36 47.85 -26.35
N ARG B 1954 7.17 46.64 -26.88
CA ARG B 1954 7.65 45.45 -26.19
C ARG B 1954 9.12 45.22 -26.51
N MET B 1955 9.90 44.90 -25.50
CA MET B 1955 11.35 44.78 -25.65
C MET B 1955 11.92 43.97 -24.51
N ILE B 1956 13.07 43.35 -24.77
CA ILE B 1956 13.67 42.38 -23.86
C ILE B 1956 14.70 43.07 -22.98
N LEU B 1957 14.52 42.96 -21.66
CA LEU B 1957 15.38 43.62 -20.68
C LEU B 1957 16.56 42.77 -20.24
N VAL B 1958 16.31 41.54 -19.80
CA VAL B 1958 17.34 40.67 -19.25
C VAL B 1958 17.37 39.39 -20.05
N HIS B 1959 18.57 38.92 -20.40
CA HIS B 1959 18.76 37.72 -21.19
C HIS B 1959 19.40 36.62 -20.35
N HIS B 1960 19.40 35.42 -20.92
CA HIS B 1960 20.14 34.26 -20.38
C HIS B 1960 19.72 33.92 -18.95
N LEU B 1961 18.42 33.98 -18.67
CA LEU B 1961 17.93 33.48 -17.39
C LEU B 1961 17.47 32.04 -17.53
N ALA B 1962 17.42 31.33 -16.40
CA ALA B 1962 17.07 29.92 -16.38
C ALA B 1962 15.60 29.69 -16.03
N HIS B 1963 15.14 30.24 -14.91
CA HIS B 1963 13.74 30.09 -14.49
C HIS B 1963 13.37 31.27 -13.61
N PRO B 1964 13.12 32.43 -14.21
CA PRO B 1964 12.80 33.65 -13.44
C PRO B 1964 11.41 33.58 -12.82
N TRP B 1965 11.34 32.91 -11.67
CA TRP B 1965 10.06 32.62 -11.03
C TRP B 1965 9.32 33.87 -10.61
N GLY B 1966 10.02 34.86 -10.05
CA GLY B 1966 9.37 36.06 -9.55
C GLY B 1966 10.22 37.28 -9.81
N LEU B 1967 9.54 38.43 -9.89
CA LEU B 1967 10.21 39.70 -10.12
C LEU B 1967 9.33 40.83 -9.61
N VAL B 1968 9.97 41.96 -9.29
CA VAL B 1968 9.29 43.12 -8.75
C VAL B 1968 10.13 44.36 -9.06
N VAL B 1969 9.45 45.48 -9.31
CA VAL B 1969 10.10 46.75 -9.63
C VAL B 1969 9.85 47.72 -8.49
N TYR B 1970 10.93 48.28 -7.95
CA TYR B 1970 10.83 49.32 -6.93
C TYR B 1970 11.90 50.38 -7.20
N GLY B 1971 11.48 51.64 -7.22
CA GLY B 1971 12.43 52.71 -7.45
C GLY B 1971 13.06 52.61 -8.83
N SER B 1972 14.38 52.76 -8.88
CA SER B 1972 15.12 52.70 -10.13
C SER B 1972 15.70 51.31 -10.42
N PHE B 1973 15.37 50.31 -9.61
CA PHE B 1973 15.95 48.98 -9.74
C PHE B 1973 14.87 47.94 -9.97
N LEU B 1974 15.29 46.81 -10.55
CA LEU B 1974 14.41 45.67 -10.77
C LEU B 1974 15.01 44.47 -10.05
N TYR B 1975 14.21 43.84 -9.20
CA TYR B 1975 14.62 42.65 -8.45
C TYR B 1975 13.91 41.43 -9.02
N TYR B 1976 14.67 40.38 -9.30
CA TYR B 1976 14.10 39.14 -9.79
C TYR B 1976 14.79 37.97 -9.10
N SER B 1977 14.07 36.85 -9.03
CA SER B 1977 14.59 35.63 -8.44
C SER B 1977 14.58 34.53 -9.50
N ASP B 1978 15.70 33.81 -9.59
CA ASP B 1978 15.85 32.72 -10.56
C ASP B 1978 15.87 31.41 -9.78
N GLU B 1979 14.94 30.52 -10.11
CA GLU B 1979 14.79 29.29 -9.35
C GLU B 1979 15.90 28.28 -9.61
N GLN B 1980 16.45 28.25 -10.82
CA GLN B 1980 17.53 27.32 -11.14
C GLN B 1980 18.91 27.87 -10.83
N TYR B 1981 19.14 29.17 -11.05
CA TYR B 1981 20.36 29.80 -10.57
C TYR B 1981 20.38 29.94 -9.05
N GLU B 1982 19.23 29.84 -8.40
CA GLU B 1982 19.13 29.97 -6.94
C GLU B 1982 19.71 31.29 -6.47
N VAL B 1983 19.32 32.37 -7.15
CA VAL B 1983 19.88 33.69 -6.91
C VAL B 1983 18.76 34.74 -6.93
N ILE B 1984 18.94 35.77 -6.12
CA ILE B 1984 18.12 36.97 -6.15
C ILE B 1984 19.00 38.12 -6.61
N GLU B 1985 18.60 38.78 -7.68
CA GLU B 1985 19.46 39.75 -8.34
C GLU B 1985 18.73 41.07 -8.58
N ARG B 1986 19.49 42.16 -8.52
CA ARG B 1986 18.98 43.50 -8.76
C ARG B 1986 19.64 44.09 -9.99
N VAL B 1987 18.82 44.59 -10.91
CA VAL B 1987 19.29 45.25 -12.12
C VAL B 1987 18.56 46.57 -12.27
N ASP B 1988 19.10 47.44 -13.13
CA ASP B 1988 18.46 48.70 -13.42
C ASP B 1988 17.13 48.47 -14.14
N LYS B 1989 16.18 49.38 -13.90
CA LYS B 1989 14.87 49.25 -14.54
C LYS B 1989 14.88 49.67 -16.00
N SER B 1990 15.86 50.47 -16.42
CA SER B 1990 15.95 50.89 -17.81
C SER B 1990 16.77 49.95 -18.68
N SER B 1991 17.58 49.09 -18.06
CA SER B 1991 18.38 48.12 -18.80
C SER B 1991 18.88 47.07 -17.82
N GLY B 1992 19.16 45.87 -18.35
CA GLY B 1992 19.62 44.78 -17.52
C GLY B 1992 21.04 44.96 -17.01
N ASN B 1993 21.61 46.14 -17.21
CA ASN B 1993 22.98 46.42 -16.80
C ASN B 1993 23.05 46.59 -15.29
N ASN B 1994 24.28 46.70 -14.79
CA ASN B 1994 24.55 46.95 -13.37
C ASN B 1994 23.94 45.87 -12.48
N LYS B 1995 24.15 44.61 -12.85
CA LYS B 1995 23.60 43.51 -12.09
C LYS B 1995 24.29 43.40 -10.72
N VAL B 1996 23.49 43.14 -9.70
CA VAL B 1996 23.98 42.97 -8.33
C VAL B 1996 23.25 41.78 -7.71
N VAL B 1997 24.01 40.91 -7.05
CA VAL B 1997 23.45 39.72 -6.41
C VAL B 1997 23.15 40.04 -4.95
N LEU B 1998 21.91 39.77 -4.53
CA LEU B 1998 21.53 39.97 -3.14
C LEU B 1998 21.68 38.70 -2.32
N ARG B 1999 21.13 37.59 -2.79
CA ARG B 1999 21.27 36.30 -2.13
C ARG B 1999 21.59 35.24 -3.17
N ASP B 2000 22.31 34.20 -2.75
CA ASP B 2000 22.66 33.10 -3.63
C ASP B 2000 22.70 31.82 -2.83
N ASN B 2001 22.68 30.69 -3.55
CA ASN B 2001 22.65 29.36 -2.96
C ASN B 2001 21.43 29.19 -2.04
N VAL B 2002 20.30 29.74 -2.47
CA VAL B 2002 19.04 29.66 -1.74
C VAL B 2002 18.07 28.82 -2.56
N PRO B 2003 17.59 27.69 -2.05
CA PRO B 2003 16.72 26.83 -2.85
C PRO B 2003 15.26 27.23 -2.75
N TYR B 2004 14.48 26.71 -3.70
CA TYR B 2004 13.03 26.90 -3.73
C TYR B 2004 12.65 28.37 -3.78
N LEU B 2005 13.32 29.14 -4.61
CA LEU B 2005 12.98 30.55 -4.78
C LEU B 2005 11.63 30.68 -5.48
N ARG B 2006 10.87 31.70 -5.07
CA ARG B 2006 9.53 31.95 -5.60
C ARG B 2006 9.32 33.45 -5.78
N GLY B 2007 8.08 33.88 -5.95
CA GLY B 2007 7.80 35.26 -6.27
C GLY B 2007 8.35 36.23 -5.24
N LEU B 2008 8.41 37.50 -5.65
CA LEU B 2008 9.01 38.57 -4.86
C LEU B 2008 8.08 39.75 -4.77
N ARG B 2009 8.20 40.52 -3.69
CA ARG B 2009 7.49 41.78 -3.56
C ARG B 2009 8.24 42.65 -2.55
N VAL B 2010 8.06 43.96 -2.68
CA VAL B 2010 8.77 44.93 -1.86
C VAL B 2010 7.77 45.57 -0.91
N TYR B 2011 8.00 45.40 0.40
CA TYR B 2011 7.20 46.06 1.41
C TYR B 2011 7.68 47.49 1.56
N HIS B 2012 6.83 48.45 1.20
CA HIS B 2012 7.23 49.85 1.21
C HIS B 2012 6.03 50.69 1.62
N ARG B 2013 6.24 52.00 1.69
CA ARG B 2013 5.22 52.93 2.17
C ARG B 2013 4.32 53.40 1.03
N ARG B 2014 3.42 52.51 0.62
CA ARG B 2014 2.37 52.91 -0.31
C ARG B 2014 1.31 53.72 0.43
N ASN B 2015 1.03 54.91 -0.07
CA ASN B 2015 0.16 55.86 0.59
C ASN B 2015 -1.22 55.83 -0.06
N ALA B 2016 -2.27 55.71 0.75
CA ALA B 2016 -3.63 55.66 0.27
C ALA B 2016 -4.23 57.03 -0.02
N ALA B 2017 -3.45 58.09 0.16
CA ALA B 2017 -3.91 59.44 -0.11
C ALA B 2017 -3.31 60.03 -1.38
N ASP B 2018 -2.03 59.74 -1.66
CA ASP B 2018 -1.43 60.21 -2.91
C ASP B 2018 -2.10 59.58 -4.12
N SER B 2019 -2.55 58.33 -3.99
CA SER B 2019 -3.33 57.67 -5.02
C SER B 2019 -4.77 57.53 -4.56
N SER B 2020 -5.69 58.06 -5.35
CA SER B 2020 -7.10 58.07 -4.97
C SER B 2020 -7.94 57.64 -6.16
N ASN B 2021 -9.14 57.13 -5.86
CA ASN B 2021 -10.08 56.71 -6.89
C ASN B 2021 -11.49 56.95 -6.41
N GLY B 2022 -12.46 56.51 -7.21
CA GLY B 2022 -13.85 56.74 -6.87
C GLY B 2022 -14.30 56.08 -5.60
N CYS B 2023 -13.78 54.88 -5.31
CA CYS B 2023 -14.16 54.18 -4.09
C CYS B 2023 -13.62 54.85 -2.85
N SER B 2024 -12.42 55.43 -2.92
CA SER B 2024 -11.88 56.16 -1.77
C SER B 2024 -12.60 57.48 -1.58
N ASN B 2025 -12.95 58.16 -2.66
CA ASN B 2025 -13.68 59.42 -2.55
C ASN B 2025 -15.11 59.20 -2.07
N ASN B 2026 -15.67 58.01 -2.31
CA ASN B 2026 -17.04 57.73 -1.93
C ASN B 2026 -17.10 56.48 -1.07
N PRO B 2027 -16.70 56.54 0.20
CA PRO B 2027 -16.78 55.36 1.06
C PRO B 2027 -18.23 55.00 1.37
N ASN B 2028 -18.44 53.74 1.71
CA ASN B 2028 -19.74 53.17 2.05
C ASN B 2028 -20.84 53.60 1.08
N ALA B 2029 -20.47 53.76 -0.20
CA ALA B 2029 -21.48 54.04 -1.22
C ALA B 2029 -22.17 52.75 -1.67
N CYS B 2030 -21.39 51.73 -2.00
CA CYS B 2030 -21.93 50.44 -2.38
C CYS B 2030 -22.18 49.58 -1.15
N GLN B 2031 -23.16 48.66 -1.27
CA GLN B 2031 -23.53 47.85 -0.13
C GLN B 2031 -22.44 46.83 0.21
N GLN B 2032 -21.92 46.11 -0.79
CA GLN B 2032 -20.99 45.02 -0.53
C GLN B 2032 -19.60 45.31 -1.10
N ILE B 2033 -19.47 45.56 -2.39
CA ILE B 2033 -18.17 45.70 -3.04
C ILE B 2033 -18.16 46.96 -3.88
N CYS B 2034 -17.09 47.73 -3.78
CA CYS B 2034 -16.83 48.88 -4.64
C CYS B 2034 -15.61 48.60 -5.49
N LEU B 2035 -15.74 48.78 -6.80
CA LEU B 2035 -14.66 48.51 -7.74
C LEU B 2035 -14.41 49.74 -8.59
N PRO B 2036 -13.22 50.34 -8.52
CA PRO B 2036 -12.95 51.54 -9.30
C PRO B 2036 -12.80 51.25 -10.78
N VAL B 2037 -13.09 52.28 -11.58
CA VAL B 2037 -13.01 52.21 -13.04
C VAL B 2037 -12.28 53.43 -13.55
N PRO B 2038 -11.74 53.37 -14.77
CA PRO B 2038 -11.00 54.51 -15.32
C PRO B 2038 -11.87 55.76 -15.39
N GLY B 2039 -11.23 56.90 -15.15
CA GLY B 2039 -11.92 58.18 -15.13
C GLY B 2039 -12.30 58.68 -13.75
N GLY B 2040 -11.84 58.03 -12.69
CA GLY B 2040 -12.16 58.44 -11.35
C GLY B 2040 -13.53 58.01 -10.86
N MET B 2041 -14.26 57.23 -11.64
CA MET B 2041 -15.57 56.76 -11.25
C MET B 2041 -15.46 55.43 -10.50
N PHE B 2042 -16.60 54.85 -10.16
CA PHE B 2042 -16.66 53.58 -9.47
C PHE B 2042 -17.92 52.84 -9.87
N SER B 2043 -17.87 51.52 -9.79
CA SER B 2043 -19.01 50.66 -10.08
C SER B 2043 -19.21 49.69 -8.92
N CYS B 2044 -20.44 49.62 -8.43
CA CYS B 2044 -20.75 48.72 -7.33
C CYS B 2044 -20.85 47.28 -7.83
N ALA B 2045 -20.58 46.35 -6.91
CA ALA B 2045 -20.64 44.93 -7.23
C ALA B 2045 -21.13 44.19 -6.00
N CYS B 2046 -21.61 42.97 -6.23
CA CYS B 2046 -22.19 42.15 -5.19
C CYS B 2046 -21.50 40.79 -5.12
N ALA B 2047 -21.62 40.13 -3.99
CA ALA B 2047 -21.01 38.82 -3.79
C ALA B 2047 -21.65 37.78 -4.72
N SER B 2048 -21.04 36.60 -4.74
CA SER B 2048 -21.58 35.51 -5.55
C SER B 2048 -22.97 35.13 -5.05
N GLY B 2049 -23.90 34.96 -5.98
CA GLY B 2049 -25.29 34.74 -5.65
C GLY B 2049 -26.11 36.00 -5.47
N PHE B 2050 -25.52 37.17 -5.67
CA PHE B 2050 -26.21 38.44 -5.55
C PHE B 2050 -25.91 39.29 -6.77
N LYS B 2051 -26.87 40.15 -7.12
CA LYS B 2051 -26.72 41.03 -8.26
C LYS B 2051 -27.23 42.42 -7.89
N LEU B 2052 -26.74 43.43 -8.62
CA LEU B 2052 -27.09 44.81 -8.31
C LEU B 2052 -28.58 45.06 -8.52
N SER B 2053 -29.18 45.77 -7.58
CA SER B 2053 -30.53 46.27 -7.75
C SER B 2053 -30.52 47.43 -8.74
N PRO B 2054 -31.69 47.78 -9.30
CA PRO B 2054 -31.72 48.89 -10.26
C PRO B 2054 -31.28 50.23 -9.69
N ASP B 2055 -31.31 50.38 -8.36
CA ASP B 2055 -30.81 51.61 -7.75
C ASP B 2055 -29.30 51.78 -7.90
N GLY B 2056 -28.58 50.72 -8.24
CA GLY B 2056 -27.15 50.78 -8.42
C GLY B 2056 -26.33 50.71 -7.15
N ARG B 2057 -26.96 50.52 -5.99
CA ARG B 2057 -26.25 50.48 -4.71
C ARG B 2057 -26.50 49.21 -3.93
N SER B 2058 -27.67 48.59 -4.08
CA SER B 2058 -28.06 47.44 -3.27
C SER B 2058 -27.86 46.14 -4.03
N CYS B 2059 -28.02 45.04 -3.30
CA CYS B 2059 -27.86 43.69 -3.85
C CYS B 2059 -29.11 42.88 -3.57
N SER B 2060 -29.45 42.02 -4.51
CA SER B 2060 -30.59 41.11 -4.41
C SER B 2060 -30.18 39.75 -4.94
N PRO B 2061 -30.82 38.68 -4.46
CA PRO B 2061 -30.49 37.34 -4.96
C PRO B 2061 -30.79 37.20 -6.44
N TYR B 2062 -30.01 36.36 -7.11
CA TYR B 2062 -30.18 36.13 -8.54
C TYR B 2062 -31.52 35.46 -8.80
N ASN B 2063 -32.23 35.91 -9.84
CA ASN B 2063 -33.54 35.38 -10.16
C ASN B 2063 -33.53 34.47 -11.38
N SER B 2064 -32.64 34.70 -12.34
CA SER B 2064 -32.62 33.95 -13.59
C SER B 2064 -31.19 33.53 -13.88
N PHE B 2065 -30.88 32.25 -13.67
CA PHE B 2065 -29.56 31.73 -13.95
C PHE B 2065 -29.66 30.24 -14.26
N MET B 2066 -28.62 29.73 -14.92
CA MET B 2066 -28.54 28.32 -15.26
C MET B 2066 -27.82 27.57 -14.15
N VAL B 2067 -28.27 26.36 -13.87
CA VAL B 2067 -27.67 25.50 -12.86
C VAL B 2067 -26.92 24.39 -13.58
N VAL B 2068 -25.59 24.51 -13.62
CA VAL B 2068 -24.73 23.53 -14.27
C VAL B 2068 -24.19 22.59 -13.22
N SER B 2069 -24.41 21.30 -13.41
CA SER B 2069 -24.01 20.28 -12.44
C SER B 2069 -22.89 19.43 -13.03
N MET B 2070 -21.87 19.20 -12.21
CA MET B 2070 -20.75 18.34 -12.58
C MET B 2070 -20.42 17.45 -11.38
N LEU B 2071 -19.55 16.47 -11.60
CA LEU B 2071 -19.17 15.57 -10.53
C LEU B 2071 -18.57 16.29 -9.32
N PRO B 2072 -17.61 17.22 -9.46
CA PRO B 2072 -17.02 17.84 -8.28
C PRO B 2072 -17.87 18.92 -7.64
N ALA B 2073 -18.79 19.55 -8.37
CA ALA B 2073 -19.49 20.71 -7.83
C ALA B 2073 -20.77 20.97 -8.59
N VAL B 2074 -21.56 21.89 -8.06
CA VAL B 2074 -22.71 22.48 -8.74
C VAL B 2074 -22.49 23.99 -8.80
N ARG B 2075 -22.59 24.56 -9.98
CA ARG B 2075 -22.30 25.97 -10.19
C ARG B 2075 -23.42 26.64 -10.97
N GLY B 2076 -23.57 27.94 -10.76
CA GLY B 2076 -24.59 28.71 -11.43
C GLY B 2076 -24.03 29.87 -12.23
N PHE B 2077 -24.53 30.05 -13.46
CA PHE B 2077 -24.07 31.09 -14.35
C PHE B 2077 -25.24 31.94 -14.81
N SER B 2078 -24.97 33.22 -15.05
CA SER B 2078 -26.01 34.13 -15.51
C SER B 2078 -26.45 33.75 -16.91
N LEU B 2079 -27.73 33.95 -17.21
CA LEU B 2079 -28.27 33.61 -18.52
C LEU B 2079 -28.00 34.67 -19.57
N GLU B 2080 -27.45 35.83 -19.17
CA GLU B 2080 -26.92 36.80 -20.12
C GLU B 2080 -25.40 36.71 -20.06
N LEU B 2081 -24.78 36.50 -21.22
CA LEU B 2081 -23.41 36.01 -21.28
C LEU B 2081 -22.36 37.05 -20.91
N SER B 2082 -22.74 38.32 -20.79
CA SER B 2082 -21.76 39.34 -20.44
C SER B 2082 -21.33 39.26 -18.98
N ASP B 2083 -22.16 38.68 -18.12
CA ASP B 2083 -21.89 38.64 -16.68
C ASP B 2083 -21.17 37.34 -16.34
N HIS B 2084 -19.94 37.45 -15.87
CA HIS B 2084 -19.13 36.29 -15.49
C HIS B 2084 -19.21 35.98 -14.00
N SER B 2085 -20.04 36.70 -13.24
CA SER B 2085 -20.15 36.45 -11.81
C SER B 2085 -20.84 35.12 -11.56
N GLU B 2086 -20.42 34.46 -10.48
CA GLU B 2086 -21.08 33.23 -10.04
C GLU B 2086 -22.45 33.57 -9.48
N ALA B 2087 -23.50 33.24 -10.23
CA ALA B 2087 -24.85 33.57 -9.83
C ALA B 2087 -25.37 32.74 -8.66
N MET B 2088 -24.53 31.90 -8.08
CA MET B 2088 -24.95 31.01 -7.01
C MET B 2088 -23.70 30.55 -6.26
N VAL B 2089 -23.82 30.44 -4.94
CA VAL B 2089 -22.71 29.94 -4.13
C VAL B 2089 -22.45 28.50 -4.57
N PRO B 2090 -21.24 28.18 -5.02
CA PRO B 2090 -21.00 26.86 -5.60
C PRO B 2090 -21.09 25.76 -4.55
N VAL B 2091 -21.92 24.76 -4.82
CA VAL B 2091 -21.99 23.59 -3.96
C VAL B 2091 -20.83 22.67 -4.30
N ALA B 2092 -19.86 22.57 -3.40
CA ALA B 2092 -18.66 21.80 -3.65
C ALA B 2092 -18.11 21.31 -2.31
N GLY B 2093 -16.88 20.82 -2.32
CA GLY B 2093 -16.28 20.31 -1.11
C GLY B 2093 -16.25 18.80 -1.07
N GLN B 2094 -15.82 18.29 0.08
CA GLN B 2094 -15.73 16.84 0.27
C GLN B 2094 -17.12 16.21 0.25
N GLY B 2095 -17.22 15.07 -0.43
CA GLY B 2095 -18.46 14.32 -0.48
C GLY B 2095 -19.36 14.62 -1.66
N ARG B 2096 -18.95 15.51 -2.56
CA ARG B 2096 -19.78 15.87 -3.70
C ARG B 2096 -19.39 15.05 -4.92
N ASN B 2097 -20.33 14.25 -5.42
CA ASN B 2097 -20.20 13.46 -6.65
C ASN B 2097 -21.51 13.64 -7.42
N VAL B 2098 -21.92 14.90 -7.56
CA VAL B 2098 -23.24 15.26 -8.08
C VAL B 2098 -23.46 14.62 -9.45
N LEU B 2099 -24.57 13.92 -9.61
CA LEU B 2099 -24.94 13.36 -10.90
C LEU B 2099 -25.93 14.24 -11.65
N HIS B 2100 -26.99 14.66 -10.97
CA HIS B 2100 -28.03 15.47 -11.59
C HIS B 2100 -28.47 16.54 -10.60
N ALA B 2101 -29.14 17.57 -11.13
CA ALA B 2101 -29.62 18.67 -10.30
C ALA B 2101 -30.99 19.10 -10.78
N ASP B 2102 -31.76 19.68 -9.87
CA ASP B 2102 -33.07 20.25 -10.18
C ASP B 2102 -33.32 21.42 -9.24
N VAL B 2103 -34.27 22.27 -9.62
CA VAL B 2103 -34.47 23.55 -8.95
C VAL B 2103 -35.90 23.67 -8.46
N ASP B 2104 -36.08 24.48 -7.41
CA ASP B 2104 -37.38 24.84 -6.86
C ASP B 2104 -37.40 26.36 -6.76
N VAL B 2105 -37.84 27.00 -7.84
CA VAL B 2105 -37.73 28.45 -7.95
C VAL B 2105 -38.57 29.16 -6.89
N ALA B 2106 -39.79 28.68 -6.64
CA ALA B 2106 -40.69 29.38 -5.71
C ALA B 2106 -40.11 29.38 -4.30
N ASN B 2107 -39.64 28.23 -3.82
CA ASN B 2107 -39.06 28.17 -2.47
C ASN B 2107 -37.59 28.54 -2.45
N GLY B 2108 -36.95 28.64 -3.61
CA GLY B 2108 -35.54 28.98 -3.67
C GLY B 2108 -34.65 27.87 -3.15
N PHE B 2109 -34.76 26.68 -3.75
CA PHE B 2109 -33.95 25.53 -3.37
C PHE B 2109 -33.40 24.84 -4.61
N ILE B 2110 -32.20 24.28 -4.48
CA ILE B 2110 -31.57 23.49 -5.52
C ILE B 2110 -31.37 22.08 -4.99
N TYR B 2111 -31.91 21.10 -5.70
CA TYR B 2111 -31.82 19.69 -5.32
C TYR B 2111 -30.79 19.00 -6.19
N TRP B 2112 -29.99 18.13 -5.58
CA TRP B 2112 -29.00 17.36 -6.31
C TRP B 2112 -28.85 16.00 -5.64
N CYS B 2113 -28.29 15.06 -6.38
CA CYS B 2113 -28.10 13.68 -5.91
C CYS B 2113 -26.63 13.33 -5.94
N ASP B 2114 -26.09 12.91 -4.80
CA ASP B 2114 -24.73 12.40 -4.74
C ASP B 2114 -24.73 10.90 -4.97
N PHE B 2115 -23.61 10.40 -5.49
CA PHE B 2115 -23.47 8.98 -5.78
C PHE B 2115 -22.05 8.53 -5.45
N SER B 2116 -21.94 7.50 -4.61
CA SER B 2116 -20.67 6.86 -4.33
C SER B 2116 -20.87 5.36 -4.37
N SER B 2117 -20.01 4.67 -5.14
CA SER B 2117 -20.09 3.23 -5.24
C SER B 2117 -19.46 2.51 -4.07
N SER B 2118 -18.70 3.23 -3.23
CA SER B 2118 -18.03 2.63 -2.09
C SER B 2118 -18.68 3.02 -0.76
N VAL B 2119 -18.86 4.31 -0.51
CA VAL B 2119 -19.38 4.80 0.75
C VAL B 2119 -20.89 4.89 0.64
N ARG B 2120 -21.60 4.21 1.54
CA ARG B 2120 -23.06 4.24 1.52
C ARG B 2120 -23.63 5.53 2.08
N SER B 2121 -22.81 6.31 2.81
CA SER B 2121 -23.30 7.58 3.34
C SER B 2121 -23.36 8.65 2.27
N SER B 2122 -22.52 8.55 1.24
CA SER B 2122 -22.43 9.57 0.22
C SER B 2122 -23.43 9.33 -0.91
N ASN B 2123 -24.48 8.56 -0.62
CA ASN B 2123 -25.55 8.31 -1.58
C ASN B 2123 -26.84 8.91 -1.04
N GLY B 2124 -27.49 9.73 -1.85
CA GLY B 2124 -28.76 10.31 -1.46
C GLY B 2124 -29.00 11.62 -2.17
N ILE B 2125 -30.11 12.26 -1.78
CA ILE B 2125 -30.53 13.53 -2.36
C ILE B 2125 -30.40 14.62 -1.31
N ARG B 2126 -29.80 15.74 -1.68
CA ARG B 2126 -29.60 16.86 -0.78
C ARG B 2126 -30.12 18.13 -1.43
N ARG B 2127 -30.39 19.14 -0.61
CA ARG B 2127 -30.87 20.42 -1.09
C ARG B 2127 -30.18 21.55 -0.34
N ILE B 2128 -30.15 22.72 -0.97
CA ILE B 2128 -29.51 23.90 -0.41
C ILE B 2128 -30.10 25.14 -1.06
N LYS B 2129 -30.07 26.25 -0.34
CA LYS B 2129 -30.46 27.53 -0.93
C LYS B 2129 -29.39 27.98 -1.92
N PRO B 2130 -29.77 28.78 -2.93
CA PRO B 2130 -28.77 29.28 -3.89
C PRO B 2130 -27.72 30.16 -3.25
N ASP B 2131 -27.96 30.72 -2.07
CA ASP B 2131 -26.98 31.54 -1.36
C ASP B 2131 -26.12 30.74 -0.39
N GLY B 2132 -26.31 29.42 -0.33
CA GLY B 2132 -25.44 28.56 0.45
C GLY B 2132 -25.91 28.23 1.85
N SER B 2133 -27.14 28.59 2.20
CA SER B 2133 -27.65 28.34 3.55
C SER B 2133 -28.67 27.20 3.56
N ASN B 2134 -29.01 26.75 4.76
CA ASN B 2134 -30.05 25.75 4.99
C ASN B 2134 -29.78 24.47 4.19
N PHE B 2135 -28.59 23.91 4.38
CA PHE B 2135 -28.27 22.62 3.80
C PHE B 2135 -29.09 21.53 4.48
N THR B 2136 -29.52 20.54 3.70
CA THR B 2136 -30.41 19.51 4.22
C THR B 2136 -30.28 18.27 3.35
N ASN B 2137 -30.27 17.10 4.01
CA ASN B 2137 -30.36 15.82 3.32
C ASN B 2137 -31.83 15.48 3.12
N VAL B 2138 -32.23 15.32 1.86
CA VAL B 2138 -33.64 15.09 1.53
C VAL B 2138 -33.99 13.61 1.52
N VAL B 2139 -33.21 12.80 0.80
CA VAL B 2139 -33.40 11.36 0.75
C VAL B 2139 -32.09 10.69 1.09
N THR B 2140 -32.10 9.80 2.09
CA THR B 2140 -30.87 9.10 2.48
C THR B 2140 -31.07 7.61 2.73
N TYR B 2141 -32.29 7.10 2.81
CA TYR B 2141 -32.55 5.72 3.15
C TYR B 2141 -33.14 4.99 1.94
N GLY B 2142 -32.71 3.74 1.75
CA GLY B 2142 -33.27 2.91 0.71
C GLY B 2142 -32.69 3.11 -0.68
N ILE B 2143 -31.51 3.72 -0.79
CA ILE B 2143 -30.89 3.93 -2.09
C ILE B 2143 -30.19 2.65 -2.53
N GLY B 2144 -30.42 2.26 -3.79
CA GLY B 2144 -29.83 1.04 -4.32
C GLY B 2144 -28.35 1.16 -4.54
N ALA B 2145 -27.76 0.05 -5.00
CA ALA B 2145 -26.32 0.01 -5.24
C ALA B 2145 -25.89 0.99 -6.32
N ASN B 2146 -26.69 1.13 -7.37
CA ASN B 2146 -26.39 2.05 -8.46
C ASN B 2146 -26.76 3.49 -8.13
N GLY B 2147 -27.40 3.73 -6.99
CA GLY B 2147 -27.65 5.09 -6.54
C GLY B 2147 -28.81 5.76 -7.25
N ILE B 2148 -29.09 6.98 -6.80
CA ILE B 2148 -30.09 7.81 -7.45
C ILE B 2148 -29.56 8.25 -8.81
N ARG B 2149 -30.36 8.07 -9.85
CA ARG B 2149 -29.91 8.35 -11.21
C ARG B 2149 -30.66 9.48 -11.88
N GLY B 2150 -31.63 10.10 -11.20
CA GLY B 2150 -32.36 11.22 -11.78
C GLY B 2150 -33.35 11.80 -10.79
N VAL B 2151 -33.50 13.12 -10.79
CA VAL B 2151 -34.39 13.80 -9.86
C VAL B 2151 -35.18 14.86 -10.62
N ALA B 2152 -36.49 14.89 -10.38
CA ALA B 2152 -37.36 15.87 -11.04
C ALA B 2152 -38.41 16.32 -10.04
N LEU B 2153 -38.48 17.62 -9.80
CA LEU B 2153 -39.38 18.17 -8.79
C LEU B 2153 -40.66 18.67 -9.44
N ASP B 2154 -41.79 18.25 -8.89
CA ASP B 2154 -43.11 18.73 -9.33
C ASP B 2154 -43.42 19.98 -8.51
N TRP B 2155 -43.11 21.15 -9.06
CA TRP B 2155 -43.25 22.40 -8.31
C TRP B 2155 -44.70 22.74 -8.00
N ALA B 2156 -45.66 22.13 -8.71
CA ALA B 2156 -47.06 22.43 -8.44
C ALA B 2156 -47.58 21.66 -7.25
N ALA B 2157 -47.33 20.35 -7.20
CA ALA B 2157 -47.83 19.51 -6.12
C ALA B 2157 -46.80 19.31 -5.00
N GLY B 2158 -45.59 19.82 -5.15
CA GLY B 2158 -44.57 19.60 -4.15
C GLY B 2158 -44.00 18.19 -4.14
N ASN B 2159 -44.16 17.45 -5.23
CA ASN B 2159 -43.67 16.08 -5.31
C ASN B 2159 -42.28 16.07 -5.94
N LEU B 2160 -41.40 15.23 -5.41
CA LEU B 2160 -40.04 15.08 -5.94
C LEU B 2160 -39.88 13.66 -6.47
N TYR B 2161 -40.07 13.51 -7.78
CA TYR B 2161 -39.86 12.21 -8.41
C TYR B 2161 -38.38 11.95 -8.61
N PHE B 2162 -37.95 10.76 -8.21
CA PHE B 2162 -36.55 10.37 -8.40
C PHE B 2162 -36.50 8.89 -8.77
N THR B 2163 -35.40 8.51 -9.40
CA THR B 2163 -35.19 7.15 -9.87
C THR B 2163 -34.13 6.48 -9.00
N ASN B 2164 -34.50 5.37 -8.37
CA ASN B 2164 -33.61 4.61 -7.50
C ASN B 2164 -33.24 3.31 -8.22
N ALA B 2165 -31.95 3.15 -8.50
CA ALA B 2165 -31.47 2.07 -9.35
C ALA B 2165 -30.71 1.04 -8.51
N PHE B 2166 -31.04 -0.24 -8.71
CA PHE B 2166 -30.38 -1.36 -8.07
C PHE B 2166 -29.55 -2.11 -9.10
N VAL B 2167 -28.98 -3.24 -8.66
CA VAL B 2167 -28.09 -4.01 -9.53
C VAL B 2167 -28.86 -4.59 -10.71
N TYR B 2168 -30.05 -5.15 -10.47
CA TYR B 2168 -30.80 -5.83 -11.52
C TYR B 2168 -32.23 -5.30 -11.67
N GLU B 2169 -32.57 -4.21 -10.99
CA GLU B 2169 -33.91 -3.65 -11.10
C GLU B 2169 -33.86 -2.18 -10.72
N THR B 2170 -34.89 -1.45 -11.13
CA THR B 2170 -34.93 0.00 -10.98
C THR B 2170 -36.29 0.43 -10.44
N LEU B 2171 -36.29 1.41 -9.54
CA LEU B 2171 -37.50 1.92 -8.93
C LEU B 2171 -37.72 3.38 -9.33
N ILE B 2172 -38.99 3.77 -9.39
CA ILE B 2172 -39.37 5.17 -9.51
C ILE B 2172 -40.20 5.53 -8.28
N GLU B 2173 -39.75 6.54 -7.54
CA GLU B 2173 -40.32 6.86 -6.23
C GLU B 2173 -40.72 8.33 -6.19
N VAL B 2174 -41.69 8.62 -5.31
CA VAL B 2174 -42.14 9.98 -5.05
C VAL B 2174 -41.89 10.30 -3.58
N LEU B 2175 -41.40 11.50 -3.32
CA LEU B 2175 -41.32 12.03 -1.96
C LEU B 2175 -41.98 13.41 -1.95
N ARG B 2176 -42.87 13.61 -0.99
CA ARG B 2176 -43.54 14.90 -0.83
C ARG B 2176 -42.69 15.78 0.07
N ILE B 2177 -42.41 17.01 -0.39
CA ILE B 2177 -41.44 17.86 0.29
C ILE B 2177 -41.98 18.30 1.64
N ASN B 2178 -41.09 18.34 2.64
CA ASN B 2178 -41.45 18.62 4.02
C ASN B 2178 -42.50 17.66 4.56
N THR B 2179 -42.48 16.41 4.11
CA THR B 2179 -43.27 15.34 4.71
C THR B 2179 -42.41 14.08 4.76
N THR B 2180 -42.86 13.12 5.56
CA THR B 2180 -42.21 11.82 5.61
C THR B 2180 -42.81 10.82 4.63
N TYR B 2181 -43.79 11.23 3.83
CA TYR B 2181 -44.47 10.32 2.93
C TYR B 2181 -43.58 9.99 1.75
N ARG B 2182 -43.46 8.69 1.45
CA ARG B 2182 -42.64 8.21 0.34
C ARG B 2182 -43.14 6.84 -0.09
N ARG B 2183 -43.27 6.65 -1.40
CA ARG B 2183 -43.79 5.39 -1.91
C ARG B 2183 -43.16 5.11 -3.27
N VAL B 2184 -43.25 3.84 -3.68
CA VAL B 2184 -42.74 3.43 -4.98
C VAL B 2184 -43.89 3.39 -5.98
N LEU B 2185 -43.62 3.85 -7.21
CA LEU B 2185 -44.69 3.93 -8.23
C LEU B 2185 -44.43 2.97 -9.40
N LEU B 2186 -43.25 2.37 -9.52
CA LEU B 2186 -43.01 1.40 -10.56
C LEU B 2186 -41.69 0.68 -10.31
N LYS B 2187 -41.69 -0.64 -10.50
CA LYS B 2187 -40.48 -1.45 -10.45
C LYS B 2187 -40.35 -2.20 -11.76
N VAL B 2188 -39.18 -2.06 -12.40
CA VAL B 2188 -38.92 -2.70 -13.68
C VAL B 2188 -37.53 -3.33 -13.65
N SER B 2189 -37.43 -4.54 -14.18
CA SER B 2189 -36.14 -5.23 -14.25
C SER B 2189 -35.51 -5.12 -15.63
N VAL B 2190 -36.27 -5.40 -16.68
CA VAL B 2190 -35.74 -5.31 -18.03
C VAL B 2190 -35.50 -3.85 -18.46
N ASP B 2191 -36.40 -2.95 -18.13
CA ASP B 2191 -36.19 -1.54 -18.40
C ASP B 2191 -35.28 -0.93 -17.35
N MET B 2192 -34.79 0.28 -17.64
CA MET B 2192 -34.02 1.06 -16.68
C MET B 2192 -34.19 2.55 -16.96
N PRO B 2193 -35.21 3.17 -16.37
CA PRO B 2193 -35.31 4.63 -16.44
C PRO B 2193 -34.13 5.26 -15.72
N ARG B 2194 -33.53 6.26 -16.36
CA ARG B 2194 -32.38 6.91 -15.72
C ARG B 2194 -32.62 8.39 -15.46
N HIS B 2195 -32.91 9.16 -16.50
CA HIS B 2195 -33.16 10.58 -16.33
C HIS B 2195 -34.64 10.87 -16.52
N ILE B 2196 -35.22 11.61 -15.57
CA ILE B 2196 -36.67 11.79 -15.51
C ILE B 2196 -36.97 13.28 -15.44
N ILE B 2197 -38.01 13.70 -16.17
CA ILE B 2197 -38.53 15.06 -16.12
C ILE B 2197 -40.03 14.99 -15.93
N VAL B 2198 -40.60 16.06 -15.38
CA VAL B 2198 -42.02 16.13 -15.07
C VAL B 2198 -42.58 17.43 -15.66
N ASP B 2199 -43.82 17.35 -16.16
CA ASP B 2199 -44.52 18.53 -16.68
C ASP B 2199 -45.88 18.64 -16.01
N PRO B 2200 -46.01 19.43 -14.95
CA PRO B 2200 -47.33 19.63 -14.33
C PRO B 2200 -48.34 20.31 -15.24
N LYS B 2201 -47.89 21.04 -16.26
CA LYS B 2201 -48.80 21.70 -17.18
C LYS B 2201 -49.65 20.70 -17.95
N HIS B 2202 -49.03 19.62 -18.42
CA HIS B 2202 -49.73 18.57 -19.16
C HIS B 2202 -49.94 17.32 -18.33
N ARG B 2203 -49.47 17.30 -17.08
CA ARG B 2203 -49.66 16.17 -16.17
C ARG B 2203 -49.08 14.89 -16.75
N TYR B 2204 -47.84 14.98 -17.23
CA TYR B 2204 -47.13 13.86 -17.81
C TYR B 2204 -45.77 13.71 -17.15
N LEU B 2205 -45.22 12.50 -17.24
CA LEU B 2205 -43.92 12.17 -16.68
C LEU B 2205 -43.11 11.45 -17.74
N PHE B 2206 -41.89 11.93 -18.00
CA PHE B 2206 -41.03 11.39 -19.04
C PHE B 2206 -39.71 10.93 -18.44
N TRP B 2207 -39.22 9.78 -18.90
CA TRP B 2207 -37.91 9.31 -18.49
C TRP B 2207 -37.19 8.72 -19.70
N ALA B 2208 -35.87 8.73 -19.63
CA ALA B 2208 -35.01 8.20 -20.68
C ALA B 2208 -34.40 6.88 -20.24
N ASP B 2209 -34.46 5.88 -21.13
CA ASP B 2209 -33.95 4.54 -20.86
C ASP B 2209 -32.79 4.28 -21.81
N TYR B 2210 -31.66 3.86 -21.26
CA TYR B 2210 -30.52 3.46 -22.08
C TYR B 2210 -30.08 2.01 -21.82
N GLY B 2211 -31.02 1.15 -21.42
CA GLY B 2211 -30.73 -0.26 -21.22
C GLY B 2211 -30.63 -1.00 -22.53
N GLN B 2212 -30.98 -2.29 -22.48
CA GLN B 2212 -30.93 -3.12 -23.66
C GLN B 2212 -31.97 -2.74 -24.70
N LYS B 2213 -33.01 -2.01 -24.30
CA LYS B 2213 -34.04 -1.52 -25.21
C LYS B 2213 -34.16 -0.01 -25.00
N PRO B 2214 -33.24 0.76 -25.59
CA PRO B 2214 -33.27 2.21 -25.39
C PRO B 2214 -34.57 2.81 -25.90
N LYS B 2215 -35.10 3.78 -25.16
CA LYS B 2215 -36.37 4.39 -25.50
C LYS B 2215 -36.58 5.62 -24.64
N ILE B 2216 -37.52 6.46 -25.08
CA ILE B 2216 -38.04 7.56 -24.28
C ILE B 2216 -39.50 7.25 -23.98
N GLU B 2217 -39.84 7.20 -22.70
CA GLU B 2217 -41.14 6.70 -22.27
C GLU B 2217 -41.89 7.78 -21.51
N ARG B 2218 -43.20 7.84 -21.75
CA ARG B 2218 -44.08 8.81 -21.10
C ARG B 2218 -45.14 8.09 -20.31
N SER B 2219 -45.49 8.64 -19.14
CA SER B 2219 -46.51 8.07 -18.29
C SER B 2219 -47.22 9.19 -17.54
N PHE B 2220 -48.30 8.83 -16.84
CA PHE B 2220 -49.06 9.83 -16.05
C PHE B 2220 -48.24 10.18 -14.81
N LEU B 2221 -48.71 11.10 -13.98
CA LEU B 2221 -47.86 11.54 -12.83
C LEU B 2221 -47.79 10.43 -11.78
N ASP B 2222 -48.59 9.37 -11.92
CA ASP B 2222 -48.51 8.22 -10.98
C ASP B 2222 -47.79 7.06 -11.66
N CYS B 2223 -47.11 7.31 -12.78
CA CYS B 2223 -46.39 6.24 -13.52
C CYS B 2223 -47.34 5.07 -13.72
N THR B 2224 -48.45 5.27 -14.43
CA THR B 2224 -49.45 4.17 -14.49
C THR B 2224 -49.94 3.88 -15.90
N ASN B 2225 -49.83 4.82 -16.82
CA ASN B 2225 -50.45 4.56 -18.10
C ASN B 2225 -49.42 4.82 -19.19
N ARG B 2226 -48.50 3.87 -19.36
CA ARG B 2226 -47.24 4.13 -20.05
C ARG B 2226 -47.35 4.06 -21.57
N THR B 2227 -46.57 4.91 -22.26
CA THR B 2227 -46.38 4.81 -23.71
C THR B 2227 -44.96 5.19 -24.09
N VAL B 2228 -44.54 4.73 -25.27
CA VAL B 2228 -43.19 4.94 -25.79
C VAL B 2228 -43.22 6.02 -26.87
N LEU B 2229 -42.50 7.11 -26.64
CA LEU B 2229 -42.45 8.19 -27.62
C LEU B 2229 -41.40 7.92 -28.69
N VAL B 2230 -40.20 7.52 -28.30
CA VAL B 2230 -39.14 7.16 -29.23
C VAL B 2230 -38.69 5.74 -28.91
N SER B 2231 -38.64 4.88 -29.93
CA SER B 2231 -38.20 3.51 -29.74
C SER B 2231 -37.16 3.05 -30.76
N GLU B 2232 -36.94 3.80 -31.83
CA GLU B 2232 -35.93 3.45 -32.82
C GLU B 2232 -35.10 4.69 -33.14
N GLY B 2233 -33.88 4.45 -33.60
CA GLY B 2233 -32.94 5.54 -33.81
C GLY B 2233 -32.53 6.25 -32.54
N ILE B 2234 -32.34 5.49 -31.46
CA ILE B 2234 -31.99 6.06 -30.15
C ILE B 2234 -31.15 5.04 -29.40
N VAL B 2235 -29.93 5.45 -29.04
CA VAL B 2235 -29.02 4.60 -28.28
C VAL B 2235 -28.35 5.44 -27.21
N THR B 2236 -28.59 5.08 -25.95
CA THR B 2236 -28.10 5.77 -24.75
C THR B 2236 -28.54 7.23 -24.71
N PRO B 2237 -29.84 7.51 -24.52
CA PRO B 2237 -30.25 8.88 -24.22
C PRO B 2237 -30.07 9.21 -22.74
N ARG B 2238 -29.16 10.12 -22.42
CA ARG B 2238 -28.86 10.44 -21.04
C ARG B 2238 -29.24 11.87 -20.66
N GLY B 2239 -30.25 12.44 -21.32
CA GLY B 2239 -30.72 13.77 -20.97
C GLY B 2239 -32.06 14.04 -21.59
N LEU B 2240 -32.92 14.74 -20.84
CA LEU B 2240 -34.23 15.16 -21.31
C LEU B 2240 -34.46 16.62 -20.93
N ALA B 2241 -35.32 17.28 -21.70
CA ALA B 2241 -35.73 18.65 -21.40
C ALA B 2241 -37.11 18.89 -21.98
N MET B 2242 -37.84 19.81 -21.36
CA MET B 2242 -39.17 20.17 -21.81
C MET B 2242 -39.21 21.65 -22.19
N ASP B 2243 -39.97 21.96 -23.24
CA ASP B 2243 -40.10 23.34 -23.71
C ASP B 2243 -41.15 24.13 -22.96
N HIS B 2244 -42.26 23.50 -22.58
CA HIS B 2244 -43.33 24.08 -21.77
C HIS B 2244 -44.13 25.13 -22.53
N ASP B 2245 -43.69 25.49 -23.73
CA ASP B 2245 -44.40 26.46 -24.55
C ASP B 2245 -44.75 25.92 -25.93
N THR B 2246 -43.95 25.00 -26.47
CA THR B 2246 -44.26 24.34 -27.72
C THR B 2246 -44.59 22.87 -27.56
N GLY B 2247 -44.44 22.30 -26.36
CA GLY B 2247 -44.79 20.92 -26.12
C GLY B 2247 -43.81 19.89 -26.65
N TYR B 2248 -42.58 20.30 -26.97
CA TYR B 2248 -41.61 19.36 -27.51
C TYR B 2248 -40.74 18.77 -26.40
N ILE B 2249 -40.25 17.57 -26.64
CA ILE B 2249 -39.34 16.89 -25.74
C ILE B 2249 -37.96 16.85 -26.39
N TYR B 2250 -36.99 17.52 -25.77
CA TYR B 2250 -35.62 17.55 -26.27
C TYR B 2250 -34.78 16.54 -25.52
N TRP B 2251 -33.88 15.87 -26.25
CA TRP B 2251 -32.99 14.91 -25.63
C TRP B 2251 -31.66 14.89 -26.36
N VAL B 2252 -30.61 14.50 -25.62
CA VAL B 2252 -29.26 14.41 -26.13
C VAL B 2252 -28.88 12.94 -26.21
N ASP B 2253 -28.22 12.56 -27.29
CA ASP B 2253 -27.91 11.15 -27.56
C ASP B 2253 -26.43 11.07 -27.91
N ASP B 2254 -25.61 10.68 -26.94
CA ASP B 2254 -24.16 10.71 -27.11
C ASP B 2254 -23.60 9.54 -27.89
N SER B 2255 -24.36 8.46 -28.07
CA SER B 2255 -23.90 7.33 -28.88
C SER B 2255 -24.11 7.56 -30.37
N LEU B 2256 -25.05 8.42 -30.76
CA LEU B 2256 -25.27 8.77 -32.15
C LEU B 2256 -24.92 10.22 -32.45
N ASP B 2257 -24.51 10.99 -31.45
CA ASP B 2257 -24.00 12.35 -31.63
C ASP B 2257 -25.03 13.27 -32.29
N LEU B 2258 -26.17 13.43 -31.62
CA LEU B 2258 -27.17 14.37 -32.11
C LEU B 2258 -28.02 14.89 -30.96
N ILE B 2259 -28.68 16.01 -31.21
CA ILE B 2259 -29.73 16.55 -30.35
C ILE B 2259 -31.02 16.56 -31.15
N ALA B 2260 -32.05 15.90 -30.62
CA ALA B 2260 -33.30 15.75 -31.34
C ALA B 2260 -34.47 16.14 -30.45
N ARG B 2261 -35.61 16.37 -31.06
CA ARG B 2261 -36.82 16.77 -30.35
C ARG B 2261 -38.02 16.01 -30.88
N ILE B 2262 -38.98 15.76 -29.99
CA ILE B 2262 -40.21 15.07 -30.33
C ILE B 2262 -41.36 15.73 -29.58
N HIS B 2263 -42.54 15.75 -30.22
CA HIS B 2263 -43.71 16.34 -29.59
C HIS B 2263 -44.27 15.40 -28.52
N LEU B 2264 -45.21 15.93 -27.73
CA LEU B 2264 -45.85 15.13 -26.70
C LEU B 2264 -46.62 13.96 -27.29
N ASP B 2265 -47.32 14.18 -28.41
CA ASP B 2265 -48.17 13.16 -29.00
C ASP B 2265 -47.38 12.08 -29.73
N GLY B 2266 -46.06 12.21 -29.83
CA GLY B 2266 -45.25 11.17 -30.43
C GLY B 2266 -45.30 11.14 -31.95
N GLY B 2267 -44.94 12.24 -32.60
CA GLY B 2267 -44.89 12.28 -34.04
C GLY B 2267 -43.58 11.73 -34.59
N GLU B 2268 -42.95 12.46 -35.50
CA GLU B 2268 -41.66 12.08 -36.06
C GLU B 2268 -40.56 12.95 -35.46
N SER B 2269 -39.50 12.32 -35.00
CA SER B 2269 -38.42 13.03 -34.34
C SER B 2269 -37.73 13.99 -35.32
N GLN B 2270 -37.36 15.16 -34.81
CA GLN B 2270 -36.70 16.20 -35.60
C GLN B 2270 -35.30 16.42 -35.06
N VAL B 2271 -34.32 16.44 -35.97
CA VAL B 2271 -32.93 16.60 -35.56
C VAL B 2271 -32.61 18.09 -35.43
N VAL B 2272 -32.21 18.49 -34.23
CA VAL B 2272 -31.82 19.88 -33.98
C VAL B 2272 -30.36 20.11 -34.31
N ARG B 2273 -29.47 19.34 -33.68
CA ARG B 2273 -28.04 19.39 -33.97
C ARG B 2273 -27.54 17.97 -34.18
N TYR B 2274 -26.55 17.82 -35.06
CA TYR B 2274 -26.05 16.50 -35.40
C TYR B 2274 -24.69 16.65 -36.09
N GLY B 2275 -23.87 15.63 -35.95
CA GLY B 2275 -22.57 15.59 -36.59
C GLY B 2275 -21.47 15.17 -35.63
N SER B 2276 -20.25 15.21 -36.14
CA SER B 2276 -19.09 14.84 -35.33
C SER B 2276 -18.75 15.91 -34.30
N ARG B 2277 -19.20 17.14 -34.53
CA ARG B 2277 -18.87 18.25 -33.64
C ARG B 2277 -19.65 18.22 -32.33
N TYR B 2278 -20.50 17.21 -32.12
CA TYR B 2278 -21.27 17.05 -30.88
C TYR B 2278 -21.01 15.64 -30.36
N PRO B 2279 -19.81 15.39 -29.83
CA PRO B 2279 -19.42 14.02 -29.47
C PRO B 2279 -20.20 13.46 -28.30
N THR B 2280 -20.22 14.19 -27.18
CA THR B 2280 -20.85 13.67 -25.97
C THR B 2280 -21.75 14.71 -25.32
N PRO B 2281 -22.90 15.03 -25.90
CA PRO B 2281 -23.87 15.87 -25.19
C PRO B 2281 -24.51 15.08 -24.05
N TYR B 2282 -24.22 15.50 -22.82
CA TYR B 2282 -24.61 14.74 -21.65
C TYR B 2282 -25.91 15.22 -21.00
N GLY B 2283 -26.23 16.50 -21.11
CA GLY B 2283 -27.47 17.01 -20.55
C GLY B 2283 -27.91 18.22 -21.33
N ILE B 2284 -29.21 18.50 -21.30
CA ILE B 2284 -29.81 19.57 -22.10
C ILE B 2284 -30.89 20.27 -21.31
N THR B 2285 -31.11 21.54 -21.64
CA THR B 2285 -32.19 22.32 -21.09
C THR B 2285 -32.65 23.31 -22.16
N VAL B 2286 -33.85 23.84 -21.99
CA VAL B 2286 -34.47 24.74 -22.95
C VAL B 2286 -34.81 26.06 -22.25
N PHE B 2287 -34.41 27.17 -22.85
CA PHE B 2287 -34.70 28.49 -22.31
C PHE B 2287 -35.00 29.43 -23.46
N GLY B 2288 -36.25 29.91 -23.54
CA GLY B 2288 -36.60 30.84 -24.59
C GLY B 2288 -36.52 30.21 -25.96
N GLU B 2289 -35.79 30.87 -26.85
CA GLU B 2289 -35.64 30.41 -28.22
C GLU B 2289 -34.44 29.49 -28.44
N SER B 2290 -33.70 29.17 -27.38
CA SER B 2290 -32.44 28.45 -27.52
C SER B 2290 -32.39 27.26 -26.59
N ILE B 2291 -31.64 26.24 -27.00
CA ILE B 2291 -31.33 25.10 -26.16
C ILE B 2291 -29.94 25.30 -25.56
N ILE B 2292 -29.72 24.73 -24.38
CA ILE B 2292 -28.43 24.77 -23.72
C ILE B 2292 -28.05 23.35 -23.33
N TRP B 2293 -26.86 22.94 -23.72
CA TRP B 2293 -26.39 21.59 -23.42
C TRP B 2293 -24.92 21.63 -23.06
N VAL B 2294 -24.47 20.60 -22.34
CA VAL B 2294 -23.09 20.46 -21.92
C VAL B 2294 -22.46 19.32 -22.69
N ASP B 2295 -21.14 19.34 -22.81
CA ASP B 2295 -20.39 18.32 -23.52
C ASP B 2295 -19.27 17.83 -22.63
N ARG B 2296 -19.24 16.52 -22.37
CA ARG B 2296 -18.20 15.95 -21.52
C ARG B 2296 -16.84 15.96 -22.21
N ASN B 2297 -16.80 15.61 -23.49
CA ASN B 2297 -15.53 15.56 -24.21
C ASN B 2297 -14.97 16.96 -24.42
N LEU B 2298 -15.79 17.89 -24.90
CA LEU B 2298 -15.34 19.24 -25.21
C LEU B 2298 -15.20 20.12 -23.99
N LYS B 2299 -15.78 19.73 -22.85
CA LYS B 2299 -15.67 20.48 -21.60
C LYS B 2299 -16.26 21.88 -21.72
N LYS B 2300 -17.30 22.04 -22.52
CA LYS B 2300 -17.92 23.35 -22.74
C LYS B 2300 -19.42 23.27 -22.51
N VAL B 2301 -20.01 24.43 -22.21
CA VAL B 2301 -21.46 24.60 -22.14
C VAL B 2301 -21.87 25.46 -23.32
N PHE B 2302 -22.83 24.98 -24.11
CA PHE B 2302 -23.19 25.58 -25.39
C PHE B 2302 -24.57 26.20 -25.32
N GLN B 2303 -24.80 27.17 -26.22
CA GLN B 2303 -26.10 27.74 -26.46
C GLN B 2303 -26.32 27.83 -27.97
N ALA B 2304 -27.47 27.37 -28.43
CA ALA B 2304 -27.78 27.37 -29.85
C ALA B 2304 -29.29 27.39 -30.03
N SER B 2305 -29.73 27.77 -31.23
CA SER B 2305 -31.15 27.86 -31.51
C SER B 2305 -31.81 26.50 -31.43
N LYS B 2306 -32.98 26.45 -30.78
CA LYS B 2306 -33.71 25.21 -30.58
C LYS B 2306 -34.43 24.73 -31.82
N GLN B 2307 -34.56 25.56 -32.84
CA GLN B 2307 -35.30 25.17 -34.04
C GLN B 2307 -34.45 24.24 -34.90
N PRO B 2308 -35.02 23.14 -35.39
CA PRO B 2308 -34.27 22.25 -36.27
C PRO B 2308 -33.95 22.92 -37.60
N GLY B 2309 -32.81 22.53 -38.18
CA GLY B 2309 -32.36 23.11 -39.42
C GLY B 2309 -31.52 24.35 -39.29
N ASN B 2310 -31.36 24.89 -38.08
CA ASN B 2310 -30.50 26.04 -37.88
C ASN B 2310 -29.04 25.63 -37.99
N THR B 2311 -28.23 26.51 -38.60
CA THR B 2311 -26.83 26.19 -38.89
C THR B 2311 -25.85 27.17 -38.24
N ASP B 2312 -26.31 28.01 -37.31
CA ASP B 2312 -25.40 28.90 -36.62
C ASP B 2312 -24.48 28.09 -35.70
N PRO B 2313 -23.21 28.48 -35.58
CA PRO B 2313 -22.31 27.80 -34.65
C PRO B 2313 -22.79 27.97 -33.21
N PRO B 2314 -22.62 26.94 -32.38
CA PRO B 2314 -23.09 27.04 -31.00
C PRO B 2314 -22.25 28.03 -30.20
N VAL B 2315 -22.92 28.95 -29.52
CA VAL B 2315 -22.23 29.94 -28.70
C VAL B 2315 -21.76 29.29 -27.41
N VAL B 2316 -20.52 29.58 -27.03
CA VAL B 2316 -19.90 28.99 -25.84
C VAL B 2316 -20.16 29.91 -24.65
N ILE B 2317 -20.62 29.31 -23.55
CA ILE B 2317 -20.84 30.06 -22.32
C ILE B 2317 -19.66 29.91 -21.37
N ARG B 2318 -19.28 28.68 -21.08
CA ARG B 2318 -18.09 28.38 -20.29
C ARG B 2318 -17.38 27.21 -20.96
N ASP B 2319 -16.06 27.13 -20.75
CA ASP B 2319 -15.28 26.03 -21.29
C ASP B 2319 -14.20 25.62 -20.29
N LYS B 2320 -13.53 24.52 -20.60
CA LYS B 2320 -12.55 23.90 -19.70
C LYS B 2320 -13.16 23.55 -18.35
N ILE B 2321 -14.42 23.12 -18.36
CA ILE B 2321 -15.08 22.64 -17.16
C ILE B 2321 -15.05 21.11 -17.17
N ASN B 2322 -14.55 20.52 -16.10
CA ASN B 2322 -14.31 19.08 -16.07
C ASN B 2322 -15.51 18.33 -15.50
N LEU B 2323 -15.75 17.15 -16.06
CA LEU B 2323 -16.75 16.21 -15.56
C LEU B 2323 -18.17 16.78 -15.63
N LEU B 2324 -18.49 17.44 -16.74
CA LEU B 2324 -19.82 18.00 -16.93
C LEU B 2324 -20.87 16.90 -16.96
N ARG B 2325 -21.97 17.12 -16.22
CA ARG B 2325 -23.03 16.12 -16.12
C ARG B 2325 -24.34 16.63 -16.70
N ASP B 2326 -24.87 17.75 -16.21
CA ASP B 2326 -26.21 18.18 -16.56
C ASP B 2326 -26.33 19.68 -16.41
N VAL B 2327 -27.37 20.25 -17.01
CA VAL B 2327 -27.65 21.68 -16.95
C VAL B 2327 -29.14 21.88 -16.75
N THR B 2328 -29.49 22.86 -15.91
CA THR B 2328 -30.89 23.16 -15.61
C THR B 2328 -31.04 24.68 -15.51
N ILE B 2329 -32.26 25.15 -15.71
CA ILE B 2329 -32.58 26.58 -15.69
C ILE B 2329 -33.31 26.90 -14.40
N PHE B 2330 -32.78 27.85 -13.63
CA PHE B 2330 -33.44 28.38 -12.44
C PHE B 2330 -34.09 29.70 -12.84
N ASP B 2331 -35.37 29.65 -13.19
CA ASP B 2331 -36.08 30.84 -13.63
C ASP B 2331 -37.54 30.70 -13.27
N GLU B 2332 -38.20 31.84 -13.02
CA GLU B 2332 -39.63 31.83 -12.74
C GLU B 2332 -40.43 31.40 -13.94
N HIS B 2333 -39.99 31.78 -15.14
CA HIS B 2333 -40.70 31.40 -16.37
C HIS B 2333 -40.67 29.90 -16.60
N ALA B 2334 -39.62 29.20 -16.15
CA ALA B 2334 -39.54 27.76 -16.34
C ALA B 2334 -40.47 27.00 -15.40
N GLN B 2335 -40.90 27.62 -14.31
CA GLN B 2335 -41.78 26.98 -13.32
C GLN B 2335 -42.97 27.90 -13.07
N PRO B 2336 -43.96 27.89 -13.94
CA PRO B 2336 -45.15 28.72 -13.72
C PRO B 2336 -45.97 28.21 -12.55
N LEU B 2337 -46.75 29.13 -11.96
CA LEU B 2337 -47.55 28.79 -10.80
C LEU B 2337 -49.01 29.18 -10.89
N SER B 2338 -49.39 30.18 -11.70
CA SER B 2338 -50.78 30.56 -11.79
C SER B 2338 -51.58 29.48 -12.51
N PRO B 2339 -52.84 29.27 -12.12
CA PRO B 2339 -53.65 28.24 -12.78
C PRO B 2339 -53.83 28.44 -14.27
N ALA B 2340 -53.82 29.69 -14.73
CA ALA B 2340 -53.95 29.95 -16.16
C ALA B 2340 -52.77 29.37 -16.93
N GLU B 2341 -51.56 29.51 -16.40
CA GLU B 2341 -50.38 28.94 -17.05
C GLU B 2341 -50.33 27.43 -16.89
N LEU B 2342 -50.73 26.92 -15.73
CA LEU B 2342 -50.69 25.49 -15.43
C LEU B 2342 -51.96 24.76 -15.84
N ASN B 2343 -52.85 25.42 -16.59
CA ASN B 2343 -54.10 24.82 -17.04
C ASN B 2343 -54.94 24.29 -15.87
N ASN B 2344 -54.97 25.08 -14.80
CA ASN B 2344 -55.77 24.78 -13.61
C ASN B 2344 -55.39 23.43 -13.02
N ASN B 2345 -54.14 23.33 -12.55
CA ASN B 2345 -53.67 22.13 -11.91
C ASN B 2345 -54.38 21.91 -10.58
N PRO B 2346 -55.05 20.77 -10.37
CA PRO B 2346 -55.83 20.58 -9.15
C PRO B 2346 -55.01 20.59 -7.87
N CYS B 2347 -53.70 20.36 -7.94
CA CYS B 2347 -52.88 20.28 -6.74
C CYS B 2347 -52.40 21.64 -6.23
N LEU B 2348 -52.77 22.72 -6.92
CA LEU B 2348 -52.26 24.04 -6.53
C LEU B 2348 -52.95 24.57 -5.28
N GLN B 2349 -54.25 24.30 -5.14
CA GLN B 2349 -55.02 24.95 -4.08
C GLN B 2349 -54.49 24.59 -2.70
N SER B 2350 -54.68 23.33 -2.30
CA SER B 2350 -53.95 22.80 -1.15
C SER B 2350 -53.80 21.29 -1.31
N ASN B 2351 -52.68 20.86 -1.92
CA ASN B 2351 -52.43 19.45 -2.19
C ASN B 2351 -53.63 18.76 -2.83
N GLY B 2352 -54.45 19.54 -3.54
CA GLY B 2352 -55.70 19.01 -4.07
C GLY B 2352 -56.68 18.54 -3.02
N GLY B 2353 -56.50 18.98 -1.77
CA GLY B 2353 -57.32 18.49 -0.68
C GLY B 2353 -57.01 17.07 -0.25
N CYS B 2354 -55.97 16.45 -0.80
CA CYS B 2354 -55.68 15.06 -0.51
C CYS B 2354 -54.82 14.93 0.74
N SER B 2355 -54.74 13.70 1.26
CA SER B 2355 -53.99 13.45 2.48
C SER B 2355 -52.51 13.24 2.19
N HIS B 2356 -52.17 12.21 1.43
CA HIS B 2356 -50.76 11.88 1.20
C HIS B 2356 -50.24 12.44 -0.11
N PHE B 2357 -50.80 12.01 -1.24
CA PHE B 2357 -50.34 12.41 -2.56
C PHE B 2357 -51.54 12.77 -3.45
N CYS B 2358 -51.39 13.83 -4.22
CA CYS B 2358 -52.36 14.16 -5.26
C CYS B 2358 -51.67 14.08 -6.62
N PHE B 2359 -52.27 13.32 -7.53
CA PHE B 2359 -51.68 13.11 -8.87
C PHE B 2359 -52.68 13.59 -9.92
N ALA B 2360 -52.41 14.75 -10.54
CA ALA B 2360 -53.30 15.32 -11.55
C ALA B 2360 -53.20 14.53 -12.84
N LEU B 2361 -54.35 14.29 -13.46
CA LEU B 2361 -54.44 13.54 -14.70
C LEU B 2361 -54.64 14.49 -15.88
N PRO B 2362 -54.28 14.07 -17.10
CA PRO B 2362 -54.27 15.01 -18.24
C PRO B 2362 -55.61 15.68 -18.50
N GLU B 2363 -56.74 15.00 -18.28
CA GLU B 2363 -58.03 15.62 -18.56
C GLU B 2363 -59.01 15.63 -17.39
N LEU B 2364 -58.86 14.77 -16.39
CA LEU B 2364 -59.81 14.76 -15.28
C LEU B 2364 -59.62 16.01 -14.42
N PRO B 2365 -60.69 16.75 -14.11
CA PRO B 2365 -60.54 17.96 -13.29
C PRO B 2365 -60.32 17.68 -11.82
N THR B 2366 -60.59 16.47 -11.34
CA THR B 2366 -60.36 16.13 -9.95
C THR B 2366 -59.07 15.31 -9.82
N PRO B 2367 -58.23 15.64 -8.86
CA PRO B 2367 -56.94 14.95 -8.75
C PRO B 2367 -57.09 13.54 -8.21
N ARG B 2368 -56.31 12.63 -8.81
CA ARG B 2368 -56.29 11.25 -8.27
C ARG B 2368 -55.52 11.32 -6.96
N CYS B 2369 -55.98 10.58 -5.96
CA CYS B 2369 -55.37 10.60 -4.63
C CYS B 2369 -54.50 9.36 -4.46
N GLY B 2370 -53.21 9.58 -4.21
CA GLY B 2370 -52.29 8.50 -3.93
C GLY B 2370 -52.07 8.36 -2.43
N CYS B 2371 -51.79 7.12 -2.01
CA CYS B 2371 -51.61 6.79 -0.61
C CYS B 2371 -50.19 6.29 -0.38
N ALA B 2372 -49.48 6.93 0.55
CA ALA B 2372 -48.12 6.50 0.87
C ALA B 2372 -48.12 5.22 1.69
N PHE B 2373 -49.03 5.10 2.65
CA PHE B 2373 -49.15 3.88 3.44
C PHE B 2373 -50.61 3.70 3.82
N GLY B 2374 -51.04 2.45 3.88
CA GLY B 2374 -52.44 2.16 4.12
C GLY B 2374 -53.24 2.09 2.84
N THR B 2375 -54.56 2.24 2.98
CA THR B 2375 -55.48 2.18 1.86
C THR B 2375 -56.30 3.45 1.80
N LEU B 2376 -56.67 3.83 0.58
CA LEU B 2376 -57.45 5.05 0.38
C LEU B 2376 -58.88 4.82 0.88
N GLY B 2377 -59.39 5.78 1.64
CA GLY B 2377 -60.73 5.67 2.17
C GLY B 2377 -61.80 5.82 1.10
N ASN B 2378 -63.02 5.45 1.48
CA ASN B 2378 -64.15 5.55 0.55
C ASN B 2378 -64.45 6.99 0.17
N ASP B 2379 -64.06 7.96 0.99
CA ASP B 2379 -64.24 9.37 0.62
C ASP B 2379 -63.34 9.77 -0.54
N GLY B 2380 -62.35 8.94 -0.88
CA GLY B 2380 -61.50 9.19 -2.02
C GLY B 2380 -60.33 10.11 -1.77
N LYS B 2381 -60.17 10.62 -0.54
CA LYS B 2381 -59.07 11.53 -0.25
C LYS B 2381 -58.29 11.21 1.01
N SER B 2382 -58.80 10.40 1.92
CA SER B 2382 -58.12 10.07 3.17
C SER B 2382 -57.52 8.67 3.09
N CYS B 2383 -56.61 8.40 4.03
CA CYS B 2383 -55.92 7.12 4.10
C CYS B 2383 -56.02 6.55 5.50
N ALA B 2384 -56.15 5.23 5.58
CA ALA B 2384 -56.27 4.54 6.85
C ALA B 2384 -55.57 3.19 6.73
N THR B 2385 -55.34 2.56 7.89
CA THR B 2385 -54.67 1.26 7.91
C THR B 2385 -55.47 0.24 7.11
N SER B 2386 -54.75 -0.57 6.33
CA SER B 2386 -55.40 -1.51 5.43
C SER B 2386 -56.18 -2.57 6.22
N GLN B 2387 -57.35 -2.94 5.70
CA GLN B 2387 -58.15 -4.03 6.24
C GLN B 2387 -57.91 -5.34 5.53
N GLU B 2388 -57.02 -5.36 4.54
CA GLU B 2388 -56.73 -6.58 3.80
C GLU B 2388 -55.81 -7.49 4.60
N ASP B 2389 -55.53 -8.66 4.04
CA ASP B 2389 -54.49 -9.53 4.58
C ASP B 2389 -53.16 -9.21 3.93
N PHE B 2390 -52.10 -9.20 4.73
CA PHE B 2390 -50.80 -8.79 4.22
C PHE B 2390 -49.69 -9.38 5.08
N LEU B 2391 -48.49 -9.41 4.51
CA LEU B 2391 -47.31 -9.87 5.22
C LEU B 2391 -46.80 -8.82 6.19
N ILE B 2392 -46.17 -9.29 7.26
CA ILE B 2392 -45.44 -8.43 8.19
C ILE B 2392 -44.12 -9.10 8.50
N TYR B 2393 -43.03 -8.34 8.38
CA TYR B 2393 -41.70 -8.85 8.65
C TYR B 2393 -40.91 -7.84 9.46
N SER B 2394 -39.95 -8.34 10.23
CA SER B 2394 -39.10 -7.48 11.03
C SER B 2394 -37.81 -7.16 10.30
N LEU B 2395 -37.43 -5.89 10.29
CA LEU B 2395 -36.23 -5.42 9.60
C LEU B 2395 -35.42 -4.61 10.60
N ASN B 2396 -34.47 -5.27 11.27
CA ASN B 2396 -33.63 -4.66 12.28
C ASN B 2396 -34.44 -3.98 13.37
N ASN B 2397 -34.35 -2.66 13.48
CA ASN B 2397 -34.97 -1.93 14.57
C ASN B 2397 -36.37 -1.45 14.22
N SER B 2398 -37.04 -2.15 13.30
CA SER B 2398 -38.37 -1.74 12.90
C SER B 2398 -39.16 -2.94 12.41
N LEU B 2399 -40.48 -2.80 12.44
CA LEU B 2399 -41.40 -3.80 11.89
C LEU B 2399 -41.99 -3.24 10.60
N ARG B 2400 -41.78 -3.97 9.51
CA ARG B 2400 -42.26 -3.54 8.19
C ARG B 2400 -43.47 -4.37 7.79
N SER B 2401 -44.12 -3.92 6.72
CA SER B 2401 -45.31 -4.60 6.22
C SER B 2401 -45.21 -4.68 4.70
N LEU B 2402 -45.96 -5.62 4.13
CA LEU B 2402 -45.87 -5.89 2.69
C LEU B 2402 -47.14 -6.58 2.24
N HIS B 2403 -47.72 -6.10 1.14
CA HIS B 2403 -48.89 -6.75 0.56
C HIS B 2403 -48.49 -8.07 -0.09
N PHE B 2404 -49.47 -8.97 -0.21
CA PHE B 2404 -49.23 -10.21 -0.93
C PHE B 2404 -49.07 -9.97 -2.42
N ASP B 2405 -49.69 -8.93 -2.95
CA ASP B 2405 -49.65 -8.65 -4.38
C ASP B 2405 -48.26 -8.17 -4.77
N PRO B 2406 -47.57 -8.86 -5.68
CA PRO B 2406 -46.21 -8.41 -6.06
C PRO B 2406 -46.15 -7.03 -6.67
N ARG B 2407 -47.17 -6.61 -7.43
CA ARG B 2407 -47.13 -5.31 -8.10
C ARG B 2407 -47.90 -4.23 -7.33
N ASP B 2408 -48.28 -4.50 -6.09
CA ASP B 2408 -48.90 -3.51 -5.23
C ASP B 2408 -47.81 -2.89 -4.35
N HIS B 2409 -47.52 -1.62 -4.58
CA HIS B 2409 -46.42 -0.94 -3.90
C HIS B 2409 -46.86 -0.10 -2.72
N SER B 2410 -48.12 -0.20 -2.31
CA SER B 2410 -48.58 0.56 -1.16
C SER B 2410 -48.38 -0.25 0.11
N LEU B 2411 -47.72 0.35 1.10
CA LEU B 2411 -47.51 -0.32 2.37
C LEU B 2411 -48.83 -0.39 3.13
N PRO B 2412 -49.25 -1.57 3.59
CA PRO B 2412 -50.49 -1.67 4.35
C PRO B 2412 -50.52 -0.81 5.61
N PHE B 2413 -49.38 -0.60 6.27
CA PHE B 2413 -49.32 0.36 7.36
C PHE B 2413 -47.93 0.98 7.42
N GLN B 2414 -47.85 2.15 8.04
CA GLN B 2414 -46.57 2.83 8.23
C GLN B 2414 -45.69 2.03 9.18
N VAL B 2415 -44.38 2.05 8.91
CA VAL B 2415 -43.45 1.21 9.64
C VAL B 2415 -43.46 1.59 11.11
N ILE B 2416 -43.34 0.58 11.98
CA ILE B 2416 -43.24 0.81 13.42
C ILE B 2416 -41.79 0.72 13.83
N SER B 2417 -41.32 1.74 14.55
CA SER B 2417 -39.95 1.77 15.02
C SER B 2417 -39.88 1.27 16.46
N VAL B 2418 -38.97 0.33 16.71
CA VAL B 2418 -38.80 -0.28 18.02
C VAL B 2418 -37.32 -0.20 18.40
N ALA B 2419 -37.06 -0.31 19.70
CA ALA B 2419 -35.68 -0.32 20.17
C ALA B 2419 -35.06 -1.70 19.95
N GLY B 2420 -33.73 -1.73 19.96
CA GLY B 2420 -33.03 -2.99 19.73
C GLY B 2420 -33.28 -3.49 18.32
N THR B 2421 -33.30 -4.82 18.16
CA THR B 2421 -33.57 -5.46 16.89
C THR B 2421 -34.67 -6.50 17.08
N ALA B 2422 -35.70 -6.42 16.23
CA ALA B 2422 -36.77 -7.40 16.26
C ALA B 2422 -36.34 -8.66 15.51
N ILE B 2423 -36.71 -9.82 16.03
CA ILE B 2423 -36.26 -11.09 15.47
C ILE B 2423 -37.46 -11.89 14.96
N ALA B 2424 -38.36 -12.25 15.86
CA ALA B 2424 -39.55 -13.03 15.51
C ALA B 2424 -40.80 -12.25 15.89
N LEU B 2425 -41.90 -12.56 15.20
CA LEU B 2425 -43.14 -11.83 15.41
C LEU B 2425 -44.33 -12.71 15.07
N ASP B 2426 -45.46 -12.40 15.69
CA ASP B 2426 -46.71 -13.10 15.44
C ASP B 2426 -47.87 -12.14 15.69
N TYR B 2427 -49.01 -12.44 15.09
CA TYR B 2427 -50.15 -11.53 15.06
C TYR B 2427 -51.30 -12.10 15.89
N ASP B 2428 -51.89 -11.24 16.71
CA ASP B 2428 -53.08 -11.59 17.50
C ASP B 2428 -54.28 -10.95 16.83
N ARG B 2429 -55.16 -11.77 16.24
CA ARG B 2429 -56.29 -11.24 15.51
C ARG B 2429 -57.34 -10.62 16.42
N ARG B 2430 -57.52 -11.17 17.63
CA ARG B 2430 -58.58 -10.69 18.51
C ARG B 2430 -58.33 -9.25 18.95
N ASN B 2431 -57.14 -8.96 19.47
CA ASN B 2431 -56.82 -7.63 19.95
C ASN B 2431 -56.10 -6.78 18.91
N ASN B 2432 -55.86 -7.32 17.71
CA ASN B 2432 -55.21 -6.58 16.62
C ASN B 2432 -53.83 -6.07 17.04
N ARG B 2433 -52.97 -7.00 17.43
CA ARG B 2433 -51.62 -6.69 17.90
C ARG B 2433 -50.62 -7.62 17.23
N ILE B 2434 -49.37 -7.17 17.15
CA ILE B 2434 -48.25 -8.03 16.80
C ILE B 2434 -47.35 -8.19 18.01
N PHE B 2435 -47.25 -9.42 18.51
CA PHE B 2435 -46.23 -9.75 19.48
C PHE B 2435 -44.92 -10.03 18.76
N PHE B 2436 -43.84 -9.45 19.25
CA PHE B 2436 -42.56 -9.60 18.58
C PHE B 2436 -41.45 -9.68 19.61
N THR B 2437 -40.49 -10.58 19.38
CA THR B 2437 -39.29 -10.65 20.18
C THR B 2437 -38.39 -9.47 19.84
N GLN B 2438 -37.41 -9.22 20.70
CA GLN B 2438 -36.62 -8.00 20.61
C GLN B 2438 -35.27 -8.24 21.26
N LYS B 2439 -34.21 -8.22 20.45
CA LYS B 2439 -32.86 -8.41 20.96
C LYS B 2439 -32.26 -7.08 21.42
N LEU B 2440 -31.61 -7.10 22.57
CA LEU B 2440 -30.97 -5.92 23.13
C LEU B 2440 -29.45 -5.97 23.06
N ASN B 2441 -28.85 -7.11 23.38
CA ASN B 2441 -27.42 -7.31 23.21
C ASN B 2441 -27.16 -8.81 23.04
N SER B 2442 -25.90 -9.20 23.22
CA SER B 2442 -25.51 -10.59 23.03
C SER B 2442 -26.25 -11.51 23.99
N LEU B 2443 -26.59 -11.02 25.18
CA LEU B 2443 -27.26 -11.84 26.20
C LEU B 2443 -28.62 -11.31 26.61
N ARG B 2444 -29.01 -10.12 26.16
CA ARG B 2444 -30.23 -9.46 26.60
C ARG B 2444 -31.29 -9.56 25.50
N GLY B 2445 -32.49 -9.98 25.88
CA GLY B 2445 -33.61 -10.00 24.98
C GLY B 2445 -34.91 -9.79 25.74
N GLN B 2446 -35.96 -9.47 25.00
CA GLN B 2446 -37.26 -9.20 25.61
C GLN B 2446 -38.36 -9.40 24.58
N ILE B 2447 -39.60 -9.41 25.08
CA ILE B 2447 -40.78 -9.58 24.25
C ILE B 2447 -41.68 -8.37 24.44
N SER B 2448 -42.12 -7.79 23.32
CA SER B 2448 -42.97 -6.61 23.33
C SER B 2448 -44.16 -6.85 22.41
N TYR B 2449 -45.06 -5.87 22.37
CA TYR B 2449 -46.21 -5.91 21.47
C TYR B 2449 -46.62 -4.49 21.13
N VAL B 2450 -47.32 -4.37 20.00
CA VAL B 2450 -47.80 -3.08 19.50
C VAL B 2450 -49.14 -3.29 18.83
N SER B 2451 -50.04 -2.32 18.99
CA SER B 2451 -51.38 -2.42 18.43
C SER B 2451 -51.44 -1.78 17.04
N LEU B 2452 -52.26 -2.35 16.18
CA LEU B 2452 -52.48 -1.84 14.83
C LEU B 2452 -53.76 -1.03 14.68
N TYR B 2453 -54.43 -0.71 15.79
CA TYR B 2453 -55.64 0.09 15.71
C TYR B 2453 -55.30 1.52 15.28
N SER B 2454 -56.30 2.22 14.77
CA SER B 2454 -56.11 3.59 14.31
C SER B 2454 -55.61 4.46 15.46
N GLY B 2455 -54.89 5.51 15.09
CA GLY B 2455 -54.15 6.30 16.06
C GLY B 2455 -52.70 5.85 16.12
N SER B 2456 -52.17 5.69 17.32
CA SER B 2456 -50.80 5.21 17.49
C SER B 2456 -50.62 4.66 18.89
N SER B 2457 -49.55 3.90 19.06
CA SER B 2457 -49.15 3.37 20.36
C SER B 2457 -47.70 2.93 20.28
N SER B 2458 -46.90 3.40 21.22
CA SER B 2458 -45.50 2.99 21.28
C SER B 2458 -45.41 1.53 21.69
N PRO B 2459 -44.37 0.82 21.25
CA PRO B 2459 -44.22 -0.58 21.65
C PRO B 2459 -44.10 -0.71 23.16
N THR B 2460 -44.86 -1.66 23.72
CA THR B 2460 -44.93 -1.86 25.16
C THR B 2460 -44.29 -3.19 25.52
N VAL B 2461 -43.34 -3.15 26.44
CA VAL B 2461 -42.62 -4.37 26.83
C VAL B 2461 -43.57 -5.32 27.54
N LEU B 2462 -43.53 -6.59 27.15
CA LEU B 2462 -44.41 -7.60 27.71
C LEU B 2462 -43.74 -8.44 28.78
N LEU B 2463 -42.49 -8.86 28.57
CA LEU B 2463 -41.73 -9.51 29.63
C LEU B 2463 -40.26 -9.23 29.29
N SER B 2464 -39.53 -8.63 30.23
CA SER B 2464 -38.11 -8.38 30.04
C SER B 2464 -37.28 -9.49 30.66
N ASN B 2465 -35.97 -9.25 30.81
CA ASN B 2465 -35.08 -10.17 31.50
C ASN B 2465 -35.08 -11.56 30.88
N ILE B 2466 -34.91 -11.62 29.57
CA ILE B 2466 -34.80 -12.88 28.85
C ILE B 2466 -33.48 -12.86 28.08
N GLY B 2467 -32.96 -14.05 27.79
CA GLY B 2467 -31.90 -14.17 26.81
C GLY B 2467 -32.42 -13.87 25.41
N VAL B 2468 -31.56 -14.08 24.42
CA VAL B 2468 -31.96 -13.82 23.05
C VAL B 2468 -33.03 -14.82 22.64
N THR B 2469 -34.12 -14.31 22.07
CA THR B 2469 -35.26 -15.11 21.67
C THR B 2469 -35.38 -15.07 20.15
N ASP B 2470 -35.42 -16.24 19.52
CA ASP B 2470 -35.42 -16.34 18.06
C ASP B 2470 -36.73 -16.86 17.50
N GLY B 2471 -37.76 -17.03 18.33
CA GLY B 2471 -39.03 -17.54 17.86
C GLY B 2471 -40.18 -17.19 18.77
N ILE B 2472 -41.38 -17.10 18.21
CA ILE B 2472 -42.57 -16.77 18.97
C ILE B 2472 -43.79 -17.30 18.23
N ALA B 2473 -44.78 -17.75 18.99
CA ALA B 2473 -46.03 -18.24 18.43
C ALA B 2473 -47.15 -17.95 19.40
N PHE B 2474 -48.30 -17.56 18.87
CA PHE B 2474 -49.46 -17.17 19.67
C PHE B 2474 -50.57 -18.20 19.50
N ASP B 2475 -51.07 -18.71 20.63
CA ASP B 2475 -52.20 -19.62 20.63
C ASP B 2475 -53.48 -18.79 20.74
N TRP B 2476 -54.32 -18.88 19.72
CA TRP B 2476 -55.56 -18.11 19.68
C TRP B 2476 -56.71 -18.81 20.39
N ILE B 2477 -56.53 -20.05 20.82
CA ILE B 2477 -57.58 -20.78 21.51
C ILE B 2477 -57.42 -20.68 23.02
N ASN B 2478 -56.22 -20.88 23.53
CA ASN B 2478 -55.94 -20.80 24.96
C ASN B 2478 -55.36 -19.46 25.38
N ARG B 2479 -55.12 -18.55 24.43
CA ARG B 2479 -54.60 -17.21 24.71
C ARG B 2479 -53.28 -17.27 25.48
N ARG B 2480 -52.28 -17.91 24.86
CA ARG B 2480 -50.95 -18.01 25.44
C ARG B 2480 -49.90 -17.68 24.39
N ILE B 2481 -48.73 -17.29 24.87
CA ILE B 2481 -47.60 -16.93 24.01
C ILE B 2481 -46.47 -17.92 24.28
N TYR B 2482 -46.01 -18.58 23.23
CA TYR B 2482 -44.87 -19.50 23.31
C TYR B 2482 -43.68 -18.88 22.60
N TYR B 2483 -42.48 -19.16 23.11
CA TYR B 2483 -41.28 -18.59 22.53
C TYR B 2483 -40.09 -19.48 22.86
N SER B 2484 -39.01 -19.29 22.11
CA SER B 2484 -37.80 -20.10 22.23
C SER B 2484 -36.67 -19.22 22.73
N ASP B 2485 -36.18 -19.51 23.94
CA ASP B 2485 -35.04 -18.80 24.49
C ASP B 2485 -33.77 -19.48 24.02
N PHE B 2486 -33.03 -18.83 23.11
CA PHE B 2486 -31.81 -19.43 22.59
C PHE B 2486 -30.71 -19.48 23.64
N SER B 2487 -30.57 -18.42 24.43
CA SER B 2487 -29.53 -18.38 25.45
C SER B 2487 -29.76 -19.44 26.53
N ASN B 2488 -31.02 -19.59 26.95
CA ASN B 2488 -31.36 -20.53 28.02
C ASN B 2488 -31.65 -21.93 27.51
N GLN B 2489 -31.64 -22.12 26.19
CA GLN B 2489 -31.81 -23.43 25.57
C GLN B 2489 -33.10 -24.12 26.02
N THR B 2490 -34.21 -23.38 25.93
CA THR B 2490 -35.47 -23.92 26.42
C THR B 2490 -36.63 -23.31 25.65
N ILE B 2491 -37.77 -24.01 25.70
CA ILE B 2491 -39.03 -23.55 25.15
C ILE B 2491 -39.92 -23.12 26.31
N ASN B 2492 -40.39 -21.89 26.28
CA ASN B 2492 -41.15 -21.32 27.38
C ASN B 2492 -42.57 -20.98 26.93
N SER B 2493 -43.40 -20.61 27.91
CA SER B 2493 -44.79 -20.28 27.65
C SER B 2493 -45.26 -19.28 28.70
N MET B 2494 -46.34 -18.57 28.38
CA MET B 2494 -46.90 -17.57 29.27
C MET B 2494 -48.35 -17.30 28.87
N ALA B 2495 -49.05 -16.57 29.74
CA ALA B 2495 -50.32 -15.98 29.35
C ALA B 2495 -50.07 -14.75 28.50
N GLU B 2496 -51.10 -14.32 27.78
CA GLU B 2496 -50.96 -13.22 26.83
C GLU B 2496 -50.78 -11.87 27.51
N ASP B 2497 -50.97 -11.82 28.83
CA ASP B 2497 -50.80 -10.59 29.59
C ASP B 2497 -49.47 -10.53 30.34
N GLY B 2498 -48.57 -11.47 30.09
CA GLY B 2498 -47.27 -11.48 30.72
C GLY B 2498 -47.17 -12.30 31.98
N SER B 2499 -48.26 -12.89 32.44
CA SER B 2499 -48.25 -13.67 33.67
C SER B 2499 -48.23 -15.17 33.35
N ASN B 2500 -48.09 -15.97 34.41
CA ASN B 2500 -48.12 -17.43 34.33
C ASN B 2500 -47.04 -17.96 33.39
N ARG B 2501 -45.79 -17.66 33.72
CA ARG B 2501 -44.67 -18.16 32.92
C ARG B 2501 -44.46 -19.64 33.20
N ALA B 2502 -44.09 -20.38 32.16
CA ALA B 2502 -43.87 -21.81 32.28
C ALA B 2502 -42.75 -22.23 31.34
N VAL B 2503 -42.19 -23.41 31.62
CA VAL B 2503 -41.14 -24.00 30.82
C VAL B 2503 -41.69 -25.27 30.19
N ILE B 2504 -41.58 -25.39 28.86
CA ILE B 2504 -42.19 -26.48 28.13
C ILE B 2504 -41.17 -27.58 27.81
N ALA B 2505 -39.97 -27.21 27.39
CA ALA B 2505 -38.97 -28.21 27.04
C ALA B 2505 -37.59 -27.59 27.13
N ARG B 2506 -36.59 -28.47 27.24
CA ARG B 2506 -35.18 -28.08 27.18
C ARG B 2506 -34.64 -28.52 25.83
N VAL B 2507 -34.26 -27.56 25.00
CA VAL B 2507 -33.79 -27.86 23.65
C VAL B 2507 -32.56 -27.01 23.33
N SER B 2508 -31.51 -27.65 22.85
CA SER B 2508 -30.31 -26.91 22.48
C SER B 2508 -30.51 -26.19 21.16
N LYS B 2509 -30.44 -24.86 21.20
CA LYS B 2509 -30.54 -23.99 20.03
C LYS B 2509 -31.88 -24.18 19.29
N PRO B 2510 -33.00 -23.74 19.88
CA PRO B 2510 -34.27 -23.76 19.14
C PRO B 2510 -34.51 -22.46 18.40
N ARG B 2511 -35.16 -22.58 17.23
CA ARG B 2511 -35.37 -21.41 16.40
C ARG B 2511 -36.84 -21.05 16.19
N ALA B 2512 -37.64 -21.97 15.67
CA ALA B 2512 -39.00 -21.63 15.26
C ALA B 2512 -40.03 -22.47 16.00
N ILE B 2513 -41.24 -21.93 16.12
CA ILE B 2513 -42.35 -22.59 16.79
C ILE B 2513 -43.62 -22.39 15.97
N VAL B 2514 -44.42 -23.45 15.85
CA VAL B 2514 -45.77 -23.37 15.31
C VAL B 2514 -46.69 -24.13 16.24
N LEU B 2515 -47.98 -23.79 16.19
CA LEU B 2515 -48.97 -24.37 17.10
C LEU B 2515 -50.17 -24.89 16.32
N ASP B 2516 -50.75 -25.97 16.84
CA ASP B 2516 -52.00 -26.53 16.33
C ASP B 2516 -52.90 -26.76 17.54
N PRO B 2517 -53.49 -25.69 18.09
CA PRO B 2517 -54.29 -25.85 19.31
C PRO B 2517 -55.49 -26.77 19.16
N CYS B 2518 -56.11 -26.81 17.98
CA CYS B 2518 -57.27 -27.68 17.80
C CYS B 2518 -56.91 -29.15 17.97
N ARG B 2519 -55.74 -29.56 17.51
CA ARG B 2519 -55.23 -30.91 17.74
C ARG B 2519 -54.34 -30.99 18.97
N GLY B 2520 -54.09 -29.86 19.65
CA GLY B 2520 -53.31 -29.88 20.87
C GLY B 2520 -51.85 -30.20 20.69
N TYR B 2521 -51.30 -29.97 19.49
CA TYR B 2521 -49.91 -30.27 19.20
C TYR B 2521 -49.13 -28.99 18.89
N MET B 2522 -47.85 -29.02 19.22
CA MET B 2522 -46.94 -27.94 18.86
C MET B 2522 -45.69 -28.54 18.24
N TYR B 2523 -45.11 -27.80 17.30
CA TYR B 2523 -43.90 -28.22 16.61
C TYR B 2523 -42.86 -27.11 16.74
N TRP B 2524 -41.59 -27.51 16.86
CA TRP B 2524 -40.51 -26.53 16.92
C TRP B 2524 -39.26 -27.16 16.34
N THR B 2525 -38.33 -26.29 15.93
CA THR B 2525 -37.14 -26.68 15.19
C THR B 2525 -35.91 -26.58 16.08
N ASP B 2526 -35.07 -27.60 16.02
CA ASP B 2526 -33.77 -27.61 16.69
C ASP B 2526 -32.69 -27.62 15.62
N TRP B 2527 -31.74 -26.69 15.72
CA TRP B 2527 -30.64 -26.59 14.78
C TRP B 2527 -29.32 -26.74 15.50
N GLY B 2528 -28.32 -27.21 14.77
CA GLY B 2528 -27.04 -27.54 15.35
C GLY B 2528 -26.78 -29.03 15.34
N THR B 2529 -26.11 -29.54 16.37
CA THR B 2529 -25.88 -30.97 16.47
C THR B 2529 -27.20 -31.69 16.72
N ASN B 2530 -27.37 -32.83 16.04
CA ASN B 2530 -28.61 -33.61 16.12
C ASN B 2530 -29.84 -32.76 15.82
N ALA B 2531 -29.73 -31.94 14.76
CA ALA B 2531 -30.83 -31.09 14.37
C ALA B 2531 -32.02 -31.92 13.90
N LYS B 2532 -33.21 -31.51 14.32
CA LYS B 2532 -34.42 -32.27 14.03
C LYS B 2532 -35.64 -31.38 14.18
N ILE B 2533 -36.75 -31.84 13.60
CA ILE B 2533 -38.06 -31.24 13.81
C ILE B 2533 -38.85 -32.14 14.73
N GLU B 2534 -39.31 -31.60 15.85
CA GLU B 2534 -39.93 -32.40 16.90
C GLU B 2534 -41.30 -31.86 17.26
N ARG B 2535 -42.16 -32.77 17.71
CA ARG B 2535 -43.54 -32.45 18.07
C ARG B 2535 -43.80 -32.82 19.52
N ALA B 2536 -44.58 -31.98 20.19
CA ALA B 2536 -45.05 -32.25 21.54
C ALA B 2536 -46.43 -31.63 21.70
N THR B 2537 -47.11 -32.01 22.78
CA THR B 2537 -48.36 -31.35 23.11
C THR B 2537 -48.08 -29.94 23.60
N LEU B 2538 -49.11 -29.10 23.60
CA LEU B 2538 -48.94 -27.76 24.16
C LEU B 2538 -48.58 -27.81 25.64
N GLY B 2539 -48.91 -28.91 26.33
CA GLY B 2539 -48.34 -29.16 27.64
C GLY B 2539 -46.86 -29.46 27.62
N GLY B 2540 -46.39 -30.17 26.61
CA GLY B 2540 -44.97 -30.45 26.44
C GLY B 2540 -44.50 -31.81 26.93
N ASN B 2541 -45.39 -32.81 27.00
CA ASN B 2541 -44.99 -34.09 27.57
C ASN B 2541 -44.50 -35.06 26.49
N PHE B 2542 -45.34 -35.34 25.49
CA PHE B 2542 -45.02 -36.35 24.47
C PHE B 2542 -44.13 -35.76 23.40
N ARG B 2543 -42.83 -35.72 23.69
CA ARG B 2543 -41.85 -35.27 22.72
C ARG B 2543 -41.47 -36.39 21.78
N VAL B 2544 -41.73 -36.20 20.50
CA VAL B 2544 -41.31 -37.16 19.48
C VAL B 2544 -40.65 -36.41 18.33
N PRO B 2545 -39.62 -36.98 17.69
CA PRO B 2545 -39.00 -36.31 16.53
C PRO B 2545 -39.79 -36.61 15.26
N ILE B 2546 -40.41 -35.57 14.70
CA ILE B 2546 -41.14 -35.74 13.44
C ILE B 2546 -40.19 -36.01 12.29
N VAL B 2547 -39.14 -35.20 12.16
CA VAL B 2547 -38.15 -35.36 11.10
C VAL B 2547 -36.77 -35.14 11.69
N ASN B 2548 -35.89 -36.12 11.48
CA ASN B 2548 -34.49 -35.95 11.89
C ASN B 2548 -33.49 -36.37 10.83
N THR B 2549 -33.91 -36.66 9.60
CA THR B 2549 -32.97 -37.05 8.55
C THR B 2549 -32.66 -35.88 7.63
N SER B 2550 -31.37 -35.67 7.36
CA SER B 2550 -30.88 -34.65 6.44
C SER B 2550 -31.37 -33.25 6.83
N LEU B 2551 -30.95 -32.84 8.03
CA LEU B 2551 -31.19 -31.48 8.50
C LEU B 2551 -29.91 -30.95 9.13
N VAL B 2552 -29.64 -29.67 8.89
CA VAL B 2552 -28.50 -29.02 9.51
C VAL B 2552 -28.95 -27.76 10.24
N TRP B 2553 -29.59 -26.85 9.52
CA TRP B 2553 -30.03 -25.56 10.07
C TRP B 2553 -31.49 -25.31 9.73
N PRO B 2554 -32.43 -25.96 10.43
CA PRO B 2554 -33.86 -25.67 10.22
C PRO B 2554 -34.27 -24.34 10.84
N ASN B 2555 -33.99 -23.25 10.13
CA ASN B 2555 -34.25 -21.91 10.64
C ASN B 2555 -35.72 -21.52 10.58
N GLY B 2556 -36.50 -22.08 9.67
CA GLY B 2556 -37.88 -21.69 9.50
C GLY B 2556 -38.83 -22.85 9.62
N LEU B 2557 -40.05 -22.57 10.04
CA LEU B 2557 -41.09 -23.58 10.17
C LEU B 2557 -42.45 -22.91 10.05
N ALA B 2558 -43.33 -23.52 9.24
CA ALA B 2558 -44.68 -23.03 9.07
C ALA B 2558 -45.62 -24.20 8.86
N LEU B 2559 -46.90 -23.97 9.11
CA LEU B 2559 -47.94 -24.98 8.98
C LEU B 2559 -49.04 -24.46 8.07
N ASP B 2560 -49.43 -25.27 7.09
CA ASP B 2560 -50.54 -24.94 6.19
C ASP B 2560 -51.80 -25.63 6.72
N LEU B 2561 -52.55 -24.87 7.51
CA LEU B 2561 -53.74 -25.43 8.16
C LEU B 2561 -54.80 -25.87 7.15
N GLU B 2562 -54.92 -25.14 6.04
CA GLU B 2562 -55.91 -25.47 5.02
C GLU B 2562 -55.64 -26.80 4.33
N THR B 2563 -54.38 -27.24 4.29
CA THR B 2563 -54.04 -28.50 3.63
C THR B 2563 -53.37 -29.49 4.57
N ASP B 2564 -53.11 -29.11 5.83
CA ASP B 2564 -52.47 -30.00 6.82
C ASP B 2564 -51.10 -30.46 6.34
N LEU B 2565 -50.21 -29.49 6.10
CA LEU B 2565 -48.85 -29.76 5.67
C LEU B 2565 -47.89 -28.91 6.49
N LEU B 2566 -46.68 -29.42 6.69
CA LEU B 2566 -45.65 -28.74 7.45
C LEU B 2566 -44.52 -28.32 6.52
N TYR B 2567 -44.18 -27.04 6.55
CA TYR B 2567 -43.12 -26.47 5.72
C TYR B 2567 -41.98 -26.00 6.61
N TRP B 2568 -40.76 -26.35 6.24
CA TRP B 2568 -39.59 -25.91 6.99
C TRP B 2568 -38.48 -25.51 6.02
N ALA B 2569 -37.58 -24.68 6.53
CA ALA B 2569 -36.49 -24.10 5.74
C ALA B 2569 -35.16 -24.51 6.34
N ASP B 2570 -34.33 -25.17 5.55
CA ASP B 2570 -32.99 -25.56 5.97
C ASP B 2570 -32.00 -24.55 5.38
N ALA B 2571 -31.51 -23.65 6.22
CA ALA B 2571 -30.63 -22.58 5.76
C ALA B 2571 -29.24 -23.07 5.38
N SER B 2572 -28.84 -24.26 5.81
CA SER B 2572 -27.54 -24.82 5.45
C SER B 2572 -27.60 -25.72 4.23
N LEU B 2573 -28.63 -26.57 4.13
CA LEU B 2573 -28.85 -27.35 2.93
C LEU B 2573 -29.51 -26.54 1.81
N GLN B 2574 -29.99 -25.34 2.12
CA GLN B 2574 -30.51 -24.41 1.12
C GLN B 2574 -31.68 -25.02 0.34
N LYS B 2575 -32.76 -25.32 1.05
CA LYS B 2575 -33.94 -25.86 0.41
C LYS B 2575 -35.15 -25.67 1.31
N ILE B 2576 -36.33 -25.73 0.70
CA ILE B 2576 -37.61 -25.69 1.39
C ILE B 2576 -38.31 -27.02 1.16
N GLU B 2577 -38.82 -27.63 2.23
CA GLU B 2577 -39.42 -28.95 2.16
C GLU B 2577 -40.83 -28.92 2.73
N ARG B 2578 -41.69 -29.75 2.14
CA ARG B 2578 -43.03 -29.99 2.66
C ARG B 2578 -43.16 -31.44 3.09
N SER B 2579 -44.07 -31.68 4.02
CA SER B 2579 -44.40 -33.04 4.44
C SER B 2579 -45.73 -33.00 5.16
N THR B 2580 -46.36 -34.16 5.27
CA THR B 2580 -47.53 -34.27 6.12
C THR B 2580 -47.11 -34.23 7.58
N LEU B 2581 -48.10 -34.11 8.46
CA LEU B 2581 -47.83 -34.27 9.88
C LEU B 2581 -47.33 -35.69 10.15
N THR B 2582 -46.48 -35.81 11.16
CA THR B 2582 -45.69 -37.00 11.47
C THR B 2582 -44.63 -37.30 10.42
N GLY B 2583 -44.31 -36.35 9.53
CA GLY B 2583 -43.18 -36.49 8.65
C GLY B 2583 -43.26 -37.58 7.61
N THR B 2584 -44.39 -37.71 6.93
CA THR B 2584 -44.52 -38.67 5.84
C THR B 2584 -44.39 -37.96 4.49
N ASN B 2585 -44.14 -38.75 3.45
CA ASN B 2585 -44.04 -38.31 2.04
C ASN B 2585 -43.29 -36.99 1.89
N ARG B 2586 -42.19 -36.84 2.64
CA ARG B 2586 -41.35 -35.66 2.58
C ARG B 2586 -40.84 -35.40 1.16
N GLU B 2587 -40.94 -34.14 0.74
CA GLU B 2587 -40.49 -33.75 -0.60
C GLU B 2587 -40.12 -32.28 -0.59
N VAL B 2588 -39.41 -31.86 -1.63
CA VAL B 2588 -38.87 -30.51 -1.68
C VAL B 2588 -39.85 -29.57 -2.37
N VAL B 2589 -40.16 -28.46 -1.72
CA VAL B 2589 -40.98 -27.43 -2.36
C VAL B 2589 -40.17 -26.64 -3.37
N VAL B 2590 -39.10 -25.98 -2.91
CA VAL B 2590 -38.18 -25.30 -3.80
C VAL B 2590 -36.77 -25.54 -3.31
N SER B 2591 -35.86 -25.85 -4.22
CA SER B 2591 -34.47 -26.02 -3.87
C SER B 2591 -33.72 -24.69 -4.03
N THR B 2592 -32.52 -24.64 -3.44
CA THR B 2592 -31.63 -23.49 -3.50
C THR B 2592 -32.27 -22.22 -2.91
N ALA B 2593 -32.96 -22.35 -1.78
CA ALA B 2593 -33.36 -21.19 -1.00
C ALA B 2593 -32.21 -20.84 -0.06
N PHE B 2594 -31.56 -19.70 -0.28
CA PHE B 2594 -30.20 -19.49 0.19
C PHE B 2594 -30.04 -19.58 1.71
N HIS B 2595 -30.58 -18.61 2.44
CA HIS B 2595 -30.30 -18.51 3.87
C HIS B 2595 -31.58 -18.15 4.63
N SER B 2596 -32.65 -18.91 4.35
CA SER B 2596 -33.96 -18.60 4.92
C SER B 2596 -33.91 -18.58 6.44
N PHE B 2597 -34.56 -17.58 7.03
CA PHE B 2597 -34.66 -17.40 8.46
C PHE B 2597 -36.09 -17.01 8.82
N GLY B 2598 -37.05 -17.74 8.26
CA GLY B 2598 -38.45 -17.47 8.53
C GLY B 2598 -39.32 -17.88 7.37
N LEU B 2599 -40.50 -18.44 7.67
CA LEU B 2599 -41.37 -18.94 6.63
C LEU B 2599 -42.82 -18.76 7.03
N THR B 2600 -43.68 -18.59 6.03
CA THR B 2600 -45.11 -18.46 6.27
C THR B 2600 -45.85 -18.91 5.01
N VAL B 2601 -47.06 -19.42 5.21
CA VAL B 2601 -47.89 -19.95 4.13
C VAL B 2601 -49.21 -19.18 4.13
N TYR B 2602 -49.59 -18.67 2.96
CA TYR B 2602 -50.86 -17.98 2.80
C TYR B 2602 -51.38 -18.23 1.38
N GLY B 2603 -52.66 -18.54 1.28
CA GLY B 2603 -53.25 -18.79 -0.03
C GLY B 2603 -52.62 -20.01 -0.67
N GLN B 2604 -52.08 -19.82 -1.87
CA GLN B 2604 -51.38 -20.86 -2.61
C GLN B 2604 -49.88 -20.57 -2.74
N TYR B 2605 -49.32 -19.81 -1.80
CA TYR B 2605 -47.92 -19.39 -1.88
C TYR B 2605 -47.26 -19.50 -0.52
N ILE B 2606 -45.94 -19.65 -0.53
CA ILE B 2606 -45.13 -19.60 0.67
C ILE B 2606 -44.17 -18.43 0.57
N TYR B 2607 -43.91 -17.79 1.70
CA TYR B 2607 -43.05 -16.61 1.76
C TYR B 2607 -41.95 -16.85 2.79
N TRP B 2608 -40.71 -16.55 2.41
CA TRP B 2608 -39.59 -16.73 3.32
C TRP B 2608 -38.62 -15.57 3.18
N THR B 2609 -37.95 -15.25 4.27
CA THR B 2609 -36.99 -14.16 4.32
C THR B 2609 -35.58 -14.73 4.19
N ASP B 2610 -34.80 -14.16 3.28
CA ASP B 2610 -33.48 -14.66 2.95
C ASP B 2610 -32.45 -13.72 3.57
N LEU B 2611 -31.52 -14.29 4.34
CA LEU B 2611 -30.49 -13.48 4.97
C LEU B 2611 -29.32 -13.18 4.06
N TYR B 2612 -29.07 -14.01 3.04
CA TYR B 2612 -27.93 -13.80 2.16
C TYR B 2612 -28.17 -12.63 1.21
N THR B 2613 -29.25 -12.71 0.44
CA THR B 2613 -29.60 -11.65 -0.50
C THR B 2613 -30.43 -10.54 0.12
N ARG B 2614 -30.79 -10.67 1.40
CA ARG B 2614 -31.58 -9.67 2.12
C ARG B 2614 -32.87 -9.34 1.37
N LYS B 2615 -33.56 -10.38 0.91
CA LYS B 2615 -34.79 -10.22 0.13
C LYS B 2615 -35.84 -11.19 0.62
N ILE B 2616 -37.09 -10.86 0.32
CA ILE B 2616 -38.23 -11.73 0.63
C ILE B 2616 -38.70 -12.36 -0.67
N TYR B 2617 -38.85 -13.69 -0.67
CA TYR B 2617 -39.19 -14.42 -1.88
C TYR B 2617 -40.56 -15.06 -1.75
N ARG B 2618 -41.23 -15.23 -2.88
CA ARG B 2618 -42.51 -15.90 -2.97
C ARG B 2618 -42.41 -17.07 -3.93
N ALA B 2619 -42.94 -18.21 -3.53
CA ALA B 2619 -43.00 -19.38 -4.38
C ALA B 2619 -44.29 -20.12 -4.12
N ASN B 2620 -44.69 -20.95 -5.09
CA ASN B 2620 -45.91 -21.74 -4.92
C ASN B 2620 -45.71 -22.76 -3.79
N LYS B 2621 -46.81 -23.08 -3.12
CA LYS B 2621 -46.73 -24.01 -1.99
C LYS B 2621 -46.53 -25.45 -2.45
N TYR B 2622 -47.06 -25.81 -3.61
CA TYR B 2622 -46.94 -27.19 -4.09
C TYR B 2622 -45.63 -27.43 -4.84
N ASP B 2623 -45.37 -26.64 -5.88
CA ASP B 2623 -44.13 -26.72 -6.63
C ASP B 2623 -43.31 -25.46 -6.37
N GLY B 2624 -42.11 -25.43 -6.94
CA GLY B 2624 -41.28 -24.23 -6.85
C GLY B 2624 -41.63 -23.23 -7.92
N SER B 2625 -42.73 -23.48 -8.62
CA SER B 2625 -43.14 -22.63 -9.74
C SER B 2625 -43.53 -21.24 -9.26
N ASP B 2626 -43.53 -20.30 -10.21
CA ASP B 2626 -43.93 -18.91 -9.95
C ASP B 2626 -43.08 -18.27 -8.86
N LEU B 2627 -41.78 -18.54 -8.86
CA LEU B 2627 -40.89 -17.89 -7.91
C LEU B 2627 -40.63 -16.46 -8.32
N VAL B 2628 -40.65 -15.54 -7.34
CA VAL B 2628 -40.45 -14.13 -7.60
C VAL B 2628 -39.91 -13.47 -6.34
N ALA B 2629 -39.20 -12.37 -6.52
CA ALA B 2629 -38.68 -11.60 -5.39
C ALA B 2629 -39.69 -10.53 -4.99
N MET B 2630 -40.12 -10.57 -3.73
CA MET B 2630 -41.13 -9.64 -3.25
C MET B 2630 -40.59 -8.24 -3.05
N THR B 2631 -39.34 -8.10 -2.63
CA THR B 2631 -38.77 -6.81 -2.27
C THR B 2631 -37.43 -6.63 -2.94
N THR B 2632 -36.92 -5.40 -2.88
CA THR B 2632 -35.57 -5.11 -3.29
C THR B 2632 -34.59 -5.64 -2.24
N ARG B 2633 -33.30 -5.50 -2.52
CA ARG B 2633 -32.30 -5.84 -1.52
C ARG B 2633 -32.41 -4.90 -0.33
N LEU B 2634 -32.88 -5.42 0.79
CA LEU B 2634 -33.10 -4.57 1.96
C LEU B 2634 -31.78 -4.07 2.53
N PRO B 2635 -31.78 -2.90 3.15
CA PRO B 2635 -30.53 -2.37 3.75
C PRO B 2635 -29.94 -3.28 4.80
N THR B 2636 -30.75 -4.01 5.55
CA THR B 2636 -30.27 -4.93 6.57
C THR B 2636 -30.93 -6.28 6.37
N GLN B 2637 -30.50 -7.25 7.16
CA GLN B 2637 -31.01 -8.61 7.04
C GLN B 2637 -32.44 -8.70 7.57
N PRO B 2638 -33.40 -9.12 6.78
CA PRO B 2638 -34.77 -9.29 7.31
C PRO B 2638 -34.86 -10.53 8.18
N SER B 2639 -35.47 -10.35 9.36
CA SER B 2639 -35.65 -11.43 10.30
C SER B 2639 -36.99 -12.14 10.06
N GLY B 2640 -37.42 -12.94 11.02
CA GLY B 2640 -38.60 -13.78 10.81
C GLY B 2640 -39.79 -13.00 10.30
N ILE B 2641 -40.68 -13.71 9.60
CA ILE B 2641 -41.81 -13.10 8.89
C ILE B 2641 -43.08 -13.82 9.31
N SER B 2642 -44.20 -13.10 9.23
CA SER B 2642 -45.52 -13.67 9.49
C SER B 2642 -46.54 -12.89 8.69
N THR B 2643 -47.82 -13.25 8.85
CA THR B 2643 -48.90 -12.66 8.08
C THR B 2643 -49.98 -12.14 9.02
N VAL B 2644 -50.61 -11.03 8.61
CA VAL B 2644 -51.78 -10.52 9.31
C VAL B 2644 -53.03 -10.94 8.54
N VAL B 2645 -53.86 -11.75 9.18
CA VAL B 2645 -55.10 -12.24 8.56
C VAL B 2645 -56.26 -11.77 9.43
N LYS B 2646 -57.19 -11.03 8.82
CA LYS B 2646 -58.35 -10.53 9.55
C LYS B 2646 -59.38 -11.63 9.79
N THR B 2647 -59.43 -12.63 8.91
CA THR B 2647 -60.37 -13.73 9.09
C THR B 2647 -59.92 -14.63 10.23
N GLN B 2648 -60.88 -15.09 11.04
CA GLN B 2648 -60.56 -15.92 12.18
C GLN B 2648 -60.12 -17.32 11.73
N ARG B 2649 -59.02 -17.78 12.31
CA ARG B 2649 -58.49 -19.10 11.99
C ARG B 2649 -59.32 -20.19 12.66
N GLN B 2650 -58.90 -21.44 12.47
CA GLN B 2650 -59.70 -22.58 12.92
C GLN B 2650 -60.01 -22.48 14.40
N GLN B 2651 -61.30 -22.50 14.74
CA GLN B 2651 -61.77 -22.32 16.10
C GLN B 2651 -62.23 -23.65 16.65
N CYS B 2652 -61.88 -23.94 17.90
CA CYS B 2652 -62.28 -25.16 18.57
C CYS B 2652 -62.60 -24.85 20.03
N SER B 2653 -63.26 -25.79 20.68
CA SER B 2653 -63.67 -25.63 22.07
C SER B 2653 -62.45 -25.72 22.97
N ASN B 2654 -62.18 -24.65 23.71
CA ASN B 2654 -61.06 -24.63 24.64
C ASN B 2654 -61.35 -25.51 25.84
N PRO B 2655 -60.54 -26.53 26.11
CA PRO B 2655 -60.80 -27.40 27.27
C PRO B 2655 -60.73 -26.68 28.60
N CYS B 2656 -60.04 -25.54 28.68
CA CYS B 2656 -59.82 -24.86 29.94
C CYS B 2656 -60.98 -23.96 30.36
N ASP B 2657 -62.02 -23.80 29.54
CA ASP B 2657 -63.12 -22.92 29.90
C ASP B 2657 -63.93 -23.45 31.08
N GLN B 2658 -63.74 -24.72 31.45
CA GLN B 2658 -64.47 -25.32 32.56
C GLN B 2658 -63.55 -25.36 33.78
N PHE B 2659 -63.57 -24.29 34.57
CA PHE B 2659 -62.82 -24.18 35.82
C PHE B 2659 -61.33 -24.45 35.61
N ASN B 2660 -60.74 -23.64 34.73
CA ASN B 2660 -59.31 -23.70 34.41
C ASN B 2660 -58.89 -25.08 33.90
N GLY B 2661 -59.85 -25.86 33.40
CA GLY B 2661 -59.56 -27.21 32.94
C GLY B 2661 -59.22 -28.18 34.05
N GLY B 2662 -59.56 -27.84 35.29
CA GLY B 2662 -59.22 -28.68 36.42
C GLY B 2662 -57.80 -28.54 36.91
N CYS B 2663 -56.96 -27.78 36.22
CA CYS B 2663 -55.57 -27.63 36.62
C CYS B 2663 -55.45 -26.62 37.75
N SER B 2664 -54.42 -26.79 38.59
CA SER B 2664 -54.26 -25.93 39.75
C SER B 2664 -53.74 -24.55 39.35
N HIS B 2665 -52.57 -24.49 38.72
CA HIS B 2665 -52.00 -23.21 38.33
C HIS B 2665 -52.24 -22.90 36.85
N ILE B 2666 -51.70 -23.74 35.96
CA ILE B 2666 -51.62 -23.43 34.54
C ILE B 2666 -52.14 -24.62 33.75
N CYS B 2667 -52.90 -24.34 32.70
CA CYS B 2667 -53.52 -25.35 31.84
C CYS B 2667 -53.03 -25.20 30.41
N ALA B 2668 -53.33 -26.20 29.60
CA ALA B 2668 -53.04 -26.20 28.17
C ALA B 2668 -53.84 -27.31 27.52
N PRO B 2669 -54.37 -27.08 26.32
CA PRO B 2669 -55.17 -28.12 25.66
C PRO B 2669 -54.31 -29.22 25.07
N GLY B 2670 -54.47 -30.45 25.58
CA GLY B 2670 -53.77 -31.58 25.01
C GLY B 2670 -54.49 -32.15 23.82
N PRO B 2671 -53.89 -33.18 23.22
CA PRO B 2671 -54.52 -33.82 22.05
C PRO B 2671 -55.85 -34.46 22.36
N ASN B 2672 -56.09 -34.85 23.61
CA ASN B 2672 -57.31 -35.57 23.97
C ASN B 2672 -58.02 -34.97 25.18
N GLY B 2673 -57.56 -33.84 25.68
CA GLY B 2673 -58.19 -33.23 26.83
C GLY B 2673 -57.29 -32.14 27.40
N ALA B 2674 -57.66 -31.68 28.60
CA ALA B 2674 -56.90 -30.65 29.28
C ALA B 2674 -55.60 -31.22 29.82
N GLU B 2675 -54.57 -30.37 29.85
CA GLU B 2675 -53.28 -30.71 30.43
C GLU B 2675 -52.86 -29.61 31.38
N CYS B 2676 -52.00 -29.96 32.33
CA CYS B 2676 -51.62 -29.06 33.41
C CYS B 2676 -50.10 -28.88 33.43
N GLN B 2677 -49.68 -27.66 33.76
CA GLN B 2677 -48.27 -27.31 33.87
C GLN B 2677 -48.03 -26.59 35.18
N CYS B 2678 -46.82 -26.69 35.67
CA CYS B 2678 -46.45 -26.01 36.90
C CYS B 2678 -45.59 -24.78 36.58
N PRO B 2679 -45.63 -23.77 37.45
CA PRO B 2679 -44.89 -22.53 37.16
C PRO B 2679 -43.38 -22.75 37.09
N HIS B 2680 -42.68 -21.73 36.60
CA HIS B 2680 -41.26 -21.81 36.37
C HIS B 2680 -40.47 -21.39 37.60
N GLU B 2681 -39.14 -21.49 37.50
CA GLU B 2681 -38.21 -20.96 38.49
C GLU B 2681 -38.43 -21.61 39.87
N GLY B 2682 -38.23 -22.92 39.94
CA GLY B 2682 -38.36 -23.62 41.21
C GLY B 2682 -38.59 -25.09 40.97
N ASN B 2683 -39.09 -25.75 42.01
CA ASN B 2683 -39.36 -27.18 41.98
C ASN B 2683 -40.83 -27.42 42.28
N TRP B 2684 -41.53 -28.11 41.37
CA TRP B 2684 -42.86 -28.62 41.64
C TRP B 2684 -42.96 -30.06 41.16
N TYR B 2685 -43.97 -30.76 41.67
CA TYR B 2685 -44.35 -32.07 41.18
C TYR B 2685 -45.86 -32.07 40.95
N LEU B 2686 -46.33 -33.11 40.29
CA LEU B 2686 -47.69 -33.13 39.75
C LEU B 2686 -48.43 -34.40 40.19
N ALA B 2687 -49.69 -34.24 40.61
CA ALA B 2687 -50.46 -35.35 41.13
C ALA B 2687 -51.95 -35.07 40.96
N ASN B 2688 -52.77 -35.89 41.63
CA ASN B 2688 -54.23 -35.79 41.62
C ASN B 2688 -54.77 -35.90 40.19
N ASP B 2689 -54.54 -37.07 39.57
CA ASP B 2689 -55.01 -37.30 38.17
C ASP B 2689 -54.29 -36.29 37.29
N ASN B 2690 -53.04 -36.00 37.61
CA ASN B 2690 -52.23 -35.00 36.90
C ASN B 2690 -52.88 -33.64 36.81
N LYS B 2691 -53.62 -33.21 37.84
CA LYS B 2691 -54.30 -31.92 37.80
C LYS B 2691 -53.68 -30.90 38.74
N TYR B 2692 -53.24 -31.30 39.92
CA TYR B 2692 -52.73 -30.38 40.93
C TYR B 2692 -51.20 -30.40 40.95
N CYS B 2693 -50.61 -29.22 40.83
CA CYS B 2693 -49.19 -29.08 41.12
C CYS B 2693 -48.97 -29.05 42.63
N VAL B 2694 -47.74 -29.37 43.04
CA VAL B 2694 -47.37 -29.35 44.44
C VAL B 2694 -45.88 -29.04 44.55
N VAL B 2695 -45.52 -28.31 45.60
CA VAL B 2695 -44.13 -27.95 45.81
C VAL B 2695 -43.31 -29.22 46.04
N ASP B 2696 -42.29 -29.40 45.21
CA ASP B 2696 -41.49 -30.62 45.25
C ASP B 2696 -40.72 -30.72 46.56
N THR B 2697 -40.71 -31.94 47.12
CA THR B 2697 -40.01 -32.18 48.41
C THR B 2697 -39.62 -33.65 48.44
N GLY B 2698 -38.67 -34.04 49.30
CA GLY B 2698 -38.19 -35.43 49.28
C GLY B 2698 -39.31 -36.44 49.33
N THR B 2699 -40.30 -36.24 50.21
CA THR B 2699 -41.38 -37.25 50.39
C THR B 2699 -42.49 -37.06 49.35
N ARG B 2700 -43.38 -38.04 49.24
CA ARG B 2700 -44.54 -37.93 48.30
C ARG B 2700 -45.81 -38.35 49.03
N CYS B 2701 -46.66 -39.15 48.37
CA CYS B 2701 -47.88 -39.63 48.98
C CYS B 2701 -48.33 -40.90 48.30
N ASN B 2702 -49.12 -41.70 49.02
CA ASN B 2702 -49.57 -43.00 48.55
C ASN B 2702 -50.96 -42.90 47.92
N GLN B 2703 -51.44 -44.04 47.43
CA GLN B 2703 -52.65 -44.06 46.62
C GLN B 2703 -53.91 -43.82 47.44
N LEU B 2704 -53.89 -44.18 48.73
CA LEU B 2704 -55.09 -44.07 49.55
C LEU B 2704 -55.33 -42.66 50.07
N GLN B 2705 -54.58 -41.67 49.60
CA GLN B 2705 -54.76 -40.29 50.07
C GLN B 2705 -54.67 -39.33 48.90
N PHE B 2706 -55.24 -38.14 49.11
CA PHE B 2706 -55.25 -37.06 48.12
C PHE B 2706 -54.47 -35.88 48.68
N THR B 2707 -53.57 -35.33 47.88
CA THR B 2707 -52.60 -34.34 48.34
C THR B 2707 -53.16 -32.93 48.20
N CYS B 2708 -52.80 -32.06 49.14
CA CYS B 2708 -53.15 -30.65 49.07
C CYS B 2708 -52.02 -29.87 48.41
N LEU B 2709 -52.28 -28.59 48.16
CA LEU B 2709 -51.28 -27.74 47.51
C LEU B 2709 -50.05 -27.54 48.40
N ASN B 2710 -50.24 -27.52 49.72
CA ASN B 2710 -49.14 -27.32 50.67
C ASN B 2710 -48.36 -28.61 50.95
N GLY B 2711 -48.52 -29.66 50.14
CA GLY B 2711 -47.85 -30.92 50.38
C GLY B 2711 -48.56 -31.85 51.34
N HIS B 2712 -49.56 -31.36 52.07
CA HIS B 2712 -50.32 -32.21 52.97
C HIS B 2712 -51.17 -33.19 52.16
N CYS B 2713 -51.19 -34.45 52.60
CA CYS B 2713 -51.95 -35.50 51.93
C CYS B 2713 -52.96 -36.09 52.89
N ILE B 2714 -54.22 -36.15 52.46
CA ILE B 2714 -55.32 -36.63 53.29
C ILE B 2714 -56.16 -37.61 52.49
N ASN B 2715 -57.02 -38.34 53.22
CA ASN B 2715 -57.88 -39.34 52.60
C ASN B 2715 -58.83 -38.69 51.62
N GLN B 2716 -59.21 -39.44 50.57
CA GLN B 2716 -60.12 -38.93 49.57
C GLN B 2716 -61.51 -38.63 50.14
N ASP B 2717 -61.86 -39.22 51.28
CA ASP B 2717 -63.11 -38.87 51.93
C ASP B 2717 -63.10 -37.40 52.37
N TRP B 2718 -61.96 -36.91 52.84
CA TRP B 2718 -61.84 -35.51 53.23
C TRP B 2718 -61.90 -34.58 52.03
N LYS B 2719 -61.80 -35.11 50.82
CA LYS B 2719 -61.95 -34.29 49.62
C LYS B 2719 -63.43 -34.08 49.31
N CYS B 2720 -63.80 -32.83 49.04
CA CYS B 2720 -65.16 -32.46 48.65
C CYS B 2720 -66.18 -32.86 49.73
N ASP B 2721 -65.98 -32.35 50.93
CA ASP B 2721 -66.96 -32.43 52.01
C ASP B 2721 -67.17 -31.10 52.70
N ASN B 2722 -66.68 -30.00 52.11
CA ASN B 2722 -66.80 -28.65 52.64
C ASN B 2722 -66.17 -28.52 54.03
N ASP B 2723 -65.27 -29.43 54.36
CA ASP B 2723 -64.45 -29.28 55.56
C ASP B 2723 -63.03 -28.88 55.18
N ASN B 2724 -62.51 -27.86 55.84
CA ASN B 2724 -61.18 -27.33 55.52
C ASN B 2724 -60.12 -28.26 56.10
N ASP B 2725 -60.10 -29.48 55.57
CA ASP B 2725 -59.16 -30.49 56.05
C ASP B 2725 -57.73 -30.17 55.66
N CYS B 2726 -57.52 -29.60 54.47
CA CYS B 2726 -56.18 -29.24 54.03
C CYS B 2726 -55.58 -28.06 54.77
N GLY B 2727 -56.42 -27.25 55.43
CA GLY B 2727 -55.94 -26.05 56.08
C GLY B 2727 -55.93 -24.86 55.13
N ASP B 2728 -55.45 -25.07 53.92
CA ASP B 2728 -55.48 -24.05 52.88
C ASP B 2728 -56.69 -24.18 51.96
N GLY B 2729 -57.59 -25.13 52.23
CA GLY B 2729 -58.80 -25.29 51.44
C GLY B 2729 -58.62 -26.02 50.13
N SER B 2730 -57.47 -26.65 49.89
CA SER B 2730 -57.19 -27.27 48.59
C SER B 2730 -58.20 -28.35 48.23
N ASP B 2731 -58.85 -28.95 49.23
CA ASP B 2731 -59.72 -30.09 48.97
C ASP B 2731 -61.14 -29.68 48.61
N GLU B 2732 -61.44 -28.39 48.57
CA GLU B 2732 -62.83 -27.95 48.45
C GLU B 2732 -63.10 -26.94 47.34
N LEU B 2733 -62.11 -26.60 46.51
CA LEU B 2733 -62.40 -25.74 45.37
C LEU B 2733 -63.26 -26.48 44.35
N PRO B 2734 -64.04 -25.76 43.55
CA PRO B 2734 -64.78 -26.41 42.46
C PRO B 2734 -63.86 -27.01 41.41
N THR B 2735 -62.56 -26.72 41.48
CA THR B 2735 -61.57 -27.25 40.54
C THR B 2735 -61.56 -28.77 40.55
N VAL B 2736 -61.80 -29.38 41.72
CA VAL B 2736 -61.80 -30.82 41.86
C VAL B 2736 -63.20 -31.38 42.08
N CYS B 2737 -64.04 -30.65 42.82
CA CYS B 2737 -65.38 -31.15 43.13
C CYS B 2737 -66.33 -31.12 41.95
N ALA B 2738 -65.99 -30.39 40.88
CA ALA B 2738 -66.83 -30.44 39.68
C ALA B 2738 -66.75 -31.81 39.02
N PHE B 2739 -65.55 -32.39 38.94
CA PHE B 2739 -65.37 -33.70 38.36
C PHE B 2739 -65.41 -34.82 39.39
N HIS B 2740 -65.47 -34.46 40.67
CA HIS B 2740 -65.43 -35.47 41.77
C HIS B 2740 -66.78 -36.16 41.92
N THR B 2741 -66.82 -37.49 41.78
CA THR B 2741 -68.09 -38.23 41.99
C THR B 2741 -68.25 -38.52 43.49
N CYS B 2742 -69.30 -39.22 43.88
CA CYS B 2742 -69.44 -39.61 45.31
C CYS B 2742 -68.76 -40.97 45.50
N ARG B 2743 -68.04 -41.17 46.61
CA ARG B 2743 -67.27 -42.44 46.81
C ARG B 2743 -68.10 -43.67 46.44
N SER B 2744 -68.98 -44.12 47.33
CA SER B 2744 -69.72 -45.36 47.07
C SER B 2744 -71.10 -45.29 47.71
N THR B 2745 -72.13 -45.47 46.90
CA THR B 2745 -73.52 -45.58 47.35
C THR B 2745 -73.87 -44.43 48.29
N ALA B 2746 -73.47 -43.23 47.92
CA ALA B 2746 -73.56 -42.07 48.77
C ALA B 2746 -74.73 -41.17 48.34
N PHE B 2747 -74.99 -40.14 49.14
CA PHE B 2747 -76.02 -39.16 48.87
C PHE B 2747 -75.36 -37.92 48.29
N THR B 2748 -75.69 -37.61 47.03
CA THR B 2748 -75.05 -36.53 46.30
C THR B 2748 -75.77 -35.23 46.58
N CYS B 2749 -75.05 -34.27 47.16
CA CYS B 2749 -75.59 -32.95 47.44
C CYS B 2749 -75.40 -32.05 46.23
N GLY B 2750 -76.37 -31.14 46.03
CA GLY B 2750 -76.40 -30.34 44.82
C GLY B 2750 -75.50 -29.12 44.81
N ASN B 2751 -74.31 -29.24 45.42
CA ASN B 2751 -73.35 -28.14 45.40
C ASN B 2751 -71.93 -28.65 45.21
N GLY B 2752 -71.78 -29.94 44.93
CA GLY B 2752 -70.48 -30.56 44.82
C GLY B 2752 -70.01 -31.30 46.05
N ARG B 2753 -70.89 -31.50 47.03
CA ARG B 2753 -70.54 -32.18 48.27
C ARG B 2753 -71.08 -33.61 48.25
N CYS B 2754 -70.31 -34.53 48.81
CA CYS B 2754 -70.69 -35.93 48.87
C CYS B 2754 -70.72 -36.40 50.32
N VAL B 2755 -71.82 -37.05 50.71
CA VAL B 2755 -71.99 -37.52 52.09
C VAL B 2755 -72.50 -38.95 52.07
N PRO B 2756 -72.18 -39.71 53.11
CA PRO B 2756 -72.78 -41.04 53.27
C PRO B 2756 -74.14 -40.95 53.93
N TYR B 2757 -74.87 -42.06 53.85
CA TYR B 2757 -76.19 -42.13 54.48
C TYR B 2757 -76.12 -42.06 56.00
N HIS B 2758 -74.96 -42.33 56.59
CA HIS B 2758 -74.79 -42.11 58.02
C HIS B 2758 -74.68 -40.63 58.36
N TYR B 2759 -74.32 -39.79 57.39
CA TYR B 2759 -74.43 -38.34 57.54
C TYR B 2759 -75.83 -37.83 57.22
N ARG B 2760 -76.64 -38.64 56.56
CA ARG B 2760 -78.02 -38.25 56.27
C ARG B 2760 -78.86 -38.31 57.53
N CYS B 2761 -79.46 -37.17 57.88
CA CYS B 2761 -80.26 -37.03 59.10
C CYS B 2761 -79.44 -37.41 60.34
N ASP B 2762 -78.19 -36.95 60.36
CA ASP B 2762 -77.38 -37.00 61.57
C ASP B 2762 -77.57 -35.76 62.43
N TYR B 2763 -78.49 -34.88 62.03
CA TYR B 2763 -78.87 -33.66 62.74
C TYR B 2763 -77.82 -32.57 62.67
N TYR B 2764 -76.97 -32.60 61.64
CA TYR B 2764 -76.10 -31.49 61.29
C TYR B 2764 -76.09 -31.32 59.77
N ASN B 2765 -75.88 -30.08 59.33
CA ASN B 2765 -75.85 -29.78 57.91
C ASN B 2765 -74.56 -30.30 57.28
N ASP B 2766 -74.62 -31.46 56.64
CA ASP B 2766 -73.45 -32.06 56.03
C ASP B 2766 -73.41 -31.90 54.51
N CYS B 2767 -74.46 -31.37 53.90
CA CYS B 2767 -74.47 -31.12 52.46
C CYS B 2767 -74.31 -29.66 52.11
N GLY B 2768 -74.32 -28.76 53.08
CA GLY B 2768 -74.32 -27.32 52.79
C GLY B 2768 -75.69 -26.78 52.44
N ASP B 2769 -76.42 -27.48 51.57
CA ASP B 2769 -77.81 -27.12 51.26
C ASP B 2769 -78.81 -27.80 52.18
N ASN B 2770 -78.34 -28.58 53.16
CA ASN B 2770 -79.16 -29.27 54.16
C ASN B 2770 -80.09 -30.31 53.56
N SER B 2771 -79.83 -30.76 52.33
CA SER B 2771 -80.62 -31.84 51.75
C SER B 2771 -80.40 -33.17 52.47
N ASP B 2772 -79.25 -33.34 53.12
CA ASP B 2772 -79.00 -34.55 53.88
C ASP B 2772 -79.88 -34.62 55.13
N GLU B 2773 -80.37 -33.48 55.60
CA GLU B 2773 -81.23 -33.43 56.78
C GLU B 2773 -82.71 -33.42 56.44
N ALA B 2774 -83.07 -33.52 55.17
CA ALA B 2774 -84.46 -33.43 54.74
C ALA B 2774 -84.83 -34.63 53.88
N GLY B 2775 -86.08 -35.06 53.98
CA GLY B 2775 -86.60 -36.13 53.16
C GLY B 2775 -86.17 -37.53 53.55
N CYS B 2776 -85.62 -37.70 54.75
CA CYS B 2776 -85.16 -39.01 55.19
C CYS B 2776 -86.34 -39.96 55.42
N UNK C 1 -21.29 -9.35 -10.42
CA UNK C 1 -20.40 -9.59 -11.54
C UNK C 1 -20.88 -8.91 -12.80
N UNK C 2 -19.96 -8.27 -13.52
CA UNK C 2 -20.26 -7.65 -14.80
C UNK C 2 -20.10 -8.71 -15.90
N LEU C 3 -21.08 -8.75 -16.80
CA LEU C 3 -21.10 -9.82 -17.79
C LEU C 3 -19.98 -9.66 -18.83
N UNK C 4 -19.33 -8.51 -18.87
CA UNK C 4 -18.12 -8.37 -19.65
C UNK C 4 -17.00 -9.20 -19.03
N UNK C 5 -16.23 -9.89 -19.87
CA UNK C 5 -15.21 -10.82 -19.39
C UNK C 5 -13.87 -10.17 -19.11
N UNK C 6 -13.56 -9.06 -19.77
CA UNK C 6 -12.26 -8.41 -19.61
C UNK C 6 -12.10 -7.83 -18.20
N UNK D 1 2.27 17.83 -24.19
CA UNK D 1 1.31 17.33 -23.21
C UNK D 1 0.71 16.01 -23.66
N CYS D 2 -0.24 16.09 -24.60
CA CYS D 2 -0.97 14.93 -25.11
C CYS D 2 -1.54 14.10 -23.98
N UNK D 3 -1.14 12.84 -23.89
CA UNK D 3 -1.60 11.92 -22.85
C UNK D 3 -3.13 11.83 -22.80
N UNK E 1 22.20 7.71 3.77
CA UNK E 1 22.55 8.97 4.41
C UNK E 1 23.32 9.87 3.46
N GLU E 2 23.49 9.41 2.22
CA GLU E 2 24.19 10.19 1.21
C GLU E 2 23.79 9.75 -0.19
N GLU E 3 23.10 10.63 -0.93
CA GLU E 3 22.69 10.39 -2.31
C GLU E 3 21.75 9.19 -2.43
N UNK E 4 21.20 8.97 -3.63
CA UNK E 4 20.27 7.89 -3.94
C UNK E 4 19.72 8.06 -5.35
N UNK E 5 18.44 8.39 -5.46
CA UNK E 5 17.77 8.63 -6.73
C UNK E 5 18.03 7.54 -7.76
N UNK F 1 17.56 -10.75 22.14
CA UNK F 1 17.08 -11.61 21.07
C UNK F 1 17.41 -13.07 21.35
N UNK F 2 18.12 -13.70 20.42
CA UNK F 2 18.55 -15.09 20.56
C UNK F 2 20.06 -15.15 20.68
N ASN F 3 20.54 -15.92 21.65
CA ASN F 3 21.97 -16.05 21.92
C ASN F 3 22.55 -17.24 21.14
N UNK F 4 22.32 -17.21 19.84
CA UNK F 4 22.80 -18.24 18.93
C UNK F 4 24.18 -17.83 18.38
N UNK F 5 24.65 -18.55 17.36
CA UNK F 5 25.94 -18.25 16.75
C UNK F 5 25.88 -16.94 15.97
N UNK G 1 20.98 7.01 13.76
CA UNK G 1 20.10 8.17 13.72
C UNK G 1 20.82 9.38 13.12
N UNK G 2 20.20 10.00 12.11
CA UNK G 2 20.72 11.23 11.56
C UNK G 2 20.56 12.36 12.57
N LEU G 3 21.53 13.28 12.57
CA LEU G 3 21.53 14.34 13.57
C LEU G 3 20.40 15.35 13.35
N UNK G 4 19.94 15.52 12.12
CA UNK G 4 18.88 16.49 11.83
C UNK G 4 17.58 16.01 12.49
N UNK G 5 17.09 16.77 13.47
CA UNK G 5 15.88 16.40 14.17
C UNK G 5 14.67 16.41 13.23
N UNK G 6 14.66 17.34 12.28
CA UNK G 6 13.55 17.45 11.33
C UNK G 6 13.47 16.21 10.43
N UNK H 1 4.64 24.61 -16.35
CA UNK H 1 5.14 23.42 -15.66
C UNK H 1 5.86 23.80 -14.37
N CYS H 2 5.54 24.99 -13.84
CA CYS H 2 6.14 25.46 -12.60
C CYS H 2 5.78 24.52 -11.45
N UNK H 3 4.49 24.38 -11.18
CA UNK H 3 3.99 23.51 -10.11
C UNK H 3 4.61 23.85 -8.76
N UNK I 1 -23.04 0.76 -12.49
CA UNK I 1 -22.45 2.05 -12.18
C UNK I 1 -21.88 2.71 -13.41
N GLU I 2 -22.06 4.03 -13.54
CA GLU I 2 -21.60 4.75 -14.71
C GLU I 2 -20.50 5.76 -14.35
N GLU I 3 -20.77 6.64 -13.40
CA GLU I 3 -19.88 7.74 -13.07
C GLU I 3 -19.63 7.75 -11.57
N UNK I 4 -18.45 7.29 -11.17
CA UNK I 4 -18.03 7.24 -9.77
C UNK I 4 -16.73 8.00 -9.57
N UNK I 5 -16.58 9.12 -10.27
CA UNK I 5 -15.36 9.93 -10.17
C UNK I 5 -15.63 11.22 -9.41
N UNK J 1 -22.80 -15.67 7.91
CA UNK J 1 -22.02 -16.90 7.96
C UNK J 1 -22.57 -17.85 9.03
N UNK J 2 -22.15 -17.63 10.28
CA UNK J 2 -22.68 -18.39 11.40
C UNK J 2 -24.19 -18.17 11.50
N ASN J 3 -24.95 -19.25 11.69
CA ASN J 3 -26.40 -19.17 11.66
C ASN J 3 -26.92 -18.43 12.88
N UNK J 4 -27.18 -17.13 12.72
CA UNK J 4 -27.65 -16.29 13.81
C UNK J 4 -28.23 -15.00 13.27
N UNK J 5 -29.24 -14.45 13.93
CA UNK J 5 -29.87 -13.21 13.50
C UNK J 5 -28.91 -12.04 13.53
#